data_6AJC
#
_entry.id   6AJC
#
_cell.length_a   123.765
_cell.length_b   123.485
_cell.length_c   127.040
_cell.angle_alpha   90.00
_cell.angle_beta   105.96
_cell.angle_gamma   90.00
#
_symmetry.space_group_name_H-M   'P 1 21 1'
#
loop_
_entity.id
_entity.type
_entity.pdbx_description
1 polymer 'Isocitrate dehydrogenase [NADP]'
2 non-polymer 'NADP NICOTINAMIDE-ADENINE-DINUCLEOTIDE PHOSPHATE'
3 non-polymer 'CALCIUM ION'
4 non-polymer 'ISOCITRIC ACID'
5 water water
#
_entity_poly.entity_id   1
_entity_poly.type   'polypeptide(L)'
_entity_poly.pdbx_seq_one_letter_code
;SQKIKVAGTVVELDGDEMTRVIWKMIKEELIFPFLDVPIEYYDLGMENRDKTDDQVTVDAAHAIKKHGVGVKCATITPDE
ARVREFNLKQMWKSPNGTIRNILGGTVFREPIMCKNVPRLVTTWKHPIVIGRHAFGDQYRATDLVVNGPGTFEIHFVPES
GGAAQVQKVFDFKSGGVLMGMYNTDESIKDFAKSCFEYALSKKWPLYLSTKNTILKRYDGRFKDIFAEMYKASYEADYKK
AGIWYEHRLIDDMVAYAMKSEGGYVWACKNYDGDVQSDSVAQGFGSLGLMTSVLMSPDGRTVEAEAAHGTVTRHYRQHQK
GEETSTNPVASIFAWTRGLMHRGKLDQNEKLVQFSMLLEKVVVSTIEAGFMTKDLAICIKGMNHVTRSDYLNTQEFIHKL
ADEMRKAYERSKI
;
_entity_poly.pdbx_strand_id   A,B,C,D,E,F,G,H
#
# COMPACT_ATOMS: atom_id res chain seq x y z
N SER A 1 2.11 -19.97 36.03
CA SER A 1 2.83 -21.04 35.34
C SER A 1 3.84 -20.37 34.41
N GLN A 2 5.10 -20.35 34.80
CA GLN A 2 6.09 -19.69 33.98
C GLN A 2 7.22 -20.59 33.49
N LYS A 3 7.71 -20.34 32.28
CA LYS A 3 8.84 -21.05 31.69
C LYS A 3 9.69 -20.06 30.89
N ILE A 4 9.18 -19.53 29.80
CA ILE A 4 9.89 -18.53 29.02
C ILE A 4 9.54 -17.19 29.58
N LYS A 5 10.54 -16.41 29.96
CA LYS A 5 10.32 -15.10 30.50
C LYS A 5 10.19 -14.14 29.37
N VAL A 6 9.23 -13.25 29.41
CA VAL A 6 9.08 -12.27 28.35
C VAL A 6 9.16 -10.91 28.98
N ALA A 7 10.11 -10.10 28.58
CA ALA A 7 10.28 -8.79 29.14
C ALA A 7 9.18 -7.83 28.77
N GLY A 8 8.75 -7.90 27.51
CA GLY A 8 7.78 -7.02 26.93
C GLY A 8 6.49 -7.30 27.53
N THR A 9 5.56 -6.40 27.32
CA THR A 9 4.21 -6.51 27.82
C THR A 9 3.26 -6.77 26.67
N VAL A 10 2.33 -7.66 26.87
CA VAL A 10 1.34 -7.96 25.89
C VAL A 10 0.07 -7.34 26.41
N VAL A 11 -0.62 -6.60 25.58
CA VAL A 11 -1.86 -5.97 25.93
C VAL A 11 -2.95 -6.87 25.40
N GLU A 12 -3.70 -7.41 26.34
CA GLU A 12 -4.76 -8.35 26.06
C GLU A 12 -6.09 -7.67 26.18
N LEU A 13 -6.97 -7.91 25.21
CA LEU A 13 -8.30 -7.36 25.22
C LEU A 13 -9.24 -8.52 25.20
N ASP A 14 -9.98 -8.70 26.30
CA ASP A 14 -10.99 -9.74 26.38
C ASP A 14 -12.27 -9.35 25.63
N GLY A 15 -13.00 -10.36 25.17
CA GLY A 15 -14.18 -10.18 24.34
C GLY A 15 -15.44 -10.84 24.87
N ASP A 16 -16.22 -11.44 23.97
CA ASP A 16 -17.60 -11.79 24.28
C ASP A 16 -18.03 -13.17 23.84
N GLU A 17 -19.09 -13.68 24.46
CA GLU A 17 -19.81 -14.86 24.00
C GLU A 17 -18.81 -16.00 23.74
N MET A 18 -19.04 -16.86 22.76
CA MET A 18 -18.26 -18.11 22.62
C MET A 18 -16.76 -17.89 22.51
N THR A 19 -16.39 -16.80 21.86
CA THR A 19 -14.99 -16.47 21.75
C THR A 19 -14.35 -16.18 23.11
N ARG A 20 -15.10 -15.54 24.04
CA ARG A 20 -14.64 -15.30 25.43
C ARG A 20 -14.40 -16.61 26.16
N VAL A 21 -15.24 -17.60 25.88
CA VAL A 21 -15.13 -18.93 26.53
C VAL A 21 -13.89 -19.66 26.02
N ILE A 22 -13.65 -19.60 24.71
CA ILE A 22 -12.46 -20.18 24.14
C ILE A 22 -11.19 -19.40 24.51
N TRP A 23 -11.32 -18.09 24.67
CA TRP A 23 -10.20 -17.21 25.03
C TRP A 23 -9.57 -17.62 26.35
N LYS A 24 -10.44 -18.00 27.29
CA LYS A 24 -10.05 -18.38 28.64
C LYS A 24 -9.23 -19.65 28.62
N MET A 25 -9.71 -20.63 27.84
CA MET A 25 -9.09 -21.94 27.72
C MET A 25 -7.75 -21.85 26.99
N ILE A 26 -7.70 -21.06 25.92
CA ILE A 26 -6.47 -20.77 25.20
C ILE A 26 -5.38 -20.22 26.11
N LYS A 27 -5.71 -19.18 26.87
CA LYS A 27 -4.79 -18.68 27.89
C LYS A 27 -4.37 -19.80 28.86
N GLU A 28 -5.39 -20.49 29.36
CA GLU A 28 -5.28 -21.43 30.47
C GLU A 28 -4.32 -22.56 30.12
N GLU A 29 -4.42 -23.05 28.87
CA GLU A 29 -3.81 -24.33 28.44
C GLU A 29 -2.65 -24.21 27.45
N LEU A 30 -2.62 -23.12 26.67
CA LEU A 30 -1.69 -23.01 25.58
C LEU A 30 -0.65 -21.92 25.74
N ILE A 31 -0.88 -20.96 26.62
CA ILE A 31 -0.03 -19.77 26.66
C ILE A 31 0.70 -19.65 28.00
N PHE A 32 -0.07 -19.56 29.06
CA PHE A 32 0.43 -19.30 30.41
C PHE A 32 1.32 -20.38 30.99
N PRO A 33 1.01 -21.67 30.75
CA PRO A 33 1.90 -22.75 31.23
C PRO A 33 3.36 -22.59 30.76
N PHE A 34 3.50 -22.08 29.54
CA PHE A 34 4.77 -21.98 28.85
C PHE A 34 5.43 -20.63 29.06
N LEU A 35 4.62 -19.58 29.18
CA LEU A 35 5.14 -18.21 29.12
C LEU A 35 4.91 -17.45 30.44
N ASP A 36 5.97 -16.80 30.90
CA ASP A 36 5.98 -15.89 32.04
C ASP A 36 5.75 -14.53 31.43
N VAL A 37 4.48 -14.18 31.25
CA VAL A 37 4.15 -13.07 30.35
C VAL A 37 3.47 -11.91 31.06
N PRO A 38 4.08 -10.71 31.04
CA PRO A 38 3.38 -9.50 31.52
C PRO A 38 2.21 -9.11 30.62
N ILE A 39 1.02 -9.13 31.22
CA ILE A 39 -0.26 -8.94 30.52
C ILE A 39 -0.89 -7.72 31.13
N GLU A 40 -1.08 -6.70 30.31
CA GLU A 40 -1.94 -5.60 30.69
C GLU A 40 -3.34 -5.94 30.16
N TYR A 41 -4.23 -6.31 31.07
CA TYR A 41 -5.56 -6.80 30.75
C TYR A 41 -6.55 -5.66 30.56
N TYR A 42 -7.40 -5.76 29.54
CA TYR A 42 -8.52 -4.83 29.25
C TYR A 42 -9.77 -5.65 28.91
N ASP A 43 -10.82 -5.54 29.69
CA ASP A 43 -12.02 -6.31 29.44
C ASP A 43 -12.90 -5.57 28.44
N LEU A 44 -12.89 -5.96 27.17
CA LEU A 44 -13.85 -5.42 26.23
C LEU A 44 -15.12 -6.24 26.13
N GLY A 45 -15.42 -7.04 27.16
CA GLY A 45 -16.73 -7.61 27.29
C GLY A 45 -17.76 -6.49 27.18
N MET A 46 -18.93 -6.82 26.66
CA MET A 46 -19.94 -5.81 26.38
C MET A 46 -20.39 -5.10 27.65
N GLU A 47 -20.54 -5.85 28.74
CA GLU A 47 -21.02 -5.26 30.00
C GLU A 47 -20.04 -4.18 30.39
N ASN A 48 -18.75 -4.50 30.34
CA ASN A 48 -17.72 -3.60 30.82
C ASN A 48 -17.47 -2.42 29.91
N ARG A 49 -17.64 -2.60 28.60
CA ARG A 49 -17.69 -1.42 27.71
C ARG A 49 -18.89 -0.52 28.01
N ASP A 50 -19.97 -1.05 28.59
CA ASP A 50 -21.12 -0.23 29.02
C ASP A 50 -20.85 0.46 30.34
N LYS A 51 -20.38 -0.31 31.31
CA LYS A 51 -19.95 0.21 32.61
C LYS A 51 -18.99 1.38 32.46
N THR A 52 -18.05 1.29 31.51
CA THR A 52 -17.00 2.32 31.42
C THR A 52 -17.26 3.45 30.40
N ASP A 53 -18.40 3.38 29.70
CA ASP A 53 -18.78 4.35 28.65
C ASP A 53 -17.92 4.22 27.39
N ASP A 54 -17.52 2.98 27.12
CA ASP A 54 -16.62 2.59 26.02
C ASP A 54 -15.17 3.03 26.21
N GLN A 55 -14.86 3.63 27.35
CA GLN A 55 -13.53 4.19 27.58
C GLN A 55 -12.45 3.09 27.74
N VAL A 56 -12.86 1.89 28.19
CA VAL A 56 -11.98 0.71 28.24
C VAL A 56 -11.41 0.40 26.83
N THR A 57 -12.24 0.59 25.82
CA THR A 57 -11.85 0.42 24.44
C THR A 57 -10.80 1.44 24.00
N VAL A 58 -11.05 2.70 24.30
CA VAL A 58 -10.12 3.78 23.99
C VAL A 58 -8.76 3.58 24.72
N ASP A 59 -8.78 3.29 26.00
CA ASP A 59 -7.55 3.06 26.78
C ASP A 59 -6.72 1.86 26.31
N ALA A 60 -7.42 0.82 25.84
CA ALA A 60 -6.82 -0.40 25.33
C ALA A 60 -6.07 -0.13 24.04
N ALA A 61 -6.74 0.55 23.11
CA ALA A 61 -6.11 1.09 21.92
C ALA A 61 -4.81 1.83 22.25
N HIS A 62 -4.90 2.82 23.11
CA HIS A 62 -3.70 3.60 23.52
C HIS A 62 -2.61 2.77 24.20
N ALA A 63 -3.03 1.75 24.97
CA ALA A 63 -2.08 0.85 25.63
C ALA A 63 -1.33 -0.05 24.61
N ILE A 64 -2.01 -0.46 23.53
CA ILE A 64 -1.38 -1.20 22.43
C ILE A 64 -0.28 -0.35 21.75
N LYS A 65 -0.59 0.90 21.42
CA LYS A 65 0.40 1.81 20.82
C LYS A 65 1.65 2.00 21.70
N LYS A 66 1.48 1.95 23.02
CA LYS A 66 2.58 2.16 23.98
C LYS A 66 3.53 0.98 24.04
N HIS A 67 2.94 -0.22 24.10
CA HIS A 67 3.69 -1.44 24.32
C HIS A 67 4.04 -2.15 23.03
N GLY A 68 3.30 -1.87 21.95
CA GLY A 68 3.60 -2.40 20.63
C GLY A 68 2.82 -3.64 20.21
N VAL A 69 2.27 -4.43 21.15
CA VAL A 69 1.50 -5.66 20.80
C VAL A 69 0.14 -5.70 21.51
N GLY A 70 -0.88 -6.01 20.72
CA GLY A 70 -2.24 -6.19 21.21
C GLY A 70 -2.78 -7.50 20.71
N VAL A 71 -3.52 -8.18 21.58
CA VAL A 71 -4.16 -9.44 21.26
C VAL A 71 -5.63 -9.36 21.70
N LYS A 72 -6.54 -9.38 20.73
CA LYS A 72 -7.95 -9.11 21.00
C LYS A 72 -8.84 -10.22 20.55
N CYS A 73 -9.64 -10.70 21.50
CA CYS A 73 -10.76 -11.62 21.29
C CYS A 73 -11.93 -10.94 20.57
N ALA A 74 -12.72 -11.68 19.81
CA ALA A 74 -13.90 -11.10 19.16
C ALA A 74 -14.85 -10.47 20.19
N THR A 75 -15.39 -9.30 19.84
CA THR A 75 -16.33 -8.57 20.66
C THR A 75 -17.67 -8.40 19.96
N ILE A 76 -18.73 -8.18 20.73
CA ILE A 76 -20.05 -7.86 20.19
C ILE A 76 -20.00 -6.42 19.72
N THR A 77 -20.57 -6.13 18.55
CA THR A 77 -20.89 -4.74 18.21
C THR A 77 -22.42 -4.55 18.35
N PRO A 78 -22.85 -3.55 19.11
CA PRO A 78 -24.25 -3.45 19.47
C PRO A 78 -25.14 -2.61 18.58
N ASP A 79 -26.30 -3.16 18.29
CA ASP A 79 -27.42 -2.44 17.69
C ASP A 79 -28.54 -2.46 18.75
N GLU A 80 -29.79 -2.31 18.33
CA GLU A 80 -30.94 -2.12 19.23
C GLU A 80 -31.27 -3.39 20.00
N ALA A 81 -31.33 -4.49 19.27
CA ALA A 81 -31.47 -5.83 19.83
C ALA A 81 -30.46 -6.06 20.98
N ARG A 82 -29.19 -5.79 20.71
CA ARG A 82 -28.15 -5.93 21.75
C ARG A 82 -28.29 -4.93 22.93
N VAL A 83 -28.69 -3.69 22.67
CA VAL A 83 -28.90 -2.67 23.74
C VAL A 83 -29.96 -3.13 24.75
N ARG A 84 -31.09 -3.62 24.22
CA ARG A 84 -32.13 -4.31 24.95
C ARG A 84 -31.54 -5.45 25.78
N GLU A 85 -30.87 -6.36 25.09
CA GLU A 85 -30.34 -7.61 25.66
C GLU A 85 -29.44 -7.42 26.91
N PHE A 86 -28.64 -6.34 26.90
CA PHE A 86 -27.70 -6.02 28.00
C PHE A 86 -28.09 -4.78 28.80
N ASN A 87 -29.22 -4.16 28.47
CA ASN A 87 -29.65 -2.90 29.07
C ASN A 87 -28.52 -1.86 28.98
N LEU A 88 -28.04 -1.65 27.75
CA LEU A 88 -26.93 -0.76 27.49
C LEU A 88 -27.40 0.69 27.53
N LYS A 89 -26.50 1.58 27.90
CA LYS A 89 -26.80 3.02 27.98
C LYS A 89 -26.92 3.68 26.59
N GLN A 90 -26.46 2.98 25.54
CA GLN A 90 -26.27 3.49 24.16
C GLN A 90 -25.86 2.35 23.19
N MET A 91 -26.10 2.56 21.90
CA MET A 91 -25.50 1.74 20.85
C MET A 91 -24.02 2.09 20.63
N TRP A 92 -23.14 1.44 21.37
CA TRP A 92 -21.72 1.73 21.31
C TRP A 92 -21.12 1.32 19.98
N LYS A 93 -20.07 2.01 19.60
CA LYS A 93 -19.41 1.72 18.33
C LYS A 93 -18.65 0.39 18.39
N SER A 94 -18.50 -0.24 17.25
CA SER A 94 -17.53 -1.33 17.13
C SER A 94 -16.24 -0.98 17.89
N PRO A 95 -15.88 -1.78 18.91
CA PRO A 95 -14.55 -1.56 19.48
C PRO A 95 -13.45 -1.67 18.44
N ASN A 96 -13.62 -2.59 17.49
CA ASN A 96 -12.69 -2.75 16.40
C ASN A 96 -12.48 -1.42 15.65
N GLY A 97 -13.57 -0.75 15.29
CA GLY A 97 -13.51 0.49 14.52
C GLY A 97 -12.82 1.60 15.32
N THR A 98 -13.05 1.58 16.62
CA THR A 98 -12.43 2.54 17.52
C THR A 98 -10.93 2.28 17.67
N ILE A 99 -10.55 1.01 17.84
CA ILE A 99 -9.13 0.65 17.95
C ILE A 99 -8.42 1.06 16.67
N ARG A 100 -9.04 0.74 15.54
CA ARG A 100 -8.42 0.96 14.25
C ARG A 100 -8.23 2.44 13.96
N ASN A 101 -9.27 3.21 14.25
CA ASN A 101 -9.23 4.68 14.19
C ASN A 101 -8.02 5.31 14.90
N ILE A 102 -7.80 4.91 16.15
CA ILE A 102 -6.70 5.45 17.00
C ILE A 102 -5.33 5.01 16.48
N LEU A 103 -5.21 3.76 16.09
CA LEU A 103 -3.93 3.19 15.65
C LEU A 103 -3.56 3.48 14.19
N GLY A 104 -4.55 3.47 13.30
CA GLY A 104 -4.28 3.53 11.88
C GLY A 104 -3.74 2.21 11.41
N GLY A 105 -3.19 2.19 10.19
CA GLY A 105 -2.53 1.00 9.62
C GLY A 105 -3.41 0.14 8.75
N THR A 106 -2.97 -1.10 8.53
CA THR A 106 -3.61 -2.01 7.58
C THR A 106 -3.81 -3.39 8.23
N VAL A 107 -4.95 -4.01 7.95
CA VAL A 107 -5.29 -5.33 8.50
C VAL A 107 -5.04 -6.35 7.40
N PHE A 108 -4.04 -7.21 7.66
CA PHE A 108 -3.68 -8.26 6.71
C PHE A 108 -4.31 -9.57 7.13
N ARG A 109 -5.11 -10.14 6.24
CA ARG A 109 -5.83 -11.37 6.55
C ARG A 109 -5.42 -12.41 5.53
N GLU A 110 -5.22 -13.62 6.02
CA GLU A 110 -4.79 -14.72 5.20
C GLU A 110 -5.38 -16.01 5.77
N PRO A 111 -5.74 -16.99 4.91
CA PRO A 111 -6.24 -18.24 5.45
C PRO A 111 -5.12 -19.04 6.08
N ILE A 112 -5.48 -19.81 7.11
CA ILE A 112 -4.60 -20.78 7.72
C ILE A 112 -4.88 -22.09 6.99
N MET A 113 -3.83 -22.61 6.35
CA MET A 113 -3.91 -23.74 5.41
C MET A 113 -3.70 -25.06 6.13
N CYS A 114 -4.67 -25.96 6.00
CA CYS A 114 -4.57 -27.32 6.53
C CYS A 114 -4.76 -28.24 5.35
N LYS A 115 -3.76 -29.08 5.08
CA LYS A 115 -3.71 -29.95 3.86
C LYS A 115 -4.81 -31.02 3.78
N ASN A 116 -5.30 -31.44 4.94
CA ASN A 116 -6.41 -32.39 4.99
C ASN A 116 -7.80 -31.73 4.88
N VAL A 117 -7.89 -30.41 4.79
CA VAL A 117 -9.16 -29.69 4.71
C VAL A 117 -9.36 -29.25 3.24
N PRO A 118 -10.30 -29.90 2.49
CA PRO A 118 -10.59 -29.47 1.13
C PRO A 118 -11.06 -28.01 1.09
N ARG A 119 -10.50 -27.25 0.17
CA ARG A 119 -10.95 -25.90 -0.10
C ARG A 119 -12.32 -25.99 -0.75
N LEU A 120 -13.17 -25.00 -0.50
CA LEU A 120 -14.52 -24.98 -1.05
C LEU A 120 -14.52 -24.63 -2.54
N VAL A 121 -13.49 -23.89 -2.95
CA VAL A 121 -13.35 -23.29 -4.27
C VAL A 121 -12.32 -24.09 -5.05
N THR A 122 -12.76 -24.86 -6.05
CA THR A 122 -11.87 -25.80 -6.77
C THR A 122 -10.62 -25.16 -7.35
N THR A 123 -10.71 -23.90 -7.76
CA THR A 123 -9.62 -23.20 -8.42
C THR A 123 -8.44 -22.72 -7.57
N TRP A 124 -8.66 -22.53 -6.26
CA TRP A 124 -7.66 -21.89 -5.38
C TRP A 124 -6.55 -22.82 -4.93
N LYS A 125 -5.38 -22.66 -5.55
CA LYS A 125 -4.21 -23.47 -5.26
C LYS A 125 -3.32 -22.83 -4.18
N HIS A 126 -3.33 -21.51 -4.10
CA HIS A 126 -2.40 -20.77 -3.24
C HIS A 126 -3.17 -19.82 -2.30
N PRO A 127 -2.51 -19.30 -1.25
CA PRO A 127 -3.17 -18.34 -0.37
C PRO A 127 -3.28 -16.92 -0.97
N ILE A 128 -4.38 -16.25 -0.61
CA ILE A 128 -4.66 -14.85 -0.92
C ILE A 128 -4.44 -14.13 0.40
N VAL A 129 -3.72 -13.01 0.35
CA VAL A 129 -3.59 -12.10 1.46
C VAL A 129 -4.40 -10.86 1.16
N ILE A 130 -5.33 -10.52 2.07
CA ILE A 130 -6.10 -9.29 1.93
C ILE A 130 -5.47 -8.25 2.83
N GLY A 131 -5.07 -7.13 2.23
CA GLY A 131 -4.69 -5.89 2.92
C GLY A 131 -5.90 -4.98 3.02
N ARG A 132 -6.63 -5.11 4.13
CA ARG A 132 -7.80 -4.28 4.35
C ARG A 132 -7.40 -2.97 5.01
N HIS A 133 -7.62 -1.86 4.29
CA HIS A 133 -7.54 -0.51 4.86
C HIS A 133 -8.39 -0.38 6.15
N ALA A 134 -7.77 0.03 7.25
CA ALA A 134 -8.41 -0.01 8.60
C ALA A 134 -9.10 1.29 9.04
N PHE A 135 -9.15 2.27 8.15
CA PHE A 135 -9.52 3.61 8.55
C PHE A 135 -10.67 4.12 7.71
N GLY A 136 -11.56 4.88 8.33
CA GLY A 136 -12.53 5.70 7.59
C GLY A 136 -13.59 4.93 6.85
N ASP A 137 -14.15 5.57 5.84
CA ASP A 137 -15.24 5.02 5.02
C ASP A 137 -16.50 4.70 5.86
N GLN A 138 -17.12 3.53 5.72
CA GLN A 138 -18.39 3.23 6.39
C GLN A 138 -18.26 2.96 7.89
N TYR A 139 -17.00 2.81 8.37
CA TYR A 139 -16.65 2.40 9.76
C TYR A 139 -16.27 3.58 10.64
N ARG A 140 -16.32 4.79 10.11
CA ARG A 140 -16.31 5.96 10.97
C ARG A 140 -17.17 7.06 10.42
N ALA A 141 -18.41 6.69 10.12
CA ALA A 141 -19.34 7.52 9.39
C ALA A 141 -20.37 8.12 10.32
N THR A 142 -21.11 9.08 9.78
CA THR A 142 -22.20 9.70 10.47
C THR A 142 -23.40 9.42 9.62
N ASP A 143 -24.34 8.65 10.16
CA ASP A 143 -25.61 8.36 9.49
C ASP A 143 -26.76 8.91 10.32
N LEU A 144 -27.91 9.04 9.67
CA LEU A 144 -29.02 9.79 10.22
C LEU A 144 -30.30 9.26 9.62
N VAL A 145 -31.31 9.12 10.46
CA VAL A 145 -32.67 8.92 10.02
C VAL A 145 -33.24 10.31 9.68
N VAL A 146 -34.02 10.34 8.61
CA VAL A 146 -34.73 11.54 8.13
C VAL A 146 -36.18 11.22 8.38
N ASN A 147 -36.94 12.15 8.97
CA ASN A 147 -38.35 11.88 9.35
C ASN A 147 -39.45 12.50 8.49
N GLY A 148 -39.09 13.48 7.68
CA GLY A 148 -40.06 14.21 6.88
C GLY A 148 -39.38 14.82 5.68
N PRO A 149 -40.12 15.60 4.91
CA PRO A 149 -39.49 16.25 3.76
C PRO A 149 -38.41 17.27 4.16
N GLY A 150 -37.48 17.52 3.24
CA GLY A 150 -36.35 18.38 3.52
C GLY A 150 -35.20 18.06 2.60
N THR A 151 -34.14 18.84 2.69
CA THR A 151 -33.09 18.81 1.69
C THR A 151 -31.78 18.43 2.39
N PHE A 152 -31.11 17.41 1.87
CA PHE A 152 -29.84 16.90 2.40
C PHE A 152 -28.69 17.66 1.73
N GLU A 153 -27.88 18.34 2.53
CA GLU A 153 -26.73 19.12 2.00
C GLU A 153 -25.44 18.75 2.67
N ILE A 154 -24.35 18.99 1.95
CA ILE A 154 -23.03 18.90 2.56
C ILE A 154 -22.44 20.28 2.51
N HIS A 155 -21.87 20.68 3.64
CA HIS A 155 -21.12 21.90 3.74
C HIS A 155 -19.70 21.43 4.00
N PHE A 156 -18.75 21.92 3.19
CA PHE A 156 -17.35 21.91 3.52
C PHE A 156 -16.97 23.36 3.82
N VAL A 157 -16.46 23.60 5.03
CA VAL A 157 -16.09 24.91 5.53
C VAL A 157 -14.57 24.93 5.70
N PRO A 158 -13.83 25.63 4.83
CA PRO A 158 -12.35 25.54 4.98
C PRO A 158 -11.80 26.24 6.24
N GLU A 159 -10.60 25.87 6.66
CA GLU A 159 -9.93 26.43 7.87
C GLU A 159 -9.56 27.93 7.75
N SER A 160 -9.23 28.36 6.56
CA SER A 160 -8.89 29.71 6.26
C SER A 160 -10.05 30.62 6.55
N GLY A 161 -11.26 30.14 6.29
CA GLY A 161 -12.42 30.96 6.55
C GLY A 161 -13.05 31.48 5.30
N GLY A 162 -12.64 30.90 4.18
CA GLY A 162 -13.18 31.24 2.89
C GLY A 162 -14.58 30.72 3.02
N ALA A 163 -15.48 31.08 2.14
CA ALA A 163 -16.87 30.65 2.29
C ALA A 163 -17.14 29.16 2.21
N ALA A 164 -18.27 28.79 2.74
CA ALA A 164 -18.73 27.42 2.76
C ALA A 164 -19.00 26.87 1.36
N GLN A 165 -18.63 25.63 1.14
CA GLN A 165 -18.88 25.00 -0.13
C GLN A 165 -19.96 24.00 0.13
N VAL A 166 -21.09 24.22 -0.51
CA VAL A 166 -22.26 23.43 -0.30
C VAL A 166 -22.73 22.66 -1.49
N GLN A 167 -23.24 21.46 -1.27
CA GLN A 167 -23.80 20.60 -2.34
C GLN A 167 -25.19 20.05 -1.96
N LYS A 168 -26.21 20.33 -2.76
CA LYS A 168 -27.49 19.67 -2.57
C LYS A 168 -27.33 18.25 -3.08
N VAL A 169 -27.40 17.31 -2.13
CA VAL A 169 -27.31 15.89 -2.40
C VAL A 169 -28.66 15.33 -2.71
N PHE A 170 -29.69 15.64 -1.92
CA PHE A 170 -31.04 15.11 -2.20
C PHE A 170 -32.17 15.88 -1.53
N ASP A 171 -33.28 16.04 -2.27
CA ASP A 171 -34.55 16.52 -1.70
C ASP A 171 -35.37 15.31 -1.29
N PHE A 172 -35.61 15.16 0.01
CA PHE A 172 -36.49 14.11 0.55
C PHE A 172 -37.95 14.55 0.52
N LYS A 173 -38.82 13.74 -0.07
CA LYS A 173 -40.27 13.96 0.00
C LYS A 173 -40.90 13.22 1.17
N SER A 174 -40.13 12.32 1.78
CA SER A 174 -40.59 11.50 2.91
C SER A 174 -39.40 10.99 3.70
N GLY A 175 -39.68 10.23 4.74
CA GLY A 175 -38.63 9.60 5.53
C GLY A 175 -37.63 8.81 4.69
N GLY A 176 -36.43 8.68 5.22
CA GLY A 176 -35.36 7.99 4.54
C GLY A 176 -34.16 7.91 5.43
N VAL A 177 -33.00 7.67 4.84
CA VAL A 177 -31.75 7.78 5.54
C VAL A 177 -30.75 8.55 4.71
N LEU A 178 -29.78 9.12 5.42
CA LEU A 178 -28.61 9.76 4.83
C LEU A 178 -27.37 9.46 5.67
N MET A 179 -26.21 9.69 5.07
CA MET A 179 -24.94 9.55 5.74
C MET A 179 -23.85 10.27 4.97
N GLY A 180 -22.83 10.70 5.70
CA GLY A 180 -21.60 11.19 5.15
C GLY A 180 -20.50 10.26 5.60
N MET A 181 -19.44 10.19 4.84
CA MET A 181 -18.24 9.44 5.24
C MET A 181 -17.05 10.02 4.53
N TYR A 182 -15.88 9.72 5.04
CA TYR A 182 -14.62 10.25 4.59
C TYR A 182 -13.44 9.31 4.67
N ASN A 183 -12.36 9.79 4.07
CA ASN A 183 -11.04 9.23 4.10
C ASN A 183 -9.99 10.32 3.94
N THR A 184 -8.73 10.05 4.18
CA THR A 184 -7.69 11.06 4.05
C THR A 184 -6.55 10.63 3.17
N ASP A 185 -5.85 11.57 2.58
CA ASP A 185 -4.78 11.26 1.69
C ASP A 185 -3.71 10.56 2.44
N GLU A 186 -3.49 11.03 3.64
CA GLU A 186 -2.49 10.53 4.50
C GLU A 186 -2.73 9.11 4.79
N SER A 187 -3.97 8.75 5.07
CA SER A 187 -4.27 7.37 5.35
C SER A 187 -4.11 6.45 4.17
N ILE A 188 -4.63 6.85 3.03
CA ILE A 188 -4.62 6.07 1.82
C ILE A 188 -3.22 5.77 1.40
N LYS A 189 -2.36 6.72 1.62
CA LYS A 189 -0.95 6.56 1.31
C LYS A 189 -0.25 5.54 2.20
N ASP A 190 -0.57 5.51 3.50
CA ASP A 190 0.03 4.48 4.39
C ASP A 190 -0.48 3.10 3.97
N PHE A 191 -1.76 3.07 3.60
CA PHE A 191 -2.42 1.89 3.07
C PHE A 191 -1.85 1.44 1.72
N ALA A 192 -1.43 2.41 0.89
CA ALA A 192 -0.67 2.07 -0.33
C ALA A 192 0.71 1.55 0.04
N LYS A 193 1.45 2.27 0.88
CA LYS A 193 2.80 1.85 1.25
C LYS A 193 2.80 0.41 1.72
N SER A 194 2.13 0.13 2.82
CA SER A 194 2.22 -1.20 3.42
C SER A 194 1.82 -2.34 2.43
N CYS A 195 0.80 -2.10 1.60
CA CYS A 195 0.39 -3.08 0.57
C CYS A 195 1.49 -3.33 -0.48
N PHE A 196 1.94 -2.27 -1.14
CA PHE A 196 3.09 -2.38 -2.03
C PHE A 196 4.24 -3.14 -1.34
N GLU A 197 4.64 -2.70 -0.15
CA GLU A 197 5.76 -3.31 0.56
C GLU A 197 5.55 -4.77 0.92
N TYR A 198 4.35 -5.15 1.39
CA TYR A 198 4.12 -6.57 1.73
C TYR A 198 4.23 -7.47 0.48
N ALA A 199 3.62 -7.07 -0.64
CA ALA A 199 3.65 -7.86 -1.88
C ALA A 199 5.06 -7.91 -2.46
N LEU A 200 5.81 -6.81 -2.34
CA LEU A 200 7.26 -6.81 -2.71
C LEU A 200 8.03 -7.90 -1.97
N SER A 201 7.77 -8.05 -0.66
CA SER A 201 8.51 -9.03 0.15
C SER A 201 8.02 -10.47 -0.01
N LYS A 202 6.71 -10.68 -0.23
CA LYS A 202 6.20 -12.01 -0.60
C LYS A 202 6.56 -12.39 -2.04
N LYS A 203 7.05 -11.45 -2.85
CA LYS A 203 7.31 -11.67 -4.28
C LYS A 203 6.01 -12.06 -4.99
N TRP A 204 4.95 -11.28 -4.77
CA TRP A 204 3.61 -11.61 -5.29
C TRP A 204 2.99 -10.40 -5.95
N PRO A 205 2.03 -10.62 -6.89
CA PRO A 205 1.33 -9.45 -7.46
C PRO A 205 0.36 -8.78 -6.46
N LEU A 206 -0.04 -7.56 -6.80
CA LEU A 206 -0.86 -6.71 -5.96
C LEU A 206 -2.05 -6.22 -6.78
N TYR A 207 -3.25 -6.58 -6.39
CA TYR A 207 -4.44 -5.95 -6.98
C TYR A 207 -5.12 -4.97 -6.03
N LEU A 208 -5.59 -3.84 -6.59
CA LEU A 208 -6.46 -2.89 -5.85
C LEU A 208 -7.81 -2.90 -6.49
N SER A 209 -8.82 -3.00 -5.65
CA SER A 209 -10.19 -2.98 -6.08
C SER A 209 -10.79 -1.68 -5.63
N THR A 210 -11.51 -1.02 -6.52
CA THR A 210 -12.34 0.14 -6.17
C THR A 210 -13.57 0.13 -7.07
N LYS A 211 -14.47 1.09 -6.85
CA LYS A 211 -15.56 1.33 -7.78
C LYS A 211 -15.46 2.78 -8.26
N ASN A 212 -14.27 3.11 -8.76
CA ASN A 212 -14.00 4.48 -9.24
C ASN A 212 -14.76 4.92 -10.47
N THR A 213 -15.44 4.01 -11.16
CA THR A 213 -16.40 4.42 -12.18
C THR A 213 -17.64 5.10 -11.59
N ILE A 214 -18.01 4.73 -10.36
CA ILE A 214 -19.20 5.25 -9.68
C ILE A 214 -18.86 6.41 -8.74
N LEU A 215 -17.90 6.17 -7.85
CA LEU A 215 -17.44 7.17 -6.92
C LEU A 215 -16.15 7.73 -7.51
N LYS A 216 -16.34 8.58 -8.52
CA LYS A 216 -15.26 9.04 -9.42
C LYS A 216 -14.18 9.83 -8.69
N ARG A 217 -14.60 10.57 -7.68
CA ARG A 217 -13.68 11.39 -6.90
C ARG A 217 -13.20 10.64 -5.63
N TYR A 218 -14.11 9.90 -4.97
CA TYR A 218 -13.76 9.18 -3.73
C TYR A 218 -12.85 7.97 -3.99
N ASP A 219 -13.31 7.04 -4.82
CA ASP A 219 -12.51 5.88 -5.16
C ASP A 219 -11.37 6.26 -6.11
N GLY A 220 -11.65 7.19 -7.03
CA GLY A 220 -10.64 7.86 -7.83
C GLY A 220 -9.39 8.21 -7.06
N ARG A 221 -9.56 8.74 -5.85
CA ARG A 221 -8.40 9.12 -5.05
C ARG A 221 -7.49 7.94 -4.67
N PHE A 222 -8.10 6.77 -4.46
CA PHE A 222 -7.36 5.57 -4.08
C PHE A 222 -6.57 5.10 -5.29
N LYS A 223 -7.24 4.97 -6.42
CA LYS A 223 -6.61 4.58 -7.68
C LYS A 223 -5.39 5.43 -8.05
N ASP A 224 -5.55 6.75 -7.93
CA ASP A 224 -4.49 7.70 -8.33
C ASP A 224 -3.33 7.63 -7.34
N ILE A 225 -3.66 7.51 -6.05
CA ILE A 225 -2.66 7.40 -5.00
C ILE A 225 -1.83 6.15 -5.20
N PHE A 226 -2.49 5.02 -5.45
CA PHE A 226 -1.76 3.80 -5.71
C PHE A 226 -0.92 3.87 -6.99
N ALA A 227 -1.50 4.37 -8.09
CA ALA A 227 -0.78 4.50 -9.38
C ALA A 227 0.44 5.43 -9.31
N GLU A 228 0.23 6.59 -8.67
CA GLU A 228 1.29 7.59 -8.43
C GLU A 228 2.46 6.99 -7.65
N MET A 229 2.15 6.22 -6.62
CA MET A 229 3.16 5.61 -5.75
C MET A 229 3.88 4.44 -6.44
N TYR A 230 3.14 3.72 -7.28
CA TYR A 230 3.68 2.60 -8.03
C TYR A 230 4.75 3.10 -9.00
N LYS A 231 4.36 4.04 -9.88
CA LYS A 231 5.29 4.66 -10.83
C LYS A 231 6.51 5.14 -10.07
N ALA A 232 6.26 5.94 -9.02
CA ALA A 232 7.30 6.59 -8.25
C ALA A 232 8.28 5.65 -7.56
N SER A 233 7.75 4.62 -6.90
CA SER A 233 8.54 3.89 -5.91
C SER A 233 8.56 2.39 -5.97
N TYR A 234 7.72 1.77 -6.79
CA TYR A 234 7.62 0.31 -6.77
C TYR A 234 7.69 -0.40 -8.12
N GLU A 235 7.47 0.31 -9.23
CA GLU A 235 7.40 -0.29 -10.56
C GLU A 235 8.71 -0.99 -10.94
N ALA A 236 9.81 -0.25 -10.83
CA ALA A 236 11.13 -0.79 -11.16
C ALA A 236 11.40 -2.11 -10.42
N ASP A 237 11.24 -2.09 -9.09
CA ASP A 237 11.53 -3.29 -8.26
C ASP A 237 10.50 -4.42 -8.36
N TYR A 238 9.23 -4.04 -8.62
CA TYR A 238 8.18 -5.00 -9.00
C TYR A 238 8.52 -5.73 -10.31
N LYS A 239 8.86 -4.96 -11.34
CA LYS A 239 9.23 -5.48 -12.66
C LYS A 239 10.50 -6.36 -12.57
N LYS A 240 11.50 -5.89 -11.80
CA LYS A 240 12.69 -6.69 -11.43
C LYS A 240 12.35 -7.94 -10.61
N ALA A 241 11.37 -7.86 -9.71
CA ALA A 241 10.99 -9.06 -8.90
C ALA A 241 10.07 -10.08 -9.64
N GLY A 242 9.58 -9.70 -10.82
CA GLY A 242 8.76 -10.60 -11.64
C GLY A 242 7.32 -10.58 -11.19
N ILE A 243 6.90 -9.42 -10.62
CA ILE A 243 5.55 -9.22 -10.07
C ILE A 243 4.99 -7.93 -10.67
N TRP A 244 3.72 -7.64 -10.42
CA TRP A 244 3.06 -6.47 -10.97
C TRP A 244 1.96 -5.94 -10.03
N TYR A 245 1.66 -4.64 -10.14
CA TYR A 245 0.51 -4.04 -9.43
C TYR A 245 -0.49 -3.65 -10.48
N GLU A 246 -1.79 -3.86 -10.19
CA GLU A 246 -2.87 -3.34 -11.06
C GLU A 246 -4.13 -2.98 -10.30
N HIS A 247 -4.69 -1.83 -10.65
CA HIS A 247 -6.03 -1.48 -10.26
C HIS A 247 -7.03 -2.32 -11.05
N ARG A 248 -8.02 -2.86 -10.37
CA ARG A 248 -9.14 -3.54 -11.00
C ARG A 248 -10.45 -3.10 -10.32
N LEU A 249 -11.51 -2.92 -11.11
CA LEU A 249 -12.83 -2.65 -10.56
C LEU A 249 -13.29 -3.76 -9.64
N ILE A 250 -13.92 -3.40 -8.54
CA ILE A 250 -14.34 -4.40 -7.55
C ILE A 250 -15.12 -5.53 -8.24
N ASP A 251 -16.06 -5.19 -9.13
CA ASP A 251 -16.74 -6.17 -10.01
C ASP A 251 -15.75 -7.23 -10.53
N ASP A 252 -14.75 -6.77 -11.28
CA ASP A 252 -13.83 -7.67 -11.94
C ASP A 252 -12.91 -8.41 -10.96
N MET A 253 -12.55 -7.78 -9.85
CA MET A 253 -11.64 -8.42 -8.91
C MET A 253 -12.26 -9.68 -8.29
N VAL A 254 -13.52 -9.62 -7.87
CA VAL A 254 -14.18 -10.76 -7.18
C VAL A 254 -14.37 -11.92 -8.14
N ALA A 255 -14.66 -11.60 -9.40
CA ALA A 255 -14.69 -12.62 -10.43
C ALA A 255 -13.28 -13.22 -10.63
N TYR A 256 -12.24 -12.40 -10.74
CA TYR A 256 -10.87 -12.93 -10.86
C TYR A 256 -10.50 -13.79 -9.66
N ALA A 257 -10.75 -13.25 -8.47
CA ALA A 257 -10.42 -13.91 -7.22
C ALA A 257 -11.03 -15.30 -7.13
N MET A 258 -12.32 -15.38 -7.47
CA MET A 258 -13.04 -16.65 -7.52
C MET A 258 -12.36 -17.66 -8.49
N LYS A 259 -11.93 -17.21 -9.68
CA LYS A 259 -11.37 -18.14 -10.70
C LYS A 259 -9.85 -18.33 -10.74
N SER A 260 -9.09 -17.45 -10.10
CA SER A 260 -7.63 -17.50 -10.10
C SER A 260 -7.12 -18.60 -9.16
N GLU A 261 -5.81 -18.76 -9.14
CA GLU A 261 -5.16 -19.73 -8.24
C GLU A 261 -4.67 -19.14 -6.89
N GLY A 262 -4.81 -17.82 -6.70
CA GLY A 262 -4.22 -17.15 -5.53
C GLY A 262 -2.77 -16.75 -5.80
N GLY A 263 -2.02 -16.55 -4.75
CA GLY A 263 -0.65 -16.10 -4.87
C GLY A 263 -0.46 -14.63 -5.07
N TYR A 264 -1.40 -13.84 -4.61
CA TYR A 264 -1.35 -12.41 -4.74
C TYR A 264 -1.92 -11.73 -3.53
N VAL A 265 -1.55 -10.48 -3.38
CA VAL A 265 -2.05 -9.66 -2.33
C VAL A 265 -3.20 -8.87 -2.95
N TRP A 266 -4.32 -8.81 -2.28
CA TRP A 266 -5.49 -8.12 -2.75
C TRP A 266 -5.77 -7.00 -1.78
N ALA A 267 -5.52 -5.77 -2.18
CA ALA A 267 -5.77 -4.64 -1.32
C ALA A 267 -7.20 -4.19 -1.47
N CYS A 268 -7.92 -4.12 -0.36
CA CYS A 268 -9.33 -3.70 -0.33
C CYS A 268 -9.50 -2.46 0.49
N LYS A 269 -10.30 -1.55 -0.04
CA LYS A 269 -10.93 -0.54 0.76
C LYS A 269 -11.60 -1.26 1.96
N ASN A 270 -11.63 -0.56 3.09
CA ASN A 270 -12.22 -1.03 4.36
C ASN A 270 -13.38 -2.05 4.28
N TYR A 271 -14.46 -1.68 3.60
CA TYR A 271 -15.69 -2.47 3.58
C TYR A 271 -15.44 -3.75 2.80
N ASP A 272 -14.78 -3.64 1.67
CA ASP A 272 -14.46 -4.82 0.85
C ASP A 272 -13.53 -5.75 1.56
N GLY A 273 -12.63 -5.21 2.37
CA GLY A 273 -11.71 -6.02 3.16
C GLY A 273 -12.43 -6.73 4.29
N ASP A 274 -13.47 -6.09 4.79
CA ASP A 274 -14.40 -6.70 5.71
C ASP A 274 -15.19 -7.88 5.08
N VAL A 275 -15.90 -7.61 3.99
CA VAL A 275 -16.76 -8.64 3.39
C VAL A 275 -15.92 -9.76 2.75
N GLN A 276 -15.00 -9.39 1.87
CA GLN A 276 -14.30 -10.37 1.04
C GLN A 276 -13.38 -11.28 1.84
N SER A 277 -12.76 -10.74 2.90
CA SER A 277 -11.92 -11.54 3.79
C SER A 277 -12.69 -12.56 4.61
N ASP A 278 -14.02 -12.50 4.62
CA ASP A 278 -14.85 -13.62 5.09
C ASP A 278 -15.23 -14.61 3.99
N SER A 279 -15.57 -14.10 2.81
CA SER A 279 -15.82 -14.96 1.67
C SER A 279 -14.57 -15.81 1.43
N VAL A 280 -13.41 -15.16 1.43
CA VAL A 280 -12.14 -15.88 1.23
C VAL A 280 -11.90 -16.91 2.31
N ALA A 281 -11.99 -16.48 3.57
CA ALA A 281 -11.75 -17.37 4.72
C ALA A 281 -12.63 -18.61 4.72
N GLN A 282 -13.88 -18.47 4.31
CA GLN A 282 -14.81 -19.59 4.21
C GLN A 282 -14.50 -20.42 2.96
N GLY A 283 -14.21 -19.76 1.83
CA GLY A 283 -13.67 -20.42 0.63
C GLY A 283 -12.50 -21.36 0.91
N PHE A 284 -11.54 -20.94 1.74
CA PHE A 284 -10.44 -21.81 2.12
C PHE A 284 -10.82 -22.87 3.15
N GLY A 285 -11.98 -22.75 3.80
CA GLY A 285 -12.49 -23.86 4.62
C GLY A 285 -13.36 -23.49 5.79
N SER A 286 -12.93 -22.52 6.57
CA SER A 286 -13.72 -22.07 7.69
C SER A 286 -13.29 -20.72 8.12
N LEU A 287 -14.26 -19.94 8.65
CA LEU A 287 -13.97 -18.69 9.33
C LEU A 287 -12.91 -18.76 10.43
N GLY A 288 -12.81 -19.91 11.11
CA GLY A 288 -11.76 -20.15 12.11
C GLY A 288 -10.34 -20.35 11.58
N LEU A 289 -10.20 -20.51 10.27
CA LEU A 289 -8.92 -20.73 9.62
C LEU A 289 -8.49 -19.45 8.92
N MET A 290 -8.11 -18.46 9.72
CA MET A 290 -7.65 -17.17 9.19
C MET A 290 -6.89 -16.35 10.24
N THR A 291 -5.77 -15.77 9.83
CA THR A 291 -5.04 -14.79 10.64
C THR A 291 -5.53 -13.38 10.29
N SER A 292 -5.30 -12.45 11.21
CA SER A 292 -5.71 -11.08 11.02
C SER A 292 -4.80 -10.25 11.86
N VAL A 293 -4.00 -9.39 11.24
CA VAL A 293 -3.00 -8.63 11.96
C VAL A 293 -3.11 -7.20 11.49
N LEU A 294 -3.43 -6.30 12.43
CA LEU A 294 -3.37 -4.85 12.16
C LEU A 294 -1.92 -4.40 12.36
N MET A 295 -1.34 -3.78 11.35
CA MET A 295 0.08 -3.40 11.39
C MET A 295 0.25 -1.89 11.29
N SER A 296 1.20 -1.33 12.03
CA SER A 296 1.53 0.11 11.92
C SER A 296 2.14 0.41 10.58
N PRO A 297 2.03 1.68 10.14
CA PRO A 297 2.86 2.07 9.00
C PRO A 297 4.37 1.85 9.24
N ASP A 298 4.81 2.07 10.49
CA ASP A 298 6.23 1.95 10.85
C ASP A 298 6.69 0.54 11.24
N GLY A 299 5.75 -0.41 11.27
CA GLY A 299 6.02 -1.78 11.70
C GLY A 299 6.35 -2.01 13.17
N ARG A 300 6.02 -1.08 14.07
CA ARG A 300 6.34 -1.23 15.50
C ARG A 300 5.15 -1.70 16.38
N THR A 301 3.92 -1.35 15.99
CA THR A 301 2.68 -1.71 16.71
C THR A 301 1.89 -2.74 15.91
N VAL A 302 1.52 -3.83 16.58
CA VAL A 302 0.70 -4.91 16.01
C VAL A 302 -0.51 -5.25 16.91
N GLU A 303 -1.73 -5.20 16.35
CA GLU A 303 -2.94 -5.69 17.02
C GLU A 303 -3.30 -6.91 16.25
N ALA A 304 -3.17 -8.08 16.88
CA ALA A 304 -3.62 -9.33 16.29
C ALA A 304 -4.98 -9.69 16.85
N GLU A 305 -5.85 -10.24 16.02
CA GLU A 305 -7.21 -10.56 16.41
C GLU A 305 -7.66 -11.82 15.71
N ALA A 306 -8.83 -12.30 16.10
CA ALA A 306 -9.66 -13.10 15.21
C ALA A 306 -10.53 -12.15 14.42
N ALA A 307 -10.65 -12.46 13.13
CA ALA A 307 -11.44 -11.69 12.19
C ALA A 307 -12.91 -12.06 12.27
N HIS A 308 -13.19 -13.32 12.57
CA HIS A 308 -14.58 -13.77 12.71
C HIS A 308 -15.29 -13.12 13.89
N GLY A 309 -16.55 -13.47 14.10
CA GLY A 309 -17.32 -12.90 15.19
C GLY A 309 -17.35 -13.76 16.42
N THR A 310 -18.23 -13.37 17.32
CA THR A 310 -18.31 -13.95 18.65
C THR A 310 -19.01 -15.31 18.67
N VAL A 311 -19.41 -15.79 17.50
CA VAL A 311 -19.97 -17.11 17.33
C VAL A 311 -21.16 -17.24 18.26
N THR A 312 -22.14 -16.36 18.05
CA THR A 312 -23.31 -16.21 18.89
C THR A 312 -24.18 -17.45 18.95
N ARG A 313 -24.39 -18.10 17.82
CA ARG A 313 -25.31 -19.24 17.78
C ARG A 313 -24.72 -20.36 18.62
N HIS A 314 -23.40 -20.57 18.50
CA HIS A 314 -22.66 -21.53 19.36
C HIS A 314 -22.71 -21.19 20.86
N TYR A 315 -22.67 -19.90 21.22
CA TYR A 315 -22.75 -19.45 22.61
C TYR A 315 -24.11 -19.73 23.23
N ARG A 316 -25.18 -19.30 22.53
CA ARG A 316 -26.56 -19.71 22.88
C ARG A 316 -26.66 -21.20 23.20
N GLN A 317 -26.05 -22.04 22.37
CA GLN A 317 -25.94 -23.47 22.69
C GLN A 317 -25.04 -23.84 23.91
N HIS A 318 -23.88 -23.19 24.01
CA HIS A 318 -23.04 -23.35 25.19
C HIS A 318 -23.81 -22.96 26.46
N GLN A 319 -24.59 -21.87 26.40
CA GLN A 319 -25.41 -21.38 27.56
C GLN A 319 -26.56 -22.30 28.01
N LYS A 320 -27.10 -23.10 27.08
CA LYS A 320 -28.13 -24.11 27.43
C LYS A 320 -27.54 -25.33 28.15
N GLY A 321 -26.21 -25.45 28.19
CA GLY A 321 -25.55 -26.64 28.72
C GLY A 321 -25.43 -27.74 27.68
N GLU A 322 -25.55 -27.37 26.40
CA GLU A 322 -25.36 -28.30 25.28
C GLU A 322 -23.92 -28.25 24.82
N GLU A 323 -23.53 -29.27 24.06
CA GLU A 323 -22.15 -29.40 23.58
C GLU A 323 -21.90 -28.40 22.46
N THR A 324 -20.68 -27.87 22.41
CA THR A 324 -20.25 -27.03 21.30
C THR A 324 -18.97 -27.57 20.66
N SER A 325 -18.76 -27.27 19.38
CA SER A 325 -17.52 -27.55 18.70
C SER A 325 -17.21 -26.34 17.86
N THR A 326 -16.41 -25.44 18.42
CA THR A 326 -16.18 -24.13 17.85
C THR A 326 -14.70 -24.04 17.52
N ASN A 327 -14.39 -23.57 16.32
CA ASN A 327 -13.01 -23.52 15.86
C ASN A 327 -12.24 -22.41 16.59
N PRO A 328 -11.30 -22.79 17.48
CA PRO A 328 -10.47 -21.83 18.24
C PRO A 328 -9.15 -21.37 17.58
N VAL A 329 -8.88 -21.82 16.34
CA VAL A 329 -7.58 -21.62 15.69
C VAL A 329 -7.30 -20.14 15.41
N ALA A 330 -8.31 -19.42 14.93
CA ALA A 330 -8.15 -17.99 14.68
C ALA A 330 -7.85 -17.20 15.98
N SER A 331 -8.42 -17.65 17.10
CA SER A 331 -8.16 -17.02 18.38
C SER A 331 -6.73 -17.31 18.83
N ILE A 332 -6.29 -18.55 18.57
CA ILE A 332 -4.95 -18.99 18.98
C ILE A 332 -3.88 -18.24 18.19
N PHE A 333 -4.14 -18.06 16.89
CA PHE A 333 -3.20 -17.33 16.01
C PHE A 333 -3.23 -15.83 16.21
N ALA A 334 -4.29 -15.29 16.81
CA ALA A 334 -4.21 -13.93 17.37
C ALA A 334 -3.08 -13.87 18.39
N TRP A 335 -3.13 -14.74 19.38
CA TRP A 335 -2.05 -14.87 20.39
C TRP A 335 -0.65 -15.07 19.80
N THR A 336 -0.49 -16.03 18.88
CA THR A 336 0.86 -16.40 18.42
C THR A 336 1.48 -15.23 17.67
N ARG A 337 0.74 -14.63 16.73
CA ARG A 337 1.25 -13.45 16.01
C ARG A 337 1.54 -12.25 16.91
N GLY A 338 0.70 -12.03 17.91
CA GLY A 338 0.99 -11.03 18.91
C GLY A 338 2.28 -11.36 19.64
N LEU A 339 2.41 -12.61 20.08
CA LEU A 339 3.60 -13.03 20.81
C LEU A 339 4.86 -13.07 19.93
N MET A 340 4.66 -13.34 18.64
CA MET A 340 5.73 -13.31 17.67
C MET A 340 6.21 -11.88 17.55
N HIS A 341 5.29 -10.95 17.39
CA HIS A 341 5.68 -9.54 17.30
C HIS A 341 6.34 -9.04 18.62
N ARG A 342 5.77 -9.44 19.77
CA ARG A 342 6.36 -9.24 21.11
C ARG A 342 7.83 -9.65 21.15
N GLY A 343 8.11 -10.84 20.66
CA GLY A 343 9.47 -11.40 20.66
C GLY A 343 10.44 -10.74 19.70
N LYS A 344 9.93 -10.34 18.53
CA LYS A 344 10.70 -9.49 17.60
C LYS A 344 11.08 -8.13 18.22
N LEU A 345 10.15 -7.50 18.94
CA LEU A 345 10.45 -6.24 19.62
C LEU A 345 11.55 -6.40 20.71
N ASP A 346 11.61 -7.56 21.35
CA ASP A 346 12.48 -7.80 22.54
C ASP A 346 13.84 -8.44 22.29
N GLN A 347 14.18 -8.79 21.04
CA GLN A 347 15.32 -9.70 20.74
C GLN A 347 15.17 -11.08 21.41
N ASN A 348 13.92 -11.57 21.43
CA ASN A 348 13.59 -12.81 22.14
C ASN A 348 13.28 -13.88 21.11
N GLU A 349 14.28 -14.72 20.81
CA GLU A 349 14.14 -15.77 19.80
C GLU A 349 13.35 -16.95 20.33
N LYS A 350 13.47 -17.20 21.64
CA LYS A 350 12.71 -18.25 22.31
C LYS A 350 11.21 -18.04 22.16
N LEU A 351 10.78 -16.79 22.28
CA LEU A 351 9.36 -16.45 22.17
C LEU A 351 8.82 -16.68 20.76
N VAL A 352 9.65 -16.41 19.75
CA VAL A 352 9.26 -16.56 18.34
C VAL A 352 9.20 -18.04 17.99
N GLN A 353 10.21 -18.80 18.40
CA GLN A 353 10.21 -20.25 18.21
C GLN A 353 8.99 -20.89 18.89
N PHE A 354 8.63 -20.42 20.08
CA PHE A 354 7.40 -20.89 20.74
C PHE A 354 6.15 -20.53 19.96
N SER A 355 6.08 -19.30 19.50
CA SER A 355 4.91 -18.87 18.74
C SER A 355 4.77 -19.73 17.48
N MET A 356 5.84 -19.80 16.69
CA MET A 356 5.89 -20.72 15.52
C MET A 356 5.53 -22.16 15.89
N LEU A 357 6.10 -22.65 17.00
CA LEU A 357 5.82 -23.99 17.47
C LEU A 357 4.35 -24.20 17.77
N LEU A 358 3.71 -23.24 18.42
CA LEU A 358 2.30 -23.40 18.70
C LEU A 358 1.47 -23.46 17.38
N GLU A 359 1.84 -22.64 16.38
CA GLU A 359 1.20 -22.69 15.06
C GLU A 359 1.42 -24.02 14.31
N LYS A 360 2.62 -24.59 14.42
CA LYS A 360 2.91 -25.89 13.81
C LYS A 360 2.04 -26.99 14.44
N VAL A 361 1.94 -26.96 15.77
CA VAL A 361 1.23 -27.98 16.54
C VAL A 361 -0.28 -27.94 16.31
N VAL A 362 -0.84 -26.75 16.21
CA VAL A 362 -2.25 -26.61 15.84
C VAL A 362 -2.47 -27.23 14.46
N VAL A 363 -1.66 -26.80 13.50
CA VAL A 363 -1.84 -27.24 12.09
C VAL A 363 -1.62 -28.74 11.95
N SER A 364 -0.57 -29.22 12.61
CA SER A 364 -0.23 -30.66 12.65
C SER A 364 -1.33 -31.49 13.34
N THR A 365 -1.88 -30.99 14.44
CA THR A 365 -2.96 -31.69 15.15
C THR A 365 -4.21 -31.79 14.31
N ILE A 366 -4.54 -30.74 13.55
CA ILE A 366 -5.65 -30.78 12.61
C ILE A 366 -5.35 -31.79 11.51
N GLU A 367 -4.17 -31.65 10.90
CA GLU A 367 -3.65 -32.57 9.87
C GLU A 367 -3.62 -34.07 10.24
N ALA A 368 -3.45 -34.38 11.52
CA ALA A 368 -3.54 -35.77 12.00
C ALA A 368 -4.99 -36.30 12.24
N GLY A 369 -6.04 -35.61 11.75
CA GLY A 369 -7.44 -36.09 11.90
C GLY A 369 -8.22 -35.65 13.15
N PHE A 370 -7.65 -34.76 13.97
CA PHE A 370 -8.29 -34.24 15.18
C PHE A 370 -8.80 -32.84 14.93
N MET A 371 -10.12 -32.62 14.93
CA MET A 371 -10.67 -31.33 14.48
C MET A 371 -12.06 -31.04 14.96
N THR A 372 -12.40 -29.75 14.96
CA THR A 372 -13.74 -29.31 15.32
C THR A 372 -14.68 -29.48 14.13
N LYS A 373 -15.97 -29.45 14.43
CA LYS A 373 -17.04 -29.84 13.50
C LYS A 373 -16.96 -29.18 12.13
N ASP A 374 -16.63 -27.89 12.10
CA ASP A 374 -16.59 -27.10 10.85
C ASP A 374 -15.57 -27.66 9.81
N LEU A 375 -14.42 -28.13 10.29
CA LEU A 375 -13.45 -28.78 9.42
C LEU A 375 -13.89 -30.19 9.04
N ALA A 376 -14.48 -30.91 9.97
CA ALA A 376 -15.08 -32.20 9.64
C ALA A 376 -16.08 -32.05 8.49
N ILE A 377 -16.84 -30.94 8.45
CA ILE A 377 -17.80 -30.65 7.38
C ILE A 377 -17.11 -30.46 6.06
N CYS A 378 -15.97 -29.79 6.08
CA CYS A 378 -15.19 -29.56 4.86
C CYS A 378 -14.76 -30.86 4.20
N ILE A 379 -14.57 -31.92 5.00
CA ILE A 379 -14.06 -33.20 4.53
C ILE A 379 -15.18 -34.18 4.18
N LYS A 380 -16.11 -34.34 5.12
CA LYS A 380 -17.31 -35.16 4.94
C LYS A 380 -18.44 -34.23 4.56
N GLY A 381 -19.53 -34.76 4.00
CA GLY A 381 -20.62 -33.90 3.51
C GLY A 381 -21.21 -32.88 4.49
N MET A 382 -22.09 -32.02 4.01
CA MET A 382 -22.85 -31.16 4.90
C MET A 382 -23.73 -32.01 5.84
N ASN A 383 -24.44 -32.99 5.27
CA ASN A 383 -25.34 -33.86 6.06
C ASN A 383 -24.81 -35.30 6.36
N HIS A 384 -23.55 -35.57 6.02
CA HIS A 384 -22.92 -36.88 6.26
C HIS A 384 -21.74 -36.81 7.27
N VAL A 385 -21.90 -35.95 8.27
CA VAL A 385 -20.94 -35.79 9.37
C VAL A 385 -21.58 -36.44 10.57
N THR A 386 -20.75 -37.06 11.40
CA THR A 386 -21.20 -37.80 12.59
C THR A 386 -20.33 -37.42 13.78
N ARG A 387 -20.79 -37.72 14.99
CA ARG A 387 -20.11 -37.28 16.22
C ARG A 387 -18.66 -37.78 16.37
N SER A 388 -18.37 -38.97 15.84
CA SER A 388 -17.01 -39.53 15.88
C SER A 388 -15.99 -38.83 14.95
N ASP A 389 -16.44 -38.04 13.95
CA ASP A 389 -15.51 -37.34 13.00
C ASP A 389 -14.83 -36.09 13.57
N TYR A 390 -15.23 -35.64 14.75
CA TYR A 390 -14.78 -34.34 15.26
C TYR A 390 -14.74 -34.28 16.78
N LEU A 391 -13.89 -33.40 17.31
CA LEU A 391 -13.82 -33.12 18.76
C LEU A 391 -14.63 -31.87 19.11
N ASN A 392 -15.25 -31.88 20.28
CA ASN A 392 -15.92 -30.70 20.78
C ASN A 392 -14.88 -29.66 21.24
N THR A 393 -15.36 -28.47 21.57
CA THR A 393 -14.51 -27.32 21.81
C THR A 393 -13.45 -27.57 22.89
N GLN A 394 -13.90 -28.18 23.98
CA GLN A 394 -13.04 -28.45 25.14
C GLN A 394 -11.93 -29.49 24.85
N GLU A 395 -12.37 -30.65 24.33
CA GLU A 395 -11.51 -31.72 23.82
C GLU A 395 -10.53 -31.25 22.78
N PHE A 396 -10.97 -30.43 21.86
CA PHE A 396 -10.06 -29.99 20.86
C PHE A 396 -8.93 -29.23 21.43
N ILE A 397 -9.25 -28.34 22.35
CA ILE A 397 -8.28 -27.51 23.04
C ILE A 397 -7.42 -28.39 23.95
N HIS A 398 -8.04 -29.39 24.53
CA HIS A 398 -7.34 -30.33 25.37
C HIS A 398 -6.33 -31.15 24.58
N LYS A 399 -6.73 -31.61 23.41
CA LYS A 399 -5.87 -32.36 22.54
C LYS A 399 -4.71 -31.49 22.10
N LEU A 400 -5.03 -30.25 21.82
CA LEU A 400 -4.06 -29.28 21.42
C LEU A 400 -3.07 -29.06 22.53
N ALA A 401 -3.53 -29.00 23.76
CA ALA A 401 -2.64 -28.83 24.89
C ALA A 401 -1.70 -30.01 25.10
N ASP A 402 -2.20 -31.21 24.91
CA ASP A 402 -1.42 -32.39 25.09
C ASP A 402 -0.27 -32.40 24.18
N GLU A 403 -0.58 -32.09 22.95
CA GLU A 403 0.39 -32.03 21.91
C GLU A 403 1.42 -30.93 22.10
N MET A 404 0.98 -29.75 22.50
CA MET A 404 1.88 -28.63 22.75
C MET A 404 2.83 -28.87 23.90
N ARG A 405 2.33 -29.49 24.97
CA ARG A 405 3.16 -29.79 26.08
C ARG A 405 4.22 -30.76 25.66
N LYS A 406 3.87 -31.77 24.89
CA LYS A 406 4.83 -32.73 24.39
C LYS A 406 5.86 -32.17 23.45
N ALA A 407 5.42 -31.36 22.49
CA ALA A 407 6.26 -30.73 21.49
C ALA A 407 7.23 -29.72 22.07
N TYR A 408 6.79 -28.99 23.06
CA TYR A 408 7.62 -28.03 23.74
C TYR A 408 8.70 -28.72 24.56
N GLU A 409 8.36 -29.80 25.21
CA GLU A 409 9.28 -30.55 26.02
C GLU A 409 10.40 -31.13 25.18
N ARG A 410 10.08 -31.58 24.00
CA ARG A 410 11.08 -32.11 23.08
C ARG A 410 11.89 -31.05 22.30
N SER A 411 11.29 -29.89 22.11
CA SER A 411 11.76 -28.83 21.24
C SER A 411 13.09 -28.13 21.31
N LYS A 412 13.61 -27.80 22.47
CA LYS A 412 14.88 -27.12 22.50
C LYS A 412 15.83 -27.69 23.52
N ILE A 413 16.34 -28.88 23.26
CA ILE A 413 17.26 -29.48 24.21
C ILE A 413 18.55 -28.68 24.26
N SER B 1 -36.67 -10.23 -42.22
CA SER B 1 -36.90 -11.44 -41.44
C SER B 1 -37.86 -11.24 -40.28
N GLN B 2 -38.90 -12.06 -40.25
CA GLN B 2 -39.90 -12.08 -39.20
C GLN B 2 -40.73 -13.35 -39.34
N LYS B 3 -41.75 -13.50 -38.51
CA LYS B 3 -42.68 -14.62 -38.55
C LYS B 3 -43.56 -14.49 -37.34
N ILE B 4 -42.96 -14.17 -36.23
CA ILE B 4 -43.77 -13.82 -35.05
C ILE B 4 -44.12 -12.33 -34.95
N VAL B 6 -45.64 -9.68 -33.01
CA VAL B 6 -45.56 -8.90 -31.79
C VAL B 6 -46.00 -7.43 -31.88
N ALA B 7 -47.16 -7.16 -31.29
CA ALA B 7 -47.77 -5.86 -31.24
C ALA B 7 -47.12 -4.78 -30.44
N GLY B 8 -46.76 -5.15 -29.22
CA GLY B 8 -46.22 -4.30 -28.20
C GLY B 8 -44.87 -3.94 -28.58
N THR B 9 -44.34 -2.89 -28.02
CA THR B 9 -43.01 -2.46 -28.37
C THR B 9 -41.94 -2.80 -27.37
N VAL B 10 -40.78 -3.15 -27.88
CA VAL B 10 -39.59 -3.36 -27.02
C VAL B 10 -38.62 -2.20 -27.19
N VAL B 11 -38.06 -1.71 -26.08
CA VAL B 11 -37.12 -0.59 -26.13
C VAL B 11 -35.71 -1.14 -26.04
N GLU B 12 -34.89 -0.87 -27.07
CA GLU B 12 -33.57 -1.49 -27.19
C GLU B 12 -32.51 -0.48 -26.83
N LEU B 13 -31.58 -0.83 -25.92
CA LEU B 13 -30.45 0.07 -25.56
C LEU B 13 -29.09 -0.47 -25.97
N ASP B 14 -28.52 0.08 -27.04
CA ASP B 14 -27.24 -0.40 -27.56
C ASP B 14 -26.08 0.09 -26.71
N GLY B 15 -24.98 -0.66 -26.68
CA GLY B 15 -23.86 -0.38 -25.74
C GLY B 15 -22.47 -0.25 -26.36
N ASP B 16 -21.43 -0.65 -25.61
CA ASP B 16 -20.03 -0.46 -25.99
C ASP B 16 -19.19 -1.73 -26.12
N GLU B 17 -18.09 -1.59 -26.85
CA GLU B 17 -16.99 -2.55 -26.86
C GLU B 17 -17.46 -3.96 -27.27
N MET B 18 -17.12 -5.02 -26.54
CA MET B 18 -17.37 -6.38 -27.04
C MET B 18 -18.83 -6.75 -26.96
N THR B 19 -19.47 -6.38 -25.86
CA THR B 19 -20.88 -6.62 -25.72
C THR B 19 -21.64 -5.94 -26.85
N ARG B 20 -21.17 -4.77 -27.33
CA ARG B 20 -21.77 -4.14 -28.54
C ARG B 20 -21.65 -5.05 -29.76
N VAL B 21 -20.42 -5.46 -30.09
CA VAL B 21 -20.15 -6.37 -31.21
C VAL B 21 -21.10 -7.61 -31.15
N ILE B 22 -21.21 -8.20 -29.98
CA ILE B 22 -22.04 -9.37 -29.76
C ILE B 22 -23.53 -9.07 -29.85
N TRP B 23 -23.95 -7.99 -29.22
CA TRP B 23 -25.34 -7.45 -29.34
C TRP B 23 -25.82 -7.46 -30.80
N LYS B 24 -25.04 -6.86 -31.70
CA LYS B 24 -25.37 -6.88 -33.15
C LYS B 24 -25.72 -8.31 -33.68
N MET B 25 -24.85 -9.28 -33.37
CA MET B 25 -24.94 -10.63 -33.91
C MET B 25 -26.19 -11.32 -33.42
N ILE B 26 -26.46 -11.20 -32.12
CA ILE B 26 -27.69 -11.69 -31.49
C ILE B 26 -28.95 -11.12 -32.18
N LYS B 27 -29.02 -9.81 -32.38
CA LYS B 27 -30.08 -9.22 -33.19
C LYS B 27 -30.12 -9.84 -34.59
N GLU B 28 -28.97 -9.91 -35.26
CA GLU B 28 -28.88 -10.45 -36.62
C GLU B 28 -29.42 -11.87 -36.74
N GLU B 29 -28.92 -12.76 -35.88
CA GLU B 29 -28.99 -14.19 -36.12
C GLU B 29 -30.00 -14.98 -35.28
N LEU B 30 -30.35 -14.48 -34.10
CA LEU B 30 -31.19 -15.22 -33.16
C LEU B 30 -32.53 -14.54 -32.83
N ILE B 31 -32.74 -13.28 -33.19
CA ILE B 31 -33.97 -12.54 -32.79
C ILE B 31 -34.78 -12.05 -34.00
N PHE B 32 -34.25 -11.08 -34.73
CA PHE B 32 -34.97 -10.45 -35.84
C PHE B 32 -35.44 -11.45 -36.92
N PRO B 33 -34.62 -12.46 -37.26
CA PRO B 33 -35.08 -13.51 -38.19
C PRO B 33 -36.43 -14.13 -37.87
N PHE B 34 -36.79 -14.17 -36.59
CA PHE B 34 -38.00 -14.83 -36.10
C PHE B 34 -39.11 -13.88 -35.69
N LEU B 35 -38.75 -12.70 -35.20
CA LEU B 35 -39.69 -11.75 -34.58
C LEU B 35 -39.91 -10.49 -35.40
N ASP B 36 -41.17 -10.19 -35.67
CA ASP B 36 -41.58 -8.87 -36.16
C ASP B 36 -42.08 -8.05 -34.98
N VAL B 37 -41.21 -7.19 -34.48
CA VAL B 37 -41.35 -6.48 -33.21
C VAL B 37 -40.98 -5.02 -33.45
N PRO B 38 -41.82 -4.08 -32.99
CA PRO B 38 -41.36 -2.69 -32.96
C PRO B 38 -40.25 -2.51 -31.94
N ILE B 39 -39.17 -1.86 -32.36
CA ILE B 39 -38.04 -1.54 -31.51
C ILE B 39 -37.91 -0.03 -31.45
N GLU B 40 -37.85 0.53 -30.25
CA GLU B 40 -37.47 1.92 -30.10
C GLU B 40 -35.97 1.91 -29.79
N TYR B 41 -35.14 2.27 -30.76
CA TYR B 41 -33.69 2.12 -30.62
C TYR B 41 -33.11 3.34 -29.93
N TYR B 42 -32.29 3.12 -28.91
CA TYR B 42 -31.47 4.15 -28.27
C TYR B 42 -30.02 3.70 -28.17
N ASP B 43 -29.11 4.58 -28.61
CA ASP B 43 -27.68 4.22 -28.72
C ASP B 43 -26.95 4.70 -27.48
N LEU B 44 -26.78 3.82 -26.49
CA LEU B 44 -26.00 4.19 -25.30
C LEU B 44 -24.49 3.85 -25.46
N GLY B 45 -24.01 3.72 -26.70
CA GLY B 45 -22.58 3.72 -26.98
C GLY B 45 -22.04 5.01 -26.43
N MET B 46 -20.81 4.96 -25.91
CA MET B 46 -20.22 6.12 -25.22
C MET B 46 -20.23 7.42 -26.04
N GLU B 47 -19.95 7.31 -27.34
CA GLU B 47 -19.78 8.46 -28.24
C GLU B 47 -21.07 9.25 -28.31
N ASN B 48 -22.19 8.56 -28.51
CA ASN B 48 -23.52 9.17 -28.54
C ASN B 48 -24.01 9.69 -27.20
N ARG B 49 -23.64 9.01 -26.10
CA ARG B 49 -23.91 9.54 -24.78
C ARG B 49 -23.21 10.88 -24.63
N ASP B 50 -21.90 10.93 -24.90
CA ASP B 50 -21.16 12.20 -24.80
C ASP B 50 -21.71 13.26 -25.71
N LYS B 51 -21.95 12.89 -26.96
CA LYS B 51 -22.52 13.78 -27.97
C LYS B 51 -23.89 14.34 -27.59
N THR B 52 -24.78 13.52 -27.01
CA THR B 52 -26.12 13.99 -26.56
C THR B 52 -26.14 14.61 -25.15
N ASP B 53 -24.97 14.79 -24.51
CA ASP B 53 -24.87 15.23 -23.10
C ASP B 53 -25.62 14.26 -22.14
N ASP B 54 -25.63 12.98 -22.50
CA ASP B 54 -26.24 11.88 -21.76
C ASP B 54 -27.76 11.95 -21.73
N GLN B 55 -28.37 12.63 -22.68
CA GLN B 55 -29.83 12.75 -22.70
C GLN B 55 -30.52 11.49 -23.29
N VAL B 56 -29.87 10.86 -24.28
CA VAL B 56 -30.35 9.60 -24.83
C VAL B 56 -30.53 8.50 -23.79
N THR B 57 -29.71 8.55 -22.74
CA THR B 57 -29.85 7.64 -21.60
C THR B 57 -31.13 7.94 -20.82
N VAL B 58 -31.32 9.20 -20.47
CA VAL B 58 -32.54 9.65 -19.79
C VAL B 58 -33.76 9.33 -20.67
N ASP B 59 -33.69 9.70 -21.94
CA ASP B 59 -34.75 9.36 -22.90
C ASP B 59 -35.02 7.87 -22.96
N ALA B 60 -33.96 7.06 -22.85
CA ALA B 60 -34.09 5.60 -22.90
C ALA B 60 -34.80 5.09 -21.65
N ALA B 61 -34.36 5.54 -20.48
CA ALA B 61 -35.05 5.20 -19.25
C ALA B 61 -36.56 5.52 -19.32
N HIS B 62 -36.95 6.65 -19.91
CA HIS B 62 -38.37 7.03 -19.95
C HIS B 62 -39.15 6.26 -21.00
N ALA B 63 -38.47 5.85 -22.06
CA ALA B 63 -39.07 4.96 -23.05
C ALA B 63 -39.41 3.60 -22.43
N ILE B 64 -38.54 3.09 -21.55
CA ILE B 64 -38.78 1.80 -20.89
C ILE B 64 -40.06 1.83 -20.05
N LYS B 65 -40.23 2.86 -19.23
CA LYS B 65 -41.51 3.08 -18.54
C LYS B 65 -42.76 3.15 -19.48
N LYS B 66 -42.61 3.72 -20.67
CA LYS B 66 -43.73 3.91 -21.59
C LYS B 66 -44.24 2.59 -22.19
N HIS B 67 -43.36 1.87 -22.86
CA HIS B 67 -43.75 0.62 -23.51
C HIS B 67 -43.63 -0.58 -22.58
N GLY B 68 -42.93 -0.44 -21.45
CA GLY B 68 -42.88 -1.47 -20.39
C GLY B 68 -41.75 -2.51 -20.45
N VAL B 69 -41.02 -2.59 -21.58
CA VAL B 69 -39.89 -3.55 -21.66
C VAL B 69 -38.67 -2.88 -22.25
N GLY B 70 -37.54 -3.11 -21.58
CA GLY B 70 -36.25 -2.55 -21.94
C GLY B 70 -35.22 -3.67 -21.97
N VAL B 71 -34.45 -3.74 -23.06
CA VAL B 71 -33.37 -4.69 -23.20
C VAL B 71 -32.10 -3.89 -23.42
N LYS B 72 -31.09 -4.11 -22.56
CA LYS B 72 -29.86 -3.29 -22.52
C LYS B 72 -28.51 -4.04 -22.63
N CYS B 73 -27.69 -3.63 -23.62
CA CYS B 73 -26.30 -4.04 -23.74
C CYS B 73 -25.47 -3.36 -22.68
N ALA B 74 -24.44 -4.06 -22.17
CA ALA B 74 -23.42 -3.44 -21.28
C ALA B 74 -22.83 -2.15 -21.91
N THR B 75 -22.58 -1.15 -21.06
CA THR B 75 -22.08 0.18 -21.45
C THR B 75 -20.77 0.48 -20.76
N ILE B 76 -20.01 1.46 -21.23
CA ILE B 76 -18.88 2.00 -20.46
C ILE B 76 -19.44 2.98 -19.44
N THR B 77 -18.84 3.01 -18.26
CA THR B 77 -19.09 4.08 -17.32
C THR B 77 -17.74 4.76 -17.15
N PRO B 78 -17.61 6.01 -17.60
CA PRO B 78 -16.29 6.64 -17.71
C PRO B 78 -15.67 7.11 -16.40
N ASP B 79 -14.40 6.74 -16.20
CA ASP B 79 -13.52 7.42 -15.25
C ASP B 79 -12.55 8.32 -16.07
N GLU B 80 -11.40 8.72 -15.50
CA GLU B 80 -10.46 9.66 -16.15
C GLU B 80 -9.86 9.10 -17.46
N ALA B 81 -9.50 7.82 -17.44
CA ALA B 81 -8.90 7.16 -18.59
C ALA B 81 -9.87 7.08 -19.75
N ARG B 82 -11.14 6.83 -19.46
CA ARG B 82 -12.18 6.93 -20.48
C ARG B 82 -12.32 8.33 -21.06
N VAL B 83 -12.37 9.36 -20.22
CA VAL B 83 -12.47 10.76 -20.72
C VAL B 83 -11.36 11.10 -21.77
N ARG B 84 -10.13 10.70 -21.46
CA ARG B 84 -9.00 10.81 -22.37
C ARG B 84 -9.27 10.02 -23.65
N GLU B 85 -9.60 8.75 -23.48
CA GLU B 85 -9.86 7.80 -24.57
C GLU B 85 -10.94 8.20 -25.58
N PHE B 86 -12.05 8.76 -25.11
CA PHE B 86 -13.15 9.13 -26.02
C PHE B 86 -13.25 10.64 -26.23
N ASN B 87 -12.33 11.39 -25.61
CA ASN B 87 -12.31 12.84 -25.62
C ASN B 87 -13.60 13.44 -25.06
N LEU B 88 -14.02 12.94 -23.90
CA LEU B 88 -15.36 13.24 -23.38
C LEU B 88 -15.44 14.64 -22.79
N LYS B 89 -16.63 15.22 -22.86
CA LYS B 89 -16.96 16.48 -22.24
C LYS B 89 -16.88 16.36 -20.71
N GLN B 90 -17.34 15.23 -20.16
CA GLN B 90 -17.19 14.92 -18.74
C GLN B 90 -17.25 13.42 -18.37
N MET B 91 -16.89 13.14 -17.13
CA MET B 91 -17.05 11.82 -16.55
C MET B 91 -18.53 11.59 -16.29
N TRP B 92 -19.27 11.19 -17.33
CA TRP B 92 -20.71 10.94 -17.24
C TRP B 92 -21.00 9.82 -16.25
N LYS B 93 -22.11 9.94 -15.52
CA LYS B 93 -22.56 8.90 -14.58
C LYS B 93 -23.04 7.66 -15.32
N SER B 94 -22.93 6.51 -14.64
CA SER B 94 -23.41 5.20 -15.14
C SER B 94 -24.79 5.32 -15.78
N PRO B 95 -24.93 4.88 -17.04
CA PRO B 95 -26.27 4.87 -17.61
C PRO B 95 -27.21 3.91 -16.90
N ASN B 96 -26.65 2.80 -16.37
CA ASN B 96 -27.42 1.89 -15.52
C ASN B 96 -27.93 2.53 -14.25
N GLY B 97 -27.04 3.29 -13.60
CA GLY B 97 -27.36 4.09 -12.42
C GLY B 97 -28.40 5.14 -12.68
N THR B 98 -28.40 5.69 -13.89
CA THR B 98 -29.43 6.65 -14.31
C THR B 98 -30.75 5.97 -14.63
N ILE B 99 -30.70 4.86 -15.39
CA ILE B 99 -31.90 4.11 -15.73
C ILE B 99 -32.60 3.69 -14.46
N ARG B 100 -31.83 3.10 -13.52
CA ARG B 100 -32.41 2.58 -12.26
C ARG B 100 -32.94 3.64 -11.27
N ASN B 101 -32.23 4.76 -11.15
CA ASN B 101 -32.68 5.94 -10.38
C ASN B 101 -34.08 6.43 -10.83
N ILE B 102 -34.33 6.38 -12.14
CA ILE B 102 -35.60 6.81 -12.75
C ILE B 102 -36.65 5.73 -12.66
N LEU B 103 -36.24 4.47 -12.81
CA LEU B 103 -37.20 3.35 -12.90
C LEU B 103 -37.57 2.78 -11.55
N GLY B 104 -36.63 2.87 -10.59
CA GLY B 104 -36.80 2.26 -9.27
C GLY B 104 -36.70 0.74 -9.34
N GLY B 105 -36.90 0.10 -8.19
CA GLY B 105 -37.14 -1.33 -8.13
C GLY B 105 -35.98 -2.17 -7.63
N THR B 106 -36.00 -3.43 -8.03
CA THR B 106 -35.00 -4.40 -7.61
C THR B 106 -34.47 -5.17 -8.83
N VAL B 107 -33.14 -5.30 -8.92
CA VAL B 107 -32.51 -6.09 -9.96
C VAL B 107 -32.29 -7.50 -9.42
N PHE B 108 -33.05 -8.46 -9.94
CA PHE B 108 -32.89 -9.87 -9.54
C PHE B 108 -31.90 -10.56 -10.44
N ARG B 109 -30.90 -11.20 -9.86
CA ARG B 109 -29.91 -11.89 -10.65
C ARG B 109 -29.80 -13.35 -10.23
N GLU B 110 -29.36 -14.17 -11.16
CA GLU B 110 -29.37 -15.62 -11.01
C GLU B 110 -28.46 -16.25 -12.07
N PRO B 111 -27.73 -17.33 -11.68
CA PRO B 111 -26.97 -18.04 -12.68
C PRO B 111 -27.88 -18.82 -13.65
N ILE B 112 -27.35 -19.09 -14.82
CA ILE B 112 -27.96 -19.90 -15.85
C ILE B 112 -27.21 -21.22 -15.88
N MET B 113 -27.87 -22.26 -15.43
CA MET B 113 -27.24 -23.56 -15.12
C MET B 113 -26.95 -24.37 -16.36
N CYS B 114 -25.73 -24.90 -16.41
CA CYS B 114 -25.33 -25.84 -17.44
C CYS B 114 -24.73 -27.06 -16.74
N LYS B 115 -25.33 -28.23 -16.98
CA LYS B 115 -24.98 -29.44 -16.23
C LYS B 115 -23.58 -29.95 -16.52
N ASN B 116 -23.14 -29.84 -17.77
CA ASN B 116 -21.74 -30.15 -18.13
C ASN B 116 -20.70 -29.09 -17.74
N VAL B 117 -21.12 -27.98 -17.13
CA VAL B 117 -20.21 -26.95 -16.64
C VAL B 117 -19.99 -27.14 -15.15
N PRO B 118 -18.77 -27.52 -14.74
CA PRO B 118 -18.58 -27.71 -13.32
C PRO B 118 -18.59 -26.37 -12.59
N ARG B 119 -19.30 -26.34 -11.46
CA ARG B 119 -19.25 -25.23 -10.52
C ARG B 119 -17.83 -25.06 -9.97
N LEU B 120 -17.49 -23.83 -9.55
CA LEU B 120 -16.21 -23.58 -8.87
C LEU B 120 -16.34 -23.79 -7.36
N VAL B 121 -17.56 -23.64 -6.84
CA VAL B 121 -17.86 -23.88 -5.43
C VAL B 121 -18.43 -25.28 -5.32
N THR B 122 -17.76 -26.11 -4.52
CA THR B 122 -18.07 -27.52 -4.47
C THR B 122 -19.37 -27.81 -3.74
N THR B 123 -19.88 -26.85 -2.97
CA THR B 123 -21.09 -27.03 -2.15
C THR B 123 -22.38 -26.60 -2.81
N TRP B 124 -22.32 -25.91 -3.95
CA TRP B 124 -23.52 -25.33 -4.56
C TRP B 124 -24.26 -26.34 -5.44
N LYS B 125 -25.33 -26.93 -4.90
CA LYS B 125 -26.23 -27.81 -5.63
C LYS B 125 -27.34 -27.02 -6.33
N HIS B 126 -27.83 -25.96 -5.69
CA HIS B 126 -28.95 -25.18 -6.22
C HIS B 126 -28.59 -23.71 -6.52
N PRO B 127 -29.40 -23.03 -7.40
CA PRO B 127 -29.14 -21.61 -7.70
C PRO B 127 -29.20 -20.70 -6.47
N ILE B 128 -28.45 -19.61 -6.52
CA ILE B 128 -28.58 -18.49 -5.56
C ILE B 128 -29.18 -17.33 -6.36
N VAL B 129 -30.23 -16.72 -5.83
CA VAL B 129 -30.87 -15.58 -6.46
C VAL B 129 -30.55 -14.36 -5.62
N ILE B 130 -29.91 -13.36 -6.22
CA ILE B 130 -29.64 -12.09 -5.53
C ILE B 130 -30.71 -11.05 -5.92
N GLY B 131 -31.26 -10.39 -4.90
CA GLY B 131 -32.22 -9.30 -5.09
C GLY B 131 -31.57 -8.00 -4.72
N ARG B 132 -31.18 -7.25 -5.75
CA ARG B 132 -30.39 -6.04 -5.54
C ARG B 132 -31.25 -4.81 -5.55
N HIS B 133 -31.29 -4.15 -4.42
CA HIS B 133 -31.83 -2.81 -4.33
C HIS B 133 -31.23 -1.86 -5.38
N ALA B 134 -32.04 -1.47 -6.35
CA ALA B 134 -31.58 -0.71 -7.53
C ALA B 134 -31.34 0.79 -7.29
N PHE B 135 -31.64 1.27 -6.09
CA PHE B 135 -31.72 2.71 -5.84
C PHE B 135 -30.80 3.19 -4.72
N GLY B 136 -30.18 4.34 -4.92
CA GLY B 136 -29.58 5.08 -3.84
C GLY B 136 -28.20 4.60 -3.44
N ASP B 137 -27.85 4.85 -2.19
CA ASP B 137 -26.58 4.41 -1.64
C ASP B 137 -25.46 4.93 -2.58
N GLN B 138 -24.45 4.11 -2.90
CA GLN B 138 -23.26 4.57 -3.65
C GLN B 138 -23.51 5.10 -5.05
N TYR B 139 -24.63 4.70 -5.65
CA TYR B 139 -24.89 4.86 -7.08
C TYR B 139 -25.71 6.11 -7.42
N ARG B 140 -25.98 6.95 -6.44
CA ARG B 140 -26.64 8.22 -6.65
C ARG B 140 -26.18 9.23 -5.56
N ALA B 141 -24.87 9.26 -5.39
CA ALA B 141 -24.18 9.89 -4.29
C ALA B 141 -23.42 11.09 -4.77
N THR B 142 -22.97 11.88 -3.81
CA THR B 142 -22.23 13.07 -4.05
C THR B 142 -20.88 12.90 -3.36
N ASP B 143 -19.82 12.72 -4.16
CA ASP B 143 -18.45 12.59 -3.63
C ASP B 143 -17.49 13.69 -4.14
N LEU B 144 -16.69 14.26 -3.21
CA LEU B 144 -15.71 15.31 -3.48
C LEU B 144 -14.28 14.96 -2.98
N VAL B 145 -13.28 15.53 -3.62
CA VAL B 145 -11.95 15.54 -3.10
C VAL B 145 -11.80 16.80 -2.24
N VAL B 146 -11.21 16.64 -1.06
CA VAL B 146 -10.89 17.75 -0.18
C VAL B 146 -9.41 18.08 -0.34
N ASN B 147 -9.13 19.36 -0.61
CA ASN B 147 -7.78 19.84 -0.97
C ASN B 147 -6.99 20.48 0.17
N GLY B 148 -7.66 20.78 1.27
CA GLY B 148 -7.01 21.43 2.38
C GLY B 148 -7.85 21.26 3.61
N PRO B 149 -7.32 21.64 4.77
CA PRO B 149 -8.09 21.41 6.00
C PRO B 149 -9.42 22.15 6.01
N GLY B 150 -10.34 21.66 6.81
CA GLY B 150 -11.67 22.26 6.98
C GLY B 150 -12.54 21.36 7.83
N THR B 151 -13.85 21.52 7.72
CA THR B 151 -14.81 20.68 8.45
C THR B 151 -15.92 20.19 7.50
N PHE B 152 -16.08 18.87 7.44
CA PHE B 152 -17.16 18.22 6.67
C PHE B 152 -18.42 18.12 7.54
N GLU B 153 -19.37 19.00 7.27
CA GLU B 153 -20.63 18.99 7.96
C GLU B 153 -21.68 18.39 7.08
N ILE B 154 -22.76 17.96 7.70
CA ILE B 154 -23.91 17.40 7.03
C ILE B 154 -25.13 18.12 7.57
N HIS B 155 -25.88 18.75 6.68
CA HIS B 155 -27.01 19.56 7.07
C HIS B 155 -28.26 18.92 6.47
N PHE B 156 -29.31 18.77 7.29
CA PHE B 156 -30.66 18.49 6.79
C PHE B 156 -31.53 19.69 7.13
N VAL B 157 -32.09 20.28 6.11
CA VAL B 157 -32.87 21.46 6.23
C VAL B 157 -34.29 21.08 6.02
N PRO B 158 -35.06 21.18 7.15
CA PRO B 158 -36.45 20.74 7.00
C PRO B 158 -37.29 21.56 6.09
N GLU B 159 -38.28 20.91 5.52
CA GLU B 159 -39.22 21.53 4.62
C GLU B 159 -39.94 22.62 5.37
N SER B 160 -40.19 22.38 6.65
CA SER B 160 -40.91 23.24 7.56
C SER B 160 -40.24 24.57 7.82
N GLY B 161 -39.04 24.74 7.34
CA GLY B 161 -38.37 26.00 7.45
C GLY B 161 -37.76 26.44 8.73
N GLY B 162 -37.63 25.53 9.68
CA GLY B 162 -37.02 25.88 10.92
C GLY B 162 -35.55 26.17 10.72
N ALA B 163 -34.70 25.42 11.39
CA ALA B 163 -33.30 25.63 11.28
C ALA B 163 -32.67 24.31 10.91
N ALA B 164 -31.49 24.36 10.31
CA ALA B 164 -30.79 23.17 9.87
C ALA B 164 -30.31 22.24 10.97
N GLN B 165 -30.33 20.96 10.68
CA GLN B 165 -29.88 19.97 11.60
C GLN B 165 -28.50 19.73 11.10
N VAL B 166 -27.53 19.98 11.94
CA VAL B 166 -26.17 19.87 11.53
C VAL B 166 -25.31 18.94 12.32
N GLN B 167 -24.70 18.01 11.64
CA GLN B 167 -23.72 17.14 12.30
C GLN B 167 -22.35 17.44 11.75
N LYS B 168 -21.36 17.51 12.63
CA LYS B 168 -19.97 17.48 12.24
C LYS B 168 -19.66 16.01 11.98
N VAL B 169 -19.11 15.74 10.80
CA VAL B 169 -18.67 14.42 10.38
C VAL B 169 -17.17 14.29 10.63
N PHE B 170 -16.40 15.31 10.24
CA PHE B 170 -14.95 15.25 10.33
C PHE B 170 -14.22 16.58 10.14
N ASP B 171 -13.18 16.77 10.98
CA ASP B 171 -12.20 17.85 10.87
C ASP B 171 -11.01 17.36 10.07
N PHE B 172 -10.93 17.78 8.81
CA PHE B 172 -9.76 17.53 7.94
C PHE B 172 -8.52 18.39 8.29
N LYS B 173 -7.33 17.77 8.25
CA LYS B 173 -6.04 18.45 8.50
C LYS B 173 -5.20 18.68 7.22
N SER B 174 -5.12 17.66 6.37
CA SER B 174 -4.64 17.78 5.00
C SER B 174 -5.70 17.19 4.06
N GLY B 175 -5.34 16.82 2.84
CA GLY B 175 -6.32 16.41 1.84
C GLY B 175 -6.99 15.06 2.05
N GLY B 176 -8.13 14.88 1.40
CA GLY B 176 -8.81 13.62 1.42
C GLY B 176 -9.93 13.53 0.41
N VAL B 177 -10.89 12.69 0.74
CA VAL B 177 -12.14 12.57 0.02
C VAL B 177 -13.25 12.63 1.04
N LEU B 178 -14.42 13.09 0.59
CA LEU B 178 -15.63 12.90 1.37
C LEU B 178 -16.74 12.46 0.44
N MET B 179 -17.70 11.70 0.98
CA MET B 179 -18.96 11.52 0.29
C MET B 179 -20.18 11.62 1.18
N GLY B 180 -21.31 11.87 0.52
CA GLY B 180 -22.65 11.84 1.13
C GLY B 180 -23.56 10.97 0.31
N MET B 181 -24.34 10.11 0.97
CA MET B 181 -25.28 9.22 0.25
C MET B 181 -26.58 8.98 1.01
N TYR B 182 -27.59 8.50 0.29
CA TYR B 182 -28.94 8.45 0.84
C TYR B 182 -29.73 7.28 0.29
N ASN B 183 -30.80 6.92 1.00
CA ASN B 183 -31.90 6.10 0.45
C ASN B 183 -33.23 6.53 1.06
N THR B 184 -34.35 6.02 0.57
CA THR B 184 -35.66 6.40 1.10
C THR B 184 -36.52 5.24 1.61
N ASP B 185 -37.36 5.54 2.57
CA ASP B 185 -38.20 4.57 3.25
C ASP B 185 -39.03 3.90 2.24
N GLU B 186 -39.47 4.70 1.32
CA GLU B 186 -40.27 4.33 0.23
C GLU B 186 -39.64 3.31 -0.71
N SER B 187 -38.40 3.54 -1.07
CA SER B 187 -37.63 2.63 -1.91
C SER B 187 -37.25 1.37 -1.17
N ILE B 188 -36.83 1.52 0.07
CA ILE B 188 -36.44 0.40 0.88
C ILE B 188 -37.61 -0.54 1.12
N LYS B 189 -38.77 0.02 1.32
CA LYS B 189 -39.98 -0.71 1.52
C LYS B 189 -40.31 -1.46 0.25
N ASP B 190 -40.11 -0.79 -0.88
CA ASP B 190 -40.39 -1.33 -2.17
C ASP B 190 -39.50 -2.51 -2.44
N PHE B 191 -38.25 -2.37 -2.02
CA PHE B 191 -37.23 -3.36 -2.17
C PHE B 191 -37.59 -4.59 -1.37
N ALA B 192 -38.12 -4.42 -0.18
CA ALA B 192 -38.52 -5.53 0.63
C ALA B 192 -39.69 -6.33 0.10
N LYS B 193 -40.76 -5.67 -0.28
CA LYS B 193 -41.97 -6.31 -0.81
C LYS B 193 -41.66 -7.16 -2.02
N SER B 194 -40.87 -6.60 -2.93
CA SER B 194 -40.49 -7.31 -4.12
C SER B 194 -39.67 -8.56 -3.76
N CYS B 195 -38.76 -8.46 -2.79
CA CYS B 195 -38.03 -9.65 -2.30
C CYS B 195 -38.92 -10.68 -1.59
N PHE B 196 -39.83 -10.20 -0.73
CA PHE B 196 -40.76 -11.09 -0.05
C PHE B 196 -41.67 -11.80 -1.02
N GLU B 197 -42.16 -11.10 -2.05
CA GLU B 197 -43.08 -11.71 -3.00
C GLU B 197 -42.34 -12.77 -3.82
N TYR B 198 -41.10 -12.46 -4.19
CA TYR B 198 -40.30 -13.32 -5.08
C TYR B 198 -39.81 -14.59 -4.38
N ALA B 199 -39.38 -14.45 -3.13
CA ALA B 199 -39.02 -15.61 -2.31
C ALA B 199 -40.26 -16.38 -1.88
N LEU B 200 -41.41 -15.70 -1.73
CA LEU B 200 -42.69 -16.41 -1.46
C LEU B 200 -43.15 -17.26 -2.67
N SER B 201 -43.08 -16.71 -3.89
CA SER B 201 -43.45 -17.47 -5.11
C SER B 201 -42.43 -18.55 -5.53
N LYS B 202 -41.15 -18.39 -5.16
CA LYS B 202 -40.16 -19.49 -5.32
C LYS B 202 -40.28 -20.60 -4.24
N LYS B 203 -41.11 -20.40 -3.21
CA LYS B 203 -41.11 -21.26 -2.00
C LYS B 203 -39.68 -21.56 -1.51
N TRP B 204 -38.92 -20.48 -1.38
CA TRP B 204 -37.51 -20.50 -0.99
C TRP B 204 -37.31 -19.50 0.12
N PRO B 205 -36.32 -19.72 1.03
CA PRO B 205 -36.11 -18.77 2.12
C PRO B 205 -35.58 -17.41 1.63
N LEU B 206 -35.55 -16.43 2.51
CA LEU B 206 -35.04 -15.11 2.16
C LEU B 206 -34.07 -14.61 3.22
N TYR B 207 -32.91 -14.17 2.77
CA TYR B 207 -31.92 -13.50 3.61
C TYR B 207 -31.74 -12.06 3.17
N LEU B 208 -31.74 -11.14 4.12
CA LEU B 208 -31.26 -9.77 3.93
C LEU B 208 -29.97 -9.60 4.72
N SER B 209 -29.02 -8.88 4.12
CA SER B 209 -27.76 -8.59 4.73
C SER B 209 -27.50 -7.09 4.73
N THR B 210 -27.04 -6.61 5.86
CA THR B 210 -26.66 -5.24 6.01
C THR B 210 -25.48 -5.30 6.93
N LYS B 211 -24.97 -4.12 7.24
CA LYS B 211 -23.94 -3.97 8.21
C LYS B 211 -24.49 -3.06 9.28
N ASN B 212 -25.67 -3.40 9.80
CA ASN B 212 -26.34 -2.51 10.76
C ASN B 212 -25.65 -2.34 12.08
N THR B 213 -24.63 -3.15 12.39
CA THR B 213 -23.81 -2.91 13.58
C THR B 213 -22.92 -1.67 13.47
N ILE B 214 -22.60 -1.29 12.24
CA ILE B 214 -21.74 -0.17 11.96
C ILE B 214 -22.60 1.01 11.50
N LEU B 215 -23.40 0.82 10.45
CA LEU B 215 -24.32 1.89 10.03
C LEU B 215 -25.65 1.68 10.74
N LYS B 216 -25.73 2.19 11.97
CA LYS B 216 -26.76 1.76 12.89
C LYS B 216 -28.12 2.34 12.54
N ARG B 217 -28.14 3.55 11.99
CA ARG B 217 -29.35 4.19 11.54
C ARG B 217 -29.62 3.93 10.06
N TYR B 218 -28.57 3.84 9.23
CA TYR B 218 -28.73 3.72 7.78
C TYR B 218 -29.13 2.30 7.44
N ASP B 219 -28.30 1.35 7.90
CA ASP B 219 -28.56 -0.07 7.67
C ASP B 219 -29.61 -0.58 8.64
N GLY B 220 -29.61 -0.05 9.88
CA GLY B 220 -30.69 -0.30 10.84
C GLY B 220 -32.08 -0.10 10.22
N ARG B 221 -32.23 0.94 9.38
CA ARG B 221 -33.49 1.21 8.67
C ARG B 221 -33.85 0.10 7.71
N PHE B 222 -32.84 -0.45 7.04
CA PHE B 222 -33.05 -1.60 6.14
C PHE B 222 -33.56 -2.79 6.91
N LYS B 223 -32.87 -3.12 8.00
CA LYS B 223 -33.23 -4.21 8.91
C LYS B 223 -34.57 -4.02 9.62
N ASP B 224 -34.84 -2.80 10.11
CA ASP B 224 -36.12 -2.51 10.77
C ASP B 224 -37.30 -2.62 9.78
N ILE B 225 -37.12 -2.16 8.54
CA ILE B 225 -38.25 -2.15 7.58
C ILE B 225 -38.63 -3.56 7.16
N PHE B 226 -37.63 -4.38 6.84
CA PHE B 226 -37.83 -5.79 6.45
C PHE B 226 -38.48 -6.60 7.55
N ALA B 227 -38.06 -6.35 8.79
CA ALA B 227 -38.53 -7.09 9.95
C ALA B 227 -40.00 -6.77 10.19
N GLU B 228 -40.35 -5.50 10.26
CA GLU B 228 -41.74 -5.06 10.44
C GLU B 228 -42.68 -5.58 9.35
N MET B 229 -42.19 -5.62 8.12
CA MET B 229 -43.00 -6.09 6.97
C MET B 229 -43.24 -7.60 6.96
N TYR B 230 -42.21 -8.35 7.39
CA TYR B 230 -42.33 -9.79 7.59
C TYR B 230 -43.40 -10.12 8.62
N LYS B 231 -43.32 -9.47 9.78
CA LYS B 231 -44.28 -9.69 10.87
C LYS B 231 -45.70 -9.44 10.37
N ALA B 232 -45.95 -8.22 9.91
CA ALA B 232 -47.30 -7.79 9.49
C ALA B 232 -47.87 -8.61 8.34
N SER B 233 -47.09 -8.77 7.27
CA SER B 233 -47.59 -9.23 5.96
C SER B 233 -47.17 -10.60 5.45
N TYR B 234 -46.02 -11.12 5.90
CA TYR B 234 -45.40 -12.29 5.26
C TYR B 234 -45.00 -13.47 6.17
N GLU B 235 -44.83 -13.26 7.48
CA GLU B 235 -44.39 -14.37 8.35
C GLU B 235 -45.33 -15.60 8.32
N ALA B 236 -46.64 -15.36 8.35
CA ALA B 236 -47.63 -16.45 8.40
C ALA B 236 -47.63 -17.31 7.15
N ASP B 237 -47.68 -16.65 5.99
CA ASP B 237 -47.62 -17.33 4.67
C ASP B 237 -46.31 -18.10 4.47
N TYR B 238 -45.17 -17.49 4.82
CA TYR B 238 -43.87 -18.17 4.78
C TYR B 238 -43.80 -19.42 5.69
N LYS B 239 -44.35 -19.31 6.89
CA LYS B 239 -44.36 -20.43 7.82
C LYS B 239 -45.23 -21.57 7.28
N LYS B 240 -46.36 -21.22 6.69
CA LYS B 240 -47.19 -22.19 5.94
C LYS B 240 -46.45 -22.84 4.76
N ALA B 241 -45.61 -22.07 4.07
CA ALA B 241 -44.76 -22.53 2.95
C ALA B 241 -43.44 -23.25 3.36
N GLY B 242 -43.19 -23.42 4.65
CA GLY B 242 -41.99 -24.11 5.12
C GLY B 242 -40.72 -23.33 4.88
N ILE B 243 -40.84 -22.00 4.82
CA ILE B 243 -39.71 -21.10 4.57
C ILE B 243 -39.68 -20.01 5.61
N TRP B 244 -38.61 -19.20 5.57
CA TRP B 244 -38.38 -18.16 6.57
C TRP B 244 -37.71 -16.97 5.93
N TYR B 245 -37.72 -15.87 6.68
CA TYR B 245 -36.91 -14.70 6.43
C TYR B 245 -35.91 -14.61 7.59
N GLU B 246 -34.71 -14.12 7.30
CA GLU B 246 -33.69 -13.85 8.31
C GLU B 246 -32.76 -12.72 7.88
N HIS B 247 -32.56 -11.76 8.77
CA HIS B 247 -31.46 -10.83 8.65
C HIS B 247 -30.17 -11.44 9.21
N ARG B 248 -29.14 -11.46 8.38
CA ARG B 248 -27.77 -11.75 8.78
C ARG B 248 -26.89 -10.54 8.49
N LEU B 249 -25.90 -10.29 9.36
CA LEU B 249 -24.82 -9.37 9.05
C LEU B 249 -24.11 -9.83 7.76
N ILE B 250 -23.62 -8.87 6.97
CA ILE B 250 -23.01 -9.17 5.66
C ILE B 250 -21.82 -10.15 5.77
N ASP B 251 -20.97 -9.97 6.79
CA ASP B 251 -19.93 -10.96 7.16
C ASP B 251 -20.43 -12.41 7.24
N ASP B 252 -21.53 -12.57 7.98
CA ASP B 252 -22.15 -13.87 8.19
C ASP B 252 -22.75 -14.39 6.87
N MET B 253 -23.36 -13.51 6.07
CA MET B 253 -24.07 -13.95 4.86
C MET B 253 -23.16 -14.42 3.75
N VAL B 254 -22.06 -13.71 3.51
CA VAL B 254 -21.13 -14.10 2.47
C VAL B 254 -20.43 -15.40 2.87
N ALA B 255 -20.11 -15.56 4.16
CA ALA B 255 -19.54 -16.85 4.63
C ALA B 255 -20.55 -17.99 4.43
N TYR B 256 -21.78 -17.77 4.89
CA TYR B 256 -22.87 -18.73 4.70
C TYR B 256 -23.09 -19.10 3.23
N ALA B 257 -23.16 -18.09 2.36
CA ALA B 257 -23.38 -18.33 0.92
C ALA B 257 -22.30 -19.23 0.29
N MET B 258 -21.06 -19.02 0.72
CA MET B 258 -19.90 -19.78 0.29
C MET B 258 -20.04 -21.29 0.66
N LYS B 259 -20.55 -21.61 1.85
CA LYS B 259 -20.71 -23.04 2.27
C LYS B 259 -22.14 -23.60 2.12
N SER B 260 -23.12 -22.77 1.75
CA SER B 260 -24.51 -23.24 1.57
C SER B 260 -24.64 -24.13 0.33
N GLU B 261 -25.74 -24.86 0.23
CA GLU B 261 -26.09 -25.57 -1.00
C GLU B 261 -26.93 -24.71 -1.97
N GLY B 262 -27.39 -23.57 -1.47
CA GLY B 262 -28.13 -22.61 -2.27
C GLY B 262 -29.62 -22.76 -2.07
N GLY B 263 -30.37 -22.42 -3.10
CA GLY B 263 -31.82 -22.46 -3.06
C GLY B 263 -32.47 -21.43 -2.22
N TYR B 264 -31.91 -20.25 -2.16
CA TYR B 264 -32.45 -19.15 -1.40
C TYR B 264 -32.36 -17.84 -2.14
N VAL B 265 -33.16 -16.88 -1.74
CA VAL B 265 -33.18 -15.58 -2.34
C VAL B 265 -32.39 -14.68 -1.41
N TRP B 266 -31.40 -13.98 -1.92
CA TRP B 266 -30.55 -13.12 -1.11
C TRP B 266 -30.84 -11.69 -1.44
N ALA B 267 -31.32 -10.96 -0.44
CA ALA B 267 -31.65 -9.55 -0.58
C ALA B 267 -30.42 -8.74 -0.29
N CYS B 268 -30.00 -8.01 -1.28
CA CYS B 268 -28.72 -7.29 -1.23
C CYS B 268 -28.89 -5.74 -1.39
N LYS B 269 -28.18 -4.97 -0.56
CA LYS B 269 -28.13 -3.50 -0.74
C LYS B 269 -27.44 -3.21 -2.06
N ASN B 270 -27.78 -2.12 -2.71
CA ASN B 270 -27.17 -1.76 -4.01
C ASN B 270 -25.73 -2.27 -4.15
N TYR B 271 -24.81 -1.80 -3.31
CA TYR B 271 -23.38 -2.17 -3.41
C TYR B 271 -23.13 -3.67 -3.35
N ASP B 272 -23.71 -4.35 -2.35
CA ASP B 272 -23.54 -5.81 -2.15
C ASP B 272 -24.07 -6.63 -3.33
N GLY B 273 -25.22 -6.24 -3.88
CA GLY B 273 -25.85 -6.97 -4.97
C GLY B 273 -25.02 -6.85 -6.22
N ASP B 274 -24.51 -5.65 -6.46
CA ASP B 274 -23.54 -5.41 -7.51
C ASP B 274 -22.38 -6.42 -7.44
N VAL B 275 -21.68 -6.43 -6.32
CA VAL B 275 -20.42 -7.18 -6.18
C VAL B 275 -20.68 -8.70 -6.02
N GLN B 276 -21.55 -9.05 -5.07
CA GLN B 276 -21.86 -10.46 -4.84
C GLN B 276 -22.56 -11.13 -6.00
N SER B 277 -23.18 -10.39 -6.91
CA SER B 277 -23.75 -11.04 -8.13
C SER B 277 -22.66 -11.47 -9.10
N ASP B 278 -21.53 -10.76 -9.14
CA ASP B 278 -20.35 -11.19 -9.92
C ASP B 278 -19.64 -12.40 -9.30
N SER B 279 -19.44 -12.35 -7.99
CA SER B 279 -18.88 -13.49 -7.23
C SER B 279 -19.72 -14.77 -7.40
N VAL B 280 -21.06 -14.61 -7.37
CA VAL B 280 -22.00 -15.71 -7.57
C VAL B 280 -22.05 -16.17 -9.02
N ALA B 281 -21.99 -15.27 -9.98
CA ALA B 281 -22.00 -15.73 -11.37
C ALA B 281 -20.72 -16.49 -11.67
N GLN B 282 -19.58 -15.94 -11.22
CA GLN B 282 -18.28 -16.59 -11.43
C GLN B 282 -18.09 -17.87 -10.63
N GLY B 283 -18.68 -17.95 -9.44
CA GLY B 283 -18.72 -19.22 -8.68
C GLY B 283 -19.51 -20.35 -9.35
N PHE B 284 -20.56 -19.97 -10.08
CA PHE B 284 -21.37 -20.92 -10.84
C PHE B 284 -20.76 -21.33 -12.20
N GLY B 285 -19.88 -20.52 -12.78
CA GLY B 285 -19.15 -20.92 -14.00
C GLY B 285 -18.62 -19.79 -14.84
N SER B 286 -19.49 -18.82 -15.09
CA SER B 286 -19.05 -17.62 -15.78
C SER B 286 -19.91 -16.43 -15.53
N LEU B 287 -19.27 -15.27 -15.63
CA LEU B 287 -19.98 -14.00 -15.71
C LEU B 287 -20.93 -13.97 -16.90
N GLY B 288 -20.57 -14.71 -17.94
CA GLY B 288 -21.46 -14.94 -19.07
C GLY B 288 -22.74 -15.66 -18.72
N LEU B 289 -22.72 -16.53 -17.71
CA LEU B 289 -23.90 -17.35 -17.39
C LEU B 289 -24.74 -16.82 -16.23
N MET B 290 -25.18 -15.56 -16.32
CA MET B 290 -26.09 -14.94 -15.35
C MET B 290 -27.20 -14.08 -15.98
N THR B 291 -28.44 -14.24 -15.48
CA THR B 291 -29.55 -13.30 -15.77
C THR B 291 -29.62 -12.17 -14.76
N SER B 292 -30.20 -11.06 -15.21
CA SER B 292 -30.31 -9.84 -14.46
C SER B 292 -31.51 -9.08 -14.98
N VAL B 293 -32.57 -9.01 -14.16
CA VAL B 293 -33.80 -8.35 -14.56
C VAL B 293 -34.19 -7.34 -13.50
N LEU B 294 -34.08 -6.07 -13.84
CA LEU B 294 -34.64 -5.00 -13.03
C LEU B 294 -36.16 -4.99 -13.17
N MET B 295 -36.88 -5.19 -12.06
CA MET B 295 -38.35 -5.16 -12.06
C MET B 295 -38.90 -3.97 -11.24
N SER B 296 -39.97 -3.37 -11.77
CA SER B 296 -40.72 -2.32 -11.07
C SER B 296 -41.57 -2.88 -9.93
N PRO B 297 -41.84 -2.04 -8.92
CA PRO B 297 -42.72 -2.45 -7.80
C PRO B 297 -44.06 -3.05 -8.23
N ASP B 298 -44.70 -2.42 -9.21
CA ASP B 298 -45.97 -2.92 -9.75
C ASP B 298 -45.81 -4.15 -10.66
N GLY B 299 -44.59 -4.40 -11.16
CA GLY B 299 -44.31 -5.56 -11.98
C GLY B 299 -44.86 -5.45 -13.38
N ARG B 300 -45.16 -4.23 -13.82
CA ARG B 300 -45.60 -3.95 -15.20
C ARG B 300 -44.39 -3.59 -16.10
N THR B 301 -43.23 -3.35 -15.49
CA THR B 301 -42.07 -2.76 -16.17
C THR B 301 -40.76 -3.53 -15.89
N VAL B 302 -40.21 -4.11 -16.94
CA VAL B 302 -38.99 -4.90 -16.88
C VAL B 302 -37.90 -4.29 -17.75
N GLU B 303 -36.71 -4.11 -17.17
CA GLU B 303 -35.46 -3.87 -17.90
C GLU B 303 -34.58 -5.09 -17.66
N ALA B 304 -34.20 -5.78 -18.74
CA ALA B 304 -33.26 -6.89 -18.66
C ALA B 304 -31.93 -6.47 -19.31
N GLU B 305 -30.84 -7.08 -18.86
CA GLU B 305 -29.49 -6.68 -19.27
C GLU B 305 -28.47 -7.79 -19.05
N ALA B 306 -27.23 -7.52 -19.49
CA ALA B 306 -26.06 -8.25 -19.01
C ALA B 306 -25.58 -7.54 -17.77
N ALA B 307 -25.28 -8.32 -16.73
CA ALA B 307 -24.82 -7.77 -15.46
C ALA B 307 -23.35 -7.45 -15.47
N HIS B 308 -22.61 -8.22 -16.27
CA HIS B 308 -21.18 -8.03 -16.46
C HIS B 308 -20.91 -6.81 -17.33
N GLY B 309 -19.63 -6.46 -17.43
CA GLY B 309 -19.21 -5.38 -18.32
C GLY B 309 -19.09 -5.71 -19.79
N THR B 310 -18.44 -4.80 -20.50
CA THR B 310 -18.32 -4.78 -21.94
C THR B 310 -17.13 -5.59 -22.46
N VAL B 311 -16.37 -6.15 -21.52
CA VAL B 311 -15.35 -7.15 -21.80
C VAL B 311 -14.25 -6.51 -22.59
N THR B 312 -13.67 -5.47 -21.99
CA THR B 312 -12.72 -4.62 -22.68
C THR B 312 -11.50 -5.39 -23.18
N ARG B 313 -10.93 -6.27 -22.37
CA ARG B 313 -9.76 -7.05 -22.80
C ARG B 313 -10.03 -7.89 -24.07
N HIS B 314 -11.26 -8.38 -24.22
CA HIS B 314 -11.66 -9.12 -25.42
C HIS B 314 -11.99 -8.19 -26.61
N TYR B 315 -12.57 -7.03 -26.33
CA TYR B 315 -12.76 -6.02 -27.37
C TYR B 315 -11.43 -5.63 -28.05
N ARG B 316 -10.39 -5.50 -27.25
CA ARG B 316 -9.08 -5.19 -27.78
C ARG B 316 -8.53 -6.27 -28.72
N GLN B 317 -8.71 -7.55 -28.38
CA GLN B 317 -8.35 -8.65 -29.35
C GLN B 317 -9.09 -8.44 -30.66
N HIS B 318 -10.42 -8.33 -30.55
CA HIS B 318 -11.33 -8.02 -31.68
C HIS B 318 -10.84 -6.89 -32.60
N GLN B 319 -10.44 -5.78 -31.97
CA GLN B 319 -9.95 -4.59 -32.68
C GLN B 319 -8.70 -4.85 -33.54
N LYS B 320 -7.80 -5.71 -33.05
CA LYS B 320 -6.61 -6.12 -33.78
C LYS B 320 -6.84 -7.28 -34.77
N GLY B 321 -8.10 -7.68 -34.98
CA GLY B 321 -8.42 -8.84 -35.81
C GLY B 321 -8.10 -10.22 -35.23
N GLU B 322 -7.71 -10.27 -33.94
CA GLU B 322 -7.42 -11.53 -33.26
C GLU B 322 -8.70 -12.27 -32.87
N GLU B 323 -8.58 -13.57 -32.65
CA GLU B 323 -9.72 -14.44 -32.33
C GLU B 323 -10.21 -14.18 -30.87
N THR B 324 -11.53 -14.08 -30.72
CA THR B 324 -12.18 -13.83 -29.43
C THR B 324 -13.03 -15.03 -29.08
N SER B 325 -13.16 -15.33 -27.79
CA SER B 325 -14.21 -16.27 -27.32
C SER B 325 -14.99 -15.61 -26.18
N THR B 326 -15.91 -14.75 -26.57
CA THR B 326 -16.65 -13.97 -25.63
C THR B 326 -18.00 -14.65 -25.43
N ASN B 327 -18.26 -15.02 -24.20
CA ASN B 327 -19.51 -15.63 -23.83
C ASN B 327 -20.66 -14.62 -24.04
N PRO B 328 -21.66 -14.95 -24.91
CA PRO B 328 -22.75 -14.06 -25.25
C PRO B 328 -24.07 -14.39 -24.58
N VAL B 329 -24.06 -15.28 -23.59
CA VAL B 329 -25.30 -15.89 -23.09
C VAL B 329 -26.14 -14.89 -22.30
N ALA B 330 -25.48 -14.11 -21.42
CA ALA B 330 -26.10 -13.03 -20.64
C ALA B 330 -26.74 -11.95 -21.51
N SER B 331 -26.04 -11.59 -22.60
CA SER B 331 -26.57 -10.66 -23.57
C SER B 331 -27.78 -11.25 -24.29
N ILE B 332 -27.71 -12.54 -24.63
CA ILE B 332 -28.85 -13.25 -25.21
C ILE B 332 -30.01 -13.30 -24.22
N PHE B 333 -29.77 -13.73 -22.98
CA PHE B 333 -30.87 -13.80 -22.00
C PHE B 333 -31.51 -12.47 -21.60
N ALA B 334 -30.80 -11.36 -21.81
CA ALA B 334 -31.42 -10.05 -21.71
C ALA B 334 -32.54 -9.87 -22.75
N TRP B 335 -32.28 -10.28 -24.00
CA TRP B 335 -33.32 -10.30 -25.04
C TRP B 335 -34.49 -11.17 -24.62
N THR B 336 -34.19 -12.42 -24.26
CA THR B 336 -35.23 -13.44 -23.98
C THR B 336 -36.12 -13.08 -22.79
N ARG B 337 -35.53 -12.56 -21.71
CA ARG B 337 -36.31 -12.12 -20.55
C ARG B 337 -37.11 -10.83 -20.80
N GLY B 338 -36.54 -9.90 -21.57
CA GLY B 338 -37.28 -8.73 -22.00
C GLY B 338 -38.53 -9.16 -22.74
N LEU B 339 -38.32 -9.90 -23.82
CA LEU B 339 -39.40 -10.44 -24.66
C LEU B 339 -40.40 -11.33 -23.90
N MET B 340 -39.91 -12.12 -22.95
CA MET B 340 -40.79 -12.89 -22.06
C MET B 340 -41.87 -11.98 -21.44
N HIS B 341 -41.41 -10.85 -20.90
CA HIS B 341 -42.29 -9.84 -20.35
C HIS B 341 -43.11 -9.09 -21.43
N ARG B 342 -42.50 -8.76 -22.57
CA ARG B 342 -43.27 -8.23 -23.71
C ARG B 342 -44.47 -9.14 -23.98
N GLY B 343 -44.21 -10.44 -24.08
CA GLY B 343 -45.25 -11.45 -24.27
C GLY B 343 -46.19 -11.55 -23.11
N LYS B 344 -45.66 -11.41 -21.89
CA LYS B 344 -46.49 -11.41 -20.72
C LYS B 344 -47.51 -10.27 -20.83
N LEU B 345 -47.04 -9.08 -21.21
CA LEU B 345 -47.92 -7.91 -21.38
C LEU B 345 -48.94 -8.02 -22.52
N ASP B 346 -48.48 -8.47 -23.69
CA ASP B 346 -49.36 -8.62 -24.86
C ASP B 346 -50.26 -9.89 -24.83
N GLN B 347 -50.15 -10.71 -23.79
CA GLN B 347 -50.75 -12.07 -23.77
C GLN B 347 -50.39 -12.91 -25.02
N ASN B 348 -49.20 -12.66 -25.56
CA ASN B 348 -48.72 -13.35 -26.73
C ASN B 348 -48.14 -14.69 -26.25
N GLU B 349 -48.96 -15.75 -26.33
CA GLU B 349 -48.56 -17.13 -26.01
C GLU B 349 -47.36 -17.55 -26.87
N LYS B 350 -47.35 -17.15 -28.14
CA LYS B 350 -46.26 -17.53 -29.08
C LYS B 350 -44.90 -16.88 -28.76
N LEU B 351 -44.89 -15.63 -28.32
CA LEU B 351 -43.65 -14.92 -27.99
C LEU B 351 -43.00 -15.41 -26.69
N VAL B 352 -43.82 -15.68 -25.68
CA VAL B 352 -43.32 -16.24 -24.43
C VAL B 352 -42.53 -17.53 -24.68
N GLN B 353 -43.12 -18.41 -25.49
CA GLN B 353 -42.51 -19.66 -25.92
C GLN B 353 -41.27 -19.50 -26.79
N PHE B 354 -41.23 -18.48 -27.66
CA PHE B 354 -40.01 -18.18 -28.46
C PHE B 354 -38.83 -17.88 -27.55
N SER B 355 -39.01 -16.94 -26.62
CA SER B 355 -38.00 -16.63 -25.62
C SER B 355 -37.54 -17.88 -24.86
N MET B 356 -38.51 -18.63 -24.33
CA MET B 356 -38.26 -19.88 -23.62
C MET B 356 -37.48 -20.87 -24.47
N LEU B 357 -37.85 -20.97 -25.74
CA LEU B 357 -37.19 -21.89 -26.67
C LEU B 357 -35.72 -21.53 -26.86
N LEU B 358 -35.44 -20.22 -26.99
CA LEU B 358 -34.08 -19.77 -27.28
C LEU B 358 -33.17 -20.05 -26.10
N GLU B 359 -33.67 -19.78 -24.89
CA GLU B 359 -32.97 -20.13 -23.67
C GLU B 359 -32.69 -21.61 -23.64
N LYS B 360 -33.71 -22.43 -23.93
CA LYS B 360 -33.56 -23.88 -24.02
C LYS B 360 -32.41 -24.27 -24.96
N VAL B 361 -32.47 -23.78 -26.20
CA VAL B 361 -31.47 -24.01 -27.24
C VAL B 361 -30.06 -23.54 -26.87
N VAL B 362 -29.91 -22.39 -26.19
CA VAL B 362 -28.58 -21.91 -25.78
C VAL B 362 -27.92 -22.91 -24.82
N VAL B 363 -28.61 -23.21 -23.73
CA VAL B 363 -28.12 -24.13 -22.71
C VAL B 363 -27.90 -25.53 -23.30
N SER B 364 -28.91 -26.00 -24.03
CA SER B 364 -28.88 -27.30 -24.72
C SER B 364 -27.71 -27.46 -25.68
N THR B 365 -27.32 -26.37 -26.33
CA THR B 365 -26.13 -26.31 -27.17
C THR B 365 -24.84 -26.35 -26.34
N ILE B 366 -24.84 -25.63 -25.21
CA ILE B 366 -23.71 -25.69 -24.26
C ILE B 366 -23.54 -27.08 -23.70
N GLU B 367 -24.65 -27.70 -23.31
CA GLU B 367 -24.66 -29.06 -22.76
C GLU B 367 -24.34 -30.19 -23.76
N ALA B 368 -24.39 -29.92 -25.07
CA ALA B 368 -23.99 -30.87 -26.12
C ALA B 368 -22.48 -30.72 -26.51
N GLY B 369 -21.76 -29.83 -25.79
CA GLY B 369 -20.32 -29.67 -25.90
C GLY B 369 -19.82 -28.51 -26.75
N PHE B 370 -20.72 -27.61 -27.12
CA PHE B 370 -20.37 -26.47 -27.98
C PHE B 370 -20.43 -25.21 -27.11
N MET B 371 -19.27 -24.59 -26.88
CA MET B 371 -19.17 -23.49 -25.91
C MET B 371 -18.01 -22.53 -26.22
N THR B 372 -17.99 -21.42 -25.49
CA THR B 372 -16.94 -20.41 -25.55
C THR B 372 -15.86 -20.73 -24.53
N LYS B 373 -14.71 -20.03 -24.58
CA LYS B 373 -13.47 -20.44 -23.88
C LYS B 373 -13.54 -20.44 -22.35
N ASP B 374 -14.35 -19.54 -21.80
CA ASP B 374 -14.58 -19.50 -20.34
C ASP B 374 -15.19 -20.81 -19.81
N LEU B 375 -16.12 -21.39 -20.57
CA LEU B 375 -16.81 -22.61 -20.18
C LEU B 375 -15.96 -23.84 -20.41
N ALA B 376 -15.13 -23.82 -21.44
CA ALA B 376 -14.13 -24.89 -21.65
C ALA B 376 -13.14 -24.94 -20.48
N ILE B 377 -12.64 -23.76 -20.07
CA ILE B 377 -11.79 -23.57 -18.87
C ILE B 377 -12.47 -24.12 -17.58
N CYS B 378 -13.81 -24.00 -17.48
CA CYS B 378 -14.54 -24.59 -16.35
C CYS B 378 -14.45 -26.11 -16.33
N ILE B 379 -14.56 -26.73 -17.51
CA ILE B 379 -14.48 -28.20 -17.66
C ILE B 379 -13.04 -28.71 -17.62
N LYS B 380 -12.25 -28.28 -18.58
CA LYS B 380 -10.83 -28.62 -18.63
C LYS B 380 -10.21 -27.66 -17.64
N GLY B 381 -8.91 -27.72 -17.43
CA GLY B 381 -8.26 -26.66 -16.62
C GLY B 381 -8.07 -25.32 -17.34
N MET B 382 -7.78 -24.27 -16.57
CA MET B 382 -7.23 -23.00 -17.09
C MET B 382 -6.05 -23.29 -18.01
N ASN B 383 -5.07 -24.01 -17.48
CA ASN B 383 -3.81 -24.28 -18.20
C ASN B 383 -3.89 -25.44 -19.22
N HIS B 384 -4.99 -26.23 -19.19
CA HIS B 384 -5.16 -27.40 -20.08
C HIS B 384 -6.20 -27.23 -21.20
N VAL B 385 -6.84 -26.07 -21.36
CA VAL B 385 -7.76 -25.85 -22.52
C VAL B 385 -6.89 -25.62 -23.75
N THR B 386 -7.36 -26.14 -24.87
CA THR B 386 -6.74 -25.87 -26.16
C THR B 386 -7.84 -25.47 -27.16
N ARG B 387 -7.44 -24.96 -28.32
CA ARG B 387 -8.39 -24.33 -29.26
C ARG B 387 -9.60 -25.20 -29.63
N SER B 388 -9.38 -26.52 -29.71
CA SER B 388 -10.41 -27.47 -30.12
C SER B 388 -11.54 -27.69 -29.10
N ASP B 389 -11.40 -27.20 -27.87
CA ASP B 389 -12.45 -27.32 -26.83
C ASP B 389 -13.58 -26.29 -26.90
N TYR B 390 -13.42 -25.24 -27.71
CA TYR B 390 -14.38 -24.15 -27.75
C TYR B 390 -14.53 -23.57 -29.15
N LEU B 391 -15.51 -22.70 -29.29
CA LEU B 391 -15.69 -21.93 -30.49
C LEU B 391 -15.35 -20.47 -30.18
N ASN B 392 -14.91 -19.74 -31.21
CA ASN B 392 -14.72 -18.33 -31.10
C ASN B 392 -16.12 -17.67 -31.00
N THR B 393 -16.16 -16.35 -30.90
CA THR B 393 -17.41 -15.67 -30.60
C THR B 393 -18.42 -15.82 -31.70
N GLN B 394 -17.97 -15.61 -32.94
CA GLN B 394 -18.83 -15.67 -34.12
C GLN B 394 -19.41 -17.08 -34.38
N GLU B 395 -18.55 -18.05 -34.67
CA GLU B 395 -18.88 -19.51 -34.66
C GLU B 395 -19.86 -19.90 -33.57
N PHE B 396 -19.65 -19.48 -32.35
CA PHE B 396 -20.56 -19.84 -31.29
C PHE B 396 -21.97 -19.30 -31.48
N ILE B 397 -22.06 -18.05 -31.89
CA ILE B 397 -23.32 -17.41 -32.16
C ILE B 397 -23.95 -18.09 -33.36
N HIS B 398 -23.14 -18.45 -34.32
CA HIS B 398 -23.58 -19.15 -35.51
C HIS B 398 -24.13 -20.55 -35.24
N LYS B 399 -23.47 -21.25 -34.34
CA LYS B 399 -23.86 -22.56 -33.92
C LYS B 399 -25.20 -22.46 -33.19
N LEU B 400 -25.40 -21.42 -32.41
CA LEU B 400 -26.66 -21.22 -31.75
C LEU B 400 -27.72 -20.89 -32.77
N ALA B 401 -27.33 -20.08 -33.73
CA ALA B 401 -28.19 -19.62 -34.79
C ALA B 401 -28.66 -20.74 -35.66
N ASP B 402 -27.77 -21.67 -35.92
CA ASP B 402 -28.07 -22.82 -36.71
C ASP B 402 -29.11 -23.64 -36.02
N GLU B 403 -28.81 -23.81 -34.75
CA GLU B 403 -29.54 -24.54 -33.79
C GLU B 403 -30.92 -23.98 -33.47
N MET B 404 -31.03 -22.68 -33.36
CA MET B 404 -32.30 -22.04 -33.07
C MET B 404 -33.30 -22.19 -34.21
N ARG B 405 -32.82 -22.10 -35.44
CA ARG B 405 -33.67 -22.23 -36.58
C ARG B 405 -34.29 -23.63 -36.65
N LYS B 406 -33.47 -24.64 -36.42
CA LYS B 406 -33.97 -25.98 -36.46
C LYS B 406 -34.99 -26.15 -35.40
N ALA B 407 -34.69 -25.68 -34.23
CA ALA B 407 -35.59 -25.80 -33.13
C ALA B 407 -36.94 -25.14 -33.35
N TYR B 408 -36.93 -23.91 -33.77
CA TYR B 408 -38.13 -23.16 -33.98
C TYR B 408 -38.97 -23.77 -35.08
N GLU B 409 -38.30 -24.11 -36.15
CA GLU B 409 -38.96 -24.69 -37.27
C GLU B 409 -39.56 -25.98 -36.77
N ARG B 410 -38.83 -26.64 -35.89
CA ARG B 410 -39.25 -27.88 -35.31
C ARG B 410 -40.51 -27.82 -34.43
N SER B 411 -40.79 -26.68 -33.81
CA SER B 411 -41.94 -26.62 -32.91
C SER B 411 -43.30 -26.84 -33.50
N LYS B 412 -44.18 -25.85 -33.47
CA LYS B 412 -45.54 -26.08 -33.93
C LYS B 412 -45.77 -26.54 -35.37
N ILE B 413 -45.13 -25.93 -36.36
CA ILE B 413 -45.33 -26.35 -37.73
C ILE B 413 -46.74 -26.03 -38.21
N SER C 1 -79.01 -69.03 42.47
CA SER C 1 -79.44 -68.96 43.85
C SER C 1 -79.28 -67.51 44.37
N GLN C 2 -80.19 -67.00 45.18
CA GLN C 2 -80.05 -65.60 45.64
C GLN C 2 -80.84 -65.20 46.89
N LYS C 3 -80.58 -64.01 47.43
CA LYS C 3 -81.33 -63.52 48.60
C LYS C 3 -81.66 -62.04 48.55
N ILE C 4 -80.68 -61.15 48.61
CA ILE C 4 -80.98 -59.73 48.52
C ILE C 4 -81.22 -59.33 47.06
N LYS C 5 -82.36 -58.73 46.80
CA LYS C 5 -82.67 -58.31 45.46
C LYS C 5 -82.16 -56.92 45.37
N VAL C 6 -81.33 -56.63 44.37
CA VAL C 6 -80.79 -55.31 44.18
C VAL C 6 -81.35 -54.80 42.87
N ALA C 7 -81.90 -53.61 42.85
CA ALA C 7 -82.42 -53.10 41.58
C ALA C 7 -81.38 -52.68 40.57
N GLY C 8 -80.35 -52.01 41.08
CA GLY C 8 -79.29 -51.42 40.33
C GLY C 8 -78.44 -52.42 39.70
N THR C 9 -77.74 -52.04 38.66
CA THR C 9 -76.91 -52.96 37.95
C THR C 9 -75.47 -52.75 38.29
N VAL C 10 -74.71 -53.83 38.29
CA VAL C 10 -73.30 -53.81 38.56
C VAL C 10 -72.51 -54.24 37.33
N VAL C 11 -71.64 -53.39 36.83
CA VAL C 11 -70.86 -53.73 35.67
C VAL C 11 -69.64 -54.48 36.12
N GLU C 12 -69.46 -55.66 35.54
CA GLU C 12 -68.39 -56.56 35.94
C GLU C 12 -67.35 -56.77 34.83
N LEU C 13 -66.11 -56.41 35.15
CA LEU C 13 -64.96 -56.52 34.26
C LEU C 13 -64.08 -57.67 34.71
N ASP C 14 -64.14 -58.77 33.98
CA ASP C 14 -63.34 -59.95 34.32
C ASP C 14 -61.96 -59.79 33.70
N GLY C 15 -60.95 -60.36 34.37
CA GLY C 15 -59.54 -60.13 34.09
C GLY C 15 -58.79 -61.40 33.76
N ASP C 16 -57.52 -61.48 34.18
CA ASP C 16 -56.56 -62.46 33.65
C ASP C 16 -55.73 -63.17 34.70
N GLU C 17 -55.20 -64.33 34.28
CA GLU C 17 -54.27 -65.18 35.06
C GLU C 17 -54.75 -65.53 36.48
N MET C 18 -53.95 -65.28 37.53
CA MET C 18 -54.32 -65.73 38.89
C MET C 18 -55.49 -64.92 39.44
N THR C 19 -55.55 -63.63 39.11
CA THR C 19 -56.68 -62.84 39.56
C THR C 19 -58.00 -63.37 39.00
N ARG C 20 -58.01 -63.83 37.74
CA ARG C 20 -59.21 -64.40 37.13
C ARG C 20 -59.69 -65.59 37.91
N VAL C 21 -58.76 -66.48 38.25
CA VAL C 21 -59.08 -67.70 39.01
C VAL C 21 -59.73 -67.37 40.37
N ILE C 22 -59.19 -66.36 41.04
CA ILE C 22 -59.67 -65.89 42.33
C ILE C 22 -61.01 -65.20 42.16
N TRP C 23 -61.08 -64.31 41.17
CA TRP C 23 -62.34 -63.63 40.76
C TRP C 23 -63.48 -64.62 40.57
N LYS C 24 -63.20 -65.73 39.91
CA LYS C 24 -64.20 -66.80 39.74
C LYS C 24 -64.71 -67.36 41.09
N MET C 25 -63.79 -67.70 42.00
CA MET C 25 -64.15 -68.21 43.34
C MET C 25 -64.84 -67.18 44.25
N ILE C 26 -64.49 -65.90 44.10
CA ILE C 26 -65.14 -64.83 44.87
C ILE C 26 -66.61 -64.70 44.48
N LYS C 27 -66.87 -64.58 43.18
CA LYS C 27 -68.25 -64.60 42.64
C LYS C 27 -69.01 -65.84 43.13
N GLU C 28 -68.37 -66.99 42.99
CA GLU C 28 -69.02 -68.28 43.21
C GLU C 28 -69.51 -68.45 44.65
N GLU C 29 -68.60 -68.26 45.62
CA GLU C 29 -68.83 -68.56 47.04
C GLU C 29 -69.09 -67.34 47.93
N LEU C 30 -68.67 -66.13 47.53
CA LEU C 30 -68.79 -64.95 48.43
C LEU C 30 -69.81 -63.88 48.03
N ILE C 31 -70.25 -63.86 46.78
CA ILE C 31 -71.12 -62.80 46.24
C ILE C 31 -72.44 -63.40 45.79
N PHE C 32 -72.44 -64.10 44.65
CA PHE C 32 -73.67 -64.64 44.02
C PHE C 32 -74.60 -65.43 44.95
N PRO C 33 -74.03 -66.23 45.88
CA PRO C 33 -74.90 -66.97 46.80
C PRO C 33 -75.82 -66.12 47.71
N PHE C 34 -75.44 -64.87 47.99
CA PHE C 34 -76.21 -63.97 48.88
C PHE C 34 -76.88 -62.80 48.19
N LEU C 35 -76.54 -62.53 46.93
CA LEU C 35 -77.09 -61.39 46.20
C LEU C 35 -77.79 -61.85 44.92
N ASP C 36 -78.95 -61.23 44.63
CA ASP C 36 -79.65 -61.34 43.33
C ASP C 36 -79.51 -60.02 42.56
N VAL C 37 -78.45 -59.96 41.75
CA VAL C 37 -77.91 -58.70 41.22
C VAL C 37 -77.76 -58.76 39.70
N PRO C 38 -78.34 -57.78 38.98
CA PRO C 38 -78.07 -57.70 37.55
C PRO C 38 -76.60 -57.41 37.30
N ILE C 39 -75.99 -58.27 36.48
CA ILE C 39 -74.62 -58.09 36.04
C ILE C 39 -74.68 -57.82 34.53
N GLU C 40 -73.94 -56.82 34.07
CA GLU C 40 -73.52 -56.78 32.68
C GLU C 40 -72.07 -57.13 32.70
N TYR C 41 -71.78 -58.24 32.02
CA TYR C 41 -70.50 -58.88 32.14
C TYR C 41 -69.67 -58.46 30.95
N TYR C 42 -68.46 -57.94 31.23
CA TYR C 42 -67.50 -57.57 30.20
C TYR C 42 -66.18 -58.31 30.45
N ASP C 43 -65.80 -59.18 29.53
CA ASP C 43 -64.63 -60.03 29.68
C ASP C 43 -63.38 -59.27 29.24
N LEU C 44 -62.64 -58.73 30.21
CA LEU C 44 -61.40 -58.02 29.86
C LEU C 44 -60.21 -58.99 29.87
N GLY C 45 -60.52 -60.30 29.90
CA GLY C 45 -59.57 -61.34 29.54
C GLY C 45 -58.81 -60.97 28.31
N MET C 46 -57.50 -61.19 28.35
CA MET C 46 -56.61 -60.70 27.31
C MET C 46 -56.97 -61.28 25.93
N GLU C 47 -57.42 -62.53 25.90
CA GLU C 47 -57.96 -63.19 24.69
C GLU C 47 -59.11 -62.41 24.06
N ASN C 48 -60.11 -62.09 24.88
CA ASN C 48 -61.28 -61.35 24.42
C ASN C 48 -60.98 -59.90 23.98
N ARG C 49 -60.09 -59.22 24.70
CA ARG C 49 -59.65 -57.89 24.25
C ARG C 49 -59.04 -57.93 22.85
N ASP C 50 -58.25 -58.96 22.54
CA ASP C 50 -57.62 -59.08 21.18
C ASP C 50 -58.63 -59.42 20.08
N LYS C 51 -59.51 -60.40 20.34
CA LYS C 51 -60.64 -60.74 19.44
C LYS C 51 -61.50 -59.53 18.99
N THR C 52 -61.93 -58.72 19.97
CA THR C 52 -62.75 -57.52 19.76
C THR C 52 -61.92 -56.21 19.62
N ASP C 53 -60.62 -56.33 19.31
CA ASP C 53 -59.72 -55.17 19.08
C ASP C 53 -59.67 -54.15 20.22
N ASP C 54 -59.87 -54.63 21.46
CA ASP C 54 -59.89 -53.81 22.68
C ASP C 54 -61.17 -52.96 22.82
N GLN C 55 -62.13 -53.16 21.91
CA GLN C 55 -63.38 -52.40 21.94
C GLN C 55 -64.23 -52.81 23.16
N VAL C 56 -64.14 -54.09 23.58
CA VAL C 56 -64.76 -54.58 24.81
C VAL C 56 -64.45 -53.66 25.98
N THR C 57 -63.20 -53.18 26.01
CA THR C 57 -62.71 -52.39 27.11
C THR C 57 -63.39 -51.03 27.09
N VAL C 58 -63.45 -50.45 25.90
CA VAL C 58 -64.14 -49.20 25.63
C VAL C 58 -65.61 -49.35 26.08
N ASP C 59 -66.29 -50.38 25.61
CA ASP C 59 -67.70 -50.59 25.93
C ASP C 59 -67.97 -50.68 27.43
N ALA C 60 -67.16 -51.49 28.12
CA ALA C 60 -67.26 -51.65 29.58
C ALA C 60 -67.04 -50.35 30.34
N ALA C 61 -66.12 -49.53 29.86
CA ALA C 61 -65.92 -48.20 30.40
C ALA C 61 -67.22 -47.42 30.35
N HIS C 62 -67.80 -47.30 29.17
CA HIS C 62 -69.05 -46.55 29.02
C HIS C 62 -70.23 -47.21 29.74
N ALA C 63 -70.24 -48.53 29.89
CA ALA C 63 -71.24 -49.24 30.67
C ALA C 63 -71.21 -48.82 32.18
N ILE C 64 -70.01 -48.67 32.73
CA ILE C 64 -69.84 -48.17 34.10
C ILE C 64 -70.39 -46.76 34.30
N LYS C 65 -70.23 -45.90 33.28
CA LYS C 65 -70.81 -44.55 33.30
C LYS C 65 -72.32 -44.60 33.24
N LYS C 66 -72.84 -45.53 32.43
CA LYS C 66 -74.29 -45.73 32.35
C LYS C 66 -74.84 -46.12 33.72
N HIS C 67 -74.37 -47.22 34.28
CA HIS C 67 -74.98 -47.79 35.50
C HIS C 67 -74.40 -47.27 36.83
N GLY C 68 -73.25 -46.58 36.79
CA GLY C 68 -72.72 -45.90 37.95
C GLY C 68 -71.86 -46.73 38.88
N VAL C 69 -71.66 -48.02 38.57
CA VAL C 69 -70.77 -48.86 39.38
C VAL C 69 -70.11 -49.97 38.55
N GLY C 70 -68.83 -50.20 38.81
CA GLY C 70 -68.04 -51.20 38.10
C GLY C 70 -67.14 -51.94 39.03
N VAL C 71 -67.02 -53.25 38.85
CA VAL C 71 -66.10 -54.02 39.67
C VAL C 71 -65.10 -54.71 38.75
N LYS C 72 -63.82 -54.49 39.01
CA LYS C 72 -62.75 -54.89 38.09
C LYS C 72 -61.66 -55.82 38.64
N CYS C 73 -61.58 -56.98 38.00
CA CYS C 73 -60.47 -57.92 38.12
C CYS C 73 -59.20 -57.35 37.47
N ALA C 74 -58.05 -57.72 38.01
CA ALA C 74 -56.75 -57.29 37.47
C ALA C 74 -56.52 -57.86 36.04
N THR C 75 -55.90 -57.09 35.15
CA THR C 75 -55.79 -57.44 33.72
C THR C 75 -54.32 -57.41 33.24
N ILE C 76 -53.99 -58.24 32.25
CA ILE C 76 -52.68 -58.17 31.60
C ILE C 76 -52.64 -56.93 30.75
N THR C 77 -51.55 -56.17 30.83
CA THR C 77 -51.28 -55.09 29.89
C THR C 77 -50.10 -55.54 28.99
N PRO C 78 -50.34 -55.79 27.69
CA PRO C 78 -49.29 -56.43 26.86
C PRO C 78 -48.16 -55.51 26.38
N ASP C 79 -46.93 -55.92 26.66
CA ASP C 79 -45.73 -55.41 26.02
C ASP C 79 -45.38 -56.41 24.92
N GLU C 80 -44.12 -56.43 24.43
CA GLU C 80 -43.73 -57.28 23.26
C GLU C 80 -43.82 -58.78 23.52
N ALA C 81 -43.25 -59.21 24.64
CA ALA C 81 -43.33 -60.61 25.10
C ALA C 81 -44.75 -61.21 25.22
N ARG C 82 -45.72 -60.36 25.56
CA ARG C 82 -47.11 -60.75 25.66
C ARG C 82 -47.80 -60.80 24.30
N VAL C 83 -47.36 -60.01 23.33
CA VAL C 83 -47.93 -60.10 21.96
C VAL C 83 -47.74 -61.49 21.35
N ARG C 84 -46.54 -62.03 21.53
CA ARG C 84 -46.17 -63.37 21.09
C ARG C 84 -46.91 -64.46 21.86
N GLU C 85 -47.09 -64.26 23.16
CA GLU C 85 -47.69 -65.25 24.07
C GLU C 85 -49.17 -65.52 23.71
N PHE C 86 -49.92 -64.43 23.49
CA PHE C 86 -51.33 -64.52 23.12
C PHE C 86 -51.63 -64.31 21.63
N ASN C 87 -50.60 -64.36 20.75
CA ASN C 87 -50.76 -64.12 19.31
C ASN C 87 -51.51 -62.82 18.99
N LEU C 88 -51.09 -61.75 19.65
CA LEU C 88 -51.85 -60.53 19.62
C LEU C 88 -51.65 -59.82 18.30
N LYS C 89 -52.72 -59.17 17.86
CA LYS C 89 -52.68 -58.23 16.74
C LYS C 89 -51.81 -57.03 17.13
N GLN C 90 -52.04 -56.47 18.34
CA GLN C 90 -51.36 -55.23 18.78
C GLN C 90 -50.97 -55.27 20.25
N MET C 91 -49.91 -54.54 20.60
CA MET C 91 -49.64 -54.16 21.99
C MET C 91 -50.76 -53.23 22.47
N TRP C 92 -51.87 -53.82 22.90
CA TRP C 92 -53.04 -53.03 23.32
C TRP C 92 -52.74 -52.15 24.51
N LYS C 93 -53.56 -51.12 24.69
CA LYS C 93 -53.35 -50.17 25.78
C LYS C 93 -53.79 -50.83 27.07
N SER C 94 -53.16 -50.45 28.17
CA SER C 94 -53.68 -50.78 29.49
C SER C 94 -55.20 -50.63 29.47
N PRO C 95 -55.96 -51.66 29.90
CA PRO C 95 -57.39 -51.48 29.94
C PRO C 95 -57.77 -50.48 31.01
N ASN C 96 -57.01 -50.48 32.10
CA ASN C 96 -57.21 -49.55 33.18
C ASN C 96 -57.05 -48.12 32.66
N GLY C 97 -55.96 -47.87 31.94
CA GLY C 97 -55.67 -46.56 31.39
C GLY C 97 -56.79 -46.08 30.48
N THR C 98 -57.36 -46.99 29.70
CA THR C 98 -58.45 -46.69 28.78
C THR C 98 -59.77 -46.43 29.51
N ILE C 99 -60.02 -47.22 30.56
CA ILE C 99 -61.17 -47.04 31.45
C ILE C 99 -61.14 -45.69 32.15
N ARG C 100 -60.00 -45.39 32.76
CA ARG C 100 -59.84 -44.14 33.51
C ARG C 100 -59.83 -42.94 32.60
N ASN C 101 -59.20 -43.06 31.42
CA ASN C 101 -59.24 -42.01 30.41
C ASN C 101 -60.68 -41.59 30.05
N ILE C 102 -61.55 -42.58 29.81
CA ILE C 102 -63.00 -42.34 29.59
C ILE C 102 -63.74 -41.75 30.79
N LEU C 103 -63.46 -42.22 32.01
CA LEU C 103 -64.20 -41.80 33.23
C LEU C 103 -63.62 -40.53 33.90
N GLY C 104 -62.30 -40.44 33.93
CA GLY C 104 -61.60 -39.39 34.65
C GLY C 104 -61.68 -39.62 36.14
N GLY C 105 -61.37 -38.59 36.92
CA GLY C 105 -61.54 -38.63 38.38
C GLY C 105 -60.29 -39.11 39.05
N THR C 106 -60.48 -39.68 40.25
CA THR C 106 -59.40 -39.96 41.21
C THR C 106 -59.57 -41.35 41.81
N VAL C 107 -58.46 -42.11 41.91
CA VAL C 107 -58.48 -43.45 42.50
C VAL C 107 -57.92 -43.35 43.90
N PHE C 108 -58.79 -43.46 44.90
CA PHE C 108 -58.36 -43.40 46.29
C PHE C 108 -58.01 -44.79 46.73
N ARG C 109 -56.81 -44.95 47.28
CA ARG C 109 -56.25 -46.26 47.60
C ARG C 109 -55.83 -46.21 49.03
N GLU C 110 -56.12 -47.27 49.78
CA GLU C 110 -55.86 -47.31 51.23
C GLU C 110 -55.57 -48.73 51.69
N PRO C 111 -54.63 -48.91 52.64
CA PRO C 111 -54.41 -50.26 53.14
C PRO C 111 -55.65 -50.76 53.85
N ILE C 112 -55.86 -52.08 53.84
CA ILE C 112 -56.86 -52.71 54.68
C ILE C 112 -56.12 -53.21 55.92
N MET C 113 -56.53 -52.71 57.09
CA MET C 113 -55.80 -52.92 58.34
C MET C 113 -56.24 -54.22 59.01
N CYS C 114 -55.28 -55.10 59.24
CA CYS C 114 -55.44 -56.29 60.07
C CYS C 114 -54.56 -56.17 61.30
N LYS C 115 -55.20 -56.08 62.48
CA LYS C 115 -54.58 -56.04 63.82
C LYS C 115 -53.36 -56.92 64.09
N ASN C 116 -53.39 -58.15 63.58
CA ASN C 116 -52.32 -59.14 63.79
C ASN C 116 -51.15 -59.10 62.77
N VAL C 117 -51.36 -58.46 61.61
CA VAL C 117 -50.33 -58.27 60.58
C VAL C 117 -49.42 -57.09 60.98
N PRO C 118 -48.13 -57.35 61.33
CA PRO C 118 -47.23 -56.24 61.65
C PRO C 118 -46.87 -55.43 60.42
N ARG C 119 -46.66 -54.14 60.63
CA ARG C 119 -46.27 -53.24 59.57
C ARG C 119 -44.75 -53.38 59.39
N LEU C 120 -44.34 -53.30 58.11
CA LEU C 120 -42.93 -53.30 57.72
C LEU C 120 -42.27 -51.98 58.12
N VAL C 121 -43.05 -50.89 58.09
CA VAL C 121 -42.58 -49.56 58.47
C VAL C 121 -42.96 -49.27 59.92
N THR C 122 -41.97 -49.03 60.78
CA THR C 122 -42.21 -48.96 62.22
C THR C 122 -43.07 -47.76 62.58
N THR C 123 -42.71 -46.60 62.04
CA THR C 123 -43.45 -45.37 62.29
C THR C 123 -44.95 -45.40 62.01
N TRP C 124 -45.42 -46.17 61.03
CA TRP C 124 -46.82 -46.02 60.59
C TRP C 124 -47.82 -46.50 61.66
N LYS C 125 -48.52 -45.56 62.28
CA LYS C 125 -49.49 -45.87 63.31
C LYS C 125 -50.94 -45.90 62.79
N HIS C 126 -51.29 -44.95 61.94
CA HIS C 126 -52.61 -44.88 61.32
C HIS C 126 -52.43 -44.93 59.80
N PRO C 127 -53.55 -45.21 59.07
CA PRO C 127 -53.51 -45.33 57.60
C PRO C 127 -53.14 -44.06 56.85
N ILE C 128 -52.82 -44.27 55.57
CA ILE C 128 -52.49 -43.25 54.57
C ILE C 128 -53.42 -43.54 53.40
N VAL C 129 -54.09 -42.54 52.89
CA VAL C 129 -54.99 -42.70 51.78
C VAL C 129 -54.32 -41.95 50.65
N ILE C 130 -53.99 -42.65 49.57
CA ILE C 130 -53.45 -41.98 48.40
C ILE C 130 -54.60 -41.64 47.42
N GLY C 131 -54.73 -40.35 47.11
CA GLY C 131 -55.63 -39.86 46.06
C GLY C 131 -54.85 -39.76 44.76
N ARG C 132 -54.96 -40.79 43.93
CA ARG C 132 -54.23 -40.88 42.65
C ARG C 132 -55.01 -40.26 41.49
N HIS C 133 -54.38 -39.30 40.81
CA HIS C 133 -54.96 -38.70 39.62
C HIS C 133 -55.12 -39.76 38.50
N ALA C 134 -56.33 -39.88 37.94
CA ALA C 134 -56.66 -41.03 37.09
C ALA C 134 -56.47 -40.79 35.62
N PHE C 135 -55.95 -39.62 35.23
CA PHE C 135 -56.01 -39.17 33.84
C PHE C 135 -54.68 -38.59 33.39
N GLY C 136 -54.36 -38.81 32.13
CA GLY C 136 -53.28 -38.04 31.49
C GLY C 136 -51.88 -38.47 31.90
N ASP C 137 -50.92 -37.60 31.60
CA ASP C 137 -49.51 -37.86 31.86
C ASP C 137 -49.11 -39.14 31.12
N GLN C 138 -48.43 -40.07 31.82
CA GLN C 138 -47.77 -41.21 31.18
C GLN C 138 -48.76 -42.22 30.54
N TYR C 139 -50.00 -42.18 31.00
CA TYR C 139 -50.97 -43.21 30.77
C TYR C 139 -51.84 -42.93 29.57
N ARG C 140 -51.57 -41.84 28.88
CA ARG C 140 -52.13 -41.68 27.55
C ARG C 140 -51.13 -40.88 26.72
N ALA C 141 -49.84 -41.22 26.86
CA ALA C 141 -48.76 -40.60 26.07
C ALA C 141 -48.66 -41.17 24.65
N THR C 142 -47.82 -40.51 23.84
CA THR C 142 -47.39 -41.05 22.57
C THR C 142 -45.86 -41.12 22.69
N ASP C 143 -45.34 -42.35 22.62
CA ASP C 143 -43.91 -42.62 22.62
C ASP C 143 -43.46 -43.41 21.37
N LEU C 144 -42.29 -43.06 20.85
CA LEU C 144 -41.69 -43.73 19.70
C LEU C 144 -40.18 -43.90 19.87
N VAL C 145 -39.65 -44.89 19.15
CA VAL C 145 -38.22 -45.10 19.03
C VAL C 145 -37.76 -44.26 17.85
N VAL C 146 -36.74 -43.43 18.06
CA VAL C 146 -36.05 -42.71 17.00
C VAL C 146 -34.91 -43.59 16.48
N ASN C 147 -34.83 -43.82 15.16
CA ASN C 147 -33.75 -44.61 14.55
C ASN C 147 -32.47 -43.83 14.21
N GLY C 148 -32.62 -42.70 13.54
CA GLY C 148 -31.48 -41.97 13.00
C GLY C 148 -31.53 -40.52 13.41
N PRO C 149 -30.55 -39.73 12.99
CA PRO C 149 -30.58 -38.34 13.44
C PRO C 149 -31.82 -37.58 12.94
N GLY C 150 -32.15 -36.52 13.64
CA GLY C 150 -33.28 -35.67 13.31
C GLY C 150 -33.67 -34.80 14.48
N THR C 151 -34.68 -33.96 14.28
CA THR C 151 -35.09 -33.00 15.34
C THR C 151 -36.51 -33.34 15.85
N PHE C 152 -36.62 -33.40 17.17
CA PHE C 152 -37.86 -33.69 17.88
C PHE C 152 -38.48 -32.33 18.17
N GLU C 153 -39.64 -32.06 17.55
CA GLU C 153 -40.39 -30.82 17.80
C GLU C 153 -41.73 -31.13 18.44
N ILE C 154 -42.14 -30.25 19.33
CA ILE C 154 -43.51 -30.20 19.83
C ILE C 154 -44.18 -29.05 19.10
N HIS C 155 -45.33 -29.33 18.48
CA HIS C 155 -46.17 -28.32 17.82
C HIS C 155 -47.52 -28.19 18.53
N PHE C 156 -47.95 -26.97 18.80
CA PHE C 156 -49.31 -26.74 19.28
C PHE C 156 -50.01 -25.90 18.18
N VAL C 157 -51.08 -26.46 17.62
CA VAL C 157 -51.78 -25.87 16.48
C VAL C 157 -53.12 -25.34 16.98
N PRO C 158 -53.26 -24.00 17.12
CA PRO C 158 -54.52 -23.51 17.69
C PRO C 158 -55.70 -23.77 16.76
N GLU C 159 -56.91 -23.79 17.32
CA GLU C 159 -58.12 -24.07 16.54
C GLU C 159 -58.41 -23.00 15.46
N SER C 160 -58.06 -21.75 15.76
CA SER C 160 -58.41 -20.60 14.91
C SER C 160 -57.43 -20.35 13.74
N GLY C 161 -56.80 -21.43 13.22
CA GLY C 161 -55.67 -21.33 12.28
C GLY C 161 -54.62 -20.30 12.63
N GLY C 162 -54.57 -19.91 13.91
CA GLY C 162 -53.97 -18.64 14.34
C GLY C 162 -52.45 -18.62 14.32
N ALA C 163 -51.84 -19.81 14.45
CA ALA C 163 -50.40 -19.97 14.41
C ALA C 163 -50.00 -21.46 14.25
N ALA C 164 -48.74 -21.74 14.56
CA ALA C 164 -48.28 -23.08 14.92
C ALA C 164 -47.11 -22.89 15.87
N GLN C 165 -47.38 -22.97 17.18
CA GLN C 165 -46.38 -22.78 18.23
C GLN C 165 -45.45 -23.99 18.30
N VAL C 166 -44.17 -23.76 18.01
CA VAL C 166 -43.19 -24.81 17.82
C VAL C 166 -42.04 -24.62 18.81
N GLN C 167 -41.73 -25.69 19.55
CA GLN C 167 -40.58 -25.76 20.45
C GLN C 167 -39.73 -26.97 20.04
N LYS C 168 -38.48 -26.73 19.69
CA LYS C 168 -37.51 -27.80 19.50
C LYS C 168 -37.25 -28.39 20.87
N VAL C 169 -37.48 -29.70 21.01
CA VAL C 169 -37.22 -30.42 22.27
C VAL C 169 -35.80 -30.97 22.26
N PHE C 170 -35.39 -31.56 21.14
CA PHE C 170 -34.09 -32.18 21.08
C PHE C 170 -33.57 -32.48 19.67
N ASP C 171 -32.26 -32.28 19.49
CA ASP C 171 -31.54 -32.66 18.24
C ASP C 171 -30.86 -33.99 18.41
N PHE C 172 -31.52 -35.05 17.93
CA PHE C 172 -30.93 -36.40 17.91
C PHE C 172 -29.84 -36.47 16.86
N LYS C 173 -28.62 -36.72 17.33
CA LYS C 173 -27.50 -37.15 16.49
C LYS C 173 -27.50 -38.68 16.32
N SER C 174 -28.33 -39.37 17.11
CA SER C 174 -28.24 -40.79 17.28
C SER C 174 -29.60 -41.40 17.62
N GLY C 175 -29.68 -42.73 17.63
CA GLY C 175 -30.90 -43.42 17.98
C GLY C 175 -31.24 -43.15 19.43
N GLY C 176 -32.56 -43.19 19.72
CA GLY C 176 -33.11 -42.92 21.06
C GLY C 176 -34.62 -43.13 21.18
N VAL C 177 -35.24 -42.42 22.13
CA VAL C 177 -36.69 -42.45 22.35
C VAL C 177 -37.25 -41.05 22.60
N LEU C 178 -38.48 -40.83 22.14
CA LEU C 178 -39.20 -39.58 22.39
C LEU C 178 -40.58 -39.94 22.89
N MET C 179 -41.16 -39.08 23.71
CA MET C 179 -42.59 -39.15 24.03
C MET C 179 -43.16 -37.77 24.32
N GLY C 180 -44.48 -37.68 24.19
CA GLY C 180 -45.22 -36.50 24.58
C GLY C 180 -46.36 -36.87 25.48
N MET C 181 -46.74 -35.96 26.38
CA MET C 181 -47.88 -36.21 27.27
C MET C 181 -48.49 -34.92 27.70
N TYR C 182 -49.72 -35.04 28.18
CA TYR C 182 -50.56 -33.90 28.48
C TYR C 182 -51.41 -34.19 29.70
N ASN C 183 -51.84 -33.13 30.39
CA ASN C 183 -53.00 -33.21 31.28
C ASN C 183 -53.90 -31.99 31.03
N THR C 184 -55.08 -31.92 31.63
CA THR C 184 -55.94 -30.78 31.40
C THR C 184 -56.32 -30.11 32.70
N ASP C 185 -56.60 -28.84 32.58
CA ASP C 185 -56.95 -27.97 33.69
C ASP C 185 -58.17 -28.45 34.33
N GLU C 186 -59.04 -28.85 33.45
CA GLU C 186 -60.28 -29.39 33.71
C GLU C 186 -60.11 -30.65 34.52
N SER C 187 -59.21 -31.55 34.14
CA SER C 187 -58.98 -32.76 34.91
C SER C 187 -58.32 -32.55 36.27
N ILE C 188 -57.36 -31.64 36.32
CA ILE C 188 -56.62 -31.30 37.51
C ILE C 188 -57.48 -30.71 38.60
N LYS C 189 -58.42 -29.88 38.21
CA LYS C 189 -59.36 -29.27 39.12
C LYS C 189 -60.30 -30.29 39.75
N ASP C 190 -60.72 -31.28 38.96
CA ASP C 190 -61.55 -32.39 39.38
C ASP C 190 -60.76 -33.21 40.38
N PHE C 191 -59.48 -33.33 40.11
CA PHE C 191 -58.55 -34.06 40.96
C PHE C 191 -58.37 -33.29 42.26
N ALA C 192 -58.10 -32.00 42.15
CA ALA C 192 -58.04 -31.14 43.33
C ALA C 192 -59.36 -31.17 44.10
N LYS C 193 -60.50 -31.07 43.42
CA LYS C 193 -61.80 -31.02 44.13
C LYS C 193 -62.03 -32.30 44.94
N SER C 194 -61.90 -33.44 44.29
CA SER C 194 -62.08 -34.72 44.95
C SER C 194 -61.12 -34.88 46.13
N CYS C 195 -59.85 -34.48 45.96
CA CYS C 195 -58.85 -34.61 47.04
C CYS C 195 -59.06 -33.65 48.24
N PHE C 196 -59.50 -32.42 47.95
CA PHE C 196 -59.86 -31.48 49.01
C PHE C 196 -61.06 -31.95 49.87
N GLU C 197 -62.05 -32.53 49.22
CA GLU C 197 -63.30 -32.94 49.86
C GLU C 197 -63.21 -34.27 50.58
N TYR C 198 -62.45 -35.20 50.03
CA TYR C 198 -62.17 -36.46 50.70
C TYR C 198 -61.43 -36.24 52.03
N ALA C 199 -60.40 -35.40 52.00
CA ALA C 199 -59.63 -35.07 53.20
C ALA C 199 -60.42 -34.26 54.23
N LEU C 200 -61.32 -33.37 53.77
CA LEU C 200 -62.21 -32.59 54.66
C LEU C 200 -63.21 -33.50 55.38
N SER C 201 -63.93 -34.32 54.61
CA SER C 201 -64.88 -35.25 55.19
C SER C 201 -64.20 -36.27 56.12
N LYS C 202 -62.93 -36.58 55.86
CA LYS C 202 -62.09 -37.37 56.79
C LYS C 202 -61.64 -36.61 58.03
N LYS C 203 -61.77 -35.28 57.99
CA LYS C 203 -61.06 -34.37 58.91
C LYS C 203 -59.55 -34.68 59.05
N TRP C 204 -58.91 -34.95 57.90
CA TRP C 204 -57.49 -35.28 57.81
C TRP C 204 -56.76 -34.20 56.99
N PRO C 205 -55.47 -33.94 57.31
CA PRO C 205 -54.69 -33.11 56.39
C PRO C 205 -54.58 -33.71 54.97
N LEU C 206 -54.33 -32.83 54.01
CA LEU C 206 -54.13 -33.20 52.62
C LEU C 206 -52.74 -32.78 52.20
N TYR C 207 -52.02 -33.66 51.50
CA TYR C 207 -50.75 -33.28 50.87
C TYR C 207 -50.80 -33.59 49.38
N LEU C 208 -50.48 -32.63 48.51
CA LEU C 208 -50.23 -32.91 47.10
C LEU C 208 -48.73 -32.90 46.85
N SER C 209 -48.26 -33.88 46.06
CA SER C 209 -46.85 -33.89 45.62
C SER C 209 -46.71 -33.68 44.12
N THR C 210 -45.75 -32.84 43.75
CA THR C 210 -45.35 -32.69 42.36
C THR C 210 -43.83 -32.61 42.27
N LYS C 211 -43.38 -32.42 41.04
CA LYS C 211 -42.02 -32.07 40.74
C LYS C 211 -42.02 -30.74 39.97
N ASN C 212 -42.64 -29.69 40.53
CA ASN C 212 -42.77 -28.37 39.86
C ASN C 212 -41.47 -27.56 39.72
N THR C 213 -40.47 -27.82 40.55
CA THR C 213 -39.11 -27.29 40.31
C THR C 213 -38.45 -27.67 38.95
N ILE C 214 -38.82 -28.84 38.42
CA ILE C 214 -38.23 -29.34 37.18
C ILE C 214 -39.20 -29.08 36.04
N LEU C 215 -40.41 -29.61 36.18
CA LEU C 215 -41.48 -29.41 35.22
C LEU C 215 -42.23 -28.14 35.58
N LYS C 216 -41.55 -27.00 35.42
CA LYS C 216 -41.97 -25.69 35.95
C LYS C 216 -43.39 -25.30 35.52
N ARG C 217 -43.74 -25.64 34.29
CA ARG C 217 -45.04 -25.31 33.75
C ARG C 217 -46.05 -26.46 33.88
N TYR C 218 -45.63 -27.70 33.67
CA TYR C 218 -46.57 -28.82 33.75
C TYR C 218 -47.02 -29.07 35.21
N ASP C 219 -46.06 -29.43 36.06
CA ASP C 219 -46.33 -29.63 37.48
C ASP C 219 -46.75 -28.36 38.21
N GLY C 220 -46.31 -27.21 37.70
CA GLY C 220 -46.71 -25.93 38.23
C GLY C 220 -48.20 -25.66 38.09
N ARG C 221 -48.80 -26.13 36.99
CA ARG C 221 -50.25 -26.03 36.80
C ARG C 221 -50.98 -26.74 37.96
N PHE C 222 -50.49 -27.91 38.37
CA PHE C 222 -51.02 -28.66 39.52
C PHE C 222 -50.90 -27.86 40.81
N LYS C 223 -49.67 -27.46 41.15
CA LYS C 223 -49.42 -26.64 42.32
C LYS C 223 -50.31 -25.40 42.34
N ASP C 224 -50.39 -24.68 41.23
CA ASP C 224 -51.17 -23.42 41.20
C ASP C 224 -52.67 -23.70 41.31
N ILE C 225 -53.14 -24.77 40.68
CA ILE C 225 -54.56 -25.10 40.72
C ILE C 225 -54.98 -25.54 42.12
N PHE C 226 -54.15 -26.32 42.83
CA PHE C 226 -54.49 -26.71 44.20
C PHE C 226 -54.41 -25.49 45.14
N ALA C 227 -53.39 -24.65 44.97
CA ALA C 227 -53.24 -23.44 45.76
C ALA C 227 -54.44 -22.52 45.60
N GLU C 228 -54.74 -22.18 44.34
CA GLU C 228 -55.84 -21.31 43.97
C GLU C 228 -57.16 -21.83 44.52
N MET C 229 -57.35 -23.14 44.54
CA MET C 229 -58.62 -23.73 45.01
C MET C 229 -58.69 -23.77 46.53
N TYR C 230 -57.56 -24.12 47.15
CA TYR C 230 -57.46 -24.14 48.61
C TYR C 230 -57.92 -22.79 49.17
N LYS C 231 -57.27 -21.71 48.70
CA LYS C 231 -57.63 -20.34 49.10
C LYS C 231 -59.12 -20.01 48.96
N ALA C 232 -59.75 -20.42 47.86
CA ALA C 232 -61.09 -19.95 47.48
C ALA C 232 -62.24 -20.71 48.14
N SER C 233 -62.07 -22.01 48.36
CA SER C 233 -63.20 -22.85 48.76
C SER C 233 -63.02 -23.79 49.95
N TYR C 234 -61.78 -23.93 50.46
CA TYR C 234 -61.46 -24.92 51.50
C TYR C 234 -60.67 -24.41 52.72
N GLU C 235 -59.74 -23.46 52.54
CA GLU C 235 -58.82 -23.07 53.61
C GLU C 235 -59.51 -22.65 54.92
N ALA C 236 -60.58 -21.86 54.81
CA ALA C 236 -61.36 -21.48 55.99
C ALA C 236 -61.91 -22.73 56.68
N ASP C 237 -62.60 -23.57 55.91
CA ASP C 237 -63.18 -24.81 56.43
C ASP C 237 -62.12 -25.79 57.03
N TYR C 238 -60.94 -25.87 56.42
CA TYR C 238 -59.84 -26.71 56.93
C TYR C 238 -59.29 -26.20 58.24
N LYS C 239 -59.03 -24.88 58.28
CA LYS C 239 -58.65 -24.17 59.52
C LYS C 239 -59.66 -24.41 60.64
N LYS C 240 -60.95 -24.29 60.30
CA LYS C 240 -62.06 -24.62 61.22
C LYS C 240 -62.00 -26.05 61.79
N ALA C 241 -61.78 -27.07 60.94
CA ALA C 241 -61.67 -28.47 61.43
C ALA C 241 -60.28 -28.88 61.89
N GLY C 242 -59.36 -27.93 62.02
CA GLY C 242 -58.01 -28.18 62.55
C GLY C 242 -57.07 -28.95 61.63
N ILE C 243 -57.29 -28.84 60.32
CA ILE C 243 -56.47 -29.52 59.29
C ILE C 243 -55.91 -28.50 58.30
N TRP C 244 -55.08 -28.95 57.36
CA TRP C 244 -54.37 -28.07 56.46
C TRP C 244 -54.10 -28.74 55.12
N TYR C 245 -53.62 -27.93 54.18
CA TYR C 245 -53.12 -28.36 52.88
C TYR C 245 -51.71 -27.84 52.69
N GLU C 246 -50.82 -28.70 52.19
CA GLU C 246 -49.52 -28.29 51.72
C GLU C 246 -49.22 -28.95 50.41
N HIS C 247 -48.62 -28.18 49.50
CA HIS C 247 -47.87 -28.76 48.43
C HIS C 247 -46.50 -29.09 48.99
N ARG C 248 -45.94 -30.18 48.50
CA ARG C 248 -44.57 -30.60 48.81
C ARG C 248 -43.99 -31.27 47.58
N LEU C 249 -42.70 -31.13 47.36
CA LEU C 249 -42.04 -31.82 46.25
C LEU C 249 -42.16 -33.30 46.51
N ILE C 250 -42.20 -34.10 45.47
CA ILE C 250 -42.24 -35.58 45.61
C ILE C 250 -41.13 -36.15 46.48
N ASP C 251 -39.94 -35.56 46.42
CA ASP C 251 -38.77 -35.99 47.23
C ASP C 251 -39.06 -35.81 48.70
N ASP C 252 -39.55 -34.61 49.01
CA ASP C 252 -39.93 -34.20 50.35
C ASP C 252 -41.03 -35.14 50.82
N MET C 253 -42.12 -35.22 50.08
CA MET C 253 -43.22 -36.08 50.45
C MET C 253 -42.81 -37.53 50.73
N VAL C 254 -42.09 -38.19 49.82
CA VAL C 254 -41.74 -39.62 50.05
C VAL C 254 -40.87 -39.86 51.30
N ALA C 255 -39.98 -38.93 51.63
CA ALA C 255 -39.25 -39.01 52.89
C ALA C 255 -40.22 -38.83 54.07
N TYR C 256 -41.11 -37.83 53.95
CA TYR C 256 -42.12 -37.60 54.96
C TYR C 256 -43.08 -38.79 55.15
N ALA C 257 -43.66 -39.32 54.08
CA ALA C 257 -44.49 -40.54 54.19
C ALA C 257 -43.84 -41.66 55.01
N MET C 258 -42.55 -41.90 54.75
CA MET C 258 -41.82 -43.02 55.36
C MET C 258 -41.70 -42.84 56.88
N LYS C 259 -41.37 -41.63 57.33
CA LYS C 259 -41.14 -41.38 58.74
C LYS C 259 -42.36 -40.86 59.46
N SER C 260 -43.41 -40.44 58.74
CA SER C 260 -44.63 -39.94 59.42
C SER C 260 -45.43 -41.03 60.12
N GLU C 261 -46.23 -40.66 61.11
CA GLU C 261 -47.15 -41.62 61.73
C GLU C 261 -48.46 -41.88 60.92
N GLY C 262 -48.63 -41.30 59.74
CA GLY C 262 -49.81 -41.52 58.94
C GLY C 262 -50.93 -40.57 59.26
N GLY C 263 -52.13 -40.78 58.72
CA GLY C 263 -53.23 -39.88 59.00
C GLY C 263 -53.55 -38.72 58.10
N TYR C 264 -53.07 -38.77 56.88
CA TYR C 264 -53.29 -37.75 55.90
C TYR C 264 -53.72 -38.32 54.56
N VAL C 265 -54.20 -37.48 53.70
CA VAL C 265 -54.63 -37.87 52.39
C VAL C 265 -53.49 -37.38 51.54
N TRP C 266 -52.97 -38.21 50.66
CA TRP C 266 -51.85 -37.82 49.84
C TRP C 266 -52.21 -37.86 48.41
N ALA C 267 -52.47 -36.72 47.84
CA ALA C 267 -52.81 -36.59 46.47
C ALA C 267 -51.60 -36.81 45.61
N CYS C 268 -51.68 -37.71 44.66
CA CYS C 268 -50.54 -37.94 43.77
C CYS C 268 -50.92 -37.72 42.33
N LYS C 269 -49.94 -37.30 41.54
CA LYS C 269 -50.09 -37.32 40.10
C LYS C 269 -50.20 -38.80 39.68
N ASN C 270 -50.80 -39.02 38.52
CA ASN C 270 -51.08 -40.36 38.02
C ASN C 270 -49.93 -41.34 38.27
N TYR C 271 -48.75 -40.98 37.76
CA TYR C 271 -47.60 -41.87 37.83
C TYR C 271 -47.18 -42.12 39.27
N ASP C 272 -47.13 -41.07 40.08
CA ASP C 272 -46.63 -41.18 41.45
C ASP C 272 -47.60 -42.02 42.28
N GLY C 273 -48.89 -41.77 42.09
CA GLY C 273 -49.94 -42.48 42.77
C GLY C 273 -49.81 -43.95 42.52
N ASP C 274 -49.55 -44.29 41.26
CA ASP C 274 -49.33 -45.66 40.79
C ASP C 274 -48.21 -46.35 41.57
N VAL C 275 -47.07 -45.67 41.66
CA VAL C 275 -45.86 -46.29 42.19
C VAL C 275 -45.88 -46.24 43.72
N GLN C 276 -46.17 -45.09 44.31
CA GLN C 276 -46.17 -44.99 45.76
C GLN C 276 -47.30 -45.84 46.42
N SER C 277 -48.44 -46.06 45.76
CA SER C 277 -49.54 -46.86 46.35
C SER C 277 -49.18 -48.33 46.53
N ASP C 278 -48.28 -48.86 45.70
CA ASP C 278 -47.70 -50.20 45.90
C ASP C 278 -46.61 -50.24 46.99
N SER C 279 -45.90 -49.13 47.16
CA SER C 279 -44.95 -48.95 48.26
C SER C 279 -45.67 -49.01 49.63
N VAL C 280 -46.69 -48.16 49.71
CA VAL C 280 -47.52 -48.02 50.88
C VAL C 280 -48.23 -49.33 51.21
N ALA C 281 -48.80 -49.99 50.20
CA ALA C 281 -49.55 -51.24 50.42
C ALA C 281 -48.69 -52.33 51.06
N GLN C 282 -47.54 -52.57 50.44
CA GLN C 282 -46.55 -53.53 50.94
C GLN C 282 -46.00 -53.10 52.29
N GLY C 283 -45.84 -51.80 52.48
CA GLY C 283 -45.39 -51.26 53.75
C GLY C 283 -46.37 -51.56 54.87
N PHE C 284 -47.66 -51.31 54.62
CA PHE C 284 -48.71 -51.68 55.59
C PHE C 284 -48.81 -53.18 55.78
N GLY C 285 -48.37 -53.98 54.83
CA GLY C 285 -48.28 -55.42 55.05
C GLY C 285 -48.25 -56.27 53.80
N SER C 286 -49.20 -55.99 52.89
CA SER C 286 -49.27 -56.71 51.62
C SER C 286 -49.92 -55.89 50.51
N LEU C 287 -49.49 -56.14 49.28
CA LEU C 287 -50.20 -55.60 48.14
C LEU C 287 -51.61 -56.15 48.07
N GLY C 288 -51.83 -57.33 48.68
CA GLY C 288 -53.15 -57.91 48.79
C GLY C 288 -54.09 -57.20 49.76
N LEU C 289 -53.52 -56.41 50.66
CA LEU C 289 -54.30 -55.69 51.67
C LEU C 289 -54.38 -54.23 51.28
N MET C 290 -55.33 -53.93 50.39
CA MET C 290 -55.51 -52.58 49.85
C MET C 290 -56.80 -52.40 49.03
N THR C 291 -57.51 -51.31 49.29
CA THR C 291 -58.63 -50.88 48.46
C THR C 291 -58.16 -49.93 47.40
N SER C 292 -58.97 -49.80 46.36
CA SER C 292 -58.65 -48.99 45.18
C SER C 292 -59.97 -48.68 44.50
N VAL C 293 -60.44 -47.45 44.65
CA VAL C 293 -61.73 -47.07 44.11
C VAL C 293 -61.57 -45.82 43.27
N LEU C 294 -61.85 -45.94 41.97
CA LEU C 294 -61.92 -44.80 41.07
C LEU C 294 -63.22 -44.07 41.37
N MET C 295 -63.06 -42.84 41.87
CA MET C 295 -64.17 -41.97 42.20
C MET C 295 -64.30 -40.94 41.08
N SER C 296 -65.49 -40.87 40.50
CA SER C 296 -65.80 -39.82 39.53
C SER C 296 -65.60 -38.45 40.19
N PRO C 297 -65.39 -37.38 39.38
CA PRO C 297 -65.36 -36.02 39.95
C PRO C 297 -66.58 -35.68 40.84
N ASP C 298 -67.75 -36.04 40.33
CA ASP C 298 -69.06 -35.75 40.97
C ASP C 298 -69.55 -36.80 42.00
N GLY C 299 -68.76 -37.82 42.32
CA GLY C 299 -69.11 -38.80 43.37
C GLY C 299 -70.16 -39.88 43.00
N ARG C 300 -70.64 -39.88 41.76
CA ARG C 300 -71.73 -40.75 41.31
C ARG C 300 -71.30 -42.07 40.65
N THR C 301 -70.12 -42.08 40.03
CA THR C 301 -69.62 -43.25 39.28
C THR C 301 -68.42 -43.84 40.02
N VAL C 302 -68.58 -45.08 40.51
CA VAL C 302 -67.52 -45.83 41.19
C VAL C 302 -67.01 -46.96 40.29
N GLU C 303 -65.70 -47.15 40.32
CA GLU C 303 -65.06 -48.29 39.69
C GLU C 303 -64.07 -48.78 40.73
N ALA C 304 -64.38 -49.92 41.34
CA ALA C 304 -63.53 -50.49 42.36
C ALA C 304 -62.79 -51.67 41.75
N GLU C 305 -61.57 -51.88 42.23
CA GLU C 305 -60.63 -52.84 41.59
C GLU C 305 -59.53 -53.27 42.56
N ALA C 306 -58.77 -54.32 42.23
CA ALA C 306 -57.48 -54.56 42.93
C ALA C 306 -56.45 -53.63 42.31
N ALA C 307 -55.62 -53.03 43.14
CA ALA C 307 -54.55 -52.14 42.63
C ALA C 307 -53.42 -52.96 42.01
N HIS C 308 -53.28 -54.19 42.47
CA HIS C 308 -52.24 -55.11 42.02
C HIS C 308 -52.59 -55.72 40.68
N GLY C 309 -51.66 -56.56 40.19
CA GLY C 309 -51.81 -57.27 38.95
C GLY C 309 -52.30 -58.69 39.10
N THR C 310 -51.99 -59.48 38.08
CA THR C 310 -52.59 -60.78 37.85
C THR C 310 -51.84 -61.91 38.54
N VAL C 311 -50.73 -61.57 39.21
CA VAL C 311 -49.94 -62.52 39.98
C VAL C 311 -49.49 -63.64 39.03
N THR C 312 -48.70 -63.26 38.02
CA THR C 312 -48.26 -64.20 36.98
C THR C 312 -47.49 -65.40 37.54
N ARG C 313 -46.50 -65.15 38.41
CA ARG C 313 -45.73 -66.26 38.98
C ARG C 313 -46.62 -67.27 39.70
N HIS C 314 -47.62 -66.79 40.45
CA HIS C 314 -48.53 -67.69 41.18
C HIS C 314 -49.40 -68.48 40.21
N TYR C 315 -49.90 -67.81 39.17
CA TYR C 315 -50.72 -68.43 38.12
C TYR C 315 -49.96 -69.50 37.38
N ARG C 316 -48.70 -69.23 37.02
CA ARG C 316 -47.81 -70.28 36.44
C ARG C 316 -47.90 -71.54 37.29
N GLN C 317 -47.67 -71.37 38.60
CA GLN C 317 -47.77 -72.47 39.58
C GLN C 317 -49.15 -73.10 39.56
N HIS C 318 -50.20 -72.28 39.47
CA HIS C 318 -51.57 -72.79 39.33
C HIS C 318 -51.75 -73.75 38.12
N GLN C 319 -51.23 -73.32 36.96
CA GLN C 319 -51.24 -74.12 35.73
C GLN C 319 -50.47 -75.45 35.85
N LYS C 320 -49.30 -75.44 36.49
CA LYS C 320 -48.56 -76.69 36.86
C LYS C 320 -49.45 -77.67 37.66
N GLY C 321 -50.30 -77.12 38.53
CA GLY C 321 -51.14 -77.90 39.43
C GLY C 321 -50.63 -77.90 40.86
N GLU C 322 -49.69 -77.00 41.16
CA GLU C 322 -49.09 -76.89 42.49
C GLU C 322 -49.90 -75.94 43.35
N GLU C 323 -49.59 -75.95 44.64
CA GLU C 323 -50.23 -75.07 45.61
C GLU C 323 -49.84 -73.61 45.41
N THR C 324 -50.87 -72.79 45.34
CA THR C 324 -50.77 -71.36 45.36
C THR C 324 -51.24 -70.82 46.71
N SER C 325 -50.69 -69.68 47.09
CA SER C 325 -51.12 -68.95 48.27
C SER C 325 -51.27 -67.49 47.93
N THR C 326 -52.27 -67.22 47.11
CA THR C 326 -52.52 -65.89 46.61
C THR C 326 -53.64 -65.21 47.40
N ASN C 327 -53.31 -64.03 47.94
CA ASN C 327 -54.21 -63.23 48.75
C ASN C 327 -55.34 -62.66 47.88
N PRO C 328 -56.59 -63.04 48.15
CA PRO C 328 -57.73 -62.55 47.38
C PRO C 328 -58.40 -61.30 47.92
N VAL C 329 -57.90 -60.74 49.02
CA VAL C 329 -58.61 -59.67 49.76
C VAL C 329 -58.85 -58.40 48.96
N ALA C 330 -57.91 -57.99 48.12
CA ALA C 330 -58.10 -56.81 47.26
C ALA C 330 -59.28 -57.03 46.29
N SER C 331 -59.32 -58.22 45.72
CA SER C 331 -60.29 -58.62 44.75
C SER C 331 -61.65 -58.78 45.40
N ILE C 332 -61.66 -59.24 46.64
CA ILE C 332 -62.85 -59.29 47.44
C ILE C 332 -63.36 -57.88 47.65
N PHE C 333 -62.48 -57.00 48.09
CA PHE C 333 -62.89 -55.65 48.48
C PHE C 333 -63.28 -54.79 47.29
N ALA C 334 -62.80 -55.11 46.10
CA ALA C 334 -63.29 -54.42 44.91
C ALA C 334 -64.79 -54.68 44.76
N TRP C 335 -65.19 -55.95 44.87
CA TRP C 335 -66.62 -56.32 44.86
C TRP C 335 -67.44 -55.56 45.94
N THR C 336 -66.91 -55.54 47.17
CA THR C 336 -67.62 -54.98 48.31
C THR C 336 -67.71 -53.44 48.28
N ARG C 337 -66.69 -52.75 47.76
CA ARG C 337 -66.79 -51.29 47.57
C ARG C 337 -67.70 -50.88 46.40
N GLY C 338 -67.65 -51.66 45.33
CA GLY C 338 -68.58 -51.49 44.22
C GLY C 338 -70.02 -51.73 44.65
N LEU C 339 -70.23 -52.82 45.39
CA LEU C 339 -71.54 -53.13 45.96
C LEU C 339 -71.99 -52.10 47.01
N MET C 340 -71.08 -51.60 47.86
CA MET C 340 -71.43 -50.58 48.87
C MET C 340 -71.96 -49.29 48.23
N HIS C 341 -71.26 -48.84 47.19
CA HIS C 341 -71.69 -47.71 46.39
C HIS C 341 -72.94 -48.00 45.53
N ARG C 342 -73.12 -49.24 45.07
CA ARG C 342 -74.38 -49.71 44.45
C ARG C 342 -75.52 -49.58 45.45
N GLY C 343 -75.22 -49.86 46.72
CA GLY C 343 -76.17 -49.69 47.79
C GLY C 343 -76.48 -48.24 48.06
N LYS C 344 -75.45 -47.40 48.06
CA LYS C 344 -75.64 -45.97 48.27
C LYS C 344 -76.59 -45.36 47.23
N LEU C 345 -76.38 -45.69 45.95
CA LEU C 345 -77.20 -45.19 44.83
C LEU C 345 -78.62 -45.79 44.74
N ASP C 346 -78.78 -47.03 45.17
CA ASP C 346 -80.09 -47.72 45.17
C ASP C 346 -80.90 -47.38 46.43
N GLN C 347 -80.19 -46.89 47.45
CA GLN C 347 -80.80 -46.60 48.75
C GLN C 347 -81.30 -47.91 49.41
N ASN C 348 -80.55 -48.99 49.16
CA ASN C 348 -80.78 -50.33 49.68
C ASN C 348 -79.73 -50.53 50.79
N GLU C 349 -80.13 -50.33 52.05
CA GLU C 349 -79.16 -50.39 53.16
C GLU C 349 -78.74 -51.81 53.53
N LYS C 350 -79.46 -52.84 53.07
CA LYS C 350 -79.03 -54.22 53.32
C LYS C 350 -77.79 -54.56 52.47
N LEU C 351 -77.78 -54.14 51.20
CA LEU C 351 -76.60 -54.26 50.33
C LEU C 351 -75.40 -53.53 50.95
N VAL C 352 -75.68 -52.40 51.61
CA VAL C 352 -74.66 -51.72 52.40
C VAL C 352 -74.16 -52.63 53.53
N GLN C 353 -75.09 -53.22 54.30
CA GLN C 353 -74.75 -54.11 55.43
C GLN C 353 -73.97 -55.34 54.97
N PHE C 354 -74.48 -56.03 53.95
CA PHE C 354 -73.77 -57.14 53.32
C PHE C 354 -72.31 -56.81 53.01
N SER C 355 -72.10 -55.71 52.30
CA SER C 355 -70.76 -55.31 51.89
C SER C 355 -69.84 -54.95 53.08
N MET C 356 -70.40 -54.36 54.12
CA MET C 356 -69.67 -54.14 55.35
C MET C 356 -69.44 -55.46 56.12
N LEU C 357 -70.38 -56.39 55.99
CA LEU C 357 -70.31 -57.64 56.73
C LEU C 357 -69.26 -58.58 56.13
N LEU C 358 -69.17 -58.61 54.80
CA LEU C 358 -68.14 -59.39 54.12
C LEU C 358 -66.76 -58.80 54.44
N GLU C 359 -66.68 -57.48 54.53
CA GLU C 359 -65.39 -56.86 54.85
C GLU C 359 -64.99 -57.20 56.28
N LYS C 360 -65.95 -57.09 57.20
CA LYS C 360 -65.77 -57.52 58.60
C LYS C 360 -65.36 -58.98 58.68
N VAL C 361 -66.01 -59.86 57.90
CA VAL C 361 -65.70 -61.30 57.93
C VAL C 361 -64.29 -61.62 57.43
N VAL C 362 -63.86 -60.92 56.38
CA VAL C 362 -62.52 -61.08 55.84
C VAL C 362 -61.43 -60.68 56.82
N VAL C 363 -61.53 -59.46 57.35
CA VAL C 363 -60.57 -58.95 58.34
C VAL C 363 -60.57 -59.80 59.61
N SER C 364 -61.76 -59.98 60.18
CA SER C 364 -61.99 -60.83 61.37
C SER C 364 -61.52 -62.30 61.21
N THR C 365 -61.55 -62.85 59.98
CA THR C 365 -61.04 -64.19 59.70
C THR C 365 -59.51 -64.20 59.68
N ILE C 366 -58.92 -63.12 59.14
CA ILE C 366 -57.46 -62.95 59.14
C ILE C 366 -56.94 -62.68 60.55
N GLU C 367 -57.71 -61.91 61.32
CA GLU C 367 -57.38 -61.63 62.72
C GLU C 367 -57.58 -62.82 63.67
N ALA C 368 -58.45 -63.74 63.28
CA ALA C 368 -58.66 -64.98 64.00
C ALA C 368 -57.50 -65.94 63.78
N GLY C 369 -56.76 -65.78 62.67
CA GLY C 369 -55.57 -66.60 62.37
C GLY C 369 -55.54 -67.34 61.05
N PHE C 370 -56.56 -67.17 60.21
CA PHE C 370 -56.70 -67.94 58.95
C PHE C 370 -56.38 -67.00 57.78
N MET C 371 -55.27 -67.26 57.09
CA MET C 371 -54.64 -66.25 56.20
C MET C 371 -53.77 -66.88 55.11
N THR C 372 -53.54 -66.16 54.02
CA THR C 372 -52.62 -66.61 52.95
C THR C 372 -51.15 -66.38 53.35
N LYS C 373 -50.22 -66.91 52.54
CA LYS C 373 -48.79 -67.00 52.88
C LYS C 373 -48.11 -65.65 52.95
N ASP C 374 -48.52 -64.72 52.10
CA ASP C 374 -48.00 -63.35 52.13
C ASP C 374 -48.15 -62.78 53.51
N LEU C 375 -49.28 -63.08 54.17
CA LEU C 375 -49.58 -62.59 55.52
C LEU C 375 -48.84 -63.41 56.58
N ALA C 376 -48.84 -64.73 56.43
CA ALA C 376 -47.99 -65.58 57.25
C ALA C 376 -46.55 -65.09 57.25
N ILE C 377 -46.05 -64.65 56.09
CA ILE C 377 -44.69 -64.09 55.98
C ILE C 377 -44.50 -62.77 56.77
N CYS C 378 -45.52 -61.90 56.80
CA CYS C 378 -45.48 -60.71 57.66
C CYS C 378 -45.35 -60.99 59.13
N ILE C 379 -46.00 -62.07 59.61
CA ILE C 379 -46.08 -62.39 61.07
C ILE C 379 -44.82 -63.12 61.56
N LYS C 380 -44.67 -64.38 61.15
CA LYS C 380 -43.40 -65.11 61.28
C LYS C 380 -42.42 -64.46 60.30
N GLY C 381 -41.12 -64.67 60.45
CA GLY C 381 -40.20 -64.19 59.40
C GLY C 381 -40.43 -64.85 58.03
N MET C 382 -39.64 -64.46 57.04
CA MET C 382 -39.60 -65.20 55.77
C MET C 382 -39.20 -66.64 56.02
N ASN C 383 -38.12 -66.85 56.78
CA ASN C 383 -37.58 -68.18 57.08
C ASN C 383 -38.25 -68.94 58.25
N HIS C 384 -39.29 -68.36 58.86
CA HIS C 384 -40.00 -68.99 60.00
C HIS C 384 -41.41 -69.49 59.66
N VAL C 385 -41.81 -69.38 58.39
CA VAL C 385 -43.13 -69.86 57.96
C VAL C 385 -43.00 -71.31 57.49
N THR C 386 -43.96 -72.13 57.89
CA THR C 386 -44.12 -73.49 57.37
C THR C 386 -45.57 -73.66 56.91
N ARG C 387 -45.82 -74.69 56.12
CA ARG C 387 -47.15 -74.96 55.49
C ARG C 387 -48.35 -74.98 56.48
N SER C 388 -48.10 -75.33 57.75
CA SER C 388 -49.15 -75.29 58.78
C SER C 388 -49.58 -73.87 59.13
N ASP C 389 -48.69 -72.89 58.94
CA ASP C 389 -48.95 -71.45 59.23
C ASP C 389 -49.96 -70.74 58.30
N TYR C 390 -50.23 -71.29 57.11
CA TYR C 390 -51.10 -70.64 56.14
C TYR C 390 -52.03 -71.57 55.39
N LEU C 391 -53.06 -70.99 54.77
CA LEU C 391 -54.01 -71.69 53.92
C LEU C 391 -53.71 -71.45 52.43
N ASN C 392 -53.99 -72.44 51.58
CA ASN C 392 -53.88 -72.24 50.12
C ASN C 392 -55.01 -71.36 49.61
N THR C 393 -54.81 -70.84 48.40
CA THR C 393 -55.74 -69.89 47.77
C THR C 393 -57.21 -70.34 47.82
N GLN C 394 -57.43 -71.60 47.47
CA GLN C 394 -58.74 -72.24 47.61
C GLN C 394 -59.20 -72.41 49.07
N GLU C 395 -58.30 -72.86 49.95
CA GLU C 395 -58.66 -73.12 51.37
C GLU C 395 -59.06 -71.82 52.02
N PHE C 396 -58.26 -70.78 51.81
CA PHE C 396 -58.55 -69.46 52.37
C PHE C 396 -59.92 -68.91 51.91
N ILE C 397 -60.22 -69.01 50.61
CA ILE C 397 -61.55 -68.59 50.11
C ILE C 397 -62.67 -69.47 50.67
N HIS C 398 -62.42 -70.76 50.86
CA HIS C 398 -63.38 -71.63 51.45
C HIS C 398 -63.63 -71.28 52.91
N LYS C 399 -62.56 -70.96 53.60
CA LYS C 399 -62.67 -70.59 54.98
C LYS C 399 -63.50 -69.34 55.13
N LEU C 400 -63.24 -68.38 54.27
CA LEU C 400 -63.94 -67.13 54.29
C LEU C 400 -65.41 -67.34 53.99
N ALA C 401 -65.71 -68.22 53.06
CA ALA C 401 -67.07 -68.47 52.65
C ALA C 401 -67.96 -69.00 53.73
N ASP C 402 -67.39 -69.85 54.57
CA ASP C 402 -68.12 -70.46 55.65
C ASP C 402 -68.54 -69.53 56.71
N GLU C 403 -67.61 -68.71 57.09
CA GLU C 403 -67.87 -67.74 58.10
C GLU C 403 -68.83 -66.74 57.57
N MET C 404 -68.72 -66.38 56.31
CA MET C 404 -69.60 -65.41 55.69
C MET C 404 -71.00 -65.94 55.59
N ARG C 405 -71.07 -67.21 55.30
CA ARG C 405 -72.31 -67.92 55.21
C ARG C 405 -72.98 -67.91 56.59
N LYS C 406 -72.23 -68.12 57.67
CA LYS C 406 -72.78 -68.06 59.01
C LYS C 406 -73.17 -66.68 59.51
N ALA C 407 -72.30 -65.73 59.29
CA ALA C 407 -72.51 -64.39 59.75
C ALA C 407 -73.73 -63.82 59.10
N TYR C 408 -73.90 -64.13 57.84
CA TYR C 408 -75.07 -63.66 57.09
C TYR C 408 -76.38 -64.01 57.81
N GLU C 409 -76.58 -65.27 58.10
CA GLU C 409 -77.81 -65.67 58.71
C GLU C 409 -77.77 -65.27 60.15
N ARG C 410 -76.60 -65.40 60.71
CA ARG C 410 -76.39 -65.07 62.08
C ARG C 410 -76.61 -63.62 62.39
N SER C 411 -76.11 -62.74 61.55
CA SER C 411 -76.24 -61.32 61.84
C SER C 411 -77.58 -60.68 61.83
N LYS C 412 -78.40 -60.94 60.82
CA LYS C 412 -79.69 -60.30 60.76
C LYS C 412 -80.82 -61.25 60.61
N ILE C 413 -80.48 -62.50 60.35
CA ILE C 413 -81.52 -63.49 60.20
C ILE C 413 -82.35 -63.06 59.03
N SER D 1 -5.67 -23.39 56.19
CA SER D 1 -4.86 -24.41 56.86
C SER D 1 -4.41 -25.53 55.89
N GLN D 2 -3.51 -26.44 56.32
CA GLN D 2 -2.98 -27.50 55.45
C GLN D 2 -2.16 -28.65 56.10
N LYS D 3 -1.85 -29.69 55.34
CA LYS D 3 -0.99 -30.80 55.81
C LYS D 3 -0.70 -31.78 54.72
N ILE D 4 -1.70 -32.45 54.20
CA ILE D 4 -1.55 -33.35 53.04
C ILE D 4 -1.68 -32.51 51.77
N LYS D 5 -0.65 -32.54 50.92
CA LYS D 5 -0.64 -31.83 49.64
C LYS D 5 -1.39 -32.67 48.62
N VAL D 6 -2.33 -32.05 47.91
CA VAL D 6 -2.95 -32.70 46.74
C VAL D 6 -2.56 -31.92 45.48
N ALA D 7 -2.27 -32.68 44.41
CA ALA D 7 -1.66 -32.16 43.22
C ALA D 7 -2.74 -31.59 42.34
N GLY D 8 -3.77 -32.40 42.09
CA GLY D 8 -4.86 -32.02 41.19
C GLY D 8 -5.88 -31.13 41.88
N THR D 9 -6.74 -30.54 41.04
CA THR D 9 -7.74 -29.59 41.45
C THR D 9 -9.07 -30.28 41.85
N VAL D 10 -9.64 -29.91 43.00
CA VAL D 10 -11.04 -30.22 43.32
C VAL D 10 -11.89 -29.01 42.93
N VAL D 11 -12.96 -29.23 42.18
CA VAL D 11 -13.89 -28.19 41.83
C VAL D 11 -15.00 -28.16 42.88
N GLU D 12 -15.18 -27.01 43.54
CA GLU D 12 -16.23 -26.85 44.57
C GLU D 12 -17.42 -26.03 44.05
N LEU D 13 -18.62 -26.60 44.15
CA LEU D 13 -19.85 -25.91 43.81
C LEU D 13 -20.67 -25.64 45.07
N ASP D 14 -20.59 -24.39 45.55
CA ASP D 14 -21.28 -23.89 46.75
C ASP D 14 -22.78 -23.80 46.46
N GLY D 15 -23.58 -23.78 47.51
CA GLY D 15 -25.03 -24.00 47.44
C GLY D 15 -25.80 -22.99 48.25
N ASP D 16 -26.92 -23.43 48.84
CA ASP D 16 -27.95 -22.53 49.34
C ASP D 16 -28.52 -22.83 50.70
N GLU D 17 -28.98 -21.77 51.38
CA GLU D 17 -29.76 -21.91 52.60
C GLU D 17 -28.99 -22.77 53.63
N MET D 18 -29.59 -23.84 54.16
CA MET D 18 -29.01 -24.50 55.32
C MET D 18 -27.80 -25.35 54.92
N THR D 19 -27.88 -25.98 53.76
CA THR D 19 -26.70 -26.64 53.19
C THR D 19 -25.52 -25.64 53.04
N ARG D 20 -25.77 -24.41 52.58
CA ARG D 20 -24.70 -23.40 52.44
C ARG D 20 -23.97 -23.15 53.76
N VAL D 21 -24.74 -23.01 54.83
CA VAL D 21 -24.21 -22.74 56.19
C VAL D 21 -23.36 -23.89 56.72
N ILE D 22 -23.87 -25.10 56.57
CA ILE D 22 -23.14 -26.33 56.90
C ILE D 22 -21.86 -26.49 56.07
N TRP D 23 -21.95 -26.16 54.78
CA TRP D 23 -20.84 -26.33 53.84
C TRP D 23 -19.61 -25.58 54.31
N LYS D 24 -19.80 -24.30 54.60
CA LYS D 24 -18.74 -23.44 55.09
C LYS D 24 -18.06 -23.97 56.37
N MET D 25 -18.85 -24.63 57.23
CA MET D 25 -18.33 -25.22 58.47
C MET D 25 -17.55 -26.51 58.22
N ILE D 26 -18.02 -27.34 57.28
CA ILE D 26 -17.37 -28.62 56.98
C ILE D 26 -16.01 -28.33 56.38
N LYS D 27 -15.96 -27.30 55.54
CA LYS D 27 -14.73 -26.84 54.90
C LYS D 27 -13.70 -26.29 55.90
N GLU D 28 -14.15 -25.39 56.76
CA GLU D 28 -13.24 -24.69 57.66
C GLU D 28 -12.79 -25.55 58.84
N GLU D 29 -13.63 -26.49 59.26
CA GLU D 29 -13.34 -27.31 60.43
C GLU D 29 -12.98 -28.76 60.15
N LEU D 30 -13.38 -29.34 59.01
CA LEU D 30 -13.12 -30.77 58.73
C LEU D 30 -12.23 -31.08 57.55
N ILE D 31 -11.91 -30.10 56.72
CA ILE D 31 -11.29 -30.37 55.41
C ILE D 31 -10.02 -29.58 55.22
N PHE D 32 -10.09 -28.25 55.37
CA PHE D 32 -8.96 -27.36 55.13
C PHE D 32 -7.91 -27.34 56.22
N PRO D 33 -8.29 -27.61 57.49
CA PRO D 33 -7.26 -27.80 58.53
C PRO D 33 -6.19 -28.79 58.12
N PHE D 34 -6.60 -29.85 57.41
CA PHE D 34 -5.78 -31.01 57.09
C PHE D 34 -5.16 -31.02 55.71
N LEU D 35 -5.76 -30.27 54.78
CA LEU D 35 -5.47 -30.45 53.34
C LEU D 35 -5.02 -29.16 52.69
N ASP D 36 -3.94 -29.30 51.91
CA ASP D 36 -3.42 -28.27 51.04
C ASP D 36 -3.81 -28.73 49.63
N VAL D 37 -4.97 -28.23 49.20
CA VAL D 37 -5.64 -28.71 48.02
C VAL D 37 -6.03 -27.50 47.20
N PRO D 38 -5.62 -27.49 45.90
CA PRO D 38 -6.12 -26.49 44.97
C PRO D 38 -7.62 -26.67 44.76
N ILE D 39 -8.38 -25.64 45.10
CA ILE D 39 -9.83 -25.65 44.95
C ILE D 39 -10.10 -24.66 43.87
N GLU D 40 -10.92 -25.04 42.90
CA GLU D 40 -11.44 -24.09 41.91
C GLU D 40 -12.87 -23.87 42.41
N TYR D 41 -13.28 -22.62 42.56
CA TYR D 41 -14.50 -22.33 43.26
C TYR D 41 -15.58 -21.73 42.37
N TYR D 42 -16.74 -22.36 42.37
CA TYR D 42 -17.95 -21.83 41.72
C TYR D 42 -19.13 -21.73 42.72
N ASP D 43 -19.52 -20.51 43.00
CA ASP D 43 -20.67 -20.24 43.84
C ASP D 43 -22.01 -20.40 43.09
N LEU D 44 -22.68 -21.54 43.24
CA LEU D 44 -24.02 -21.76 42.67
C LEU D 44 -25.17 -21.43 43.65
N GLY D 45 -24.92 -20.50 44.59
CA GLY D 45 -25.99 -19.93 45.40
C GLY D 45 -26.95 -19.23 44.48
N MET D 46 -28.23 -19.19 44.88
CA MET D 46 -29.33 -18.78 44.01
C MET D 46 -29.11 -17.40 43.42
N GLU D 47 -28.71 -16.48 44.31
CA GLU D 47 -28.36 -15.09 43.97
C GLU D 47 -27.27 -15.04 42.90
N ASN D 48 -26.21 -15.84 43.07
CA ASN D 48 -25.11 -15.80 42.09
C ASN D 48 -25.44 -16.44 40.75
N ARG D 49 -26.21 -17.51 40.74
CA ARG D 49 -26.73 -18.05 39.48
C ARG D 49 -27.54 -16.98 38.71
N ASP D 50 -28.39 -16.24 39.41
CA ASP D 50 -29.20 -15.19 38.80
C ASP D 50 -28.32 -14.07 38.21
N LYS D 51 -27.30 -13.65 38.95
CA LYS D 51 -26.41 -12.56 38.47
C LYS D 51 -25.70 -12.93 37.18
N THR D 52 -25.06 -14.11 37.19
CA THR D 52 -24.30 -14.62 36.05
C THR D 52 -25.18 -15.32 34.99
N ASP D 53 -26.51 -15.18 35.03
CA ASP D 53 -27.43 -15.82 34.05
C ASP D 53 -27.27 -17.37 33.96
N ASP D 54 -27.28 -18.04 35.12
CA ASP D 54 -27.07 -19.52 35.24
C ASP D 54 -25.74 -20.01 34.64
N GLN D 55 -24.82 -19.10 34.40
CA GLN D 55 -23.63 -19.41 33.61
C GLN D 55 -22.48 -19.84 34.53
N VAL D 56 -22.56 -19.48 35.80
CA VAL D 56 -21.69 -20.06 36.82
C VAL D 56 -21.89 -21.60 36.95
N THR D 57 -23.12 -22.08 36.70
CA THR D 57 -23.43 -23.51 36.68
C THR D 57 -22.74 -24.26 35.53
N VAL D 58 -22.84 -23.67 34.36
CA VAL D 58 -22.36 -24.28 33.13
C VAL D 58 -20.83 -24.35 33.15
N ASP D 59 -20.20 -23.27 33.61
CA ASP D 59 -18.73 -23.21 33.73
C ASP D 59 -18.23 -24.25 34.72
N ALA D 60 -18.90 -24.33 35.88
CA ALA D 60 -18.58 -25.31 36.90
C ALA D 60 -18.63 -26.72 36.34
N ALA D 61 -19.71 -27.04 35.63
CA ALA D 61 -19.88 -28.35 34.99
C ALA D 61 -18.70 -28.72 34.11
N HIS D 62 -18.18 -27.77 33.32
CA HIS D 62 -17.06 -28.04 32.38
C HIS D 62 -15.74 -28.14 33.15
N ALA D 63 -15.61 -27.34 34.20
CA ALA D 63 -14.40 -27.43 35.05
C ALA D 63 -14.29 -28.79 35.76
N ILE D 64 -15.42 -29.43 36.01
CA ILE D 64 -15.41 -30.77 36.61
C ILE D 64 -14.91 -31.77 35.57
N LYS D 65 -15.39 -31.61 34.34
CA LYS D 65 -14.87 -32.38 33.20
C LYS D 65 -13.36 -32.22 33.11
N LYS D 66 -12.91 -30.98 33.07
CA LYS D 66 -11.48 -30.66 32.97
C LYS D 66 -10.69 -31.29 34.09
N HIS D 67 -11.16 -31.11 35.33
CA HIS D 67 -10.40 -31.52 36.52
C HIS D 67 -10.69 -32.93 37.05
N GLY D 68 -11.83 -33.52 36.72
CA GLY D 68 -12.14 -34.91 37.14
C GLY D 68 -12.86 -35.07 38.49
N VAL D 69 -12.90 -34.02 39.31
CA VAL D 69 -13.61 -34.09 40.60
C VAL D 69 -14.44 -32.83 40.78
N GLY D 70 -15.65 -33.03 41.28
CA GLY D 70 -16.56 -31.98 41.66
C GLY D 70 -17.15 -32.38 42.99
N VAL D 71 -17.37 -31.40 43.86
CA VAL D 71 -18.04 -31.59 45.13
C VAL D 71 -19.05 -30.47 45.20
N LYS D 72 -20.30 -30.83 45.48
CA LYS D 72 -21.40 -29.94 45.27
C LYS D 72 -22.36 -29.94 46.43
N CYS D 73 -22.64 -28.72 46.88
CA CYS D 73 -23.63 -28.42 47.90
C CYS D 73 -25.01 -28.34 47.26
N ALA D 74 -26.03 -28.75 48.01
CA ALA D 74 -27.40 -28.75 47.48
C ALA D 74 -27.78 -27.30 47.17
N THR D 75 -28.50 -27.11 46.06
CA THR D 75 -28.87 -25.77 45.52
C THR D 75 -30.35 -25.60 45.45
N ILE D 76 -30.86 -24.37 45.49
CA ILE D 76 -32.29 -24.12 45.26
C ILE D 76 -32.58 -24.32 43.76
N THR D 77 -33.65 -25.05 43.42
CA THR D 77 -34.19 -24.98 42.05
C THR D 77 -35.43 -24.06 42.10
N PRO D 78 -35.39 -22.88 41.47
CA PRO D 78 -36.43 -21.89 41.71
C PRO D 78 -37.65 -22.13 40.88
N ASP D 79 -38.82 -22.07 41.49
CA ASP D 79 -40.10 -21.95 40.78
C ASP D 79 -40.59 -20.51 40.95
N GLU D 80 -41.89 -20.25 40.80
CA GLU D 80 -42.40 -18.86 40.79
C GLU D 80 -42.22 -18.22 42.16
N ALA D 81 -42.57 -18.98 43.20
CA ALA D 81 -42.31 -18.61 44.60
C ALA D 81 -40.89 -18.07 44.80
N ARG D 82 -39.92 -18.81 44.29
CA ARG D 82 -38.52 -18.45 44.45
C ARG D 82 -38.14 -17.22 43.60
N VAL D 83 -38.75 -17.07 42.42
CA VAL D 83 -38.60 -15.83 41.62
C VAL D 83 -39.05 -14.58 42.40
N ARG D 84 -40.21 -14.66 43.04
CA ARG D 84 -40.73 -13.60 43.92
C ARG D 84 -39.79 -13.38 45.14
N GLU D 85 -39.44 -14.46 45.83
CA GLU D 85 -38.51 -14.42 46.95
C GLU D 85 -37.19 -13.68 46.69
N PHE D 86 -36.50 -14.04 45.60
CA PHE D 86 -35.11 -13.55 45.35
C PHE D 86 -35.06 -12.49 44.24
N ASN D 87 -36.24 -12.02 43.81
CA ASN D 87 -36.35 -11.10 42.69
C ASN D 87 -35.50 -11.58 41.53
N LEU D 88 -35.70 -12.84 41.13
CA LEU D 88 -34.92 -13.44 40.02
C LEU D 88 -35.36 -12.96 38.64
N LYS D 89 -34.50 -13.18 37.66
CA LYS D 89 -34.79 -12.77 36.28
C LYS D 89 -35.68 -13.77 35.55
N GLN D 90 -35.46 -15.04 35.85
CA GLN D 90 -36.16 -16.18 35.24
C GLN D 90 -36.20 -17.33 36.22
N MET D 91 -37.05 -18.32 35.93
CA MET D 91 -37.06 -19.60 36.64
C MET D 91 -35.97 -20.52 36.10
N TRP D 92 -34.76 -20.35 36.63
CA TRP D 92 -33.58 -21.08 36.15
C TRP D 92 -33.74 -22.58 36.32
N LYS D 93 -33.18 -23.34 35.41
CA LYS D 93 -33.23 -24.79 35.50
C LYS D 93 -32.42 -25.27 36.69
N SER D 94 -32.80 -26.43 37.23
CA SER D 94 -32.00 -27.13 38.21
C SER D 94 -30.56 -27.20 37.74
N PRO D 95 -29.62 -26.69 38.56
CA PRO D 95 -28.22 -26.84 38.19
C PRO D 95 -27.70 -28.26 38.34
N ASN D 96 -28.36 -29.11 39.14
CA ASN D 96 -28.05 -30.54 39.07
C ASN D 96 -28.37 -31.06 37.67
N GLY D 97 -29.50 -30.64 37.10
CA GLY D 97 -29.93 -31.08 35.77
C GLY D 97 -29.00 -30.73 34.63
N THR D 98 -28.50 -29.50 34.69
CA THR D 98 -27.57 -28.95 33.71
C THR D 98 -26.17 -29.59 33.83
N ILE D 99 -25.66 -29.71 35.06
CA ILE D 99 -24.39 -30.40 35.35
C ILE D 99 -24.43 -31.84 34.87
N ARG D 100 -25.58 -32.49 35.07
CA ARG D 100 -25.74 -33.88 34.66
C ARG D 100 -25.79 -33.99 33.17
N ASN D 101 -26.63 -33.18 32.53
CA ASN D 101 -26.70 -33.14 31.09
C ASN D 101 -25.35 -32.94 30.38
N ILE D 102 -24.49 -32.10 30.94
CA ILE D 102 -23.15 -31.83 30.40
C ILE D 102 -22.25 -33.06 30.54
N LEU D 103 -22.15 -33.56 31.78
CA LEU D 103 -21.27 -34.68 32.17
C LEU D 103 -21.77 -36.09 31.83
N GLY D 104 -23.09 -36.31 31.81
CA GLY D 104 -23.69 -37.64 31.51
C GLY D 104 -23.45 -38.61 32.64
N GLY D 105 -23.56 -39.89 32.39
CA GLY D 105 -23.17 -40.88 33.40
C GLY D 105 -24.30 -41.39 34.29
N THR D 106 -23.94 -42.00 35.42
CA THR D 106 -24.92 -42.61 36.34
C THR D 106 -24.59 -42.17 37.77
N VAL D 107 -25.64 -41.82 38.53
CA VAL D 107 -25.51 -41.40 39.94
C VAL D 107 -25.84 -42.60 40.85
N PHE D 108 -24.88 -42.96 41.70
CA PHE D 108 -25.00 -44.08 42.62
C PHE D 108 -25.21 -43.57 44.06
N ARG D 109 -26.37 -43.94 44.61
CA ARG D 109 -26.79 -43.39 45.88
C ARG D 109 -26.98 -44.57 46.81
N GLU D 110 -26.50 -44.41 48.03
CA GLU D 110 -26.44 -45.49 48.99
C GLU D 110 -26.64 -44.93 50.41
N PRO D 111 -27.44 -45.62 51.24
CA PRO D 111 -27.46 -45.21 52.65
C PRO D 111 -26.07 -45.24 53.31
N ILE D 112 -25.89 -44.40 54.34
CA ILE D 112 -24.68 -44.40 55.18
C ILE D 112 -25.13 -45.10 56.46
N MET D 113 -24.52 -46.25 56.71
CA MET D 113 -24.96 -47.19 57.74
C MET D 113 -24.36 -46.87 59.12
N CYS D 114 -25.23 -46.56 60.08
CA CYS D 114 -24.82 -46.40 61.48
C CYS D 114 -25.50 -47.45 62.43
N LYS D 115 -24.69 -48.35 63.02
CA LYS D 115 -25.16 -49.43 63.94
C LYS D 115 -26.30 -49.04 64.88
N ASN D 116 -26.19 -47.84 65.45
CA ASN D 116 -27.13 -47.39 66.47
C ASN D 116 -28.39 -46.67 65.97
N VAL D 117 -28.53 -46.49 64.66
CA VAL D 117 -29.68 -45.78 64.10
C VAL D 117 -30.58 -46.87 63.58
N PRO D 118 -31.70 -47.16 64.28
CA PRO D 118 -32.56 -48.22 63.76
C PRO D 118 -33.22 -47.85 62.42
N ARG D 119 -33.41 -48.87 61.59
CA ARG D 119 -34.06 -48.75 60.30
C ARG D 119 -35.52 -48.44 60.57
N LEU D 120 -36.17 -47.74 59.65
CA LEU D 120 -37.62 -47.63 59.75
C LEU D 120 -38.25 -48.92 59.24
N VAL D 121 -37.59 -49.56 58.28
CA VAL D 121 -38.15 -50.73 57.58
C VAL D 121 -37.67 -52.02 58.25
N THR D 122 -38.58 -52.75 58.87
CA THR D 122 -38.22 -53.96 59.60
C THR D 122 -37.27 -54.86 58.81
N THR D 123 -37.62 -55.09 57.53
CA THR D 123 -36.99 -56.08 56.68
C THR D 123 -35.56 -55.79 56.23
N TRP D 124 -35.17 -54.52 56.14
CA TRP D 124 -33.87 -54.16 55.55
C TRP D 124 -32.72 -54.47 56.50
N LYS D 125 -32.06 -55.58 56.23
CA LYS D 125 -30.87 -55.99 56.96
C LYS D 125 -29.61 -55.58 56.21
N HIS D 126 -29.74 -55.29 54.91
CA HIS D 126 -28.59 -54.93 54.11
C HIS D 126 -28.86 -53.69 53.26
N PRO D 127 -27.79 -52.97 52.89
CA PRO D 127 -27.92 -51.77 52.06
C PRO D 127 -28.51 -52.04 50.66
N ILE D 128 -29.10 -51.00 50.11
CA ILE D 128 -29.61 -50.96 48.76
C ILE D 128 -28.83 -49.85 48.06
N VAL D 129 -28.25 -50.16 46.91
CA VAL D 129 -27.58 -49.14 46.09
C VAL D 129 -28.49 -48.83 44.89
N ILE D 130 -28.82 -47.57 44.67
CA ILE D 130 -29.65 -47.19 43.52
C ILE D 130 -28.76 -46.60 42.47
N GLY D 131 -28.88 -47.09 41.25
CA GLY D 131 -28.14 -46.58 40.10
C GLY D 131 -29.06 -45.70 39.26
N ARG D 132 -28.96 -44.38 39.48
CA ARG D 132 -29.78 -43.41 38.76
C ARG D 132 -29.21 -42.98 37.40
N HIS D 133 -29.97 -43.23 36.35
CA HIS D 133 -29.66 -42.69 35.09
C HIS D 133 -29.78 -41.17 35.20
N ALA D 134 -28.66 -40.50 35.00
CA ALA D 134 -28.57 -39.07 35.21
C ALA D 134 -28.95 -38.22 34.01
N PHE D 135 -29.58 -38.78 32.99
CA PHE D 135 -29.76 -38.02 31.74
C PHE D 135 -31.18 -38.08 31.21
N GLY D 136 -31.66 -36.92 30.75
CA GLY D 136 -32.84 -36.85 29.92
C GLY D 136 -34.10 -37.12 30.71
N ASP D 137 -35.08 -37.74 30.05
CA ASP D 137 -36.45 -37.87 30.59
C ASP D 137 -37.00 -36.53 31.14
N GLN D 138 -37.71 -36.57 32.27
CA GLN D 138 -38.29 -35.35 32.91
C GLN D 138 -37.30 -34.19 33.18
N TYR D 139 -36.02 -34.49 33.25
CA TYR D 139 -34.99 -33.61 33.78
C TYR D 139 -34.30 -32.79 32.70
N ARG D 140 -34.67 -33.00 31.45
CA ARG D 140 -34.16 -32.18 30.38
C ARG D 140 -35.27 -31.89 29.40
N ALA D 141 -36.48 -31.72 29.91
CA ALA D 141 -37.69 -31.72 29.08
C ALA D 141 -38.14 -30.31 28.67
N THR D 142 -39.16 -30.29 27.82
CA THR D 142 -39.80 -29.06 27.39
C THR D 142 -41.26 -29.19 27.68
N ASP D 143 -41.75 -28.40 28.65
CA ASP D 143 -43.18 -28.35 29.02
C ASP D 143 -43.74 -26.96 28.76
N LEU D 144 -45.01 -26.89 28.43
CA LEU D 144 -45.65 -25.64 28.07
C LEU D 144 -47.07 -25.61 28.63
N VAL D 145 -47.56 -24.40 28.93
CA VAL D 145 -48.95 -24.19 29.29
C VAL D 145 -49.74 -23.95 27.99
N VAL D 146 -50.97 -24.46 27.95
CA VAL D 146 -51.92 -24.35 26.83
C VAL D 146 -53.11 -23.50 27.32
N ASN D 147 -53.45 -22.43 26.61
CA ASN D 147 -54.48 -21.44 27.05
C ASN D 147 -55.78 -21.48 26.25
N GLY D 148 -55.98 -22.51 25.45
CA GLY D 148 -57.19 -22.56 24.64
C GLY D 148 -57.23 -23.78 23.75
N PRO D 149 -58.34 -23.93 22.99
CA PRO D 149 -58.49 -25.08 22.12
C PRO D 149 -57.32 -25.28 21.16
N GLY D 150 -57.14 -26.52 20.69
CA GLY D 150 -56.11 -26.83 19.72
C GLY D 150 -55.69 -28.30 19.65
N THR D 151 -54.54 -28.51 19.02
CA THR D 151 -54.02 -29.84 18.82
C THR D 151 -52.51 -29.89 19.10
N PHE D 152 -52.13 -30.90 19.87
CA PHE D 152 -50.77 -31.13 20.31
C PHE D 152 -50.17 -32.21 19.44
N GLU D 153 -49.21 -31.83 18.61
CA GLU D 153 -48.53 -32.75 17.71
C GLU D 153 -47.06 -32.88 18.09
N ILE D 154 -46.50 -34.01 17.69
CA ILE D 154 -45.08 -34.28 17.79
C ILE D 154 -44.57 -34.36 16.33
N HIS D 155 -43.47 -33.67 16.06
CA HIS D 155 -42.85 -33.70 14.73
C HIS D 155 -41.42 -34.23 14.85
N PHE D 156 -41.16 -35.37 14.20
CA PHE D 156 -39.79 -35.78 13.98
C PHE D 156 -39.35 -35.46 12.55
N VAL D 157 -38.41 -34.52 12.42
CA VAL D 157 -37.94 -34.05 11.15
C VAL D 157 -36.56 -34.69 10.98
N PRO D 158 -36.42 -35.66 10.05
CA PRO D 158 -35.12 -36.34 9.92
C PRO D 158 -34.05 -35.51 9.25
N GLU D 159 -32.79 -35.93 9.46
CA GLU D 159 -31.61 -35.17 9.01
C GLU D 159 -31.50 -35.19 7.49
N SER D 160 -31.92 -36.30 6.88
CA SER D 160 -31.95 -36.44 5.42
C SER D 160 -32.84 -35.38 4.74
N GLY D 161 -33.88 -34.94 5.43
CA GLY D 161 -34.86 -34.00 4.90
C GLY D 161 -36.15 -34.77 4.87
N GLY D 162 -36.16 -35.81 4.04
CA GLY D 162 -37.24 -36.79 3.89
C GLY D 162 -38.66 -36.21 3.89
N ALA D 163 -39.32 -36.38 5.02
CA ALA D 163 -40.65 -35.82 5.27
C ALA D 163 -40.88 -35.87 6.78
N ALA D 164 -41.67 -34.93 7.29
CA ALA D 164 -41.92 -34.82 8.72
C ALA D 164 -42.85 -35.95 9.18
N GLN D 165 -42.36 -36.75 10.14
CA GLN D 165 -43.17 -37.78 10.82
C GLN D 165 -44.03 -37.10 11.89
N VAL D 166 -45.33 -37.38 11.85
CA VAL D 166 -46.31 -36.61 12.61
C VAL D 166 -47.24 -37.54 13.39
N GLN D 167 -47.24 -37.41 14.73
CA GLN D 167 -48.22 -38.09 15.60
C GLN D 167 -49.02 -37.01 16.30
N LYS D 168 -50.33 -37.04 16.12
CA LYS D 168 -51.25 -36.21 16.86
C LYS D 168 -51.38 -36.82 18.24
N VAL D 169 -51.03 -36.05 19.27
CA VAL D 169 -50.99 -36.52 20.65
C VAL D 169 -52.31 -36.24 21.37
N PHE D 170 -52.93 -35.08 21.11
CA PHE D 170 -54.17 -34.73 21.81
C PHE D 170 -54.90 -33.54 21.18
N ASP D 171 -56.23 -33.53 21.32
CA ASP D 171 -57.08 -32.42 20.89
C ASP D 171 -57.55 -31.72 22.15
N PHE D 172 -56.81 -30.70 22.58
CA PHE D 172 -57.25 -29.86 23.69
C PHE D 172 -58.52 -29.13 23.27
N LYS D 173 -59.59 -29.27 24.07
CA LYS D 173 -60.80 -28.41 23.97
C LYS D 173 -60.72 -27.18 24.88
N SER D 174 -60.09 -27.35 26.02
CA SER D 174 -59.89 -26.28 26.98
C SER D 174 -58.40 -26.21 27.30
N GLY D 175 -58.03 -25.30 28.20
CA GLY D 175 -56.67 -25.16 28.69
C GLY D 175 -56.14 -26.38 29.44
N GLY D 176 -54.81 -26.48 29.51
CA GLY D 176 -54.10 -27.56 30.17
C GLY D 176 -52.58 -27.38 30.09
N VAL D 177 -51.86 -28.51 30.17
CA VAL D 177 -50.42 -28.59 29.97
C VAL D 177 -50.02 -29.79 29.07
N LEU D 178 -48.92 -29.62 28.33
CA LEU D 178 -48.34 -30.66 27.48
C LEU D 178 -46.83 -30.69 27.76
N MET D 179 -46.16 -31.76 27.34
CA MET D 179 -44.69 -31.82 27.44
C MET D 179 -44.05 -32.87 26.53
N GLY D 180 -42.77 -32.70 26.28
CA GLY D 180 -42.01 -33.66 25.51
C GLY D 180 -40.75 -34.03 26.23
N MET D 181 -40.27 -35.24 25.99
CA MET D 181 -39.02 -35.68 26.62
C MET D 181 -38.46 -36.83 25.86
N TYR D 182 -37.20 -37.08 26.10
CA TYR D 182 -36.41 -37.88 25.23
C TYR D 182 -35.36 -38.61 26.02
N ASN D 183 -34.76 -39.59 25.40
CA ASN D 183 -33.59 -40.28 25.90
C ASN D 183 -32.82 -40.86 24.72
N THR D 184 -31.54 -41.13 24.89
CA THR D 184 -30.72 -41.69 23.82
C THR D 184 -30.21 -43.07 24.08
N ASP D 185 -30.04 -43.83 23.03
CA ASP D 185 -29.61 -45.19 23.13
C ASP D 185 -28.29 -45.31 23.73
N GLU D 186 -27.46 -44.35 23.38
CA GLU D 186 -26.16 -44.18 23.84
C GLU D 186 -26.13 -43.87 25.29
N SER D 187 -27.03 -43.04 25.75
CA SER D 187 -27.06 -42.72 27.16
C SER D 187 -27.42 -43.91 28.01
N ILE D 188 -28.40 -44.64 27.53
CA ILE D 188 -28.93 -45.81 28.15
C ILE D 188 -27.94 -46.94 28.22
N LYS D 189 -27.23 -47.19 27.15
CA LYS D 189 -26.27 -48.25 27.11
C LYS D 189 -25.20 -47.97 28.12
N ASP D 190 -24.82 -46.71 28.22
CA ASP D 190 -23.85 -46.33 29.20
C ASP D 190 -24.37 -46.57 30.60
N PHE D 191 -25.65 -46.25 30.81
CA PHE D 191 -26.32 -46.39 32.06
C PHE D 191 -26.39 -47.84 32.43
N ALA D 192 -26.75 -48.65 31.45
CA ALA D 192 -26.85 -50.06 31.63
C ALA D 192 -25.52 -50.66 31.96
N LYS D 193 -24.50 -50.26 31.24
CA LYS D 193 -23.18 -50.81 31.46
C LYS D 193 -22.69 -50.57 32.87
N SER D 194 -22.70 -49.32 33.33
CA SER D 194 -22.13 -49.00 34.66
C SER D 194 -22.91 -49.67 35.77
N CYS D 195 -24.22 -49.77 35.63
CA CYS D 195 -24.99 -50.60 36.53
C CYS D 195 -24.48 -52.06 36.53
N PHE D 196 -24.31 -52.65 35.34
CA PHE D 196 -23.84 -54.03 35.25
C PHE D 196 -22.43 -54.21 35.81
N GLU D 197 -21.50 -53.34 35.43
CA GLU D 197 -20.18 -53.32 36.08
C GLU D 197 -20.30 -53.25 37.61
N TYR D 198 -21.10 -52.30 38.09
CA TYR D 198 -21.21 -51.98 39.53
C TYR D 198 -21.74 -53.16 40.32
N ALA D 199 -22.75 -53.81 39.76
CA ALA D 199 -23.36 -54.97 40.36
C ALA D 199 -22.42 -56.18 40.29
N LEU D 200 -21.77 -56.40 39.16
CA LEU D 200 -20.82 -57.52 39.06
C LEU D 200 -19.77 -57.40 40.16
N SER D 201 -19.16 -56.23 40.32
CA SER D 201 -18.02 -56.10 41.22
C SER D 201 -18.41 -56.10 42.69
N LYS D 202 -19.65 -55.73 43.01
CA LYS D 202 -20.16 -55.83 44.40
C LYS D 202 -20.52 -57.28 44.76
N LYS D 203 -20.74 -58.11 43.73
CA LYS D 203 -21.20 -59.50 43.87
C LYS D 203 -22.62 -59.51 44.41
N TRP D 204 -23.43 -58.61 43.87
CA TRP D 204 -24.82 -58.44 44.24
C TRP D 204 -25.69 -58.57 42.97
N PRO D 205 -26.95 -58.99 43.13
CA PRO D 205 -27.88 -58.94 42.00
C PRO D 205 -28.25 -57.50 41.60
N LEU D 206 -28.64 -57.35 40.33
CA LEU D 206 -29.08 -56.09 39.74
C LEU D 206 -30.55 -56.19 39.31
N TYR D 207 -31.33 -55.15 39.61
CA TYR D 207 -32.72 -55.03 39.13
C TYR D 207 -32.89 -53.74 38.34
N LEU D 208 -33.47 -53.81 37.14
CA LEU D 208 -33.93 -52.62 36.45
C LEU D 208 -35.43 -52.53 36.63
N SER D 209 -35.91 -51.33 36.99
CA SER D 209 -37.35 -51.02 36.93
C SER D 209 -37.72 -50.06 35.79
N THR D 210 -38.81 -50.37 35.10
CA THR D 210 -39.45 -49.44 34.15
C THR D 210 -40.96 -49.62 34.28
N LYS D 211 -41.70 -48.86 33.48
CA LYS D 211 -43.14 -49.06 33.30
C LYS D 211 -43.38 -49.37 31.81
N ASN D 212 -42.65 -50.36 31.29
CA ASN D 212 -42.70 -50.67 29.86
C ASN D 212 -44.03 -51.24 29.38
N THR D 213 -44.91 -51.61 30.28
CA THR D 213 -46.28 -51.88 29.89
C THR D 213 -47.03 -50.61 29.46
N ILE D 214 -46.73 -49.46 30.05
CA ILE D 214 -47.41 -48.21 29.67
C ILE D 214 -46.68 -47.50 28.51
N LEU D 215 -45.42 -47.15 28.77
CA LEU D 215 -44.60 -46.47 27.78
C LEU D 215 -43.84 -47.60 27.08
N LYS D 216 -44.52 -48.25 26.15
CA LYS D 216 -44.08 -49.55 25.64
C LYS D 216 -42.76 -49.42 24.91
N ARG D 217 -42.66 -48.36 24.11
CA ARG D 217 -41.52 -48.11 23.25
C ARG D 217 -40.42 -47.32 23.93
N TYR D 218 -40.81 -46.34 24.76
CA TYR D 218 -39.87 -45.45 25.47
C TYR D 218 -39.17 -46.20 26.59
N ASP D 219 -39.96 -46.80 27.48
CA ASP D 219 -39.46 -47.57 28.60
C ASP D 219 -38.99 -48.94 28.15
N GLY D 220 -39.74 -49.54 27.22
CA GLY D 220 -39.39 -50.83 26.64
C GLY D 220 -38.02 -50.83 25.99
N ARG D 221 -37.55 -49.66 25.55
CA ARG D 221 -36.19 -49.56 25.03
C ARG D 221 -35.13 -49.72 26.12
N PHE D 222 -35.42 -49.21 27.33
CA PHE D 222 -34.58 -49.45 28.52
C PHE D 222 -34.55 -50.91 28.88
N LYS D 223 -35.70 -51.59 28.77
CA LYS D 223 -35.79 -53.03 29.08
C LYS D 223 -34.97 -53.83 28.07
N ASP D 224 -35.14 -53.50 26.78
CA ASP D 224 -34.50 -54.27 25.68
C ASP D 224 -32.99 -54.06 25.62
N ILE D 225 -32.53 -52.85 25.85
CA ILE D 225 -31.10 -52.56 25.91
C ILE D 225 -30.42 -53.30 27.07
N PHE D 226 -31.05 -53.30 28.24
CA PHE D 226 -30.52 -54.04 29.37
C PHE D 226 -30.55 -55.54 29.14
N ALA D 227 -31.66 -56.07 28.62
CA ALA D 227 -31.79 -57.53 28.40
C ALA D 227 -30.71 -58.02 27.45
N GLU D 228 -30.41 -57.18 26.44
CA GLU D 228 -29.46 -57.44 25.33
C GLU D 228 -28.00 -57.43 25.83
N MET D 229 -27.62 -56.40 26.60
CA MET D 229 -26.28 -56.31 27.19
C MET D 229 -25.98 -57.47 28.16
N TYR D 230 -26.95 -57.81 29.00
CA TYR D 230 -26.82 -58.92 29.93
C TYR D 230 -26.55 -60.22 29.20
N LYS D 231 -27.45 -60.55 28.27
CA LYS D 231 -27.36 -61.76 27.43
C LYS D 231 -25.97 -61.82 26.77
N ALA D 232 -25.57 -60.74 26.10
CA ALA D 232 -24.29 -60.70 25.37
C ALA D 232 -23.00 -60.71 26.21
N SER D 233 -22.98 -59.97 27.33
CA SER D 233 -21.73 -59.61 28.03
C SER D 233 -21.61 -59.84 29.55
N TYR D 234 -22.73 -60.07 30.25
CA TYR D 234 -22.69 -60.22 31.73
C TYR D 234 -23.34 -61.48 32.33
N GLU D 235 -24.31 -62.09 31.63
CA GLU D 235 -24.99 -63.32 32.08
C GLU D 235 -24.04 -64.44 32.47
N ALA D 236 -22.93 -64.60 31.76
CA ALA D 236 -21.93 -65.64 32.06
C ALA D 236 -21.16 -65.34 33.36
N ASP D 237 -20.53 -64.17 33.39
CA ASP D 237 -19.82 -63.69 34.59
C ASP D 237 -20.71 -63.56 35.84
N TYR D 238 -21.99 -63.23 35.63
CA TYR D 238 -23.02 -63.15 36.70
C TYR D 238 -23.37 -64.50 37.32
N LYS D 239 -23.60 -65.48 36.46
CA LYS D 239 -23.96 -66.82 36.93
C LYS D 239 -22.80 -67.40 37.76
N LYS D 240 -21.59 -67.28 37.21
CA LYS D 240 -20.36 -67.74 37.85
C LYS D 240 -20.18 -67.13 39.27
N ALA D 241 -20.49 -65.84 39.39
CA ALA D 241 -20.46 -65.12 40.67
C ALA D 241 -21.68 -65.36 41.58
N GLY D 242 -22.67 -66.11 41.14
CA GLY D 242 -23.88 -66.36 41.93
C GLY D 242 -24.76 -65.11 42.01
N ILE D 243 -24.89 -64.39 40.89
CA ILE D 243 -25.81 -63.25 40.83
C ILE D 243 -26.63 -63.33 39.53
N TRP D 244 -27.56 -62.39 39.38
CA TRP D 244 -28.46 -62.38 38.22
C TRP D 244 -28.92 -60.96 37.93
N TYR D 245 -29.55 -60.78 36.76
CA TYR D 245 -30.27 -59.53 36.43
C TYR D 245 -31.67 -59.89 35.96
N GLU D 246 -32.67 -59.23 36.57
CA GLU D 246 -34.06 -59.27 36.16
C GLU D 246 -34.61 -57.85 36.01
N HIS D 247 -35.39 -57.63 34.97
CA HIS D 247 -36.29 -56.51 34.92
C HIS D 247 -37.49 -56.84 35.81
N ARG D 248 -38.00 -55.85 36.52
CA ARG D 248 -39.30 -55.91 37.17
C ARG D 248 -40.04 -54.65 36.85
N LEU D 249 -41.34 -54.74 36.60
CA LEU D 249 -42.18 -53.53 36.54
C LEU D 249 -42.02 -52.71 37.84
N ILE D 250 -41.87 -51.40 37.70
CA ILE D 250 -41.70 -50.47 38.83
C ILE D 250 -42.67 -50.68 40.02
N ASP D 251 -43.90 -51.11 39.76
CA ASP D 251 -44.87 -51.40 40.83
C ASP D 251 -44.35 -52.53 41.68
N ASP D 252 -43.92 -53.58 40.98
CA ASP D 252 -43.39 -54.80 41.58
C ASP D 252 -42.07 -54.45 42.25
N MET D 253 -41.28 -53.58 41.64
CA MET D 253 -39.97 -53.27 42.21
C MET D 253 -40.05 -52.56 43.57
N VAL D 254 -40.94 -51.57 43.72
CA VAL D 254 -41.09 -50.87 44.99
C VAL D 254 -41.67 -51.74 46.11
N ALA D 255 -42.57 -52.65 45.75
CA ALA D 255 -43.08 -53.64 46.68
C ALA D 255 -41.93 -54.57 47.07
N TYR D 256 -41.22 -55.09 46.08
CA TYR D 256 -40.06 -55.93 46.40
C TYR D 256 -39.07 -55.24 47.35
N ALA D 257 -38.72 -53.98 47.06
CA ALA D 257 -37.75 -53.24 47.87
C ALA D 257 -38.26 -53.07 49.29
N MET D 258 -39.54 -52.76 49.43
CA MET D 258 -40.14 -52.67 50.75
C MET D 258 -40.00 -53.97 51.57
N LYS D 259 -40.34 -55.12 50.97
CA LYS D 259 -40.40 -56.40 51.71
C LYS D 259 -39.12 -57.23 51.66
N SER D 260 -38.14 -56.83 50.85
CA SER D 260 -36.88 -57.56 50.73
C SER D 260 -35.95 -57.16 51.85
N GLU D 261 -34.82 -57.85 51.93
CA GLU D 261 -33.79 -57.57 52.92
C GLU D 261 -32.68 -56.67 52.38
N GLY D 262 -32.80 -56.24 51.13
CA GLY D 262 -31.76 -55.47 50.45
C GLY D 262 -30.72 -56.38 49.84
N GLY D 263 -29.55 -55.82 49.59
CA GLY D 263 -28.47 -56.55 48.99
C GLY D 263 -28.40 -56.60 47.50
N TYR D 264 -28.87 -55.55 46.88
CA TYR D 264 -28.87 -55.45 45.47
C TYR D 264 -28.63 -54.04 45.00
N VAL D 265 -28.38 -53.93 43.71
CA VAL D 265 -28.18 -52.70 43.00
C VAL D 265 -29.50 -52.56 42.26
N TRP D 266 -30.12 -51.40 42.36
CA TRP D 266 -31.38 -51.16 41.74
C TRP D 266 -31.12 -50.14 40.69
N ALA D 267 -31.32 -50.51 39.43
CA ALA D 267 -31.14 -49.60 38.32
C ALA D 267 -32.40 -48.80 38.16
N CYS D 268 -32.28 -47.50 38.27
CA CYS D 268 -33.42 -46.61 38.23
C CYS D 268 -33.28 -45.57 37.16
N LYS D 269 -34.36 -45.41 36.41
CA LYS D 269 -34.44 -44.30 35.48
C LYS D 269 -34.39 -42.99 36.24
N ASN D 270 -34.12 -41.93 35.51
CA ASN D 270 -33.92 -40.62 36.10
C ASN D 270 -35.00 -40.30 37.13
N TYR D 271 -36.29 -40.44 36.77
CA TYR D 271 -37.37 -40.06 37.68
C TYR D 271 -37.36 -40.93 38.94
N ASP D 272 -37.40 -42.23 38.76
CA ASP D 272 -37.49 -43.20 39.87
C ASP D 272 -36.27 -43.16 40.79
N GLY D 273 -35.08 -42.95 40.23
CA GLY D 273 -33.86 -42.82 41.03
C GLY D 273 -33.87 -41.59 41.93
N ASP D 274 -34.48 -40.52 41.45
CA ASP D 274 -34.67 -39.31 42.23
C ASP D 274 -35.60 -39.57 43.40
N VAL D 275 -36.79 -40.10 43.10
CA VAL D 275 -37.85 -40.34 44.09
C VAL D 275 -37.50 -41.51 45.03
N GLN D 276 -36.99 -42.60 44.50
CA GLN D 276 -36.82 -43.80 45.30
C GLN D 276 -35.56 -43.74 46.18
N SER D 277 -34.55 -42.98 45.78
CA SER D 277 -33.38 -42.72 46.63
C SER D 277 -33.77 -41.95 47.88
N ASP D 278 -34.76 -41.08 47.77
CA ASP D 278 -35.28 -40.40 48.97
C ASP D 278 -36.04 -41.35 49.93
N SER D 279 -36.98 -42.08 49.35
CA SER D 279 -37.75 -43.08 50.05
C SER D 279 -36.80 -44.05 50.79
N VAL D 280 -35.74 -44.47 50.12
CA VAL D 280 -34.78 -45.44 50.66
C VAL D 280 -33.92 -44.84 51.78
N ALA D 281 -33.35 -43.67 51.51
CA ALA D 281 -32.56 -42.93 52.49
C ALA D 281 -33.29 -42.69 53.82
N GLN D 282 -34.57 -42.31 53.73
CA GLN D 282 -35.44 -42.17 54.90
C GLN D 282 -35.78 -43.52 55.49
N GLY D 283 -36.10 -44.51 54.65
CA GLY D 283 -36.31 -45.90 55.09
C GLY D 283 -35.18 -46.43 55.96
N PHE D 284 -33.92 -46.16 55.58
CA PHE D 284 -32.71 -46.56 56.35
C PHE D 284 -32.42 -45.70 57.56
N GLY D 285 -32.90 -44.46 57.55
CA GLY D 285 -32.76 -43.60 58.71
C GLY D 285 -32.93 -42.12 58.44
N SER D 286 -32.14 -41.54 57.54
CA SER D 286 -32.21 -40.10 57.32
C SER D 286 -31.68 -39.66 56.00
N LEU D 287 -32.28 -38.58 55.48
CA LEU D 287 -31.83 -37.98 54.24
C LEU D 287 -30.40 -37.48 54.36
N GLY D 288 -29.95 -37.16 55.57
CA GLY D 288 -28.53 -36.87 55.81
C GLY D 288 -27.53 -38.03 55.72
N LEU D 289 -28.02 -39.28 55.80
CA LEU D 289 -27.18 -40.49 55.74
C LEU D 289 -27.34 -41.15 54.37
N MET D 290 -26.79 -40.50 53.36
CA MET D 290 -26.76 -41.03 52.00
C MET D 290 -25.68 -40.34 51.20
N THR D 291 -24.90 -41.16 50.50
CA THR D 291 -23.91 -40.73 49.54
C THR D 291 -24.59 -40.62 48.20
N SER D 292 -23.99 -39.87 47.30
CA SER D 292 -24.53 -39.67 45.96
C SER D 292 -23.36 -39.34 45.08
N VAL D 293 -23.02 -40.22 44.14
CA VAL D 293 -21.86 -40.00 43.28
C VAL D 293 -22.22 -40.24 41.83
N LEU D 294 -22.20 -39.17 41.05
CA LEU D 294 -22.31 -39.25 39.59
C LEU D 294 -20.98 -39.67 39.05
N MET D 295 -20.96 -40.79 38.35
CA MET D 295 -19.73 -41.36 37.82
C MET D 295 -19.73 -41.27 36.29
N SER D 296 -18.62 -40.82 35.70
CA SER D 296 -18.42 -40.92 34.25
C SER D 296 -18.59 -42.33 33.69
N PRO D 297 -18.99 -42.45 32.42
CA PRO D 297 -18.93 -43.78 31.81
C PRO D 297 -17.50 -44.34 31.83
N ASP D 298 -16.51 -43.52 31.49
CA ASP D 298 -15.10 -43.98 31.45
C ASP D 298 -14.42 -44.08 32.82
N GLY D 299 -15.12 -43.71 33.88
CA GLY D 299 -14.60 -43.81 35.24
C GLY D 299 -13.70 -42.65 35.69
N ARG D 300 -13.49 -41.66 34.82
CA ARG D 300 -12.48 -40.62 35.07
C ARG D 300 -13.01 -39.36 35.78
N THR D 301 -14.33 -39.15 35.73
CA THR D 301 -14.97 -37.94 36.28
C THR D 301 -16.01 -38.34 37.33
N VAL D 302 -15.94 -37.70 38.48
CA VAL D 302 -16.84 -37.98 39.59
C VAL D 302 -17.39 -36.68 40.13
N GLU D 303 -18.72 -36.58 40.16
CA GLU D 303 -19.42 -35.49 40.83
C GLU D 303 -20.04 -36.05 42.09
N ALA D 304 -19.50 -35.68 43.25
CA ALA D 304 -20.07 -36.07 44.55
C ALA D 304 -21.01 -34.99 45.12
N GLU D 305 -22.09 -35.40 45.77
CA GLU D 305 -23.10 -34.46 46.20
C GLU D 305 -23.91 -34.92 47.41
N ALA D 306 -24.58 -33.97 48.03
CA ALA D 306 -25.72 -34.30 48.86
C ALA D 306 -26.89 -34.47 47.87
N ALA D 307 -27.52 -35.65 47.90
CA ALA D 307 -28.77 -35.88 47.19
C ALA D 307 -29.95 -35.11 47.82
N HIS D 308 -29.93 -34.94 49.14
CA HIS D 308 -30.95 -34.13 49.84
C HIS D 308 -30.93 -32.64 49.42
N GLY D 309 -31.92 -31.90 49.90
CA GLY D 309 -32.09 -30.49 49.55
C GLY D 309 -31.34 -29.52 50.42
N THR D 310 -31.66 -28.26 50.23
CA THR D 310 -31.05 -27.18 51.01
C THR D 310 -31.63 -27.09 52.43
N VAL D 311 -32.69 -27.87 52.71
CA VAL D 311 -33.25 -28.00 54.05
C VAL D 311 -33.83 -26.64 54.51
N THR D 312 -34.73 -26.15 53.65
CA THR D 312 -35.37 -24.83 53.77
C THR D 312 -35.97 -24.58 55.14
N ARG D 313 -36.74 -25.54 55.65
CA ARG D 313 -37.47 -25.39 56.93
C ARG D 313 -36.53 -25.27 58.12
N HIS D 314 -35.37 -25.92 58.05
CA HIS D 314 -34.32 -25.69 59.04
C HIS D 314 -33.70 -24.30 58.84
N TYR D 315 -33.54 -23.87 57.59
CA TYR D 315 -32.99 -22.54 57.29
C TYR D 315 -33.88 -21.43 57.90
N ARG D 316 -35.19 -21.54 57.71
CA ARG D 316 -36.11 -20.58 58.32
C ARG D 316 -35.86 -20.35 59.82
N GLN D 317 -35.63 -21.43 60.59
CA GLN D 317 -35.26 -21.34 62.01
C GLN D 317 -33.87 -20.71 62.30
N HIS D 318 -32.88 -21.10 61.50
CA HIS D 318 -31.55 -20.47 61.49
C HIS D 318 -31.67 -18.94 61.27
N GLN D 319 -32.53 -18.50 60.34
CA GLN D 319 -32.80 -17.06 60.10
C GLN D 319 -33.59 -16.35 61.19
N LYS D 320 -34.49 -17.07 61.84
CA LYS D 320 -35.19 -16.56 63.04
C LYS D 320 -34.25 -16.39 64.25
N GLY D 321 -32.95 -16.70 64.10
CA GLY D 321 -32.01 -16.66 65.23
C GLY D 321 -32.19 -17.79 66.25
N GLU D 322 -32.91 -18.83 65.85
CA GLU D 322 -33.20 -19.94 66.74
C GLU D 322 -32.24 -21.08 66.43
N GLU D 323 -32.09 -21.96 67.41
CA GLU D 323 -31.17 -23.10 67.33
C GLU D 323 -31.61 -24.04 66.20
N THR D 324 -30.65 -24.77 65.61
CA THR D 324 -30.96 -25.85 64.65
C THR D 324 -30.18 -27.14 64.92
N SER D 325 -30.67 -28.22 64.32
CA SER D 325 -29.99 -29.50 64.41
C SER D 325 -30.16 -30.24 63.08
N THR D 326 -29.37 -29.79 62.09
CA THR D 326 -29.35 -30.29 60.71
C THR D 326 -28.16 -31.22 60.49
N ASN D 327 -28.39 -32.29 59.74
CA ASN D 327 -27.49 -33.42 59.60
C ASN D 327 -26.46 -33.10 58.53
N PRO D 328 -25.20 -32.86 58.93
CA PRO D 328 -24.16 -32.55 57.95
C PRO D 328 -23.59 -33.74 57.18
N VAL D 329 -24.09 -34.97 57.39
CA VAL D 329 -23.37 -36.18 56.91
C VAL D 329 -23.31 -36.38 55.40
N ALA D 330 -24.40 -36.17 54.66
CA ALA D 330 -24.31 -36.29 53.18
C ALA D 330 -23.35 -35.23 52.60
N SER D 331 -23.43 -34.01 53.15
CA SER D 331 -22.55 -32.95 52.76
C SER D 331 -21.08 -33.30 53.08
N ILE D 332 -20.79 -33.88 54.25
CA ILE D 332 -19.39 -34.30 54.53
C ILE D 332 -18.95 -35.37 53.54
N PHE D 333 -19.82 -36.34 53.27
CA PHE D 333 -19.47 -37.43 52.37
C PHE D 333 -19.36 -36.99 50.92
N ALA D 334 -20.00 -35.86 50.57
CA ALA D 334 -19.80 -35.27 49.25
C ALA D 334 -18.31 -34.94 49.08
N TRP D 335 -17.73 -34.34 50.11
CA TRP D 335 -16.30 -34.01 50.09
C TRP D 335 -15.43 -35.24 50.13
N THR D 336 -15.73 -36.17 51.03
CA THR D 336 -14.85 -37.30 51.19
C THR D 336 -14.82 -38.12 49.90
N ARG D 337 -15.97 -38.36 49.27
CA ARG D 337 -15.98 -39.09 47.99
C ARG D 337 -15.33 -38.34 46.83
N GLY D 338 -15.43 -37.02 46.81
CA GLY D 338 -14.67 -36.24 45.82
C GLY D 338 -13.18 -36.34 46.05
N LEU D 339 -12.76 -36.15 47.30
CA LEU D 339 -11.34 -36.16 47.68
C LEU D 339 -10.72 -37.51 47.44
N MET D 340 -11.50 -38.55 47.70
CA MET D 340 -11.12 -39.95 47.52
C MET D 340 -10.80 -40.27 46.06
N HIS D 341 -11.65 -39.78 45.16
CA HIS D 341 -11.43 -39.92 43.72
C HIS D 341 -10.29 -39.03 43.21
N ARG D 342 -10.18 -37.82 43.75
CA ARG D 342 -9.01 -36.97 43.51
C ARG D 342 -7.73 -37.72 43.84
N GLY D 343 -7.73 -38.44 44.96
CA GLY D 343 -6.63 -39.29 45.39
C GLY D 343 -6.38 -40.46 44.45
N LYS D 344 -7.45 -41.09 43.96
CA LYS D 344 -7.32 -42.14 42.94
C LYS D 344 -6.59 -41.57 41.72
N LEU D 345 -7.12 -40.47 41.18
CA LEU D 345 -6.52 -39.78 40.03
C LEU D 345 -5.06 -39.42 40.24
N ASP D 346 -4.74 -38.89 41.41
CA ASP D 346 -3.39 -38.43 41.72
C ASP D 346 -2.38 -39.56 42.12
N GLN D 347 -2.84 -40.80 42.33
CA GLN D 347 -2.03 -41.80 43.06
C GLN D 347 -1.56 -41.23 44.41
N ASN D 348 -2.50 -40.67 45.17
CA ASN D 348 -2.21 -40.08 46.48
C ASN D 348 -2.92 -40.89 47.59
N GLU D 349 -2.16 -41.82 48.18
CA GLU D 349 -2.69 -42.74 49.19
C GLU D 349 -3.07 -41.96 50.47
N LYS D 350 -2.23 -40.98 50.80
CA LYS D 350 -2.42 -40.15 52.00
C LYS D 350 -3.80 -39.47 52.02
N LEU D 351 -4.18 -38.89 50.88
CA LEU D 351 -5.52 -38.29 50.68
C LEU D 351 -6.66 -39.32 50.68
N VAL D 352 -6.44 -40.45 50.01
CA VAL D 352 -7.43 -41.54 50.01
C VAL D 352 -7.72 -42.02 51.44
N GLN D 353 -6.67 -42.21 52.22
CA GLN D 353 -6.84 -42.58 53.64
C GLN D 353 -7.53 -41.46 54.43
N PHE D 354 -7.11 -40.21 54.23
CA PHE D 354 -7.75 -39.08 54.90
C PHE D 354 -9.27 -39.06 54.68
N SER D 355 -9.67 -39.28 53.43
CA SER D 355 -11.09 -39.42 53.08
C SER D 355 -11.75 -40.55 53.85
N MET D 356 -11.12 -41.71 53.90
CA MET D 356 -11.65 -42.85 54.68
C MET D 356 -11.70 -42.50 56.17
N LEU D 357 -10.62 -41.96 56.69
CA LEU D 357 -10.51 -41.57 58.11
C LEU D 357 -11.56 -40.55 58.59
N LEU D 358 -11.99 -39.65 57.70
CA LEU D 358 -13.06 -38.71 58.04
C LEU D 358 -14.40 -39.44 58.09
N GLU D 359 -14.63 -40.33 57.12
CA GLU D 359 -15.88 -41.09 57.05
C GLU D 359 -16.07 -42.01 58.24
N LYS D 360 -15.01 -42.76 58.58
CA LYS D 360 -14.98 -43.63 59.76
C LYS D 360 -15.31 -42.88 61.04
N VAL D 361 -14.65 -41.74 61.25
CA VAL D 361 -14.88 -40.84 62.39
C VAL D 361 -16.33 -40.34 62.44
N VAL D 362 -16.90 -39.95 61.29
CA VAL D 362 -18.30 -39.50 61.22
C VAL D 362 -19.25 -40.59 61.71
N VAL D 363 -19.14 -41.76 61.09
CA VAL D 363 -19.98 -42.91 61.48
C VAL D 363 -19.72 -43.28 62.96
N SER D 364 -18.44 -43.35 63.31
CA SER D 364 -17.99 -43.73 64.65
C SER D 364 -18.44 -42.71 65.71
N THR D 365 -18.41 -41.43 65.35
CA THR D 365 -18.86 -40.35 66.24
C THR D 365 -20.35 -40.42 66.47
N ILE D 366 -21.13 -40.79 65.45
CA ILE D 366 -22.58 -41.05 65.65
C ILE D 366 -22.79 -42.27 66.55
N GLU D 367 -22.07 -43.35 66.25
CA GLU D 367 -22.26 -44.64 66.95
C GLU D 367 -21.95 -44.64 68.45
N ALA D 368 -21.14 -43.67 68.89
CA ALA D 368 -20.89 -43.42 70.32
C ALA D 368 -21.85 -42.44 70.98
N GLY D 369 -22.96 -42.06 70.32
CA GLY D 369 -24.04 -41.30 70.99
C GLY D 369 -24.17 -39.80 70.75
N PHE D 370 -23.39 -39.25 69.82
CA PHE D 370 -23.36 -37.79 69.51
C PHE D 370 -23.89 -37.58 68.10
N MET D 371 -25.05 -36.94 67.98
CA MET D 371 -25.80 -36.88 66.73
C MET D 371 -26.80 -35.74 66.66
N THR D 372 -27.23 -35.43 65.44
CA THR D 372 -28.26 -34.42 65.19
C THR D 372 -29.65 -34.98 65.54
N LYS D 373 -30.63 -34.08 65.59
CA LYS D 373 -32.01 -34.42 66.00
C LYS D 373 -32.68 -35.58 65.21
N ASP D 374 -32.63 -35.50 63.89
CA ASP D 374 -33.22 -36.51 62.98
C ASP D 374 -32.77 -37.94 63.31
N LEU D 375 -31.52 -38.11 63.77
CA LEU D 375 -31.01 -39.40 64.21
C LEU D 375 -31.46 -39.72 65.63
N ALA D 376 -31.52 -38.73 66.51
CA ALA D 376 -32.14 -38.92 67.81
C ALA D 376 -33.59 -39.34 67.64
N ILE D 377 -34.31 -38.73 66.69
CA ILE D 377 -35.68 -39.14 66.34
C ILE D 377 -35.72 -40.61 65.92
N CYS D 378 -34.71 -41.10 65.19
CA CYS D 378 -34.61 -42.53 64.83
C CYS D 378 -34.49 -43.46 66.03
N ILE D 379 -33.77 -43.03 67.07
CA ILE D 379 -33.48 -43.84 68.28
C ILE D 379 -34.62 -43.76 69.28
N LYS D 380 -34.82 -42.57 69.86
CA LYS D 380 -36.01 -42.31 70.68
C LYS D 380 -37.12 -42.12 69.68
N GLY D 381 -38.36 -42.31 70.06
CA GLY D 381 -39.44 -42.05 69.09
C GLY D 381 -39.55 -40.58 68.69
N MET D 382 -40.35 -40.31 67.68
CA MET D 382 -40.72 -38.95 67.29
C MET D 382 -41.15 -38.09 68.48
N ASN D 383 -42.09 -38.62 69.25
CA ASN D 383 -42.63 -37.94 70.43
C ASN D 383 -41.82 -38.17 71.74
N HIS D 384 -40.70 -38.88 71.68
CA HIS D 384 -39.83 -39.09 72.85
C HIS D 384 -38.42 -38.53 72.71
N VAL D 385 -38.26 -37.53 71.84
CA VAL D 385 -36.99 -36.85 71.71
C VAL D 385 -36.98 -35.67 72.66
N THR D 386 -35.81 -35.33 73.15
CA THR D 386 -35.62 -34.10 73.88
C THR D 386 -34.20 -33.60 73.68
N ARG D 387 -34.05 -32.29 73.80
CA ARG D 387 -32.76 -31.57 73.67
C ARG D 387 -31.55 -32.47 73.99
N SER D 388 -31.46 -32.92 75.25
CA SER D 388 -30.29 -33.66 75.75
C SER D 388 -29.82 -34.84 74.87
N ASP D 389 -30.78 -35.51 74.22
CA ASP D 389 -30.49 -36.57 73.25
C ASP D 389 -29.63 -36.17 72.04
N TYR D 390 -29.48 -34.88 71.71
CA TYR D 390 -28.79 -34.48 70.48
C TYR D 390 -27.95 -33.23 70.60
N LEU D 391 -27.06 -33.06 69.63
CA LEU D 391 -26.26 -31.87 69.47
C LEU D 391 -26.92 -30.98 68.41
N ASN D 392 -26.82 -29.66 68.56
CA ASN D 392 -27.26 -28.79 67.47
C ASN D 392 -26.23 -28.82 66.35
N THR D 393 -26.56 -28.20 65.22
CA THR D 393 -25.74 -28.24 64.00
C THR D 393 -24.26 -27.90 64.21
N GLN D 394 -24.04 -26.84 64.97
CA GLN D 394 -22.71 -26.27 65.22
C GLN D 394 -21.91 -27.15 66.19
N GLU D 395 -22.62 -27.80 67.11
CA GLU D 395 -22.04 -28.60 68.20
C GLU D 395 -21.60 -29.91 67.62
N PHE D 396 -22.42 -30.49 66.78
CA PHE D 396 -22.09 -31.74 66.15
C PHE D 396 -20.88 -31.58 65.28
N ILE D 397 -20.86 -30.53 64.48
CA ILE D 397 -19.77 -30.31 63.59
C ILE D 397 -18.51 -30.09 64.42
N HIS D 398 -18.65 -29.37 65.50
CA HIS D 398 -17.55 -29.13 66.38
C HIS D 398 -17.10 -30.46 66.99
N LYS D 399 -18.04 -31.32 67.27
CA LYS D 399 -17.74 -32.63 67.78
C LYS D 399 -16.94 -33.44 66.76
N LEU D 400 -17.28 -33.35 65.50
CA LEU D 400 -16.55 -34.06 64.47
C LEU D 400 -15.12 -33.54 64.37
N ALA D 401 -14.95 -32.24 64.50
CA ALA D 401 -13.65 -31.63 64.44
C ALA D 401 -12.77 -32.12 65.57
N ASP D 402 -13.36 -32.30 66.73
CA ASP D 402 -12.60 -32.78 67.85
C ASP D 402 -12.04 -34.16 67.61
N GLU D 403 -12.90 -35.03 67.16
CA GLU D 403 -12.60 -36.41 66.87
C GLU D 403 -11.68 -36.73 65.74
N MET D 404 -11.88 -36.03 64.63
CA MET D 404 -11.09 -36.20 63.46
C MET D 404 -9.69 -35.72 63.72
N ARG D 405 -9.61 -34.66 64.50
CA ARG D 405 -8.35 -34.06 64.85
C ARG D 405 -7.53 -35.06 65.68
N LYS D 406 -8.18 -35.75 66.60
CA LYS D 406 -7.50 -36.74 67.39
C LYS D 406 -7.10 -37.93 66.55
N ALA D 407 -8.00 -38.35 65.67
CA ALA D 407 -7.79 -39.46 64.81
C ALA D 407 -6.71 -39.24 63.80
N TYR D 408 -6.65 -38.04 63.25
CA TYR D 408 -5.65 -37.71 62.29
C TYR D 408 -4.29 -37.74 62.97
N GLU D 409 -4.25 -37.21 64.18
CA GLU D 409 -3.03 -37.21 64.92
C GLU D 409 -2.66 -38.68 65.14
N ARG D 410 -3.66 -39.49 65.41
CA ARG D 410 -3.51 -40.92 65.60
C ARG D 410 -3.16 -41.77 64.41
N SER D 411 -3.68 -41.44 63.24
CA SER D 411 -3.52 -42.27 62.05
C SER D 411 -2.17 -42.57 61.45
N LYS D 412 -1.26 -41.61 61.35
CA LYS D 412 0.04 -41.92 60.78
C LYS D 412 1.17 -41.58 61.69
N ILE D 413 1.21 -40.32 62.09
CA ILE D 413 2.26 -39.79 62.96
C ILE D 413 3.57 -39.57 62.18
N SER E 1 36.86 51.00 -0.59
CA SER E 1 35.73 51.29 -1.45
C SER E 1 34.68 50.18 -1.35
N GLN E 2 33.55 50.32 -2.04
CA GLN E 2 32.49 49.33 -1.98
C GLN E 2 31.45 49.49 -3.05
N LYS E 3 30.55 48.53 -3.17
CA LYS E 3 29.42 48.65 -4.10
C LYS E 3 28.50 47.48 -3.92
N ILE E 4 28.98 46.27 -4.17
CA ILE E 4 28.20 45.06 -3.90
C ILE E 4 28.53 44.78 -2.46
N LYS E 5 27.57 44.24 -1.74
CA LYS E 5 27.69 43.94 -0.33
C LYS E 5 27.66 42.43 -0.07
N VAL E 6 28.64 41.96 0.65
CA VAL E 6 28.73 40.55 0.96
C VAL E 6 28.73 40.36 2.47
N ALA E 7 27.81 39.58 3.00
CA ALA E 7 27.76 39.32 4.42
C ALA E 7 28.88 38.42 4.97
N GLY E 8 29.21 37.37 4.21
CA GLY E 8 30.20 36.37 4.55
C GLY E 8 31.55 36.97 4.49
N THR E 9 32.47 36.39 5.23
CA THR E 9 33.81 36.87 5.30
C THR E 9 34.76 36.03 4.52
N VAL E 10 35.71 36.71 3.90
CA VAL E 10 36.76 36.12 3.13
C VAL E 10 38.05 36.30 3.93
N VAL E 11 38.79 35.20 4.04
CA VAL E 11 40.04 35.20 4.73
C VAL E 11 41.10 35.44 3.69
N GLU E 12 41.84 36.51 3.88
CA GLU E 12 42.89 36.91 2.96
C GLU E 12 44.26 36.65 3.58
N LEU E 13 45.10 35.90 2.86
CA LEU E 13 46.47 35.58 3.25
C LEU E 13 47.41 36.24 2.23
N ASP E 14 48.13 37.27 2.66
CA ASP E 14 49.04 38.07 1.83
C ASP E 14 50.32 37.25 1.70
N GLY E 15 51.16 37.58 0.71
CA GLY E 15 52.39 36.84 0.42
C GLY E 15 53.67 37.68 0.32
N ASP E 16 54.54 37.29 -0.59
CA ASP E 16 55.92 37.79 -0.67
C ASP E 16 56.34 38.31 -2.05
N GLU E 17 57.33 39.21 -2.05
CA GLU E 17 58.06 39.55 -3.27
C GLU E 17 57.04 39.96 -4.36
N MET E 18 57.14 39.45 -5.60
CA MET E 18 56.38 40.05 -6.74
C MET E 18 54.87 39.79 -6.71
N THR E 19 54.49 38.63 -6.18
CA THR E 19 53.08 38.33 -5.95
C THR E 19 52.49 39.31 -4.92
N ARG E 20 53.20 39.61 -3.85
CA ARG E 20 52.74 40.67 -2.91
C ARG E 20 52.45 41.98 -3.63
N VAL E 21 53.42 42.42 -4.44
CA VAL E 21 53.27 43.69 -5.16
C VAL E 21 51.97 43.65 -5.95
N ILE E 22 51.88 42.63 -6.80
CA ILE E 22 50.70 42.37 -7.60
C ILE E 22 49.41 42.24 -6.78
N TRP E 23 49.49 41.58 -5.65
CA TRP E 23 48.33 41.32 -4.76
C TRP E 23 47.66 42.59 -4.27
N LYS E 24 48.49 43.57 -3.89
CA LYS E 24 47.98 44.87 -3.49
C LYS E 24 47.27 45.53 -4.68
N MET E 25 47.93 45.54 -5.83
CA MET E 25 47.38 46.20 -7.03
C MET E 25 46.02 45.63 -7.39
N ILE E 26 45.94 44.30 -7.40
CA ILE E 26 44.67 43.55 -7.58
C ILE E 26 43.55 43.99 -6.62
N LYS E 27 43.79 43.89 -5.32
CA LYS E 27 42.83 44.36 -4.30
C LYS E 27 42.33 45.75 -4.61
N GLU E 28 43.26 46.64 -4.96
CA GLU E 28 43.03 48.09 -5.03
C GLU E 28 42.23 48.52 -6.26
N GLU E 29 42.55 47.89 -7.39
CA GLU E 29 41.99 48.23 -8.71
C GLU E 29 40.93 47.24 -9.25
N LEU E 30 40.93 45.99 -8.79
CA LEU E 30 40.02 44.98 -9.33
C LEU E 30 38.90 44.52 -8.41
N ILE E 31 39.13 44.49 -7.10
CA ILE E 31 38.19 43.93 -6.13
C ILE E 31 37.50 44.95 -5.21
N PHE E 32 38.30 45.77 -4.51
CA PHE E 32 37.76 46.66 -3.47
C PHE E 32 36.89 47.79 -4.01
N PRO E 33 37.16 48.26 -5.25
CA PRO E 33 36.26 49.30 -5.79
C PRO E 33 34.83 48.84 -6.11
N PHE E 34 34.60 47.53 -6.20
CA PHE E 34 33.28 46.99 -6.53
C PHE E 34 32.62 46.25 -5.37
N LEU E 35 33.39 45.91 -4.35
CA LEU E 35 32.91 45.02 -3.29
C LEU E 35 33.03 45.65 -1.89
N ASP E 36 31.95 45.50 -1.12
CA ASP E 36 31.87 45.95 0.26
C ASP E 36 32.01 44.66 1.04
N VAL E 37 33.26 44.20 1.17
CA VAL E 37 33.54 42.85 1.67
C VAL E 37 34.31 42.86 3.00
N PRO E 38 33.82 42.09 4.01
CA PRO E 38 34.63 41.88 5.21
C PRO E 38 35.78 40.92 4.90
N ILE E 39 37.00 41.39 5.18
CA ILE E 39 38.24 40.68 4.96
C ILE E 39 38.87 40.41 6.30
N GLU E 40 38.96 39.14 6.69
CA GLU E 40 39.82 38.80 7.81
C GLU E 40 41.22 38.63 7.25
N TYR E 41 42.15 39.47 7.73
CA TYR E 41 43.48 39.64 7.12
C TYR E 41 44.61 39.01 7.91
N TYR E 42 45.39 38.20 7.22
CA TYR E 42 46.55 37.51 7.79
C TYR E 42 47.75 37.78 6.93
N ASP E 43 48.78 38.39 7.47
CA ASP E 43 49.95 38.73 6.62
C ASP E 43 50.93 37.57 6.70
N LEU E 44 51.00 36.74 5.65
CA LEU E 44 51.94 35.60 5.62
C LEU E 44 53.17 35.85 4.82
N GLY E 45 53.52 37.13 4.64
CA GLY E 45 54.83 37.49 4.12
C GLY E 45 55.92 37.07 5.10
N MET E 46 57.10 36.79 4.54
CA MET E 46 58.22 36.19 5.25
C MET E 46 58.61 36.88 6.58
N GLU E 47 58.56 38.22 6.64
CA GLU E 47 58.98 38.95 7.85
C GLU E 47 58.01 38.67 9.02
N ASN E 48 56.73 38.91 8.77
CA ASN E 48 55.73 38.68 9.78
C ASN E 48 55.69 37.23 10.29
N ARG E 49 55.79 36.27 9.36
CA ARG E 49 55.83 34.83 9.72
C ARG E 49 56.96 34.57 10.71
N ASP E 50 58.14 35.11 10.43
CA ASP E 50 59.27 34.97 11.33
C ASP E 50 59.00 35.65 12.67
N LYS E 51 58.45 36.85 12.61
CA LYS E 51 58.12 37.62 13.82
C LYS E 51 57.12 36.88 14.72
N THR E 52 56.09 36.25 14.15
CA THR E 52 55.08 35.54 14.97
C THR E 52 55.34 34.04 15.12
N ASP E 53 56.62 33.64 15.02
CA ASP E 53 57.03 32.22 15.12
C ASP E 53 56.14 31.25 14.33
N ASP E 54 55.75 31.71 13.14
CA ASP E 54 54.85 31.01 12.22
C ASP E 54 53.37 30.86 12.59
N GLN E 55 52.95 31.41 13.73
CA GLN E 55 51.55 31.32 14.17
C GLN E 55 50.55 32.05 13.29
N VAL E 56 51.00 33.06 12.56
CA VAL E 56 50.10 33.82 11.69
C VAL E 56 49.49 32.86 10.67
N THR E 57 50.32 31.92 10.21
CA THR E 57 49.94 30.83 9.30
C THR E 57 48.96 29.83 9.87
N VAL E 58 49.21 29.38 11.09
CA VAL E 58 48.32 28.43 11.77
C VAL E 58 46.94 29.07 11.94
N ASP E 59 46.93 30.34 12.31
CA ASP E 59 45.70 31.07 12.54
C ASP E 59 44.92 31.30 11.28
N ALA E 60 45.61 31.53 10.17
CA ALA E 60 44.93 31.75 8.91
C ALA E 60 44.42 30.42 8.41
N ALA E 61 45.21 29.36 8.63
CA ALA E 61 44.74 28.03 8.34
C ALA E 61 43.40 27.80 9.05
N HIS E 62 43.34 27.96 10.38
CA HIS E 62 42.06 27.71 11.13
C HIS E 62 40.95 28.71 10.82
N ALA E 63 41.32 29.96 10.59
CA ALA E 63 40.38 30.97 10.14
C ALA E 63 39.68 30.57 8.83
N ILE E 64 40.43 30.01 7.88
CA ILE E 64 39.87 29.57 6.61
C ILE E 64 38.79 28.51 6.82
N LYS E 65 39.07 27.61 7.76
CA LYS E 65 38.11 26.63 8.25
C LYS E 65 36.89 27.31 8.90
N LYS E 66 37.09 28.36 9.70
CA LYS E 66 35.98 29.06 10.36
C LYS E 66 35.01 29.76 9.41
N HIS E 67 35.55 30.44 8.42
CA HIS E 67 34.73 31.24 7.49
C HIS E 67 34.30 30.46 6.24
N GLY E 68 35.11 29.49 5.80
CA GLY E 68 34.80 28.70 4.62
C GLY E 68 35.47 29.15 3.31
N VAL E 69 36.18 30.27 3.32
CA VAL E 69 36.87 30.70 2.12
C VAL E 69 38.21 31.35 2.44
N GLY E 70 39.24 30.99 1.68
CA GLY E 70 40.53 31.65 1.76
C GLY E 70 41.07 32.03 0.40
N VAL E 71 41.86 33.10 0.35
CA VAL E 71 42.52 33.52 -0.88
C VAL E 71 43.98 33.75 -0.50
N LYS E 72 44.88 32.99 -1.09
CA LYS E 72 46.25 33.00 -0.69
C LYS E 72 47.16 33.52 -1.81
N CYS E 73 47.92 34.57 -1.46
CA CYS E 73 49.08 34.99 -2.23
C CYS E 73 50.31 34.06 -2.00
N ALA E 74 51.10 33.89 -3.04
CA ALA E 74 52.27 33.02 -2.97
C ALA E 74 53.23 33.56 -1.92
N THR E 75 53.84 32.67 -1.16
CA THR E 75 54.78 33.01 -0.11
C THR E 75 56.12 32.36 -0.37
N ILE E 76 57.14 32.84 0.31
CA ILE E 76 58.43 32.17 0.33
C ILE E 76 58.36 30.98 1.28
N THR E 77 58.95 29.86 0.84
CA THR E 77 59.33 28.81 1.77
C THR E 77 60.85 28.89 2.03
N PRO E 78 61.25 29.12 3.29
CA PRO E 78 62.66 29.39 3.58
C PRO E 78 63.64 28.22 3.53
N ASP E 79 64.66 28.32 2.70
CA ASP E 79 65.86 27.46 2.86
C ASP E 79 66.98 28.26 3.53
N GLU E 80 68.17 27.68 3.59
CA GLU E 80 69.34 28.31 4.24
C GLU E 80 69.71 29.68 3.56
N ALA E 81 69.51 29.75 2.24
CA ALA E 81 69.58 31.01 1.46
C ALA E 81 68.61 32.08 1.98
N ARG E 82 67.36 31.70 2.26
CA ARG E 82 66.38 32.65 2.82
C ARG E 82 66.56 32.96 4.28
N VAL E 83 67.25 32.09 5.00
CA VAL E 83 67.58 32.36 6.41
C VAL E 83 68.56 33.53 6.50
N ARG E 84 69.61 33.50 5.70
CA ARG E 84 70.56 34.60 5.65
C ARG E 84 69.91 35.90 5.19
N GLU E 85 69.16 35.85 4.08
CA GLU E 85 68.52 37.04 3.49
C GLU E 85 67.65 37.78 4.54
N PHE E 86 66.67 37.09 5.11
CA PHE E 86 65.73 37.71 6.04
C PHE E 86 66.14 37.54 7.50
N ASN E 87 67.38 37.08 7.74
CA ASN E 87 67.92 36.92 9.10
C ASN E 87 66.92 36.20 10.03
N LEU E 88 66.39 35.07 9.54
CA LEU E 88 65.28 34.38 10.21
C LEU E 88 65.73 33.59 11.45
N LYS E 89 64.77 33.23 12.31
CA LYS E 89 65.02 32.41 13.52
C LYS E 89 65.26 30.95 13.18
N GLN E 90 64.30 30.39 12.44
CA GLN E 90 64.31 28.99 12.04
C GLN E 90 64.23 28.92 10.54
N MET E 91 64.26 27.70 10.02
CA MET E 91 63.97 27.41 8.63
C MET E 91 62.50 27.00 8.56
N TRP E 92 61.61 28.02 8.60
CA TRP E 92 60.15 27.81 8.75
C TRP E 92 59.56 26.91 7.68
N LYS E 93 58.54 26.14 8.05
CA LYS E 93 57.86 25.22 7.12
C LYS E 93 57.09 25.97 6.08
N SER E 94 56.86 25.32 4.96
CA SER E 94 56.06 25.89 3.91
C SER E 94 54.72 26.27 4.52
N PRO E 95 54.31 27.52 4.35
CA PRO E 95 53.01 27.88 4.92
C PRO E 95 51.87 27.15 4.21
N ASN E 96 52.08 26.79 2.94
CA ASN E 96 51.16 25.95 2.17
C ASN E 96 51.04 24.54 2.76
N GLY E 97 52.18 23.92 3.07
CA GLY E 97 52.23 22.66 3.82
C GLY E 97 51.43 22.74 5.10
N THR E 98 51.63 23.82 5.86
CA THR E 98 51.01 23.99 7.17
C THR E 98 49.52 24.14 6.99
N ILE E 99 49.07 25.04 6.10
CA ILE E 99 47.63 25.23 5.82
C ILE E 99 46.98 23.91 5.34
N ARG E 100 47.63 23.24 4.37
CA ARG E 100 47.09 22.01 3.81
C ARG E 100 47.07 20.90 4.81
N ASN E 101 48.00 20.88 5.76
CA ASN E 101 47.95 19.91 6.83
C ASN E 101 46.71 20.08 7.70
N ILE E 102 46.32 21.31 7.97
CA ILE E 102 45.19 21.58 8.87
C ILE E 102 43.86 21.34 8.17
N LEU E 103 43.70 21.94 6.98
CA LEU E 103 42.47 21.79 6.18
C LEU E 103 42.28 20.39 5.63
N GLY E 104 43.33 19.86 5.02
CA GLY E 104 43.25 18.60 4.29
C GLY E 104 42.55 18.86 2.99
N GLY E 105 42.26 17.79 2.25
CA GLY E 105 41.55 17.89 0.98
C GLY E 105 42.39 17.63 -0.25
N THR E 106 41.89 18.14 -1.38
CA THR E 106 42.46 17.93 -2.72
C THR E 106 42.53 19.29 -3.46
N VAL E 107 43.67 19.54 -4.13
CA VAL E 107 43.91 20.82 -4.81
C VAL E 107 43.64 20.65 -6.30
N PHE E 108 42.63 21.35 -6.80
CA PHE E 108 42.23 21.17 -8.17
C PHE E 108 42.85 22.28 -8.98
N ARG E 109 43.69 21.91 -9.94
CA ARG E 109 44.46 22.83 -10.74
C ARG E 109 44.10 22.65 -12.18
N GLU E 110 44.00 23.73 -12.93
CA GLU E 110 43.51 23.68 -14.29
C GLU E 110 44.01 24.90 -15.00
N PRO E 111 44.48 24.76 -16.25
CA PRO E 111 45.00 25.92 -16.94
C PRO E 111 43.89 26.93 -17.19
N ILE E 112 44.25 28.19 -17.40
CA ILE E 112 43.26 29.24 -17.69
C ILE E 112 43.34 29.46 -19.21
N MET E 113 42.25 29.14 -19.91
CA MET E 113 42.30 29.04 -21.38
C MET E 113 42.18 30.41 -22.00
N CYS E 114 43.18 30.78 -22.82
CA CYS E 114 43.12 31.95 -23.67
C CYS E 114 43.26 31.53 -25.12
N LYS E 115 42.23 31.79 -25.93
CA LYS E 115 42.15 31.27 -27.29
C LYS E 115 43.24 31.79 -28.23
N ASN E 116 43.68 33.03 -28.05
CA ASN E 116 44.77 33.62 -28.84
C ASN E 116 46.20 33.32 -28.34
N VAL E 117 46.31 32.66 -27.19
CA VAL E 117 47.61 32.16 -26.70
C VAL E 117 47.83 30.73 -27.19
N PRO E 118 48.82 30.52 -28.09
CA PRO E 118 49.04 29.16 -28.56
C PRO E 118 49.80 28.33 -27.50
N ARG E 119 49.30 27.11 -27.29
CA ARG E 119 49.96 26.15 -26.37
C ARG E 119 51.36 25.73 -26.87
N LEU E 120 52.21 25.28 -25.96
CA LEU E 120 53.49 24.64 -26.30
C LEU E 120 53.32 23.15 -26.70
N VAL E 121 52.31 22.47 -26.17
CA VAL E 121 52.02 21.07 -26.53
C VAL E 121 50.98 21.02 -27.64
N THR E 122 51.37 20.47 -28.79
CA THR E 122 50.53 20.48 -29.98
C THR E 122 49.25 19.68 -29.86
N THR E 123 49.26 18.66 -29.02
CA THR E 123 48.15 17.72 -28.87
C THR E 123 47.07 18.16 -27.89
N TRP E 124 47.41 19.04 -26.94
CA TRP E 124 46.49 19.42 -25.83
C TRP E 124 45.31 20.29 -26.29
N LYS E 125 44.25 19.66 -26.79
CA LYS E 125 43.09 20.36 -27.33
C LYS E 125 42.14 20.82 -26.24
N HIS E 126 42.00 20.03 -25.19
CA HIS E 126 41.09 20.29 -24.07
C HIS E 126 41.89 20.44 -22.74
N PRO E 127 41.25 20.97 -21.68
CA PRO E 127 42.01 21.18 -20.43
C PRO E 127 42.31 19.90 -19.63
N ILE E 128 43.51 19.84 -19.05
CA ILE E 128 43.89 18.80 -18.09
C ILE E 128 43.63 19.40 -16.70
N VAL E 129 42.74 18.77 -15.92
CA VAL E 129 42.58 19.08 -14.48
C VAL E 129 43.49 18.18 -13.63
N ILE E 130 44.39 18.76 -12.84
CA ILE E 130 45.12 17.94 -11.83
C ILE E 130 44.42 18.05 -10.51
N GLY E 131 43.96 16.91 -10.00
CA GLY E 131 43.49 16.80 -8.63
C GLY E 131 44.63 16.39 -7.72
N ARG E 132 45.26 17.37 -7.08
CA ARG E 132 46.39 17.09 -6.20
C ARG E 132 45.93 16.72 -4.81
N HIS E 133 46.28 15.50 -4.39
CA HIS E 133 46.08 15.09 -3.01
C HIS E 133 46.83 16.09 -2.13
N ALA E 134 46.12 16.75 -1.20
CA ALA E 134 46.72 17.87 -0.48
C ALA E 134 47.49 17.48 0.80
N PHE E 135 47.57 16.18 1.08
CA PHE E 135 48.03 15.71 2.38
C PHE E 135 49.21 14.74 2.35
N GLY E 136 50.04 14.80 3.37
CA GLY E 136 51.03 13.77 3.64
C GLY E 136 52.18 13.67 2.68
N ASP E 137 52.77 12.48 2.62
CA ASP E 137 53.92 12.21 1.75
C ASP E 137 55.02 13.26 2.06
N GLN E 138 55.71 13.79 1.04
CA GLN E 138 56.89 14.66 1.24
C GLN E 138 56.63 15.96 1.95
N TYR E 139 55.35 16.38 2.04
CA TYR E 139 54.98 17.74 2.48
C TYR E 139 54.65 17.85 3.96
N ARG E 140 54.85 16.75 4.70
CA ARG E 140 54.69 16.71 6.17
C ARG E 140 55.61 15.62 6.75
N ALA E 141 56.82 15.58 6.23
CA ALA E 141 57.76 14.50 6.43
C ALA E 141 58.76 14.94 7.47
N THR E 142 59.57 13.99 7.93
CA THR E 142 60.72 14.28 8.79
C THR E 142 61.97 13.74 8.09
N ASP E 143 62.96 14.60 7.93
CA ASP E 143 64.24 14.28 7.29
C ASP E 143 65.40 14.77 8.15
N LEU E 144 66.57 14.19 7.92
CA LEU E 144 67.73 14.29 8.82
C LEU E 144 69.03 14.15 8.01
N VAL E 145 70.04 14.95 8.35
CA VAL E 145 71.40 14.67 7.91
C VAL E 145 72.03 13.72 8.93
N VAL E 146 72.82 12.79 8.39
CA VAL E 146 73.52 11.73 9.12
C VAL E 146 74.99 12.13 9.05
N ASN E 147 75.64 12.27 10.19
CA ASN E 147 77.03 12.76 10.27
C ASN E 147 78.07 11.65 10.11
N GLY E 148 77.79 10.47 10.67
CA GLY E 148 78.70 9.32 10.62
C GLY E 148 77.98 8.00 10.41
N PRO E 149 78.64 6.88 10.77
CA PRO E 149 78.00 5.59 10.58
C PRO E 149 76.92 5.30 11.61
N GLY E 150 76.10 4.28 11.33
CA GLY E 150 74.99 3.94 12.20
C GLY E 150 73.83 3.40 11.42
N THR E 151 72.83 2.91 12.13
CA THR E 151 71.75 2.17 11.52
C THR E 151 70.47 3.00 11.58
N PHE E 152 69.77 3.04 10.44
CA PHE E 152 68.58 3.85 10.25
C PHE E 152 67.45 2.87 10.41
N GLU E 153 66.67 3.03 11.48
CA GLU E 153 65.54 2.15 11.75
C GLU E 153 64.23 2.90 11.75
N ILE E 154 63.18 2.16 11.44
CA ILE E 154 61.83 2.64 11.60
C ILE E 154 61.19 1.79 12.70
N HIS E 155 60.47 2.40 13.58
CA HIS E 155 59.81 1.70 14.62
C HIS E 155 58.39 2.15 14.65
N PHE E 156 57.47 1.26 14.90
CA PHE E 156 56.09 1.62 15.03
C PHE E 156 55.69 1.10 16.36
N VAL E 157 55.26 1.98 17.24
CA VAL E 157 54.85 1.56 18.52
C VAL E 157 53.37 1.60 18.44
N PRO E 158 52.75 0.38 18.63
CA PRO E 158 51.29 0.40 18.50
C PRO E 158 50.57 0.93 19.69
N GLU E 159 49.30 1.23 19.49
CA GLU E 159 48.39 1.76 20.48
C GLU E 159 48.15 0.82 21.63
N SER E 160 48.01 -0.45 21.32
CA SER E 160 47.73 -1.44 22.31
C SER E 160 48.83 -1.51 23.29
N GLY E 161 49.98 -0.97 22.93
CA GLY E 161 51.10 -1.00 23.83
C GLY E 161 51.86 -2.29 23.68
N GLY E 162 51.55 -3.00 22.62
CA GLY E 162 52.19 -4.26 22.31
C GLY E 162 53.57 -3.88 21.88
N ALA E 163 54.41 -4.86 21.63
CA ALA E 163 55.78 -4.60 21.25
C ALA E 163 55.97 -3.82 19.99
N ALA E 164 57.07 -3.10 19.97
CA ALA E 164 57.44 -2.27 18.87
C ALA E 164 57.69 -3.06 17.63
N GLN E 165 57.40 -2.48 16.49
CA GLN E 165 57.64 -3.15 15.24
C GLN E 165 58.81 -2.46 14.58
N VAL E 166 59.89 -3.18 14.38
CA VAL E 166 61.09 -2.59 13.84
C VAL E 166 61.55 -3.10 12.51
N GLN E 167 61.85 -2.18 11.60
CA GLN E 167 62.39 -2.55 10.34
C GLN E 167 63.70 -1.83 10.19
N LYS E 168 64.74 -2.53 9.79
CA LYS E 168 66.03 -1.92 9.56
C LYS E 168 65.90 -1.39 8.16
N VAL E 169 66.30 -0.17 7.91
CA VAL E 169 66.16 0.43 6.56
C VAL E 169 67.49 0.50 5.83
N PHE E 170 68.53 0.90 6.53
CA PHE E 170 69.87 0.98 5.97
C PHE E 170 70.89 1.09 7.10
N ASP E 171 72.10 0.61 6.81
CA ASP E 171 73.29 0.81 7.63
C ASP E 171 74.20 1.82 6.93
N PHE E 172 74.30 3.01 7.52
CA PHE E 172 75.22 4.02 7.04
C PHE E 172 76.64 3.68 7.47
N LYS E 173 77.57 3.67 6.52
CA LYS E 173 79.03 3.69 6.80
C LYS E 173 79.65 5.09 6.65
N SER E 174 78.97 5.99 5.95
CA SER E 174 79.42 7.38 5.77
C SER E 174 78.26 8.29 6.11
N GLY E 175 78.47 9.59 5.95
CA GLY E 175 77.41 10.56 6.11
C GLY E 175 76.41 10.48 4.97
N GLY E 176 75.18 10.91 5.24
CA GLY E 176 74.12 10.87 4.24
C GLY E 176 72.85 11.59 4.63
N VAL E 177 71.73 11.10 4.10
CA VAL E 177 70.41 11.60 4.48
C VAL E 177 69.42 10.47 4.63
N LEU E 178 68.46 10.66 5.51
CA LEU E 178 67.37 9.73 5.72
C LEU E 178 66.11 10.53 5.83
N MET E 179 64.97 9.86 5.72
CA MET E 179 63.68 10.50 6.03
C MET E 179 62.56 9.47 6.13
N GLY E 180 61.50 9.88 6.83
CA GLY E 180 60.25 9.14 6.85
C GLY E 180 59.09 10.03 6.45
N MET E 181 58.06 9.43 5.88
CA MET E 181 56.82 10.12 5.56
C MET E 181 55.65 9.16 5.61
N TYR E 182 54.44 9.71 5.59
CA TYR E 182 53.25 8.94 5.82
C TYR E 182 52.03 9.49 5.09
N ASN E 183 50.97 8.72 5.17
CA ASN E 183 49.65 9.13 4.73
C ASN E 183 48.63 8.19 5.35
N THR E 184 47.39 8.59 5.38
CA THR E 184 46.34 7.88 6.03
C THR E 184 45.24 7.46 5.10
N ASP E 185 44.49 6.46 5.51
CA ASP E 185 43.39 5.92 4.78
C ASP E 185 42.27 6.88 4.56
N GLU E 186 41.97 7.59 5.61
CA GLU E 186 40.92 8.51 5.62
C GLU E 186 41.17 9.59 4.63
N SER E 187 42.38 10.05 4.61
CA SER E 187 42.76 11.07 3.70
C SER E 187 42.71 10.57 2.25
N ILE E 188 43.21 9.37 2.02
CA ILE E 188 43.24 8.79 0.70
C ILE E 188 41.85 8.56 0.18
N LYS E 189 40.98 8.09 1.03
CA LYS E 189 39.61 7.88 0.67
C LYS E 189 38.95 9.19 0.34
N ASP E 190 39.28 10.23 1.08
CA ASP E 190 38.75 11.55 0.85
C ASP E 190 39.22 12.08 -0.47
N PHE E 191 40.50 11.87 -0.71
CA PHE E 191 41.16 12.19 -1.97
C PHE E 191 40.53 11.46 -3.17
N ALA E 192 40.25 10.17 -3.03
CA ALA E 192 39.53 9.43 -4.09
C ALA E 192 38.07 9.87 -4.28
N LYS E 193 37.33 10.03 -3.19
CA LYS E 193 35.94 10.52 -3.23
C LYS E 193 35.93 11.78 -4.09
N SER E 194 36.72 12.78 -3.66
CA SER E 194 36.78 14.10 -4.30
C SER E 194 37.08 14.00 -5.79
N CYS E 195 38.14 13.26 -6.13
CA CYS E 195 38.51 13.09 -7.52
C CYS E 195 37.42 12.35 -8.31
N PHE E 196 36.91 11.25 -7.76
CA PHE E 196 35.87 10.49 -8.43
C PHE E 196 34.61 11.32 -8.73
N GLU E 197 34.13 12.11 -7.76
CA GLU E 197 32.94 12.95 -7.98
C GLU E 197 33.16 14.15 -8.88
N TYR E 198 34.36 14.73 -8.84
CA TYR E 198 34.76 15.84 -9.74
C TYR E 198 34.64 15.43 -11.21
N ALA E 199 35.06 14.20 -11.50
CA ALA E 199 35.09 13.68 -12.86
C ALA E 199 33.72 13.23 -13.33
N LEU E 200 32.91 12.64 -12.44
CA LEU E 200 31.48 12.39 -12.75
C LEU E 200 30.69 13.68 -13.07
N SER E 201 30.95 14.77 -12.35
CA SER E 201 30.22 16.04 -12.55
C SER E 201 30.66 16.73 -13.84
N LYS E 202 31.96 16.64 -14.17
CA LYS E 202 32.47 17.07 -15.48
C LYS E 202 32.14 16.12 -16.65
N LYS E 203 31.67 14.90 -16.33
CA LYS E 203 31.52 13.78 -17.26
C LYS E 203 32.81 13.54 -18.06
N TRP E 204 33.91 13.43 -17.33
CA TRP E 204 35.25 13.23 -17.92
C TRP E 204 35.87 11.97 -17.35
N PRO E 205 36.79 11.33 -18.08
CA PRO E 205 37.55 10.25 -17.47
C PRO E 205 38.42 10.71 -16.29
N LEU E 206 38.66 9.80 -15.36
CA LEU E 206 39.58 9.99 -14.25
C LEU E 206 40.74 9.01 -14.36
N TYR E 207 41.94 9.48 -14.10
CA TYR E 207 43.11 8.60 -14.08
C TYR E 207 43.84 8.84 -12.77
N LEU E 208 44.38 7.80 -12.16
CA LEU E 208 45.26 7.97 -10.98
C LEU E 208 46.64 7.51 -11.36
N SER E 209 47.66 8.27 -10.98
CA SER E 209 49.05 7.88 -11.17
C SER E 209 49.71 7.53 -9.84
N THR E 210 50.48 6.44 -9.82
CA THR E 210 51.38 6.07 -8.70
C THR E 210 52.63 5.34 -9.22
N LYS E 211 53.52 4.97 -8.32
CA LYS E 211 54.67 4.14 -8.62
C LYS E 211 54.59 2.90 -7.72
N ASN E 212 53.42 2.26 -7.66
CA ASN E 212 53.22 1.09 -6.77
C ASN E 212 54.09 -0.15 -7.08
N THR E 213 54.70 -0.20 -8.24
CA THR E 213 55.69 -1.23 -8.55
C THR E 213 56.94 -1.14 -7.70
N ILE E 214 57.28 0.04 -7.22
CA ILE E 214 58.42 0.28 -6.39
C ILE E 214 57.99 0.38 -4.90
N LEU E 215 57.00 1.23 -4.64
CA LEU E 215 56.42 1.43 -3.30
C LEU E 215 55.11 0.63 -3.32
N LYS E 216 55.31 -0.68 -3.26
CA LYS E 216 54.27 -1.70 -3.39
C LYS E 216 53.18 -1.61 -2.35
N ARG E 217 53.53 -1.17 -1.15
CA ARG E 217 52.58 -1.05 -0.06
C ARG E 217 52.02 0.38 0.05
N TYR E 218 52.93 1.35 0.01
CA TYR E 218 52.58 2.73 0.23
C TYR E 218 51.78 3.28 -0.95
N ASP E 219 52.31 3.17 -2.17
CA ASP E 219 51.57 3.55 -3.38
C ASP E 219 50.44 2.55 -3.73
N GLY E 220 50.67 1.27 -3.49
CA GLY E 220 49.64 0.23 -3.62
C GLY E 220 48.34 0.50 -2.84
N ARG E 221 48.44 1.24 -1.73
CA ARG E 221 47.27 1.58 -0.96
C ARG E 221 46.38 2.61 -1.65
N PHE E 222 47.01 3.53 -2.41
CA PHE E 222 46.27 4.47 -3.25
C PHE E 222 45.60 3.73 -4.39
N LYS E 223 46.34 2.84 -5.05
CA LYS E 223 45.76 2.08 -6.14
C LYS E 223 44.57 1.31 -5.59
N ASP E 224 44.82 0.59 -4.50
CA ASP E 224 43.82 -0.24 -3.85
C ASP E 224 42.59 0.50 -3.41
N ILE E 225 42.76 1.65 -2.78
CA ILE E 225 41.61 2.41 -2.30
C ILE E 225 40.73 2.89 -3.47
N PHE E 226 41.37 3.49 -4.47
CA PHE E 226 40.69 3.97 -5.69
C PHE E 226 39.97 2.86 -6.46
N ALA E 227 40.66 1.74 -6.70
CA ALA E 227 40.07 0.57 -7.39
C ALA E 227 38.84 0.09 -6.66
N GLU E 228 39.03 -0.07 -5.35
CA GLU E 228 37.99 -0.46 -4.38
C GLU E 228 36.79 0.50 -4.40
N MET E 229 37.08 1.79 -4.37
CA MET E 229 36.02 2.80 -4.30
C MET E 229 35.26 2.91 -5.62
N TYR E 230 36.01 2.86 -6.72
CA TYR E 230 35.42 2.82 -8.05
C TYR E 230 34.38 1.71 -8.21
N LYS E 231 34.80 0.49 -7.85
CA LYS E 231 34.00 -0.74 -7.97
C LYS E 231 32.67 -0.66 -7.23
N ALA E 232 32.72 -0.25 -5.97
CA ALA E 232 31.52 -0.23 -5.12
C ALA E 232 30.62 0.98 -5.27
N SER E 233 31.14 2.08 -5.81
CA SER E 233 30.42 3.36 -5.79
C SER E 233 30.29 4.08 -7.13
N TYR E 234 31.33 4.08 -7.99
CA TYR E 234 31.35 4.96 -9.17
C TYR E 234 31.23 4.33 -10.53
N GLU E 235 31.62 3.07 -10.66
CA GLU E 235 31.72 2.42 -11.97
C GLU E 235 30.39 2.40 -12.73
N ALA E 236 29.29 2.10 -12.06
CA ALA E 236 28.02 2.00 -12.78
C ALA E 236 27.56 3.37 -13.36
N ASP E 237 27.72 4.42 -12.56
CA ASP E 237 27.39 5.80 -13.02
C ASP E 237 28.37 6.33 -14.07
N TYR E 238 29.64 5.94 -13.93
CA TYR E 238 30.69 6.26 -14.89
C TYR E 238 30.37 5.68 -16.28
N LYS E 239 30.12 4.38 -16.30
CA LYS E 239 29.81 3.62 -17.52
C LYS E 239 28.57 4.17 -18.27
N LYS E 240 27.56 4.56 -17.50
CA LYS E 240 26.32 5.15 -18.00
C LYS E 240 26.60 6.50 -18.68
N ALA E 241 27.55 7.25 -18.09
CA ALA E 241 28.02 8.53 -18.60
C ALA E 241 29.09 8.49 -19.73
N GLY E 242 29.46 7.30 -20.20
CA GLY E 242 30.50 7.15 -21.24
C GLY E 242 31.88 7.59 -20.78
N ILE E 243 32.18 7.39 -19.49
CA ILE E 243 33.48 7.70 -18.90
C ILE E 243 34.01 6.48 -18.16
N TRP E 244 35.25 6.60 -17.67
CA TRP E 244 35.95 5.51 -16.95
C TRP E 244 37.04 6.00 -15.96
N TYR E 245 37.44 5.11 -15.05
CA TYR E 245 38.60 5.31 -14.17
C TYR E 245 39.65 4.25 -14.54
N GLU E 246 40.92 4.58 -14.40
CA GLU E 246 42.02 3.65 -14.68
C GLU E 246 43.24 4.12 -13.92
N HIS E 247 43.97 3.18 -13.34
CA HIS E 247 45.27 3.47 -12.79
C HIS E 247 46.28 3.36 -13.91
N ARG E 248 47.28 4.22 -13.85
CA ARG E 248 48.48 4.10 -14.66
C ARG E 248 49.68 4.41 -13.81
N LEU E 249 50.78 3.71 -14.09
CA LEU E 249 52.04 4.02 -13.47
C LEU E 249 52.45 5.41 -13.96
N ILE E 250 53.06 6.15 -13.06
CA ILE E 250 53.43 7.52 -13.34
C ILE E 250 54.18 7.62 -14.67
N ASP E 251 55.16 6.73 -14.88
CA ASP E 251 55.89 6.67 -16.16
C ASP E 251 54.90 6.73 -17.32
N ASP E 252 54.00 5.78 -17.33
CA ASP E 252 53.00 5.66 -18.38
C ASP E 252 52.11 6.92 -18.38
N MET E 253 51.73 7.42 -17.19
CA MET E 253 50.76 8.54 -17.11
C MET E 253 51.29 9.84 -17.70
N VAL E 254 52.56 10.15 -17.44
CA VAL E 254 53.12 11.43 -17.93
C VAL E 254 53.36 11.35 -19.44
N ALA E 255 53.74 10.18 -19.94
CA ALA E 255 53.87 9.96 -21.36
C ALA E 255 52.49 10.07 -21.97
N TYR E 256 51.50 9.40 -21.39
CA TYR E 256 50.14 9.58 -21.87
C TYR E 256 49.74 11.05 -21.89
N ALA E 257 50.00 11.76 -20.79
CA ALA E 257 49.60 13.18 -20.65
C ALA E 257 50.16 14.04 -21.76
N MET E 258 51.47 14.00 -21.94
CA MET E 258 52.17 14.66 -23.07
C MET E 258 51.54 14.41 -24.49
N LYS E 259 51.12 13.19 -24.80
CA LYS E 259 50.55 12.89 -26.11
C LYS E 259 49.03 12.90 -26.12
N SER E 260 48.44 13.11 -24.94
CA SER E 260 46.98 13.10 -24.76
C SER E 260 46.39 14.30 -25.47
N GLU E 261 45.08 14.30 -25.64
CA GLU E 261 44.44 15.51 -26.10
C GLU E 261 43.56 16.13 -25.03
N GLY E 262 43.87 15.83 -23.78
CA GLY E 262 43.19 16.38 -22.65
C GLY E 262 41.78 15.95 -22.42
N GLY E 263 41.09 16.63 -21.55
CA GLY E 263 39.73 16.28 -21.25
C GLY E 263 39.54 15.21 -20.23
N TYR E 264 40.48 15.13 -19.30
CA TYR E 264 40.42 14.18 -18.24
C TYR E 264 40.83 14.80 -16.94
N VAL E 265 40.48 14.15 -15.87
CA VAL E 265 40.88 14.57 -14.57
C VAL E 265 42.04 13.65 -14.19
N TRP E 266 43.16 14.23 -13.76
CA TRP E 266 44.29 13.45 -13.39
C TRP E 266 44.51 13.53 -11.90
N ALA E 267 44.22 12.46 -11.20
CA ALA E 267 44.41 12.40 -9.78
C ALA E 267 45.87 12.13 -9.50
N CYS E 268 46.49 12.98 -8.72
CA CYS E 268 47.90 12.84 -8.42
C CYS E 268 48.10 12.69 -6.91
N LYS E 269 49.02 11.79 -6.51
CA LYS E 269 49.66 11.90 -5.19
C LYS E 269 50.20 13.32 -5.07
N ASN E 270 50.43 13.75 -3.82
CA ASN E 270 50.78 15.14 -3.48
C ASN E 270 51.94 15.70 -4.29
N TYR E 271 53.03 14.92 -4.37
CA TYR E 271 54.28 15.34 -5.02
C TYR E 271 54.09 15.44 -6.52
N ASP E 272 53.52 14.40 -7.09
CA ASP E 272 53.26 14.36 -8.52
C ASP E 272 52.50 15.60 -8.92
N GLY E 273 51.41 15.88 -8.20
CA GLY E 273 50.50 16.96 -8.58
C GLY E 273 51.14 18.30 -8.40
N ASP E 274 52.08 18.36 -7.48
CA ASP E 274 52.89 19.55 -7.29
C ASP E 274 53.70 19.87 -8.55
N VAL E 275 54.39 18.85 -9.07
CA VAL E 275 55.32 19.00 -10.17
C VAL E 275 54.62 19.13 -11.50
N GLN E 276 53.69 18.21 -11.74
CA GLN E 276 53.02 18.11 -13.03
C GLN E 276 52.00 19.20 -13.28
N SER E 277 51.55 19.89 -12.23
CA SER E 277 50.65 21.02 -12.41
C SER E 277 51.41 22.20 -13.03
N ASP E 278 52.71 22.29 -12.78
CA ASP E 278 53.53 23.33 -13.42
C ASP E 278 53.89 22.98 -14.86
N SER E 279 54.31 21.74 -15.06
CA SER E 279 54.51 21.22 -16.40
C SER E 279 53.26 21.44 -17.26
N VAL E 280 52.11 21.12 -16.70
CA VAL E 280 50.83 21.31 -17.39
C VAL E 280 50.51 22.79 -17.63
N ALA E 281 50.73 23.67 -16.64
CA ALA E 281 50.52 25.13 -16.80
C ALA E 281 51.38 25.73 -17.93
N GLN E 282 52.65 25.36 -17.97
CA GLN E 282 53.56 25.89 -19.01
C GLN E 282 53.21 25.37 -20.42
N GLY E 283 52.96 24.07 -20.51
CA GLY E 283 52.47 23.44 -21.74
C GLY E 283 51.21 24.08 -22.32
N PHE E 284 50.29 24.51 -21.47
CA PHE E 284 49.13 25.30 -21.93
C PHE E 284 49.46 26.78 -22.23
N GLY E 285 50.54 27.33 -21.64
CA GLY E 285 51.08 28.64 -22.04
C GLY E 285 51.84 29.46 -21.00
N SER E 286 51.39 29.42 -19.75
CA SER E 286 52.05 30.18 -18.71
C SER E 286 51.74 29.62 -17.34
N LEU E 287 52.72 29.67 -16.45
CA LEU E 287 52.46 29.44 -15.02
C LEU E 287 51.37 30.37 -14.53
N GLY E 288 51.43 31.61 -15.03
CA GLY E 288 50.40 32.62 -14.81
C GLY E 288 48.97 32.26 -15.19
N LEU E 289 48.80 31.26 -16.05
CA LEU E 289 47.47 30.83 -16.50
C LEU E 289 47.03 29.51 -15.88
N MET E 290 46.69 29.55 -14.61
CA MET E 290 46.21 28.35 -13.89
C MET E 290 45.40 28.69 -12.63
N THR E 291 44.31 27.94 -12.44
CA THR E 291 43.50 27.97 -11.24
C THR E 291 43.98 26.88 -10.29
N SER E 292 44.02 27.22 -9.00
CA SER E 292 44.40 26.29 -7.94
C SER E 292 43.50 26.48 -6.74
N VAL E 293 42.61 25.52 -6.53
CA VAL E 293 41.54 25.63 -5.54
C VAL E 293 41.56 24.40 -4.64
N LEU E 294 42.02 24.57 -3.40
CA LEU E 294 41.91 23.54 -2.37
C LEU E 294 40.47 23.39 -1.88
N MET E 295 39.98 22.16 -1.99
CA MET E 295 38.58 21.82 -1.82
C MET E 295 38.46 20.84 -0.66
N SER E 296 37.57 21.17 0.27
CA SER E 296 37.27 20.28 1.38
C SER E 296 36.55 19.05 0.88
N PRO E 297 36.66 17.94 1.62
CA PRO E 297 35.86 16.78 1.31
C PRO E 297 34.35 17.09 1.21
N ASP E 298 33.84 17.95 2.08
CA ASP E 298 32.40 18.22 2.10
C ASP E 298 31.94 19.40 1.24
N GLY E 299 32.87 20.05 0.51
CA GLY E 299 32.52 21.17 -0.36
C GLY E 299 32.29 22.53 0.29
N ARG E 300 32.25 22.59 1.63
CA ARG E 300 31.91 23.82 2.34
C ARG E 300 33.14 24.74 2.47
N THR E 301 34.35 24.18 2.64
CA THR E 301 35.59 25.00 2.68
C THR E 301 36.39 24.97 1.36
N VAL E 302 36.89 26.15 0.98
CA VAL E 302 37.65 26.38 -0.24
C VAL E 302 38.83 27.29 0.12
N GLU E 303 40.04 26.98 -0.35
CA GLU E 303 41.14 27.95 -0.34
C GLU E 303 41.68 28.06 -1.73
N ALA E 304 41.44 29.20 -2.36
CA ALA E 304 41.96 29.53 -3.66
C ALA E 304 43.34 30.19 -3.55
N GLU E 305 44.18 29.96 -4.53
CA GLU E 305 45.59 30.34 -4.45
C GLU E 305 46.25 30.41 -5.79
N ALA E 306 47.40 31.05 -5.82
CA ALA E 306 48.27 31.00 -6.97
C ALA E 306 49.11 29.77 -6.77
N ALA E 307 49.12 28.87 -7.76
CA ALA E 307 49.94 27.66 -7.70
C ALA E 307 51.43 27.94 -7.86
N HIS E 308 51.77 28.94 -8.66
CA HIS E 308 53.18 29.32 -8.87
C HIS E 308 53.71 30.04 -7.62
N GLY E 309 55.01 30.36 -7.67
CA GLY E 309 55.64 31.08 -6.60
C GLY E 309 55.66 32.60 -6.72
N THR E 310 56.58 33.19 -5.98
CA THR E 310 56.62 34.60 -5.75
C THR E 310 57.37 35.34 -6.86
N VAL E 311 57.98 34.61 -7.80
CA VAL E 311 58.61 35.19 -9.00
C VAL E 311 59.73 36.18 -8.61
N THR E 312 60.49 35.77 -7.61
CA THR E 312 61.70 36.40 -7.14
C THR E 312 62.49 37.14 -8.19
N ARG E 313 62.76 36.49 -9.33
CA ARG E 313 63.60 37.11 -10.36
C ARG E 313 62.95 38.34 -10.96
N HIS E 314 61.61 38.33 -11.08
CA HIS E 314 60.89 39.55 -11.45
C HIS E 314 61.00 40.57 -10.35
N TYR E 315 60.84 40.13 -9.11
CA TYR E 315 60.90 41.04 -7.97
C TYR E 315 62.25 41.79 -7.88
N ARG E 316 63.38 41.12 -8.15
CA ARG E 316 64.69 41.81 -8.21
C ARG E 316 64.70 43.03 -9.16
N GLN E 317 64.19 42.87 -10.38
CA GLN E 317 63.96 44.02 -11.30
C GLN E 317 63.11 45.13 -10.62
N HIS E 318 61.90 44.75 -10.18
CA HIS E 318 60.99 45.64 -9.44
C HIS E 318 61.67 46.49 -8.37
N GLN E 319 62.47 45.84 -7.52
CA GLN E 319 63.26 46.51 -6.48
C GLN E 319 64.32 47.49 -6.98
N LYS E 320 64.91 47.19 -8.13
CA LYS E 320 65.88 48.08 -8.78
C LYS E 320 65.20 49.29 -9.45
N GLY E 321 63.88 49.39 -9.36
CA GLY E 321 63.14 50.45 -10.00
C GLY E 321 63.12 50.23 -11.49
N GLU E 322 63.22 48.98 -11.92
CA GLU E 322 63.21 48.65 -13.35
C GLU E 322 61.97 47.87 -13.74
N GLU E 323 61.78 47.72 -15.04
CA GLU E 323 60.50 47.34 -15.65
C GLU E 323 60.20 45.82 -15.64
N THR E 324 58.99 45.46 -15.20
CA THR E 324 58.55 44.07 -15.16
C THR E 324 57.34 43.81 -16.04
N SER E 325 57.12 42.54 -16.33
CA SER E 325 55.87 42.10 -16.95
C SER E 325 55.43 40.71 -16.44
N THR E 326 54.85 40.75 -15.24
CA THR E 326 54.53 39.58 -14.43
C THR E 326 53.07 39.26 -14.59
N ASN E 327 52.76 38.04 -14.94
CA ASN E 327 51.37 37.69 -15.18
C ASN E 327 50.56 37.66 -13.86
N PRO E 328 49.53 38.52 -13.74
CA PRO E 328 48.72 38.51 -12.52
C PRO E 328 47.50 37.55 -12.54
N VAL E 329 47.30 36.77 -13.61
CA VAL E 329 45.99 36.10 -13.84
C VAL E 329 45.66 35.01 -12.81
N ALA E 330 46.63 34.14 -12.52
CA ALA E 330 46.51 33.17 -11.43
C ALA E 330 46.17 33.85 -10.12
N SER E 331 46.85 34.97 -9.85
CA SER E 331 46.58 35.75 -8.64
C SER E 331 45.17 36.30 -8.60
N ILE E 332 44.71 36.87 -9.71
CA ILE E 332 43.36 37.43 -9.78
C ILE E 332 42.36 36.32 -9.65
N PHE E 333 42.63 35.19 -10.31
CA PHE E 333 41.70 34.05 -10.27
C PHE E 333 41.62 33.36 -8.92
N ALA E 334 42.69 33.43 -8.14
CA ALA E 334 42.56 33.01 -6.74
C ALA E 334 41.39 33.78 -6.09
N TRP E 335 41.44 35.11 -6.16
CA TRP E 335 40.35 35.99 -5.65
C TRP E 335 38.98 35.63 -6.20
N THR E 336 38.83 35.51 -7.51
CA THR E 336 37.50 35.29 -8.09
C THR E 336 36.88 33.98 -7.59
N ARG E 337 37.67 32.90 -7.55
CA ARG E 337 37.16 31.57 -7.16
C ARG E 337 36.86 31.52 -5.67
N GLY E 338 37.62 32.27 -4.87
CA GLY E 338 37.30 32.42 -3.46
C GLY E 338 35.97 33.13 -3.32
N LEU E 339 35.84 34.26 -4.00
CA LEU E 339 34.62 35.05 -4.00
C LEU E 339 33.41 34.27 -4.58
N MET E 340 33.65 33.47 -5.60
CA MET E 340 32.58 32.62 -6.16
C MET E 340 32.01 31.71 -5.07
N HIS E 341 32.91 31.15 -4.27
CA HIS E 341 32.55 30.25 -3.20
C HIS E 341 32.04 30.97 -1.94
N ARG E 342 32.59 32.16 -1.66
CA ARG E 342 31.99 33.10 -0.70
C ARG E 342 30.52 33.34 -1.06
N GLY E 343 30.29 33.71 -2.32
CA GLY E 343 28.95 33.91 -2.87
C GLY E 343 28.05 32.68 -2.77
N LYS E 344 28.61 31.52 -3.10
CA LYS E 344 27.87 30.26 -3.03
C LYS E 344 27.44 29.93 -1.59
N LEU E 345 28.30 30.21 -0.61
CA LEU E 345 27.95 30.02 0.81
C LEU E 345 26.93 31.05 1.31
N ASP E 346 27.00 32.27 0.78
CA ASP E 346 26.06 33.34 1.19
C ASP E 346 24.74 33.35 0.41
N GLN E 347 24.61 32.53 -0.62
CA GLN E 347 23.45 32.59 -1.51
C GLN E 347 23.31 34.00 -2.08
N ASN E 348 24.42 34.54 -2.55
CA ASN E 348 24.57 35.91 -3.05
C ASN E 348 25.06 35.87 -4.51
N GLU E 349 24.10 35.88 -5.44
CA GLU E 349 24.40 35.71 -6.84
C GLU E 349 24.90 37.01 -7.49
N LYS E 350 24.76 38.15 -6.80
CA LYS E 350 25.46 39.37 -7.21
C LYS E 350 26.97 39.10 -7.15
N LEU E 351 27.42 38.58 -6.01
CA LEU E 351 28.84 38.25 -5.80
C LEU E 351 29.35 37.21 -6.82
N VAL E 352 28.56 36.17 -7.05
CA VAL E 352 28.95 35.15 -8.04
C VAL E 352 29.13 35.73 -9.46
N GLN E 353 28.15 36.49 -9.92
CA GLN E 353 28.23 37.12 -11.24
C GLN E 353 29.42 38.04 -11.36
N PHE E 354 29.75 38.75 -10.27
CA PHE E 354 30.94 39.60 -10.25
C PHE E 354 32.17 38.73 -10.54
N SER E 355 32.29 37.65 -9.78
CA SER E 355 33.42 36.72 -9.91
C SER E 355 33.59 36.27 -11.36
N MET E 356 32.52 35.78 -11.97
CA MET E 356 32.52 35.35 -13.38
C MET E 356 32.87 36.49 -14.35
N LEU E 357 32.28 37.66 -14.12
CA LEU E 357 32.56 38.87 -14.95
C LEU E 357 34.03 39.29 -14.89
N LEU E 358 34.64 39.28 -13.71
CA LEU E 358 36.06 39.60 -13.60
C LEU E 358 36.93 38.57 -14.37
N GLU E 359 36.60 37.29 -14.26
CA GLU E 359 37.29 36.24 -15.08
C GLU E 359 37.10 36.44 -16.57
N LYS E 360 35.86 36.67 -16.98
CA LYS E 360 35.52 37.00 -18.37
C LYS E 360 36.35 38.19 -18.89
N VAL E 361 36.46 39.26 -18.11
CA VAL E 361 37.22 40.48 -18.47
C VAL E 361 38.75 40.28 -18.59
N VAL E 362 39.35 39.52 -17.67
CA VAL E 362 40.77 39.18 -17.75
C VAL E 362 40.98 38.43 -19.05
N VAL E 363 40.18 37.38 -19.25
CA VAL E 363 40.31 36.53 -20.45
C VAL E 363 40.07 37.33 -21.72
N SER E 364 38.96 38.06 -21.78
CA SER E 364 38.59 38.88 -22.95
C SER E 364 39.67 39.89 -23.33
N THR E 365 40.25 40.55 -22.34
CA THR E 365 41.32 41.52 -22.55
C THR E 365 42.59 40.90 -23.12
N ILE E 366 42.97 39.70 -22.64
CA ILE E 366 44.13 39.00 -23.23
C ILE E 366 43.85 38.68 -24.69
N GLU E 367 42.58 38.36 -24.97
CA GLU E 367 42.14 37.96 -26.31
C GLU E 367 41.97 39.13 -27.31
N ALA E 368 41.99 40.37 -26.82
CA ALA E 368 42.15 41.56 -27.67
C ALA E 368 43.60 42.00 -27.89
N GLY E 369 44.58 41.22 -27.45
CA GLY E 369 45.99 41.55 -27.68
C GLY E 369 46.70 42.23 -26.51
N PHE E 370 45.96 42.54 -25.44
CA PHE E 370 46.56 43.18 -24.25
C PHE E 370 47.04 42.08 -23.28
N MET E 371 48.35 42.03 -23.00
CA MET E 371 48.91 40.90 -22.24
C MET E 371 50.30 41.13 -21.72
N THR E 372 50.68 40.33 -20.72
CA THR E 372 52.03 40.38 -20.14
C THR E 372 53.01 39.62 -21.02
N LYS E 373 54.30 39.81 -20.72
CA LYS E 373 55.39 39.32 -21.59
C LYS E 373 55.40 37.82 -21.79
N ASP E 374 55.03 37.06 -20.78
CA ASP E 374 54.98 35.61 -20.92
C ASP E 374 53.99 35.16 -22.02
N LEU E 375 52.80 35.75 -22.08
CA LEU E 375 51.83 35.39 -23.12
C LEU E 375 52.28 35.85 -24.50
N ALA E 376 52.97 36.99 -24.55
CA ALA E 376 53.57 37.49 -25.78
C ALA E 376 54.64 36.54 -26.31
N ILE E 377 55.48 36.00 -25.42
CA ILE E 377 56.48 35.00 -25.80
C ILE E 377 55.82 33.77 -26.45
N CYS E 378 54.71 33.26 -25.90
CA CYS E 378 54.02 32.12 -26.54
C CYS E 378 53.70 32.48 -27.96
N ILE E 379 53.08 33.65 -28.14
CA ILE E 379 52.59 34.07 -29.46
C ILE E 379 53.71 34.25 -30.46
N LYS E 380 54.69 35.06 -30.09
CA LYS E 380 55.84 35.30 -30.94
C LYS E 380 56.77 34.14 -30.57
N GLY E 381 58.07 34.38 -30.40
CA GLY E 381 58.93 33.43 -29.67
C GLY E 381 59.86 34.21 -28.76
N MET E 382 60.64 33.47 -28.00
CA MET E 382 61.68 33.98 -27.08
C MET E 382 62.68 35.00 -27.68
N ASN E 383 62.85 34.99 -29.00
CA ASN E 383 63.79 35.90 -29.69
C ASN E 383 63.15 36.92 -30.65
N HIS E 384 61.83 36.83 -30.88
CA HIS E 384 61.07 37.80 -31.70
C HIS E 384 59.97 38.48 -30.91
N VAL E 385 60.13 38.55 -29.60
CA VAL E 385 59.26 39.36 -28.77
C VAL E 385 59.92 40.72 -28.72
N THR E 386 59.10 41.76 -28.69
CA THR E 386 59.58 43.13 -28.58
C THR E 386 58.66 43.90 -27.61
N ARG E 387 59.11 45.07 -27.18
CA ARG E 387 58.42 45.82 -26.14
C ARG E 387 56.98 46.19 -26.57
N SER E 388 56.75 46.42 -27.87
CA SER E 388 55.39 46.69 -28.38
C SER E 388 54.40 45.55 -28.26
N ASP E 389 54.89 44.32 -28.21
CA ASP E 389 54.04 43.12 -28.12
C ASP E 389 53.33 42.90 -26.78
N TYR E 390 53.63 43.72 -25.75
CA TYR E 390 53.13 43.49 -24.39
C TYR E 390 53.03 44.75 -23.50
N LEU E 391 52.17 44.68 -22.49
CA LEU E 391 52.08 45.66 -21.40
C LEU E 391 52.98 45.23 -20.23
N ASN E 392 53.48 46.18 -19.43
CA ASN E 392 54.22 45.84 -18.19
C ASN E 392 53.25 45.54 -17.03
N THR E 393 53.74 45.07 -15.88
CA THR E 393 52.84 44.67 -14.78
C THR E 393 51.75 45.68 -14.46
N GLN E 394 52.14 46.95 -14.40
CA GLN E 394 51.24 48.01 -13.95
C GLN E 394 50.22 48.34 -15.02
N GLU E 395 50.70 48.72 -16.20
CA GLU E 395 49.91 48.76 -17.43
C GLU E 395 48.89 47.63 -17.61
N PHE E 396 49.28 46.36 -17.44
CA PHE E 396 48.29 45.26 -17.64
C PHE E 396 47.14 45.37 -16.65
N ILE E 397 47.46 45.53 -15.39
CA ILE E 397 46.46 45.63 -14.39
C ILE E 397 45.63 46.86 -14.58
N HIS E 398 46.25 47.98 -14.92
CA HIS E 398 45.53 49.21 -15.18
C HIS E 398 44.61 48.98 -16.34
N LYS E 399 45.09 48.26 -17.32
CA LYS E 399 44.29 47.96 -18.47
C LYS E 399 43.06 47.16 -18.09
N LEU E 400 43.21 46.19 -17.20
CA LEU E 400 42.16 45.35 -16.72
C LEU E 400 41.12 46.10 -15.91
N ALA E 401 41.62 47.00 -15.08
CA ALA E 401 40.81 47.81 -14.21
C ALA E 401 39.91 48.74 -14.97
N ASP E 402 40.45 49.37 -15.99
CA ASP E 402 39.68 50.28 -16.77
C ASP E 402 38.60 49.51 -17.46
N GLU E 403 38.96 48.33 -17.92
CA GLU E 403 38.05 47.43 -18.56
C GLU E 403 36.99 46.88 -17.66
N MET E 404 37.39 46.52 -16.46
CA MET E 404 36.50 45.96 -15.49
C MET E 404 35.49 46.99 -15.04
N ARG E 405 35.96 48.20 -14.85
CA ARG E 405 35.10 49.24 -14.39
C ARG E 405 33.96 49.44 -15.35
N LYS E 406 34.25 49.42 -16.64
CA LYS E 406 33.23 49.59 -17.63
C LYS E 406 32.20 48.48 -17.60
N ALA E 407 32.66 47.26 -17.46
CA ALA E 407 31.78 46.13 -17.45
C ALA E 407 30.84 46.09 -16.29
N TYR E 408 31.33 46.46 -15.13
CA TYR E 408 30.53 46.46 -13.95
C TYR E 408 29.44 47.48 -14.09
N GLU E 409 29.80 48.63 -14.62
CA GLU E 409 28.79 49.69 -14.86
C GLU E 409 27.78 49.25 -15.94
N ARG E 410 28.27 48.54 -16.97
CA ARG E 410 27.41 47.95 -18.00
C ARG E 410 26.47 46.88 -17.40
N SER E 411 26.98 46.08 -16.47
CA SER E 411 26.17 45.06 -15.78
C SER E 411 25.16 45.71 -14.82
N LYS E 412 23.91 45.29 -14.91
CA LYS E 412 22.80 45.67 -13.97
C LYS E 412 22.60 47.16 -13.57
N ILE E 413 22.98 48.11 -14.45
CA ILE E 413 22.60 49.55 -14.35
C ILE E 413 21.94 49.92 -13.01
N SER F 1 76.38 -17.13 -37.55
CA SER F 1 76.19 -15.91 -38.28
C SER F 1 77.30 -15.04 -37.76
N GLN F 2 77.77 -14.09 -38.56
CA GLN F 2 78.87 -13.23 -38.16
C GLN F 2 79.52 -12.53 -39.30
N LYS F 3 80.63 -11.94 -38.96
CA LYS F 3 81.60 -11.31 -39.91
C LYS F 3 82.60 -10.43 -39.11
N ILE F 4 82.10 -9.47 -38.34
CA ILE F 4 82.95 -8.77 -37.36
C ILE F 4 83.15 -9.71 -36.18
N LYS F 5 84.35 -9.71 -35.65
CA LYS F 5 84.72 -10.58 -34.56
C LYS F 5 84.96 -9.75 -33.32
N VAL F 6 84.26 -10.08 -32.27
CA VAL F 6 84.39 -9.35 -31.04
C VAL F 6 84.96 -10.28 -30.01
N ALA F 7 85.89 -9.78 -29.24
CA ALA F 7 86.56 -10.57 -28.27
C ALA F 7 85.97 -10.62 -26.90
N GLY F 8 85.71 -9.44 -26.34
CA GLY F 8 85.20 -9.24 -24.99
C GLY F 8 83.79 -9.68 -24.93
N THR F 9 83.28 -9.93 -23.75
CA THR F 9 81.91 -10.42 -23.64
C THR F 9 80.82 -9.40 -23.34
N VAL F 10 79.69 -9.53 -24.00
CA VAL F 10 78.56 -8.66 -23.79
C VAL F 10 77.57 -9.43 -22.91
N VAL F 11 77.19 -8.87 -21.78
CA VAL F 11 76.25 -9.51 -20.90
C VAL F 11 74.85 -9.08 -21.33
N GLU F 12 74.08 -10.04 -21.75
CA GLU F 12 72.75 -9.81 -22.24
C GLU F 12 71.76 -10.16 -21.11
N LEU F 13 70.85 -9.26 -20.82
CA LEU F 13 69.80 -9.46 -19.83
C LEU F 13 68.46 -9.51 -20.57
N ASP F 14 67.85 -10.70 -20.61
CA ASP F 14 66.54 -10.88 -21.27
C ASP F 14 65.46 -10.42 -20.30
N GLY F 15 64.29 -10.10 -20.84
CA GLY F 15 63.18 -9.49 -20.09
C GLY F 15 61.83 -10.02 -20.51
N ASP F 16 60.82 -9.17 -20.65
CA ASP F 16 59.44 -9.67 -20.64
C ASP F 16 58.57 -9.10 -21.72
N GLU F 17 57.44 -9.79 -21.90
CA GLU F 17 56.30 -9.33 -22.71
C GLU F 17 56.74 -8.78 -24.08
N MET F 18 56.17 -7.67 -24.56
CA MET F 18 56.35 -7.28 -25.94
C MET F 18 57.81 -6.96 -26.25
N THR F 19 58.53 -6.37 -25.28
CA THR F 19 60.00 -6.20 -25.41
C THR F 19 60.78 -7.50 -25.50
N ARG F 20 60.33 -8.57 -24.84
CA ARG F 20 60.99 -9.91 -25.04
C ARG F 20 60.82 -10.40 -26.45
N VAL F 21 59.63 -10.26 -27.03
CA VAL F 21 59.42 -10.58 -28.44
C VAL F 21 60.44 -9.84 -29.34
N ILE F 22 60.52 -8.54 -29.14
CA ILE F 22 61.29 -7.60 -29.96
C ILE F 22 62.81 -7.71 -29.79
N TRP F 23 63.24 -8.01 -28.57
CA TRP F 23 64.62 -8.36 -28.28
C TRP F 23 65.11 -9.52 -29.16
N LYS F 24 64.32 -10.59 -29.25
CA LYS F 24 64.71 -11.78 -30.00
C LYS F 24 64.87 -11.48 -31.50
N MET F 25 63.88 -10.78 -32.06
CA MET F 25 63.94 -10.33 -33.45
C MET F 25 65.18 -9.44 -33.72
N ILE F 26 65.46 -8.47 -32.83
CA ILE F 26 66.69 -7.66 -32.90
C ILE F 26 67.99 -8.50 -32.98
N LYS F 27 68.06 -9.60 -32.24
CA LYS F 27 69.23 -10.48 -32.29
C LYS F 27 69.31 -11.33 -33.60
N GLU F 28 68.21 -11.96 -33.99
CA GLU F 28 68.18 -12.79 -35.24
C GLU F 28 68.46 -12.01 -36.50
N GLU F 29 67.95 -10.79 -36.55
CA GLU F 29 67.84 -10.03 -37.78
C GLU F 29 68.79 -8.86 -37.89
N LEU F 30 69.12 -8.21 -36.75
CA LEU F 30 69.94 -6.99 -36.75
C LEU F 30 71.32 -7.11 -36.11
N ILE F 31 71.54 -8.07 -35.21
CA ILE F 31 72.83 -8.20 -34.51
C ILE F 31 73.65 -9.42 -34.98
N PHE F 32 73.16 -10.62 -34.69
CA PHE F 32 73.91 -11.88 -34.93
C PHE F 32 74.36 -12.16 -36.38
N PRO F 33 73.57 -11.75 -37.40
CA PRO F 33 74.06 -11.82 -38.81
C PRO F 33 75.40 -11.14 -39.12
N PHE F 34 75.71 -10.03 -38.44
CA PHE F 34 76.93 -9.26 -38.68
C PHE F 34 78.00 -9.43 -37.60
N LEU F 35 77.59 -9.89 -36.42
CA LEU F 35 78.45 -9.91 -35.26
C LEU F 35 78.64 -11.32 -34.81
N ASP F 36 79.91 -11.72 -34.72
CA ASP F 36 80.28 -12.93 -34.05
C ASP F 36 80.63 -12.49 -32.66
N VAL F 37 79.77 -12.80 -31.71
CA VAL F 37 79.82 -12.15 -30.40
C VAL F 37 79.52 -13.15 -29.28
N PRO F 38 80.32 -13.14 -28.19
CA PRO F 38 80.09 -14.07 -27.08
C PRO F 38 79.17 -13.46 -26.03
N ILE F 39 77.97 -14.02 -25.94
CA ILE F 39 76.94 -13.58 -25.02
C ILE F 39 77.07 -14.40 -23.73
N GLU F 40 77.15 -13.71 -22.59
CA GLU F 40 76.92 -14.35 -21.30
C GLU F 40 75.50 -13.97 -20.91
N TYR F 41 74.60 -14.95 -21.01
CA TYR F 41 73.16 -14.72 -21.07
C TYR F 41 72.54 -14.86 -19.68
N TYR F 42 71.78 -13.84 -19.29
CA TYR F 42 70.98 -13.86 -18.05
C TYR F 42 69.54 -13.56 -18.42
N ASP F 43 68.67 -14.49 -18.07
CA ASP F 43 67.27 -14.37 -18.34
C ASP F 43 66.58 -13.72 -17.14
N LEU F 44 66.34 -12.41 -17.22
CA LEU F 44 65.50 -11.74 -16.21
C LEU F 44 64.02 -11.69 -16.63
N GLY F 45 63.59 -12.66 -17.44
CA GLY F 45 62.19 -12.99 -17.52
C GLY F 45 61.64 -13.18 -16.11
N MET F 46 60.40 -12.75 -15.91
CA MET F 46 59.77 -12.79 -14.62
C MET F 46 59.79 -14.21 -14.05
N GLU F 47 59.39 -15.17 -14.88
CA GLU F 47 59.37 -16.63 -14.53
C GLU F 47 60.67 -17.07 -13.89
N ASN F 48 61.78 -16.80 -14.59
CA ASN F 48 63.11 -17.21 -14.12
C ASN F 48 63.64 -16.39 -12.92
N ARG F 49 63.32 -15.10 -12.84
CA ARG F 49 63.63 -14.35 -11.63
C ARG F 49 63.03 -15.01 -10.39
N ASP F 50 61.74 -15.34 -10.45
CA ASP F 50 61.06 -16.03 -9.33
C ASP F 50 61.79 -17.36 -8.96
N LYS F 51 61.95 -18.20 -9.99
CA LYS F 51 62.60 -19.51 -9.86
C LYS F 51 63.95 -19.37 -9.14
N THR F 52 64.72 -18.34 -9.51
CA THR F 52 66.04 -18.11 -8.93
C THR F 52 66.04 -17.30 -7.62
N ASP F 53 64.88 -17.14 -6.96
CA ASP F 53 64.72 -16.22 -5.80
C ASP F 53 65.35 -14.82 -6.05
N ASP F 54 65.27 -14.36 -7.31
CA ASP F 54 65.84 -13.08 -7.77
C ASP F 54 67.38 -13.03 -7.89
N GLN F 55 68.06 -14.16 -7.67
CA GLN F 55 69.51 -14.27 -7.75
C GLN F 55 70.05 -14.10 -9.19
N VAL F 56 69.27 -14.47 -10.21
CA VAL F 56 69.67 -14.27 -11.61
C VAL F 56 69.83 -12.81 -11.96
N THR F 57 69.08 -11.93 -11.27
CA THR F 57 69.25 -10.48 -11.38
C THR F 57 70.56 -10.02 -10.79
N VAL F 58 70.88 -10.53 -9.61
CA VAL F 58 72.07 -10.14 -8.86
C VAL F 58 73.33 -10.59 -9.59
N ASP F 59 73.33 -11.82 -10.09
CA ASP F 59 74.49 -12.35 -10.80
C ASP F 59 74.75 -11.61 -12.10
N ALA F 60 73.66 -11.14 -12.73
CA ALA F 60 73.71 -10.32 -13.94
C ALA F 60 74.45 -9.00 -13.68
N ALA F 61 74.17 -8.37 -12.54
CA ALA F 61 74.87 -7.13 -12.18
C ALA F 61 76.38 -7.35 -11.98
N HIS F 62 76.76 -8.33 -11.15
CA HIS F 62 78.19 -8.61 -10.90
C HIS F 62 78.92 -9.01 -12.16
N ALA F 63 78.20 -9.62 -13.10
CA ALA F 63 78.75 -9.99 -14.37
C ALA F 63 79.00 -8.77 -15.28
N ILE F 64 78.11 -7.79 -15.23
CA ILE F 64 78.28 -6.54 -15.98
C ILE F 64 79.52 -5.78 -15.49
N LYS F 65 79.78 -5.77 -14.18
CA LYS F 65 81.06 -5.22 -13.66
C LYS F 65 82.27 -5.97 -14.20
N LYS F 66 82.20 -7.29 -14.16
CA LYS F 66 83.29 -8.15 -14.59
C LYS F 66 83.62 -7.81 -16.04
N HIS F 67 82.64 -8.00 -16.92
CA HIS F 67 82.83 -7.89 -18.37
C HIS F 67 82.81 -6.48 -18.95
N GLY F 68 82.23 -5.53 -18.20
CA GLY F 68 82.20 -4.12 -18.60
C GLY F 68 80.97 -3.65 -19.37
N VAL F 69 80.10 -4.54 -19.81
CA VAL F 69 78.98 -4.14 -20.66
C VAL F 69 77.74 -5.03 -20.40
N GLY F 70 76.63 -4.37 -20.09
CA GLY F 70 75.34 -5.00 -20.01
C GLY F 70 74.46 -4.40 -21.07
N VAL F 71 73.67 -5.22 -21.75
CA VAL F 71 72.55 -4.75 -22.55
C VAL F 71 71.30 -5.39 -21.97
N LYS F 72 70.24 -4.60 -21.78
CA LYS F 72 69.06 -5.04 -21.03
C LYS F 72 67.72 -4.82 -21.72
N CYS F 73 66.89 -5.85 -21.64
CA CYS F 73 65.48 -5.80 -22.06
C CYS F 73 64.63 -5.34 -20.89
N ALA F 74 63.74 -4.41 -21.14
CA ALA F 74 62.67 -4.05 -20.20
C ALA F 74 62.12 -5.28 -19.47
N THR F 75 62.01 -5.19 -18.15
CA THR F 75 61.56 -6.27 -17.28
C THR F 75 60.30 -5.87 -16.54
N ILE F 76 59.49 -6.85 -16.16
CA ILE F 76 58.31 -6.60 -15.33
C ILE F 76 58.72 -6.38 -13.88
N THR F 77 58.20 -5.34 -13.24
CA THR F 77 58.37 -5.22 -11.79
C THR F 77 57.05 -5.58 -11.12
N PRO F 78 57.05 -6.69 -10.35
CA PRO F 78 55.82 -7.30 -9.85
C PRO F 78 55.19 -6.60 -8.65
N ASP F 79 53.90 -6.31 -8.76
CA ASP F 79 53.05 -5.95 -7.64
C ASP F 79 52.13 -7.16 -7.40
N GLU F 80 51.04 -6.93 -6.68
CA GLU F 80 50.15 -8.03 -6.32
C GLU F 80 49.52 -8.71 -7.53
N ALA F 81 49.07 -7.92 -8.49
CA ALA F 81 48.39 -8.44 -9.68
C ALA F 81 49.32 -9.32 -10.53
N ARG F 82 50.61 -8.95 -10.57
CA ARG F 82 51.65 -9.73 -11.24
C ARG F 82 51.97 -11.03 -10.48
N VAL F 83 51.93 -10.97 -9.14
CA VAL F 83 52.16 -12.16 -8.30
C VAL F 83 51.10 -13.22 -8.59
N ARG F 84 49.85 -12.77 -8.70
CA ARG F 84 48.72 -13.62 -9.07
C ARG F 84 48.85 -14.21 -10.46
N GLU F 85 49.33 -13.38 -11.39
CA GLU F 85 49.51 -13.72 -12.82
C GLU F 85 50.58 -14.80 -13.11
N PHE F 86 51.76 -14.64 -12.47
CA PHE F 86 52.91 -15.52 -12.69
C PHE F 86 53.15 -16.47 -11.49
N ASN F 87 52.16 -16.59 -10.58
CA ASN F 87 52.28 -17.46 -9.39
C ASN F 87 53.58 -17.24 -8.63
N LEU F 88 53.85 -15.97 -8.31
CA LEU F 88 55.13 -15.60 -7.74
C LEU F 88 55.16 -15.90 -6.27
N LYS F 89 56.37 -16.08 -5.74
CA LYS F 89 56.60 -16.32 -4.32
C LYS F 89 56.53 -15.01 -3.54
N GLN F 90 56.92 -13.93 -4.21
CA GLN F 90 57.17 -12.64 -3.58
C GLN F 90 56.89 -11.53 -4.62
N MET F 91 56.57 -10.32 -4.12
CA MET F 91 56.61 -9.09 -4.91
C MET F 91 58.08 -8.68 -5.00
N TRP F 92 58.80 -9.28 -5.95
CA TRP F 92 60.23 -9.09 -6.13
C TRP F 92 60.51 -7.64 -6.49
N LYS F 93 61.65 -7.11 -6.05
CA LYS F 93 62.05 -5.72 -6.26
C LYS F 93 62.48 -5.47 -7.68
N SER F 94 62.26 -4.27 -8.20
CA SER F 94 62.68 -3.90 -9.56
C SER F 94 64.07 -4.46 -9.86
N PRO F 95 64.23 -5.16 -11.00
CA PRO F 95 65.58 -5.65 -11.37
C PRO F 95 66.53 -4.53 -11.73
N ASN F 96 66.01 -3.52 -12.43
CA ASN F 96 66.75 -2.27 -12.68
C ASN F 96 67.19 -1.63 -11.37
N GLY F 97 66.26 -1.58 -10.41
CA GLY F 97 66.55 -1.16 -9.07
C GLY F 97 67.65 -1.95 -8.43
N THR F 98 67.66 -3.26 -8.69
CA THR F 98 68.66 -4.15 -8.10
C THR F 98 70.05 -3.96 -8.73
N ILE F 99 70.06 -3.72 -10.04
CA ILE F 99 71.28 -3.63 -10.84
C ILE F 99 72.01 -2.31 -10.61
N ARG F 100 71.25 -1.21 -10.54
CA ARG F 100 71.77 0.11 -10.18
C ARG F 100 72.29 0.18 -8.75
N ASN F 101 71.53 -0.34 -7.76
CA ASN F 101 72.03 -0.41 -6.35
C ASN F 101 73.35 -1.21 -6.23
N ILE F 102 73.64 -2.07 -7.22
CA ILE F 102 74.88 -2.85 -7.30
C ILE F 102 75.96 -2.09 -8.08
N LEU F 103 75.63 -1.64 -9.30
CA LEU F 103 76.60 -0.92 -10.16
C LEU F 103 76.87 0.53 -9.72
N GLY F 104 75.82 1.24 -9.35
CA GLY F 104 75.88 2.66 -8.98
C GLY F 104 76.10 3.52 -10.22
N GLY F 105 76.27 4.82 -10.00
CA GLY F 105 76.64 5.78 -11.05
C GLY F 105 75.63 6.89 -11.38
N THR F 106 75.13 6.84 -12.61
CA THR F 106 74.16 7.83 -13.13
C THR F 106 73.64 7.32 -14.46
N VAL F 107 72.32 7.33 -14.65
CA VAL F 107 71.75 6.88 -15.91
C VAL F 107 71.54 8.10 -16.79
N PHE F 108 72.14 8.10 -17.97
CA PHE F 108 72.04 9.22 -18.90
C PHE F 108 71.05 8.89 -19.96
N ARG F 109 69.99 9.70 -20.03
CA ARG F 109 68.87 9.43 -20.92
C ARG F 109 68.78 10.62 -21.88
N GLU F 110 68.43 10.35 -23.12
CA GLU F 110 68.40 11.40 -24.13
C GLU F 110 67.58 10.88 -25.32
N PRO F 111 66.75 11.77 -25.93
CA PRO F 111 65.95 11.37 -27.09
C PRO F 111 66.77 11.06 -28.33
N ILE F 112 66.27 10.13 -29.13
CA ILE F 112 66.82 9.81 -30.46
C ILE F 112 66.05 10.66 -31.48
N MET F 113 66.77 11.59 -32.10
CA MET F 113 66.17 12.61 -32.99
C MET F 113 65.94 12.02 -34.38
N CYS F 114 64.73 12.21 -34.89
CA CYS F 114 64.32 11.84 -36.25
C CYS F 114 63.72 13.08 -36.91
N LYS F 115 64.34 13.54 -38.00
CA LYS F 115 63.99 14.82 -38.64
C LYS F 115 62.54 14.94 -39.10
N ASN F 116 61.90 13.83 -39.45
CA ASN F 116 60.50 13.86 -39.90
C ASN F 116 59.49 13.62 -38.79
N VAL F 117 59.95 13.48 -37.54
CA VAL F 117 59.09 13.32 -36.37
C VAL F 117 58.98 14.65 -35.64
N PRO F 118 57.81 15.36 -35.76
CA PRO F 118 57.70 16.65 -35.09
C PRO F 118 57.58 16.47 -33.59
N ARG F 119 58.36 17.28 -32.88
CA ARG F 119 58.28 17.36 -31.44
C ARG F 119 56.85 17.76 -31.12
N LEU F 120 56.28 17.16 -30.07
CA LEU F 120 54.97 17.55 -29.53
C LEU F 120 55.07 18.90 -28.80
N VAL F 121 56.29 19.26 -28.37
CA VAL F 121 56.57 20.49 -27.65
C VAL F 121 57.25 21.48 -28.62
N THR F 122 56.50 22.50 -29.05
CA THR F 122 56.97 23.39 -30.16
C THR F 122 58.21 24.23 -29.82
N THR F 123 58.54 24.36 -28.53
CA THR F 123 59.73 25.10 -28.16
C THR F 123 61.05 24.34 -28.39
N TRP F 124 61.01 23.00 -28.34
CA TRP F 124 62.24 22.22 -28.25
C TRP F 124 62.91 22.15 -29.61
N LYS F 125 64.18 22.54 -29.62
CA LYS F 125 64.97 22.61 -30.84
C LYS F 125 66.11 21.63 -30.72
N HIS F 126 66.82 21.71 -29.62
CA HIS F 126 67.97 20.87 -29.35
C HIS F 126 67.59 19.77 -28.36
N PRO F 127 68.42 18.72 -28.29
CA PRO F 127 68.12 17.66 -27.31
C PRO F 127 68.29 18.07 -25.83
N ILE F 128 67.43 17.52 -24.98
CA ILE F 128 67.58 17.57 -23.53
C ILE F 128 68.24 16.25 -23.12
N VAL F 129 69.36 16.30 -22.40
CA VAL F 129 69.92 15.09 -21.77
C VAL F 129 69.64 15.11 -20.26
N ILE F 130 69.10 14.00 -19.76
CA ILE F 130 68.82 13.86 -18.33
C ILE F 130 69.87 12.93 -17.71
N GLY F 131 70.54 13.40 -16.67
CA GLY F 131 71.36 12.57 -15.80
C GLY F 131 70.55 12.15 -14.60
N ARG F 132 70.13 10.88 -14.59
CA ARG F 132 69.32 10.34 -13.49
C ARG F 132 70.15 9.64 -12.43
N HIS F 133 70.06 10.15 -11.21
CA HIS F 133 70.68 9.55 -10.04
C HIS F 133 70.15 8.14 -9.79
N ALA F 134 71.03 7.15 -9.95
CA ALA F 134 70.62 5.75 -10.07
C ALA F 134 70.38 5.02 -8.75
N PHE F 135 70.46 5.72 -7.62
CA PHE F 135 70.56 5.11 -6.31
C PHE F 135 69.64 5.76 -5.29
N GLY F 136 69.05 4.94 -4.43
CA GLY F 136 68.45 5.41 -3.21
C GLY F 136 67.08 6.02 -3.40
N ASP F 137 66.68 6.83 -2.43
CA ASP F 137 65.33 7.40 -2.37
C ASP F 137 64.24 6.30 -2.43
N GLN F 138 63.16 6.56 -3.17
CA GLN F 138 61.96 5.75 -3.18
C GLN F 138 62.25 4.35 -3.71
N TYR F 139 63.39 4.20 -4.39
CA TYR F 139 63.78 3.01 -5.12
C TYR F 139 64.56 1.99 -4.30
N ARG F 140 64.87 2.33 -3.06
CA ARG F 140 65.41 1.34 -2.12
C ARG F 140 64.88 1.65 -0.71
N ALA F 141 63.58 1.94 -0.67
CA ALA F 141 62.89 2.38 0.53
C ALA F 141 62.24 1.20 1.25
N THR F 142 61.88 1.41 2.51
CA THR F 142 61.07 0.44 3.28
C THR F 142 59.68 1.07 3.50
N ASP F 143 58.66 0.45 2.92
CA ASP F 143 57.26 0.91 3.03
C ASP F 143 56.30 -0.15 3.57
N LEU F 144 55.32 0.31 4.37
CA LEU F 144 54.47 -0.52 5.24
C LEU F 144 53.02 0.00 5.27
N VAL F 145 52.06 -0.91 5.39
CA VAL F 145 50.66 -0.61 5.64
C VAL F 145 50.39 -0.65 7.16
N VAL F 146 49.74 0.38 7.68
CA VAL F 146 49.43 0.53 9.10
C VAL F 146 47.96 0.16 9.26
N ASN F 147 47.68 -0.75 10.21
CA ASN F 147 46.35 -1.34 10.44
C ASN F 147 45.51 -0.74 11.58
N GLY F 148 46.18 -0.34 12.65
CA GLY F 148 45.54 0.34 13.80
C GLY F 148 46.34 1.56 14.21
N PRO F 149 45.85 2.30 15.24
CA PRO F 149 46.60 3.47 15.73
C PRO F 149 47.98 3.13 16.36
N GLY F 150 48.90 4.09 16.30
CA GLY F 150 50.26 3.97 16.88
C GLY F 150 51.20 5.11 16.48
N THR F 151 52.36 5.23 17.11
CA THR F 151 53.31 6.30 16.73
C THR F 151 54.37 5.79 15.75
N PHE F 152 54.49 6.45 14.61
CA PHE F 152 55.53 6.12 13.65
C PHE F 152 56.75 6.96 14.04
N GLU F 153 57.83 6.28 14.42
CA GLU F 153 59.06 6.96 14.81
C GLU F 153 60.19 6.57 13.90
N ILE F 154 61.17 7.45 13.81
CA ILE F 154 62.36 7.19 13.05
C ILE F 154 63.53 7.23 14.04
N HIS F 155 64.34 6.17 14.04
CA HIS F 155 65.49 6.03 14.94
C HIS F 155 66.75 5.97 14.10
N PHE F 156 67.79 6.66 14.55
CA PHE F 156 69.13 6.48 14.02
C PHE F 156 70.07 6.02 15.13
N VAL F 157 70.60 4.80 15.04
CA VAL F 157 71.43 4.25 16.14
C VAL F 157 72.92 4.37 15.77
N PRO F 158 73.68 5.30 16.40
CA PRO F 158 75.02 5.63 15.87
C PRO F 158 76.11 4.59 16.09
N GLU F 159 77.27 4.84 15.48
CA GLU F 159 78.42 3.93 15.55
C GLU F 159 79.14 4.02 16.90
N SER F 160 79.27 5.23 17.43
CA SER F 160 79.93 5.47 18.74
C SER F 160 79.36 4.63 19.90
N GLY F 161 78.07 4.29 19.80
CA GLY F 161 77.43 3.34 20.73
C GLY F 161 76.91 3.98 22.00
N GLY F 162 76.61 5.28 21.94
CA GLY F 162 76.26 6.05 23.13
C GLY F 162 74.76 6.09 23.41
N ALA F 163 73.98 6.44 22.40
CA ALA F 163 72.53 6.62 22.52
C ALA F 163 71.80 6.12 21.27
N ALA F 164 70.48 6.33 21.22
CA ALA F 164 69.68 6.11 20.01
C ALA F 164 68.77 7.33 19.83
N GLN F 165 68.88 7.95 18.65
CA GLN F 165 68.29 9.25 18.34
C GLN F 165 66.93 9.07 17.66
N VAL F 166 65.88 9.54 18.32
CA VAL F 166 64.49 9.30 17.94
C VAL F 166 63.79 10.60 17.52
N GLN F 167 63.21 10.58 16.33
CA GLN F 167 62.22 11.58 15.90
C GLN F 167 60.87 10.86 15.79
N LYS F 168 59.84 11.47 16.35
CA LYS F 168 58.46 11.06 16.14
C LYS F 168 58.09 11.55 14.73
N VAL F 169 57.68 10.66 13.82
CA VAL F 169 57.26 11.10 12.49
C VAL F 169 55.79 11.46 12.50
N PHE F 170 54.97 10.64 13.14
CA PHE F 170 53.53 10.90 13.15
C PHE F 170 52.84 10.00 14.16
N ASP F 171 51.70 10.44 14.67
CA ASP F 171 50.84 9.62 15.48
C ASP F 171 49.64 9.17 14.66
N PHE F 172 49.69 7.93 14.17
CA PHE F 172 48.50 7.32 13.54
C PHE F 172 47.34 7.19 14.51
N LYS F 173 46.25 7.84 14.14
CA LYS F 173 44.97 7.71 14.83
C LYS F 173 44.13 6.67 14.11
N SER F 174 44.65 6.12 13.00
CA SER F 174 43.92 5.18 12.19
C SER F 174 44.86 4.54 11.16
N GLY F 175 44.28 3.74 10.26
CA GLY F 175 45.03 3.08 9.21
C GLY F 175 45.65 3.98 8.16
N GLY F 176 46.78 3.53 7.62
CA GLY F 176 47.47 4.28 6.59
C GLY F 176 48.76 3.61 6.13
N VAL F 177 49.70 4.43 5.69
CA VAL F 177 50.96 3.93 5.20
C VAL F 177 52.06 4.80 5.73
N LEU F 178 53.24 4.22 5.81
CA LEU F 178 54.43 4.94 6.17
C LEU F 178 55.60 4.41 5.35
N MET F 179 56.65 5.22 5.24
CA MET F 179 57.88 4.75 4.65
C MET F 179 59.09 5.53 5.14
N GLY F 180 60.24 4.90 4.96
CA GLY F 180 61.53 5.52 5.17
C GLY F 180 62.40 5.33 3.97
N MET F 181 63.30 6.26 3.75
CA MET F 181 64.17 6.22 2.57
C MET F 181 65.37 7.09 2.86
N TYR F 182 66.38 6.98 2.02
CA TYR F 182 67.69 7.45 2.36
C TYR F 182 68.54 7.61 1.12
N ASN F 183 69.67 8.27 1.33
CA ASN F 183 70.68 8.41 0.31
C ASN F 183 71.98 8.66 1.01
N THR F 184 73.07 8.67 0.29
CA THR F 184 74.37 8.89 0.94
C THR F 184 75.19 9.95 0.22
N ASP F 185 76.08 10.57 0.99
CA ASP F 185 76.94 11.63 0.47
C ASP F 185 77.83 11.10 -0.67
N GLU F 186 78.45 9.94 -0.48
CA GLU F 186 79.28 9.27 -1.50
C GLU F 186 78.56 9.10 -2.86
N SER F 187 77.33 8.61 -2.80
CA SER F 187 76.53 8.41 -4.01
C SER F 187 76.23 9.75 -4.71
N ILE F 188 75.60 10.67 -3.98
CA ILE F 188 75.26 12.02 -4.48
C ILE F 188 76.48 12.70 -5.09
N LYS F 189 77.60 12.64 -4.37
CA LYS F 189 78.87 13.23 -4.81
C LYS F 189 79.34 12.63 -6.13
N ASP F 190 79.20 11.31 -6.27
CA ASP F 190 79.54 10.64 -7.51
C ASP F 190 78.53 10.97 -8.63
N PHE F 191 77.26 11.17 -8.25
CA PHE F 191 76.20 11.61 -9.18
C PHE F 191 76.46 13.04 -9.66
N ALA F 192 76.92 13.88 -8.74
CA ALA F 192 77.32 15.24 -9.05
C ALA F 192 78.51 15.25 -10.04
N LYS F 193 79.51 14.37 -9.84
CA LYS F 193 80.68 14.36 -10.73
C LYS F 193 80.33 13.96 -12.17
N SER F 194 79.52 12.93 -12.31
CA SER F 194 79.17 12.49 -13.66
C SER F 194 78.40 13.61 -14.36
N CYS F 195 77.44 14.24 -13.67
CA CYS F 195 76.67 15.34 -14.29
C CYS F 195 77.54 16.55 -14.67
N PHE F 196 78.42 16.99 -13.77
CA PHE F 196 79.32 18.10 -14.10
C PHE F 196 80.19 17.73 -15.30
N GLU F 197 81.01 16.69 -15.14
CA GLU F 197 81.90 16.20 -16.22
C GLU F 197 81.21 16.02 -17.58
N TYR F 198 80.01 15.45 -17.57
CA TYR F 198 79.26 15.17 -18.81
C TYR F 198 78.94 16.46 -19.52
N ALA F 199 78.32 17.38 -18.78
CA ALA F 199 77.96 18.70 -19.28
C ALA F 199 79.17 19.52 -19.78
N LEU F 200 80.31 19.39 -19.11
CA LEU F 200 81.55 20.07 -19.50
C LEU F 200 81.99 19.65 -20.89
N SER F 201 81.93 18.36 -21.19
CA SER F 201 82.29 17.84 -22.53
C SER F 201 81.19 18.02 -23.59
N LYS F 202 79.90 18.01 -23.22
CA LYS F 202 78.84 18.41 -24.17
C LYS F 202 78.94 19.91 -24.49
N LYS F 203 79.55 20.66 -23.55
CA LYS F 203 79.63 22.13 -23.59
C LYS F 203 78.22 22.70 -23.53
N TRP F 204 77.45 22.16 -22.58
CA TRP F 204 76.06 22.48 -22.38
C TRP F 204 75.91 22.88 -20.91
N PRO F 205 74.96 23.79 -20.62
CA PRO F 205 74.65 24.15 -19.23
C PRO F 205 74.13 22.98 -18.41
N LEU F 206 74.36 23.01 -17.10
CA LEU F 206 73.87 21.96 -16.20
C LEU F 206 72.87 22.51 -15.19
N TYR F 207 71.72 21.82 -15.02
CA TYR F 207 70.70 22.17 -14.01
C TYR F 207 70.45 21.00 -13.07
N LEU F 208 70.37 21.26 -11.77
CA LEU F 208 69.94 20.26 -10.80
C LEU F 208 68.56 20.66 -10.34
N SER F 209 67.70 19.67 -10.16
CA SER F 209 66.35 19.90 -9.59
C SER F 209 66.22 19.19 -8.21
N THR F 210 65.83 19.93 -7.17
CA THR F 210 65.40 19.33 -5.92
C THR F 210 64.13 20.02 -5.44
N LYS F 211 63.63 19.58 -4.29
CA LYS F 211 62.61 20.35 -3.60
C LYS F 211 63.08 20.63 -2.18
N ASN F 212 64.22 21.33 -2.07
CA ASN F 212 64.89 21.56 -0.79
C ASN F 212 64.20 22.57 0.12
N THR F 213 63.27 23.35 -0.44
CA THR F 213 62.35 24.13 0.38
C THR F 213 61.50 23.24 1.32
N ILE F 214 61.10 22.06 0.84
CA ILE F 214 60.32 21.12 1.65
C ILE F 214 61.23 20.12 2.38
N LEU F 215 61.91 19.25 1.68
CA LEU F 215 62.91 18.39 2.34
C LEU F 215 64.20 19.19 2.58
N LYS F 216 64.21 19.98 3.65
CA LYS F 216 65.29 20.97 3.85
C LYS F 216 66.66 20.33 4.14
N ARG F 217 66.65 19.17 4.79
CA ARG F 217 67.88 18.45 5.14
C ARG F 217 68.23 17.42 4.04
N TYR F 218 67.21 16.74 3.47
CA TYR F 218 67.44 15.66 2.53
C TYR F 218 67.91 16.20 1.19
N ASP F 219 67.06 17.03 0.60
CA ASP F 219 67.34 17.66 -0.68
C ASP F 219 68.33 18.83 -0.47
N GLY F 220 68.33 19.41 0.73
CA GLY F 220 69.37 20.37 1.13
C GLY F 220 70.76 19.83 0.87
N ARG F 221 70.96 18.57 1.24
CA ARG F 221 72.23 17.88 1.03
C ARG F 221 72.64 17.84 -0.46
N PHE F 222 71.69 17.53 -1.33
CA PHE F 222 71.95 17.49 -2.78
C PHE F 222 72.45 18.85 -3.29
N LYS F 223 71.69 19.90 -2.96
CA LYS F 223 71.99 21.28 -3.37
C LYS F 223 73.37 21.77 -2.90
N ASP F 224 73.70 21.47 -1.66
CA ASP F 224 74.96 21.93 -1.08
C ASP F 224 76.15 21.12 -1.61
N ILE F 225 75.95 19.83 -1.86
CA ILE F 225 77.00 18.98 -2.45
C ILE F 225 77.32 19.45 -3.86
N PHE F 226 76.31 19.60 -4.71
CA PHE F 226 76.50 20.16 -6.03
C PHE F 226 77.14 21.57 -5.95
N ALA F 227 76.61 22.43 -5.08
CA ALA F 227 77.10 23.82 -4.95
C ALA F 227 78.53 23.91 -4.43
N GLU F 228 78.87 23.12 -3.40
CA GLU F 228 80.23 23.11 -2.87
C GLU F 228 81.17 22.53 -3.93
N MET F 229 80.73 21.50 -4.66
CA MET F 229 81.55 20.87 -5.68
C MET F 229 81.76 21.71 -6.94
N TYR F 230 80.71 22.41 -7.37
CA TYR F 230 80.79 23.34 -8.51
C TYR F 230 81.81 24.45 -8.26
N LYS F 231 81.66 25.11 -7.11
CA LYS F 231 82.60 26.11 -6.64
C LYS F 231 84.04 25.59 -6.60
N ALA F 232 84.24 24.38 -6.08
CA ALA F 232 85.58 23.83 -5.90
C ALA F 232 86.27 23.38 -7.19
N SER F 233 85.50 22.81 -8.12
CA SER F 233 86.09 22.02 -9.22
C SER F 233 85.62 22.32 -10.63
N TYR F 234 84.60 23.16 -10.80
CA TYR F 234 83.94 23.27 -12.12
C TYR F 234 83.54 24.67 -12.61
N GLU F 235 83.17 25.59 -11.71
CA GLU F 235 82.80 26.97 -12.11
C GLU F 235 83.97 27.69 -12.80
N ALA F 236 85.17 27.59 -12.22
CA ALA F 236 86.40 28.12 -12.84
C ALA F 236 86.43 27.79 -14.32
N ASP F 237 86.20 26.52 -14.63
CA ASP F 237 86.18 25.99 -16.02
C ASP F 237 84.85 26.12 -16.82
N TYR F 238 83.69 26.11 -16.15
CA TYR F 238 82.38 26.29 -16.84
C TYR F 238 82.25 27.68 -17.50
N LYS F 239 82.69 28.72 -16.80
CA LYS F 239 82.63 30.10 -17.33
C LYS F 239 83.53 30.21 -18.55
N LYS F 240 84.77 29.69 -18.41
CA LYS F 240 85.73 29.62 -19.51
C LYS F 240 85.18 28.95 -20.77
N ALA F 241 84.31 27.95 -20.61
CA ALA F 241 83.65 27.26 -21.74
C ALA F 241 82.22 27.75 -22.09
N GLY F 242 81.81 28.91 -21.56
CA GLY F 242 80.51 29.53 -21.91
C GLY F 242 79.26 28.80 -21.44
N ILE F 243 79.38 28.13 -20.30
CA ILE F 243 78.29 27.40 -19.68
C ILE F 243 78.22 27.77 -18.19
N TRP F 244 77.27 27.17 -17.49
CA TRP F 244 77.03 27.50 -16.09
C TRP F 244 76.30 26.32 -15.47
N TYR F 245 76.30 26.26 -14.15
CA TYR F 245 75.47 25.31 -13.41
C TYR F 245 74.44 26.08 -12.60
N GLU F 246 73.24 25.51 -12.47
CA GLU F 246 72.18 26.09 -11.65
C GLU F 246 71.42 25.00 -10.90
N HIS F 247 71.16 25.24 -9.62
CA HIS F 247 70.08 24.52 -8.95
C HIS F 247 68.79 25.32 -9.16
N ARG F 248 67.75 24.67 -9.67
CA ARG F 248 66.41 25.21 -9.60
C ARG F 248 65.52 24.27 -8.79
N LEU F 249 64.49 24.82 -8.16
CA LEU F 249 63.43 23.98 -7.57
C LEU F 249 62.72 23.19 -8.66
N ILE F 250 62.35 21.96 -8.36
CA ILE F 250 61.76 21.08 -9.39
C ILE F 250 60.62 21.80 -10.16
N ASP F 251 59.78 22.57 -9.45
CA ASP F 251 58.64 23.32 -10.04
C ASP F 251 59.09 24.24 -11.16
N ASP F 252 60.06 25.08 -10.84
CA ASP F 252 60.62 26.04 -11.79
C ASP F 252 61.29 25.28 -12.93
N MET F 253 61.96 24.15 -12.62
CA MET F 253 62.72 23.40 -13.63
C MET F 253 61.86 22.67 -14.63
N VAL F 254 60.70 22.13 -14.23
CA VAL F 254 59.82 21.44 -15.22
C VAL F 254 59.15 22.47 -16.16
N ALA F 255 58.92 23.67 -15.65
CA ALA F 255 58.34 24.76 -16.43
C ALA F 255 59.40 25.39 -17.34
N TYR F 256 60.60 25.65 -16.78
CA TYR F 256 61.73 26.00 -17.65
C TYR F 256 61.90 24.95 -18.74
N ALA F 257 61.82 23.66 -18.41
CA ALA F 257 62.01 22.60 -19.43
C ALA F 257 60.96 22.64 -20.53
N MET F 258 59.69 22.79 -20.16
CA MET F 258 58.61 22.86 -21.16
C MET F 258 58.76 24.05 -22.18
N LYS F 259 59.34 25.17 -21.76
CA LYS F 259 59.35 26.38 -22.60
C LYS F 259 60.68 26.77 -23.23
N SER F 260 61.78 26.11 -22.83
CA SER F 260 63.09 26.45 -23.34
C SER F 260 63.36 25.62 -24.58
N GLU F 261 64.53 25.81 -25.16
CA GLU F 261 64.84 25.15 -26.41
C GLU F 261 65.80 23.95 -26.25
N GLY F 262 66.03 23.51 -25.01
CA GLY F 262 66.91 22.38 -24.78
C GLY F 262 68.34 22.77 -25.00
N GLY F 263 69.21 21.80 -25.00
CA GLY F 263 70.61 22.05 -25.12
C GLY F 263 71.26 22.20 -23.77
N TYR F 264 70.82 21.42 -22.81
CA TYR F 264 71.36 21.44 -21.47
C TYR F 264 71.34 20.06 -20.88
N VAL F 265 72.00 19.93 -19.75
CA VAL F 265 72.05 18.69 -19.04
C VAL F 265 71.20 18.84 -17.79
N TRP F 266 70.28 17.93 -17.58
CA TRP F 266 69.39 18.02 -16.44
C TRP F 266 69.68 16.96 -15.37
N ALA F 267 70.22 17.37 -14.26
CA ALA F 267 70.52 16.46 -13.18
C ALA F 267 69.22 16.17 -12.41
N CYS F 268 68.89 14.92 -12.27
CA CYS F 268 67.62 14.54 -11.67
C CYS F 268 67.82 13.56 -10.50
N LYS F 269 67.09 13.84 -9.41
CA LYS F 269 66.93 12.89 -8.36
C LYS F 269 66.29 11.66 -8.95
N ASN F 270 66.68 10.50 -8.46
CA ASN F 270 66.17 9.20 -8.90
C ASN F 270 64.75 9.25 -9.46
N TYR F 271 63.78 9.64 -8.64
CA TYR F 271 62.37 9.62 -9.02
C TYR F 271 62.10 10.62 -10.12
N ASP F 272 62.63 11.84 -9.98
CA ASP F 272 62.47 12.84 -11.02
C ASP F 272 63.06 12.40 -12.33
N GLY F 273 64.21 11.74 -12.26
CA GLY F 273 64.87 11.22 -13.46
C GLY F 273 64.07 10.11 -14.12
N ASP F 274 63.43 9.27 -13.31
CA ASP F 274 62.51 8.27 -13.80
C ASP F 274 61.34 8.90 -14.53
N VAL F 275 60.67 9.83 -13.86
CA VAL F 275 59.41 10.38 -14.36
C VAL F 275 59.62 11.38 -15.50
N GLN F 276 60.54 12.33 -15.34
CA GLN F 276 60.70 13.34 -16.36
C GLN F 276 61.26 12.79 -17.67
N SER F 277 62.09 11.74 -17.58
CA SER F 277 62.65 11.11 -18.76
C SER F 277 61.57 10.48 -19.64
N ASP F 278 60.47 10.00 -19.07
CA ASP F 278 59.34 9.56 -19.89
C ASP F 278 58.63 10.76 -20.53
N SER F 279 58.36 11.80 -19.73
CA SER F 279 57.77 13.04 -20.25
C SER F 279 58.54 13.65 -21.44
N VAL F 280 59.87 13.74 -21.27
CA VAL F 280 60.77 14.26 -22.28
C VAL F 280 60.70 13.39 -23.55
N ALA F 281 60.83 12.08 -23.39
CA ALA F 281 60.81 11.18 -24.56
C ALA F 281 59.48 11.18 -25.27
N GLN F 282 58.37 11.28 -24.54
CA GLN F 282 57.10 11.46 -25.24
C GLN F 282 57.16 12.79 -25.97
N GLY F 283 57.57 13.84 -25.27
CA GLY F 283 57.63 15.18 -25.82
C GLY F 283 58.38 15.29 -27.15
N PHE F 284 59.54 14.62 -27.23
CA PHE F 284 60.31 14.56 -28.48
C PHE F 284 59.70 13.71 -29.59
N GLY F 285 58.90 12.71 -29.24
CA GLY F 285 58.19 11.92 -30.23
C GLY F 285 57.59 10.66 -29.65
N SER F 286 58.44 9.81 -29.06
CA SER F 286 58.02 8.49 -28.52
C SER F 286 58.96 8.04 -27.40
N LEU F 287 58.42 7.31 -26.43
CA LEU F 287 59.23 6.64 -25.43
C LEU F 287 60.18 5.63 -26.09
N GLY F 288 59.71 5.05 -27.20
CA GLY F 288 60.53 4.23 -28.10
C GLY F 288 61.66 4.95 -28.84
N LEU F 289 61.71 6.29 -28.75
CA LEU F 289 62.80 7.09 -29.30
C LEU F 289 63.57 7.76 -28.20
N MET F 290 64.27 6.97 -27.42
CA MET F 290 65.16 7.45 -26.36
C MET F 290 66.27 6.43 -26.07
N THR F 291 67.41 6.94 -25.58
CA THR F 291 68.53 6.13 -25.10
C THR F 291 68.59 6.25 -23.61
N SER F 292 69.19 5.24 -22.99
CA SER F 292 69.31 5.20 -21.55
C SER F 292 70.54 4.36 -21.21
N VAL F 293 71.58 5.01 -20.68
CA VAL F 293 72.86 4.38 -20.48
C VAL F 293 73.29 4.60 -19.01
N LEU F 294 73.27 3.54 -18.19
CA LEU F 294 73.88 3.62 -16.88
C LEU F 294 75.37 3.51 -17.09
N MET F 295 76.06 4.59 -16.78
CA MET F 295 77.50 4.70 -16.90
C MET F 295 78.06 4.76 -15.48
N SER F 296 79.18 4.09 -15.26
CA SER F 296 79.84 4.04 -13.94
C SER F 296 80.75 5.27 -13.66
N PRO F 297 81.11 5.51 -12.38
CA PRO F 297 82.00 6.64 -12.03
C PRO F 297 83.38 6.67 -12.74
N ASP F 298 84.13 5.57 -12.65
CA ASP F 298 85.47 5.47 -13.27
C ASP F 298 85.48 5.43 -14.82
N GLY F 299 84.32 5.22 -15.44
CA GLY F 299 84.18 5.18 -16.91
C GLY F 299 84.29 3.81 -17.58
N ARG F 300 84.53 2.76 -16.77
CA ARG F 300 84.85 1.41 -17.29
C ARG F 300 83.61 0.53 -17.65
N THR F 301 82.46 0.78 -17.03
CA THR F 301 81.30 -0.11 -17.09
C THR F 301 80.04 0.59 -17.56
N VAL F 302 79.43 0.06 -18.61
CA VAL F 302 78.18 0.57 -19.21
C VAL F 302 77.06 -0.46 -19.05
N GLU F 303 75.89 -0.01 -18.65
CA GLU F 303 74.68 -0.81 -18.81
C GLU F 303 73.73 0.01 -19.67
N ALA F 304 73.46 -0.47 -20.87
CA ALA F 304 72.54 0.20 -21.76
C ALA F 304 71.25 -0.59 -21.78
N GLU F 305 70.13 0.14 -21.86
CA GLU F 305 68.82 -0.43 -21.64
C GLU F 305 67.76 0.38 -22.37
N ALA F 306 66.60 -0.23 -22.59
CA ALA F 306 65.40 0.51 -22.93
C ALA F 306 64.78 1.12 -21.63
N ALA F 307 64.60 2.45 -21.63
CA ALA F 307 64.03 3.17 -20.48
C ALA F 307 62.56 2.83 -20.30
N HIS F 308 61.83 2.74 -21.41
CA HIS F 308 60.41 2.40 -21.38
C HIS F 308 60.13 0.99 -20.80
N GLY F 309 58.86 0.65 -20.68
CA GLY F 309 58.43 -0.62 -20.15
C GLY F 309 58.32 -1.74 -21.18
N THR F 310 57.61 -2.78 -20.77
CA THR F 310 57.48 -4.00 -21.53
C THR F 310 56.33 -3.92 -22.53
N VAL F 311 55.60 -2.81 -22.55
CA VAL F 311 54.55 -2.54 -23.55
C VAL F 311 53.52 -3.65 -23.49
N THR F 312 53.07 -3.88 -22.26
CA THR F 312 52.09 -4.88 -21.92
C THR F 312 50.85 -4.84 -22.83
N ARG F 313 50.33 -3.64 -23.11
CA ARG F 313 49.09 -3.50 -23.89
C ARG F 313 49.26 -4.07 -25.29
N HIS F 314 50.44 -3.84 -25.86
CA HIS F 314 50.82 -4.38 -27.18
C HIS F 314 51.06 -5.88 -27.11
N TYR F 315 51.73 -6.32 -26.04
CA TYR F 315 51.96 -7.76 -25.81
C TYR F 315 50.65 -8.58 -25.80
N ARG F 316 49.58 -8.02 -25.21
CA ARG F 316 48.31 -8.74 -25.10
C ARG F 316 47.74 -9.02 -26.48
N GLN F 317 47.81 -8.04 -27.38
CA GLN F 317 47.40 -8.30 -28.76
C GLN F 317 48.32 -9.28 -29.51
N HIS F 318 49.63 -9.25 -29.21
CA HIS F 318 50.58 -10.22 -29.76
C HIS F 318 50.19 -11.67 -29.40
N GLN F 319 49.78 -11.87 -28.14
CA GLN F 319 49.24 -13.16 -27.65
C GLN F 319 47.95 -13.56 -28.36
N LYS F 320 47.07 -12.59 -28.60
CA LYS F 320 45.82 -12.82 -29.32
C LYS F 320 46.04 -13.11 -30.80
N GLY F 321 47.22 -12.77 -31.33
CA GLY F 321 47.55 -12.97 -32.74
C GLY F 321 47.14 -11.81 -33.67
N GLU F 322 46.54 -10.77 -33.09
CA GLU F 322 46.21 -9.53 -33.81
C GLU F 322 47.50 -8.75 -34.04
N GLU F 323 47.41 -7.75 -34.92
CA GLU F 323 48.60 -7.02 -35.34
C GLU F 323 49.07 -6.05 -34.28
N THR F 324 50.40 -5.94 -34.15
CA THR F 324 51.05 -4.96 -33.28
C THR F 324 51.90 -3.98 -34.10
N SER F 325 52.28 -2.84 -33.50
CA SER F 325 53.25 -1.92 -34.10
C SER F 325 54.06 -1.23 -32.99
N THR F 326 55.15 -1.87 -32.63
CA THR F 326 55.86 -1.56 -31.40
C THR F 326 57.27 -1.06 -31.77
N ASN F 327 57.61 0.13 -31.27
CA ASN F 327 58.83 0.79 -31.59
C ASN F 327 60.03 0.13 -30.90
N PRO F 328 60.92 -0.51 -31.70
CA PRO F 328 62.03 -1.28 -31.17
C PRO F 328 63.35 -0.52 -31.06
N VAL F 329 63.32 0.78 -31.29
CA VAL F 329 64.54 1.57 -31.47
C VAL F 329 65.26 1.74 -30.15
N ALA F 330 64.51 2.04 -29.08
CA ALA F 330 65.08 2.01 -27.74
C ALA F 330 65.78 0.68 -27.45
N SER F 331 65.14 -0.43 -27.83
CA SER F 331 65.73 -1.74 -27.60
C SER F 331 66.96 -1.92 -28.48
N ILE F 332 66.85 -1.55 -29.76
CA ILE F 332 67.97 -1.59 -30.70
C ILE F 332 69.14 -0.78 -30.16
N PHE F 333 68.86 0.46 -29.75
CA PHE F 333 69.91 1.37 -29.25
C PHE F 333 70.53 0.96 -27.91
N ALA F 334 69.85 0.08 -27.16
CA ALA F 334 70.43 -0.55 -25.98
C ALA F 334 71.56 -1.45 -26.44
N TRP F 335 71.31 -2.19 -27.54
CA TRP F 335 72.36 -3.02 -28.17
C TRP F 335 73.56 -2.20 -28.68
N THR F 336 73.28 -1.15 -29.46
CA THR F 336 74.32 -0.35 -30.12
C THR F 336 75.26 0.39 -29.16
N ARG F 337 74.73 0.99 -28.09
CA ARG F 337 75.59 1.65 -27.09
C ARG F 337 76.35 0.66 -26.24
N GLY F 338 75.79 -0.54 -26.06
CA GLY F 338 76.51 -1.65 -25.43
C GLY F 338 77.69 -2.06 -26.31
N LEU F 339 77.39 -2.42 -27.55
CA LEU F 339 78.41 -2.83 -28.52
C LEU F 339 79.44 -1.72 -28.74
N MET F 340 78.97 -0.47 -28.82
CA MET F 340 79.84 0.72 -28.88
C MET F 340 80.86 0.73 -27.74
N HIS F 341 80.37 0.52 -26.51
CA HIS F 341 81.27 0.42 -25.36
C HIS F 341 82.14 -0.87 -25.37
N ARG F 342 81.61 -1.99 -25.85
CA ARG F 342 82.42 -3.22 -26.05
C ARG F 342 83.56 -2.95 -27.07
N GLY F 343 83.26 -2.24 -28.17
CA GLY F 343 84.27 -1.88 -29.19
C GLY F 343 85.34 -0.89 -28.72
N LYS F 344 84.97 -0.03 -27.78
CA LYS F 344 85.90 0.93 -27.22
C LYS F 344 86.83 0.24 -26.21
N LEU F 345 86.26 -0.56 -25.30
CA LEU F 345 87.06 -1.34 -24.32
C LEU F 345 88.10 -2.26 -24.99
N ASP F 346 87.67 -2.93 -26.08
CA ASP F 346 88.49 -3.85 -26.89
C ASP F 346 89.53 -3.21 -27.84
N GLN F 347 89.42 -1.91 -28.14
CA GLN F 347 90.13 -1.29 -29.28
C GLN F 347 89.62 -1.77 -30.67
N ASN F 348 88.48 -2.47 -30.72
CA ASN F 348 87.88 -2.90 -31.99
C ASN F 348 87.08 -1.74 -32.60
N GLU F 349 87.76 -0.90 -33.38
CA GLU F 349 87.11 0.27 -33.97
C GLU F 349 86.03 -0.10 -34.99
N LYS F 350 86.11 -1.29 -35.56
CA LYS F 350 85.11 -1.72 -36.51
C LYS F 350 83.75 -2.04 -35.85
N LEU F 351 83.75 -2.55 -34.60
CA LEU F 351 82.48 -2.79 -33.86
C LEU F 351 81.80 -1.49 -33.43
N VAL F 352 82.61 -0.49 -33.05
CA VAL F 352 82.12 0.86 -32.78
C VAL F 352 81.39 1.38 -34.01
N GLN F 353 82.04 1.24 -35.17
CA GLN F 353 81.50 1.68 -36.48
C GLN F 353 80.29 0.87 -36.98
N PHE F 354 80.23 -0.40 -36.61
CA PHE F 354 79.02 -1.21 -36.81
C PHE F 354 77.86 -0.66 -35.99
N SER F 355 78.12 -0.39 -34.70
CA SER F 355 77.11 0.18 -33.81
C SER F 355 76.58 1.46 -34.38
N MET F 356 77.50 2.39 -34.66
CA MET F 356 77.19 3.69 -35.26
C MET F 356 76.40 3.56 -36.55
N LEU F 357 76.72 2.57 -37.39
CA LEU F 357 75.98 2.36 -38.64
C LEU F 357 74.54 1.86 -38.45
N LEU F 358 74.31 0.98 -37.45
CA LEU F 358 72.95 0.53 -37.16
C LEU F 358 72.09 1.71 -36.68
N GLU F 359 72.68 2.58 -35.87
CA GLU F 359 72.02 3.82 -35.43
C GLU F 359 71.58 4.69 -36.61
N LYS F 360 72.51 4.94 -37.54
CA LYS F 360 72.23 5.77 -38.73
C LYS F 360 71.25 5.13 -39.72
N VAL F 361 71.25 3.80 -39.82
CA VAL F 361 70.28 3.09 -40.64
C VAL F 361 68.87 3.18 -40.04
N VAL F 362 68.77 2.99 -38.72
CA VAL F 362 67.48 3.09 -38.00
C VAL F 362 66.81 4.44 -38.24
N VAL F 363 67.56 5.49 -37.95
CA VAL F 363 67.06 6.85 -38.07
C VAL F 363 66.75 7.16 -39.53
N SER F 364 67.67 6.79 -40.42
CA SER F 364 67.53 7.03 -41.86
C SER F 364 66.34 6.26 -42.48
N THR F 365 66.09 5.03 -42.00
CA THR F 365 64.93 4.25 -42.44
C THR F 365 63.61 4.94 -42.01
N ILE F 366 63.62 5.47 -40.79
CA ILE F 366 62.50 6.28 -40.28
C ILE F 366 62.33 7.58 -41.07
N GLU F 367 63.45 8.27 -41.33
CA GLU F 367 63.43 9.53 -42.13
C GLU F 367 62.90 9.36 -43.55
N ALA F 368 63.19 8.22 -44.19
CA ALA F 368 62.60 7.87 -45.51
C ALA F 368 61.12 7.45 -45.45
N GLY F 369 60.45 7.66 -44.31
CA GLY F 369 59.02 7.40 -44.16
C GLY F 369 58.60 5.99 -43.73
N PHE F 370 59.53 5.16 -43.24
CA PHE F 370 59.21 3.77 -42.84
C PHE F 370 59.30 3.70 -41.33
N MET F 371 58.19 3.41 -40.65
CA MET F 371 58.13 3.58 -39.19
C MET F 371 56.99 2.84 -38.54
N THR F 372 56.97 2.83 -37.21
CA THR F 372 55.88 2.23 -36.44
C THR F 372 54.77 3.24 -36.15
N LYS F 373 53.62 2.71 -35.70
CA LYS F 373 52.38 3.47 -35.56
C LYS F 373 52.50 4.66 -34.61
N ASP F 374 53.26 4.51 -33.53
CA ASP F 374 53.59 5.64 -32.63
C ASP F 374 54.17 6.85 -33.38
N LEU F 375 55.06 6.61 -34.33
CA LEU F 375 55.70 7.69 -35.11
C LEU F 375 54.79 8.22 -36.24
N ALA F 376 53.92 7.39 -36.76
CA ALA F 376 52.95 7.80 -37.78
C ALA F 376 51.84 8.67 -37.16
N ILE F 377 51.49 8.42 -35.89
CA ILE F 377 50.55 9.28 -35.14
C ILE F 377 51.13 10.69 -34.95
N CYS F 378 52.42 10.78 -34.64
CA CYS F 378 53.11 12.08 -34.52
C CYS F 378 52.99 12.88 -35.79
N ILE F 379 53.25 12.24 -36.93
CA ILE F 379 53.31 12.95 -38.22
C ILE F 379 51.92 13.27 -38.74
N LYS F 380 51.01 12.29 -38.64
CA LYS F 380 49.60 12.49 -38.93
C LYS F 380 48.91 12.84 -37.62
N GLY F 381 47.60 12.58 -37.48
CA GLY F 381 46.95 12.71 -36.17
C GLY F 381 46.46 11.35 -35.70
N MET F 382 46.28 11.19 -34.40
CA MET F 382 45.75 9.95 -33.82
C MET F 382 44.38 9.60 -34.43
N ASN F 383 43.56 10.62 -34.68
CA ASN F 383 42.25 10.42 -35.31
C ASN F 383 42.36 10.10 -36.82
N HIS F 384 43.43 10.55 -37.47
CA HIS F 384 43.59 10.49 -38.93
C HIS F 384 44.61 9.47 -39.47
N VAL F 385 45.22 8.63 -38.60
CA VAL F 385 46.20 7.62 -39.04
C VAL F 385 45.46 6.43 -39.68
N THR F 386 46.06 5.89 -40.75
CA THR F 386 45.59 4.66 -41.38
C THR F 386 46.74 3.66 -41.53
N ARG F 387 46.36 2.38 -41.68
CA ARG F 387 47.30 1.23 -41.69
C ARG F 387 48.58 1.40 -42.56
N SER F 388 48.45 2.07 -43.71
CA SER F 388 49.54 2.22 -44.70
C SER F 388 50.58 3.29 -44.35
N ASP F 389 50.27 4.14 -43.37
CA ASP F 389 51.20 5.15 -42.87
C ASP F 389 52.35 4.57 -42.06
N TYR F 390 52.19 3.34 -41.57
CA TYR F 390 53.19 2.70 -40.73
C TYR F 390 53.45 1.21 -41.11
N LEU F 391 54.48 0.65 -40.47
CA LEU F 391 54.80 -0.77 -40.51
C LEU F 391 54.38 -1.40 -39.18
N ASN F 392 53.98 -2.69 -39.24
CA ASN F 392 53.79 -3.51 -38.02
C ASN F 392 55.18 -3.89 -37.47
N THR F 393 55.23 -4.36 -36.23
CA THR F 393 56.51 -4.57 -35.52
C THR F 393 57.51 -5.40 -36.33
N GLN F 394 56.98 -6.47 -36.92
CA GLN F 394 57.77 -7.44 -37.67
C GLN F 394 58.35 -6.85 -38.99
N GLU F 395 57.47 -6.40 -39.90
CA GLU F 395 57.83 -5.62 -41.09
C GLU F 395 58.86 -4.51 -40.83
N PHE F 396 58.77 -3.81 -39.71
CA PHE F 396 59.73 -2.78 -39.40
C PHE F 396 61.12 -3.33 -39.14
N ILE F 397 61.20 -4.38 -38.35
CA ILE F 397 62.47 -5.00 -38.07
C ILE F 397 63.00 -5.59 -39.36
N HIS F 398 62.13 -6.15 -40.19
CA HIS F 398 62.49 -6.70 -41.46
C HIS F 398 63.00 -5.61 -42.39
N LYS F 399 62.32 -4.48 -42.41
CA LYS F 399 62.76 -3.39 -43.23
C LYS F 399 64.08 -2.93 -42.71
N LEU F 400 64.22 -2.91 -41.41
CA LEU F 400 65.45 -2.48 -40.80
C LEU F 400 66.58 -3.41 -41.18
N ALA F 401 66.27 -4.69 -41.21
CA ALA F 401 67.24 -5.70 -41.55
C ALA F 401 67.78 -5.65 -42.95
N ASP F 402 66.92 -5.42 -43.93
CA ASP F 402 67.36 -5.34 -45.29
C ASP F 402 68.30 -4.20 -45.52
N GLU F 403 67.89 -3.06 -45.02
CA GLU F 403 68.61 -1.84 -45.12
C GLU F 403 69.92 -1.89 -44.39
N MET F 404 69.95 -2.51 -43.22
CA MET F 404 71.20 -2.62 -42.49
C MET F 404 72.12 -3.52 -43.29
N ARG F 405 71.55 -4.59 -43.79
CA ARG F 405 72.25 -5.60 -44.54
C ARG F 405 72.81 -4.95 -45.79
N LYS F 406 72.05 -4.07 -46.42
CA LYS F 406 72.53 -3.40 -47.60
C LYS F 406 73.66 -2.48 -47.25
N ALA F 407 73.45 -1.66 -46.24
CA ALA F 407 74.41 -0.67 -45.78
C ALA F 407 75.69 -1.24 -45.28
N TYR F 408 75.61 -2.37 -44.61
CA TYR F 408 76.81 -2.99 -44.07
C TYR F 408 77.73 -3.36 -45.22
N GLU F 409 77.17 -3.94 -46.25
CA GLU F 409 77.93 -4.34 -47.41
C GLU F 409 78.53 -3.14 -48.14
N ARG F 410 77.79 -2.06 -48.25
CA ARG F 410 78.30 -0.89 -48.95
C ARG F 410 79.17 -0.06 -48.02
N SER F 411 79.27 -0.52 -46.77
CA SER F 411 80.03 0.16 -45.71
C SER F 411 81.54 0.30 -45.72
N LYS F 412 82.27 -0.75 -46.03
CA LYS F 412 83.71 -0.64 -46.04
C LYS F 412 84.20 -0.98 -47.41
N ILE F 413 83.88 -2.21 -47.83
CA ILE F 413 84.26 -2.75 -49.12
C ILE F 413 85.61 -3.45 -49.05
N SER G 1 39.91 29.85 -52.26
CA SER G 1 41.05 29.84 -51.36
C SER G 1 40.88 28.79 -50.23
N GLN G 2 41.75 28.77 -49.23
CA GLN G 2 41.68 27.75 -48.22
C GLN G 2 42.64 27.98 -47.13
N LYS G 3 42.94 26.91 -46.43
CA LYS G 3 44.02 26.90 -45.42
C LYS G 3 43.71 25.84 -44.39
N ILE G 4 42.52 25.94 -43.79
CA ILE G 4 42.06 24.92 -42.91
C ILE G 4 41.38 23.96 -43.84
N LYS G 5 41.71 22.69 -43.71
CA LYS G 5 41.12 21.66 -44.52
C LYS G 5 40.07 20.94 -43.69
N VAL G 6 38.88 20.91 -44.22
CA VAL G 6 37.75 20.33 -43.59
C VAL G 6 37.41 19.13 -44.43
N ALA G 7 37.16 18.00 -43.82
CA ALA G 7 36.82 16.82 -44.57
C ALA G 7 35.34 16.64 -44.81
N GLY G 8 34.59 16.72 -43.72
CA GLY G 8 33.16 16.52 -43.72
C GLY G 8 32.57 17.59 -44.56
N THR G 9 31.37 17.36 -45.05
CA THR G 9 30.68 18.23 -45.93
C THR G 9 29.77 19.19 -45.25
N VAL G 10 29.61 20.36 -45.84
CA VAL G 10 28.73 21.40 -45.39
C VAL G 10 27.69 21.66 -46.48
N VAL G 11 26.43 21.58 -46.11
CA VAL G 11 25.34 21.78 -47.00
C VAL G 11 24.88 23.23 -47.02
N GLU G 12 25.04 23.90 -48.14
CA GLU G 12 24.61 25.31 -48.25
C GLU G 12 23.22 25.49 -48.92
N LEU G 13 22.39 26.33 -48.31
CA LEU G 13 21.07 26.66 -48.89
C LEU G 13 21.02 28.16 -49.21
N ASP G 14 21.19 28.53 -50.48
CA ASP G 14 21.20 29.96 -50.90
C ASP G 14 19.79 30.56 -50.78
N GLY G 15 19.72 31.86 -50.49
CA GLY G 15 18.43 32.52 -50.22
C GLY G 15 18.05 33.63 -51.18
N ASP G 16 17.41 34.65 -50.64
CA ASP G 16 16.76 35.66 -51.46
C ASP G 16 17.00 37.10 -51.04
N GLU G 17 16.82 37.99 -52.01
CA GLU G 17 16.81 39.43 -51.79
C GLU G 17 18.06 39.87 -51.04
N MET G 18 17.94 40.72 -50.02
CA MET G 18 19.14 41.33 -49.44
C MET G 18 20.00 40.28 -48.75
N THR G 19 19.36 39.23 -48.20
CA THR G 19 20.11 38.13 -47.56
C THR G 19 20.93 37.31 -48.57
N ARG G 20 20.45 37.18 -49.81
CA ARG G 20 21.28 36.57 -50.86
C ARG G 20 22.54 37.39 -51.11
N VAL G 21 22.39 38.71 -51.16
CA VAL G 21 23.53 39.59 -51.47
C VAL G 21 24.58 39.47 -50.36
N ILE G 22 24.10 39.58 -49.11
CA ILE G 22 24.94 39.43 -47.93
C ILE G 22 25.57 38.05 -47.84
N TRP G 23 24.82 37.00 -48.22
CA TRP G 23 25.29 35.59 -48.16
C TRP G 23 26.57 35.33 -48.99
N LYS G 24 26.60 35.83 -50.22
CA LYS G 24 27.75 35.70 -51.16
C LYS G 24 28.98 36.46 -50.68
N MET G 25 28.78 37.65 -50.14
CA MET G 25 29.86 38.44 -49.54
C MET G 25 30.44 37.78 -48.27
N ILE G 26 29.59 37.16 -47.45
CA ILE G 26 30.06 36.38 -46.29
C ILE G 26 30.92 35.19 -46.73
N LYS G 27 30.45 34.43 -47.72
CA LYS G 27 31.17 33.30 -48.32
C LYS G 27 32.56 33.67 -48.88
N GLU G 28 32.62 34.75 -49.65
CA GLU G 28 33.82 35.17 -50.40
C GLU G 28 34.83 35.99 -49.59
N GLU G 29 34.35 36.73 -48.61
CA GLU G 29 35.24 37.55 -47.78
C GLU G 29 35.54 36.96 -46.40
N LEU G 30 34.57 36.26 -45.78
CA LEU G 30 34.72 35.80 -44.40
C LEU G 30 34.95 34.31 -44.21
N ILE G 31 34.58 33.47 -45.20
CA ILE G 31 34.66 32.01 -45.03
C ILE G 31 35.66 31.35 -45.99
N PHE G 32 35.38 31.45 -47.30
CA PHE G 32 36.16 30.75 -48.31
C PHE G 32 37.63 31.13 -48.37
N PRO G 33 37.97 32.38 -47.97
CA PRO G 33 39.41 32.68 -47.93
C PRO G 33 40.22 31.88 -46.91
N PHE G 34 39.55 31.28 -45.93
CA PHE G 34 40.19 30.57 -44.84
C PHE G 34 39.95 29.08 -44.82
N LEU G 35 38.80 28.62 -45.30
CA LEU G 35 38.45 27.21 -45.26
C LEU G 35 38.61 26.55 -46.61
N ASP G 36 38.97 25.28 -46.56
CA ASP G 36 39.02 24.39 -47.69
C ASP G 36 38.00 23.29 -47.33
N VAL G 37 36.74 23.66 -47.54
CA VAL G 37 35.60 22.88 -47.08
C VAL G 37 34.81 22.43 -48.31
N PRO G 38 34.43 21.15 -48.36
CA PRO G 38 33.47 20.74 -49.37
C PRO G 38 32.10 21.31 -49.09
N ILE G 39 31.57 22.05 -50.05
CA ILE G 39 30.22 22.56 -50.00
C ILE G 39 29.34 21.73 -50.97
N GLU G 40 28.20 21.25 -50.49
CA GLU G 40 27.18 20.71 -51.36
C GLU G 40 26.15 21.83 -51.43
N TYR G 41 26.03 22.41 -52.61
CA TYR G 41 25.28 23.64 -52.83
C TYR G 41 23.86 23.35 -53.24
N TYR G 42 22.92 24.03 -52.61
CA TYR G 42 21.52 23.97 -52.99
C TYR G 42 21.03 25.40 -53.01
N ASP G 43 20.52 25.84 -54.15
CA ASP G 43 19.99 27.20 -54.27
C ASP G 43 18.48 27.21 -53.96
N LEU G 44 18.12 27.76 -52.80
CA LEU G 44 16.69 27.94 -52.44
C LEU G 44 16.19 29.33 -52.77
N GLY G 45 16.86 29.99 -53.71
CA GLY G 45 16.29 31.11 -54.47
C GLY G 45 14.90 30.79 -54.97
N MET G 46 14.04 31.78 -54.87
CA MET G 46 12.63 31.65 -55.23
C MET G 46 12.44 31.13 -56.66
N GLU G 47 13.22 31.70 -57.59
CA GLU G 47 13.28 31.25 -58.98
C GLU G 47 13.52 29.76 -59.03
N ASN G 48 14.59 29.35 -58.35
CA ASN G 48 15.07 28.00 -58.45
C ASN G 48 14.12 27.03 -57.79
N ARG G 49 13.54 27.44 -56.66
CA ARG G 49 12.50 26.62 -56.02
C ARG G 49 11.31 26.45 -56.96
N ASP G 50 10.96 27.51 -57.69
CA ASP G 50 9.88 27.42 -58.67
C ASP G 50 10.24 26.49 -59.80
N LYS G 51 11.38 26.75 -60.43
CA LYS G 51 11.80 25.91 -61.55
C LYS G 51 11.88 24.43 -61.15
N THR G 52 12.43 24.11 -59.96
CA THR G 52 12.58 22.71 -59.54
C THR G 52 11.32 22.08 -58.88
N ASP G 53 10.18 22.78 -58.86
CA ASP G 53 8.88 22.30 -58.28
C ASP G 53 8.93 22.11 -56.77
N ASP G 54 9.72 22.97 -56.13
CA ASP G 54 10.03 22.85 -54.70
C ASP G 54 10.75 21.53 -54.36
N GLN G 55 11.46 20.92 -55.30
CA GLN G 55 12.23 19.69 -55.00
C GLN G 55 13.63 19.98 -54.43
N VAL G 56 14.24 21.10 -54.85
CA VAL G 56 15.54 21.57 -54.34
C VAL G 56 15.56 21.83 -52.81
N THR G 57 14.40 22.15 -52.24
CA THR G 57 14.24 22.32 -50.81
C THR G 57 14.31 20.97 -50.13
N VAL G 58 13.58 20.03 -50.71
CA VAL G 58 13.50 18.67 -50.15
C VAL G 58 14.87 17.97 -50.28
N ASP G 59 15.51 18.05 -51.45
CA ASP G 59 16.86 17.49 -51.62
C ASP G 59 17.81 18.09 -50.55
N ALA G 60 17.70 19.39 -50.31
CA ALA G 60 18.55 20.13 -49.38
C ALA G 60 18.41 19.59 -47.96
N ALA G 61 17.18 19.51 -47.51
CA ALA G 61 16.84 18.86 -46.25
C ALA G 61 17.47 17.47 -46.09
N HIS G 62 17.28 16.59 -47.08
CA HIS G 62 17.88 15.25 -47.02
C HIS G 62 19.41 15.30 -46.99
N ALA G 63 20.01 16.21 -47.75
CA ALA G 63 21.47 16.36 -47.71
C ALA G 63 21.99 16.81 -46.33
N ILE G 64 21.19 17.54 -45.57
CA ILE G 64 21.56 17.95 -44.20
C ILE G 64 21.57 16.73 -43.26
N LYS G 65 20.50 15.94 -43.31
CA LYS G 65 20.40 14.67 -42.60
C LYS G 65 21.60 13.75 -42.92
N LYS G 66 21.93 13.62 -44.20
CA LYS G 66 23.07 12.80 -44.59
C LYS G 66 24.41 13.25 -43.97
N HIS G 67 24.75 14.53 -44.14
CA HIS G 67 26.08 15.02 -43.86
C HIS G 67 26.21 15.58 -42.44
N GLY G 68 25.09 15.85 -41.79
CA GLY G 68 25.09 16.37 -40.44
C GLY G 68 25.11 17.88 -40.30
N VAL G 69 25.23 18.65 -41.39
CA VAL G 69 25.36 20.09 -41.24
C VAL G 69 24.79 20.87 -42.40
N GLY G 70 23.92 21.83 -42.05
CA GLY G 70 23.31 22.76 -42.97
C GLY G 70 23.46 24.20 -42.47
N VAL G 71 23.57 25.11 -43.43
CA VAL G 71 23.71 26.54 -43.19
C VAL G 71 22.82 27.24 -44.19
N LYS G 72 21.86 28.00 -43.72
CA LYS G 72 20.79 28.50 -44.60
C LYS G 72 20.55 30.00 -44.54
N CYS G 73 20.55 30.58 -45.72
CA CYS G 73 20.18 31.95 -45.97
C CYS G 73 18.64 32.13 -45.96
N ALA G 74 18.17 33.24 -45.39
CA ALA G 74 16.73 33.56 -45.43
C ALA G 74 16.23 33.53 -46.85
N THR G 75 15.00 33.02 -47.01
CA THR G 75 14.37 32.79 -48.31
C THR G 75 12.97 33.40 -48.32
N ILE G 76 12.41 33.63 -49.49
CA ILE G 76 11.03 34.17 -49.61
C ILE G 76 10.04 33.03 -49.41
N THR G 77 8.98 33.29 -48.65
CA THR G 77 7.85 32.38 -48.63
C THR G 77 6.73 33.06 -49.41
N PRO G 78 6.33 32.47 -50.55
CA PRO G 78 5.40 33.16 -51.44
C PRO G 78 3.93 33.19 -51.05
N ASP G 79 3.38 34.40 -50.97
CA ASP G 79 1.94 34.62 -51.10
C ASP G 79 1.55 35.03 -52.55
N GLU G 80 0.28 35.35 -52.76
CA GLU G 80 -0.23 35.73 -54.09
C GLU G 80 0.58 36.88 -54.67
N ALA G 81 1.00 37.81 -53.80
CA ALA G 81 1.82 38.96 -54.21
C ALA G 81 3.23 38.53 -54.65
N ARG G 82 3.78 37.48 -54.06
CA ARG G 82 5.01 36.89 -54.57
C ARG G 82 4.77 35.99 -55.80
N VAL G 83 3.60 35.35 -55.88
CA VAL G 83 3.23 34.63 -57.11
C VAL G 83 3.30 35.61 -58.29
N ARG G 84 2.61 36.74 -58.16
CA ARG G 84 2.59 37.79 -59.21
C ARG G 84 4.00 38.39 -59.45
N GLU G 85 4.79 38.64 -58.40
CA GLU G 85 6.13 39.23 -58.60
C GLU G 85 7.01 38.35 -59.49
N PHE G 86 7.04 37.05 -59.20
CA PHE G 86 7.94 36.09 -59.85
C PHE G 86 7.24 35.16 -60.86
N ASN G 87 5.94 35.38 -61.09
CA ASN G 87 5.15 34.51 -62.01
C ASN G 87 5.39 33.02 -61.76
N LEU G 88 5.01 32.61 -60.55
CA LEU G 88 5.26 31.29 -60.01
C LEU G 88 4.17 30.32 -60.41
N LYS G 89 4.51 29.05 -60.46
CA LYS G 89 3.57 27.97 -60.73
C LYS G 89 2.53 27.78 -59.63
N GLN G 90 2.92 27.92 -58.37
CA GLN G 90 2.00 27.82 -57.21
C GLN G 90 2.47 28.71 -56.05
N MET G 91 1.61 28.89 -55.05
CA MET G 91 2.03 29.44 -53.77
C MET G 91 2.79 28.38 -52.99
N TRP G 92 4.09 28.29 -53.27
CA TRP G 92 4.99 27.32 -52.62
C TRP G 92 5.04 27.48 -51.10
N LYS G 93 5.29 26.37 -50.38
CA LYS G 93 5.32 26.40 -48.90
C LYS G 93 6.64 26.96 -48.39
N SER G 94 6.63 27.33 -47.12
CA SER G 94 7.84 27.81 -46.47
C SER G 94 8.93 26.74 -46.57
N PRO G 95 10.06 27.08 -47.23
CA PRO G 95 11.17 26.13 -47.24
C PRO G 95 11.72 25.85 -45.83
N ASN G 96 11.64 26.82 -44.92
CA ASN G 96 12.00 26.55 -43.53
C ASN G 96 11.10 25.48 -42.93
N GLY G 97 9.79 25.64 -43.09
CA GLY G 97 8.80 24.64 -42.72
C GLY G 97 9.00 23.25 -43.31
N THR G 98 9.47 23.17 -44.56
CA THR G 98 9.66 21.87 -45.21
C THR G 98 10.91 21.23 -44.64
N ILE G 99 12.00 22.01 -44.57
CA ILE G 99 13.27 21.57 -43.93
C ILE G 99 13.05 21.00 -42.53
N ARG G 100 12.22 21.68 -41.74
CA ARG G 100 11.96 21.30 -40.35
C ARG G 100 10.96 20.14 -40.24
N ASN G 101 10.04 20.02 -41.20
CA ASN G 101 9.18 18.83 -41.27
C ASN G 101 9.96 17.55 -41.58
N ILE G 102 11.07 17.69 -42.29
CA ILE G 102 11.86 16.55 -42.71
C ILE G 102 12.85 16.16 -41.61
N LEU G 103 13.59 17.16 -41.14
CA LEU G 103 14.71 16.95 -40.22
C LEU G 103 14.21 16.73 -38.80
N GLY G 104 13.11 17.40 -38.46
CA GLY G 104 12.59 17.42 -37.11
C GLY G 104 13.43 18.28 -36.18
N GLY G 105 12.97 18.37 -34.92
CA GLY G 105 13.77 18.90 -33.81
C GLY G 105 13.27 20.20 -33.24
N THR G 106 14.18 20.91 -32.58
CA THR G 106 13.83 22.12 -31.84
C THR G 106 14.79 23.19 -32.30
N VAL G 107 14.26 24.38 -32.58
CA VAL G 107 15.09 25.53 -33.02
C VAL G 107 15.44 26.36 -31.78
N PHE G 108 16.74 26.50 -31.52
CA PHE G 108 17.23 27.23 -30.32
C PHE G 108 17.80 28.60 -30.74
N ARG G 109 17.17 29.66 -30.20
CA ARG G 109 17.40 31.03 -30.69
C ARG G 109 17.77 31.87 -29.50
N GLU G 110 18.73 32.77 -29.74
CA GLU G 110 19.41 33.50 -28.68
C GLU G 110 20.00 34.78 -29.29
N PRO G 111 19.92 35.93 -28.59
CA PRO G 111 20.55 37.12 -29.11
C PRO G 111 22.08 37.00 -29.05
N ILE G 112 22.75 37.79 -29.88
CA ILE G 112 24.20 37.94 -29.86
C ILE G 112 24.50 39.25 -29.12
N MET G 113 25.29 39.16 -28.05
CA MET G 113 25.46 40.31 -27.15
C MET G 113 26.60 41.22 -27.62
N CYS G 114 26.31 42.51 -27.69
CA CYS G 114 27.33 43.53 -27.95
C CYS G 114 27.32 44.55 -26.78
N LYS G 115 28.47 44.68 -26.10
CA LYS G 115 28.62 45.56 -24.91
C LYS G 115 28.06 46.96 -25.11
N ASN G 116 28.43 47.56 -26.25
CA ASN G 116 28.08 48.93 -26.58
C ASN G 116 26.65 49.21 -27.08
N VAL G 117 25.88 48.17 -27.43
CA VAL G 117 24.52 48.33 -27.98
C VAL G 117 23.49 48.31 -26.81
N PRO G 118 22.81 49.45 -26.52
CA PRO G 118 21.80 49.40 -25.46
C PRO G 118 20.58 48.55 -25.83
N ARG G 119 20.09 47.73 -24.89
CA ARG G 119 18.86 46.96 -25.11
C ARG G 119 17.65 47.88 -25.02
N LEU G 120 16.61 47.56 -25.80
CA LEU G 120 15.37 48.34 -25.77
C LEU G 120 14.56 48.09 -24.48
N VAL G 121 14.62 46.88 -23.96
CA VAL G 121 13.94 46.51 -22.70
C VAL G 121 14.89 46.70 -21.50
N THR G 122 14.50 47.60 -20.60
CA THR G 122 15.38 48.11 -19.55
C THR G 122 15.77 47.02 -18.55
N THR G 123 14.87 46.06 -18.35
CA THR G 123 15.10 44.99 -17.40
C THR G 123 16.04 43.87 -17.84
N TRP G 124 16.22 43.65 -19.14
CA TRP G 124 16.93 42.44 -19.62
C TRP G 124 18.44 42.47 -19.42
N LYS G 125 18.87 42.08 -18.22
CA LYS G 125 20.31 41.98 -17.88
C LYS G 125 20.98 40.72 -18.46
N HIS G 126 20.19 39.70 -18.79
CA HIS G 126 20.73 38.42 -19.25
C HIS G 126 20.03 37.87 -20.52
N PRO G 127 20.71 36.99 -21.29
CA PRO G 127 20.08 36.41 -22.49
C PRO G 127 18.86 35.52 -22.19
N ILE G 128 17.94 35.45 -23.13
CA ILE G 128 16.83 34.53 -23.09
C ILE G 128 17.02 33.61 -24.26
N VAL G 129 17.26 32.33 -23.99
CA VAL G 129 17.28 31.31 -25.04
C VAL G 129 15.85 30.81 -25.26
N ILE G 130 15.28 31.03 -26.45
CA ILE G 130 14.00 30.41 -26.81
C ILE G 130 14.24 29.10 -27.53
N GLY G 131 13.54 28.05 -27.09
CA GLY G 131 13.53 26.74 -27.77
C GLY G 131 12.23 26.55 -28.54
N ARG G 132 12.26 26.84 -29.83
CA ARG G 132 11.07 26.72 -30.67
C ARG G 132 10.89 25.27 -31.17
N HIS G 133 9.77 24.67 -30.80
CA HIS G 133 9.34 23.40 -31.37
C HIS G 133 9.17 23.63 -32.88
N ALA G 134 9.81 22.78 -33.69
CA ALA G 134 9.96 23.01 -35.13
C ALA G 134 8.88 22.40 -36.00
N PHE G 135 8.05 21.54 -35.41
CA PHE G 135 7.14 20.64 -36.14
C PHE G 135 5.70 21.02 -35.89
N GLY G 136 4.91 21.00 -36.94
CA GLY G 136 3.48 20.86 -36.81
C GLY G 136 2.78 22.16 -36.57
N ASP G 137 1.64 22.11 -35.89
CA ASP G 137 0.82 23.30 -35.60
C ASP G 137 0.57 24.09 -36.88
N GLN G 138 0.79 25.42 -36.88
CA GLN G 138 0.41 26.27 -38.03
C GLN G 138 1.29 26.06 -39.24
N TYR G 139 2.40 25.33 -39.08
CA TYR G 139 3.45 25.24 -40.09
C TYR G 139 3.42 23.97 -40.94
N ARG G 140 2.40 23.11 -40.73
CA ARG G 140 2.04 22.02 -41.68
C ARG G 140 0.51 21.86 -41.74
N ALA G 141 -0.18 22.98 -41.62
CA ALA G 141 -1.63 22.97 -41.49
C ALA G 141 -2.27 22.92 -42.88
N THR G 142 -3.56 22.66 -42.90
CA THR G 142 -4.32 22.65 -44.12
C THR G 142 -5.47 23.62 -43.92
N ASP G 143 -5.56 24.64 -44.77
CA ASP G 143 -6.59 25.67 -44.65
C ASP G 143 -7.37 25.85 -45.94
N LEU G 144 -8.53 26.48 -45.85
CA LEU G 144 -9.50 26.47 -46.94
C LEU G 144 -10.38 27.70 -46.86
N VAL G 145 -10.86 28.16 -48.01
CA VAL G 145 -11.84 29.23 -48.11
C VAL G 145 -13.20 28.59 -48.40
N VAL G 146 -14.18 28.86 -47.53
CA VAL G 146 -15.59 28.52 -47.76
C VAL G 146 -16.34 29.72 -48.38
N ASN G 147 -17.26 29.44 -49.31
CA ASN G 147 -17.93 30.48 -50.11
C ASN G 147 -19.46 30.58 -49.93
N GLY G 148 -20.02 29.81 -49.01
CA GLY G 148 -21.45 29.89 -48.71
C GLY G 148 -21.83 28.97 -47.56
N PRO G 149 -23.15 28.75 -47.35
CA PRO G 149 -23.59 27.91 -46.22
C PRO G 149 -23.05 26.47 -46.28
N GLY G 150 -22.76 25.91 -45.10
CA GLY G 150 -22.24 24.55 -44.98
C GLY G 150 -21.60 24.23 -43.64
N THR G 151 -21.50 22.93 -43.36
CA THR G 151 -20.99 22.40 -42.07
C THR G 151 -19.52 21.92 -42.22
N PHE G 152 -18.63 22.63 -41.55
CA PHE G 152 -17.23 22.26 -41.36
C PHE G 152 -17.20 21.15 -40.33
N GLU G 153 -16.73 19.97 -40.75
CA GLU G 153 -16.57 18.82 -39.86
C GLU G 153 -15.19 18.23 -39.98
N ILE G 154 -14.73 17.68 -38.86
CA ILE G 154 -13.53 16.88 -38.83
C ILE G 154 -13.95 15.42 -38.78
N HIS G 155 -13.29 14.62 -39.62
CA HIS G 155 -13.41 13.19 -39.59
C HIS G 155 -12.06 12.59 -39.22
N PHE G 156 -12.04 11.78 -38.19
CA PHE G 156 -10.86 11.05 -37.82
C PHE G 156 -11.11 9.62 -38.22
N VAL G 157 -10.21 9.03 -38.96
CA VAL G 157 -10.39 7.68 -39.43
C VAL G 157 -9.34 6.71 -38.94
N PRO G 158 -9.72 5.92 -37.87
CA PRO G 158 -8.69 5.00 -37.38
C PRO G 158 -8.28 3.96 -38.40
N GLU G 159 -7.03 3.55 -38.30
CA GLU G 159 -6.48 2.60 -39.25
C GLU G 159 -7.13 1.23 -39.29
N SER G 160 -7.50 0.72 -38.15
CA SER G 160 -8.06 -0.60 -38.09
C SER G 160 -9.25 -0.67 -38.99
N GLY G 161 -9.98 0.42 -39.08
CA GLY G 161 -11.17 0.41 -39.90
C GLY G 161 -12.40 0.44 -39.05
N GLY G 162 -12.22 0.85 -37.81
CA GLY G 162 -13.32 1.00 -36.87
C GLY G 162 -14.02 2.21 -37.43
N ALA G 163 -15.25 2.47 -37.05
CA ALA G 163 -15.95 3.58 -37.63
C ALA G 163 -15.30 4.91 -37.44
N ALA G 164 -15.57 5.79 -38.38
CA ALA G 164 -15.05 7.14 -38.38
C ALA G 164 -15.52 7.99 -37.22
N GLN G 165 -14.66 8.85 -36.74
CA GLN G 165 -14.97 9.74 -35.63
C GLN G 165 -15.21 11.18 -36.12
N VAL G 166 -16.45 11.64 -35.97
CA VAL G 166 -16.86 12.94 -36.47
C VAL G 166 -17.32 14.03 -35.49
N GLN G 167 -16.84 15.23 -35.69
CA GLN G 167 -17.30 16.38 -34.89
C GLN G 167 -17.66 17.52 -35.83
N LYS G 168 -18.87 18.09 -35.69
CA LYS G 168 -19.22 19.37 -36.31
C LYS G 168 -18.37 20.39 -35.60
N VAL G 169 -17.66 21.23 -36.36
CA VAL G 169 -16.84 22.33 -35.82
C VAL G 169 -17.56 23.68 -35.91
N PHE G 170 -18.14 23.96 -37.09
CA PHE G 170 -19.04 25.11 -37.26
C PHE G 170 -20.06 24.86 -38.37
N ASP G 171 -21.26 25.46 -38.24
CA ASP G 171 -22.17 25.64 -39.39
C ASP G 171 -21.93 27.04 -39.93
N PHE G 172 -21.21 27.14 -41.05
CA PHE G 172 -21.06 28.42 -41.77
C PHE G 172 -22.40 28.76 -42.43
N LYS G 173 -22.80 30.02 -42.44
CA LYS G 173 -24.00 30.47 -43.19
C LYS G 173 -23.70 31.43 -44.33
N SER G 174 -22.50 32.01 -44.34
CA SER G 174 -21.90 32.63 -45.53
C SER G 174 -20.42 32.21 -45.59
N GLY G 175 -19.59 33.03 -46.22
CA GLY G 175 -18.19 32.69 -46.44
C GLY G 175 -17.27 32.89 -45.27
N GLY G 176 -16.11 32.25 -45.36
CA GLY G 176 -15.06 32.44 -44.37
C GLY G 176 -13.85 31.56 -44.65
N VAL G 177 -13.20 31.14 -43.57
CA VAL G 177 -12.00 30.34 -43.63
C VAL G 177 -12.03 29.29 -42.54
N LEU G 178 -11.39 28.16 -42.83
CA LEU G 178 -11.24 27.05 -41.90
C LEU G 178 -9.88 26.38 -42.05
N MET G 179 -9.52 25.57 -41.06
CA MET G 179 -8.26 24.87 -41.10
C MET G 179 -8.18 23.70 -40.14
N GLY G 180 -7.28 22.78 -40.45
CA GLY G 180 -6.93 21.70 -39.58
C GLY G 180 -5.45 21.85 -39.29
N MET G 181 -5.04 21.52 -38.06
CA MET G 181 -3.62 21.39 -37.74
C MET G 181 -3.42 20.30 -36.69
N TYR G 182 -2.17 19.86 -36.57
CA TYR G 182 -1.84 18.68 -35.76
C TYR G 182 -0.45 18.73 -35.14
N ASN G 183 -0.22 17.80 -34.24
CA ASN G 183 1.07 17.54 -33.66
C ASN G 183 1.16 16.10 -33.20
N THR G 184 2.34 15.61 -32.97
CA THR G 184 2.47 14.26 -32.54
C THR G 184 3.15 14.15 -31.21
N ASP G 185 2.84 13.10 -30.49
CA ASP G 185 3.37 12.79 -29.18
C ASP G 185 4.85 12.64 -29.29
N GLU G 186 5.24 12.07 -30.40
CA GLU G 186 6.60 11.84 -30.70
C GLU G 186 7.38 13.09 -30.82
N SER G 187 6.82 14.02 -31.55
CA SER G 187 7.47 15.27 -31.75
C SER G 187 7.55 16.04 -30.49
N ILE G 188 6.46 16.06 -29.75
CA ILE G 188 6.40 16.78 -28.50
C ILE G 188 7.39 16.24 -27.46
N LYS G 189 7.56 14.94 -27.42
CA LYS G 189 8.51 14.30 -26.55
C LYS G 189 9.96 14.66 -26.86
N ASP G 190 10.32 14.72 -28.12
CA ASP G 190 11.62 15.10 -28.56
C ASP G 190 11.77 16.55 -28.23
N PHE G 191 10.69 17.29 -28.43
CA PHE G 191 10.70 18.68 -28.13
C PHE G 191 10.93 18.88 -26.66
N ALA G 192 10.21 18.15 -25.81
CA ALA G 192 10.40 18.27 -24.40
C ALA G 192 11.78 17.84 -23.93
N LYS G 193 12.26 16.73 -24.41
CA LYS G 193 13.60 16.22 -24.08
C LYS G 193 14.69 17.26 -24.30
N SER G 194 14.75 17.81 -25.51
CA SER G 194 15.87 18.66 -25.89
C SER G 194 15.84 20.01 -25.14
N CYS G 195 14.63 20.50 -24.79
CA CYS G 195 14.51 21.70 -23.96
C CYS G 195 14.95 21.42 -22.52
N PHE G 196 14.58 20.24 -21.98
CA PHE G 196 15.01 19.85 -20.62
C PHE G 196 16.52 19.70 -20.56
N GLU G 197 17.08 19.08 -21.60
CA GLU G 197 18.51 18.84 -21.65
C GLU G 197 19.29 20.14 -21.73
N TYR G 198 18.91 20.98 -22.68
CA TYR G 198 19.57 22.26 -22.93
C TYR G 198 19.60 23.14 -21.69
N ALA G 199 18.49 23.16 -20.96
CA ALA G 199 18.40 23.92 -19.74
C ALA G 199 19.26 23.28 -18.63
N LEU G 200 19.37 21.95 -18.66
CA LEU G 200 20.19 21.22 -17.68
C LEU G 200 21.67 21.58 -17.82
N SER G 201 22.15 21.53 -19.06
CA SER G 201 23.55 21.87 -19.42
C SER G 201 23.89 23.35 -19.21
N LYS G 202 22.97 24.24 -19.58
CA LYS G 202 23.05 25.66 -19.20
C LYS G 202 23.06 25.84 -17.66
N LYS G 203 22.32 24.96 -16.97
CA LYS G 203 22.03 25.07 -15.54
C LYS G 203 21.18 26.32 -15.34
N TRP G 204 20.10 26.39 -16.12
CA TRP G 204 19.12 27.49 -16.11
C TRP G 204 17.72 26.92 -15.95
N PRO G 205 16.77 27.74 -15.49
CA PRO G 205 15.38 27.27 -15.46
C PRO G 205 14.74 27.21 -16.85
N LEU G 206 13.65 26.45 -16.94
CA LEU G 206 12.94 26.20 -18.19
C LEU G 206 11.45 26.52 -18.07
N TYR G 207 10.95 27.40 -18.93
CA TYR G 207 9.53 27.66 -18.96
C TYR G 207 8.95 27.06 -20.21
N LEU G 208 7.81 26.39 -20.08
CA LEU G 208 6.99 26.05 -21.24
C LEU G 208 5.75 26.94 -21.15
N SER G 209 5.41 27.60 -22.25
CA SER G 209 4.16 28.34 -22.35
C SER G 209 3.21 27.64 -23.32
N THR G 210 1.92 27.60 -22.97
CA THR G 210 0.90 27.10 -23.89
C THR G 210 -0.34 27.93 -23.64
N LYS G 211 -1.41 27.61 -24.36
CA LYS G 211 -2.73 28.14 -24.03
C LYS G 211 -3.73 27.00 -23.67
N ASN G 212 -3.30 26.12 -22.77
CA ASN G 212 -4.10 24.94 -22.42
C ASN G 212 -5.47 25.24 -21.77
N THR G 213 -5.67 26.47 -21.33
CA THR G 213 -6.99 26.89 -20.85
C THR G 213 -8.04 27.00 -21.96
N ILE G 214 -7.60 27.16 -23.21
CA ILE G 214 -8.48 27.27 -24.38
C ILE G 214 -8.36 26.02 -25.32
N LEU G 215 -7.14 25.56 -25.55
CA LEU G 215 -6.87 24.30 -26.28
C LEU G 215 -6.55 23.27 -25.25
N LYS G 216 -7.59 22.94 -24.50
CA LYS G 216 -7.53 22.09 -23.31
C LYS G 216 -6.86 20.74 -23.60
N ARG G 217 -7.18 20.16 -24.75
CA ARG G 217 -6.68 18.85 -25.14
C ARG G 217 -5.42 18.98 -26.02
N TYR G 218 -5.43 19.87 -27.02
CA TYR G 218 -4.29 20.01 -27.94
C TYR G 218 -3.06 20.49 -27.15
N ASP G 219 -3.20 21.62 -26.46
CA ASP G 219 -2.10 22.21 -25.67
C ASP G 219 -1.90 21.47 -24.36
N GLY G 220 -2.99 21.01 -23.73
CA GLY G 220 -2.89 20.16 -22.52
C GLY G 220 -1.95 18.98 -22.69
N ARG G 221 -1.87 18.44 -23.92
CA ARG G 221 -0.88 17.43 -24.25
C ARG G 221 0.54 17.92 -24.08
N PHE G 222 0.82 19.16 -24.50
CA PHE G 222 2.17 19.71 -24.30
C PHE G 222 2.51 19.78 -22.82
N LYS G 223 1.61 20.38 -22.02
CA LYS G 223 1.83 20.50 -20.58
C LYS G 223 1.97 19.14 -19.91
N ASP G 224 1.07 18.22 -20.29
CA ASP G 224 1.06 16.85 -19.74
C ASP G 224 2.37 16.14 -20.02
N ILE G 225 2.80 16.17 -21.27
CA ILE G 225 4.00 15.46 -21.67
C ILE G 225 5.27 15.99 -21.00
N PHE G 226 5.38 17.32 -20.89
CA PHE G 226 6.47 17.97 -20.12
C PHE G 226 6.41 17.62 -18.62
N ALA G 227 5.21 17.68 -18.03
CA ALA G 227 5.01 17.37 -16.63
C ALA G 227 5.40 15.94 -16.33
N GLU G 228 4.84 14.94 -17.07
CA GLU G 228 5.16 13.51 -16.90
C GLU G 228 6.68 13.28 -17.04
N MET G 229 7.30 13.94 -18.02
CA MET G 229 8.73 13.75 -18.32
C MET G 229 9.64 14.40 -17.26
N TYR G 230 9.28 15.59 -16.79
CA TYR G 230 9.97 16.27 -15.68
C TYR G 230 10.04 15.41 -14.40
N LYS G 231 8.89 15.00 -13.89
CA LYS G 231 8.84 14.01 -12.81
C LYS G 231 9.83 12.87 -13.10
N ALA G 232 9.56 12.14 -14.18
CA ALA G 232 10.20 10.86 -14.45
C ALA G 232 11.71 10.93 -14.64
N SER G 233 12.21 11.98 -15.30
CA SER G 233 13.61 12.00 -15.77
C SER G 233 14.47 13.23 -15.40
N TYR G 234 13.86 14.28 -14.82
CA TYR G 234 14.52 15.59 -14.70
C TYR G 234 14.35 16.31 -13.37
N GLU G 235 13.18 16.18 -12.73
CA GLU G 235 12.93 16.91 -11.49
C GLU G 235 14.13 16.77 -10.51
N ALA G 236 14.73 15.58 -10.41
CA ALA G 236 15.82 15.32 -9.46
C ALA G 236 17.05 16.13 -9.79
N ASP G 237 17.53 15.96 -11.01
CA ASP G 237 18.73 16.67 -11.45
C ASP G 237 18.54 18.19 -11.51
N TYR G 238 17.33 18.62 -11.87
CA TYR G 238 16.98 20.04 -11.81
C TYR G 238 17.13 20.58 -10.39
N LYS G 239 16.62 19.82 -9.43
CA LYS G 239 16.71 20.21 -8.01
C LYS G 239 18.17 20.24 -7.51
N LYS G 240 18.97 19.25 -7.94
CA LYS G 240 20.45 19.23 -7.74
C LYS G 240 21.12 20.58 -8.14
N ALA G 241 21.09 20.92 -9.42
CA ALA G 241 21.71 22.15 -9.91
C ALA G 241 21.01 23.47 -9.47
N GLY G 242 19.88 23.38 -8.77
CA GLY G 242 19.23 24.55 -8.17
C GLY G 242 18.43 25.33 -9.19
N ILE G 243 17.80 24.61 -10.11
CA ILE G 243 16.99 25.19 -11.20
C ILE G 243 15.65 24.48 -11.11
N TRP G 244 14.67 24.91 -11.90
CA TRP G 244 13.34 24.28 -11.92
C TRP G 244 12.74 24.32 -13.33
N TYR G 245 11.60 23.67 -13.52
CA TYR G 245 10.76 23.86 -14.72
C TYR G 245 9.33 24.27 -14.30
N GLU G 246 8.77 25.27 -14.97
CA GLU G 246 7.38 25.66 -14.75
C GLU G 246 6.66 25.67 -16.09
N HIS G 247 5.43 25.14 -16.09
CA HIS G 247 4.45 25.52 -17.10
C HIS G 247 3.80 26.84 -16.73
N ARG G 248 3.69 27.74 -17.70
CA ARG G 248 3.02 29.02 -17.48
C ARG G 248 2.15 29.33 -18.67
N LEU G 249 0.96 29.90 -18.45
CA LEU G 249 0.15 30.35 -19.59
C LEU G 249 0.89 31.42 -20.41
N ILE G 250 0.72 31.41 -21.73
CA ILE G 250 1.41 32.34 -22.66
C ILE G 250 1.29 33.83 -22.25
N ASP G 251 0.12 34.25 -21.79
CA ASP G 251 -0.08 35.64 -21.29
C ASP G 251 0.86 35.93 -20.13
N ASP G 252 0.89 34.98 -19.21
CA ASP G 252 1.76 35.04 -18.04
C ASP G 252 3.24 35.00 -18.48
N MET G 253 3.55 34.17 -19.48
CA MET G 253 4.93 34.04 -19.92
C MET G 253 5.50 35.28 -20.64
N VAL G 254 4.75 35.86 -21.59
CA VAL G 254 5.24 37.05 -22.32
C VAL G 254 5.36 38.30 -21.41
N ALA G 255 4.43 38.45 -20.45
CA ALA G 255 4.53 39.47 -19.39
C ALA G 255 5.72 39.19 -18.49
N TYR G 256 5.85 37.95 -18.00
CA TYR G 256 7.05 37.56 -17.25
C TYR G 256 8.32 37.96 -18.00
N ALA G 257 8.42 37.55 -19.27
CA ALA G 257 9.65 37.74 -20.05
C ALA G 257 10.08 39.20 -20.16
N MET G 258 9.10 40.09 -20.39
CA MET G 258 9.32 41.54 -20.45
C MET G 258 9.88 42.14 -19.16
N LYS G 259 9.23 41.85 -18.02
CA LYS G 259 9.65 42.42 -16.72
C LYS G 259 10.76 41.63 -16.05
N SER G 260 10.91 40.35 -16.39
CA SER G 260 11.98 39.54 -15.80
C SER G 260 13.33 39.95 -16.37
N GLU G 261 14.39 39.46 -15.72
CA GLU G 261 15.75 39.85 -16.06
C GLU G 261 16.43 38.91 -17.06
N GLY G 262 15.75 37.83 -17.45
CA GLY G 262 16.36 36.79 -18.29
C GLY G 262 17.00 35.65 -17.53
N GLY G 263 17.91 34.98 -18.19
CA GLY G 263 18.60 33.85 -17.63
C GLY G 263 17.82 32.58 -17.52
N TYR G 264 16.99 32.33 -18.51
CA TYR G 264 16.20 31.13 -18.54
C TYR G 264 16.02 30.66 -19.97
N VAL G 265 15.62 29.43 -20.14
CA VAL G 265 15.35 28.86 -21.44
C VAL G 265 13.85 28.86 -21.54
N TRP G 266 13.31 29.40 -22.62
CA TRP G 266 11.89 29.49 -22.79
C TRP G 266 11.38 28.59 -23.90
N ALA G 267 10.76 27.50 -23.54
CA ALA G 267 10.23 26.56 -24.51
C ALA G 267 8.91 27.02 -25.08
N CYS G 268 8.84 27.12 -26.39
CA CYS G 268 7.62 27.57 -27.09
C CYS G 268 7.09 26.55 -28.11
N LYS G 269 5.77 26.53 -28.24
CA LYS G 269 5.14 25.93 -29.39
C LYS G 269 5.63 26.64 -30.65
N ASN G 270 5.57 25.92 -31.78
CA ASN G 270 6.03 26.42 -33.07
C ASN G 270 5.76 27.91 -33.30
N TYR G 271 4.48 28.29 -33.23
CA TYR G 271 4.01 29.66 -33.48
C TYR G 271 4.60 30.68 -32.52
N ASP G 272 4.46 30.44 -31.23
CA ASP G 272 5.04 31.31 -30.19
C ASP G 272 6.56 31.45 -30.30
N GLY G 273 7.24 30.38 -30.72
CA GLY G 273 8.68 30.44 -31.00
C GLY G 273 9.01 31.33 -32.19
N ASP G 274 8.13 31.32 -33.19
CA ASP G 274 8.27 32.18 -34.35
C ASP G 274 8.21 33.59 -33.87
N VAL G 275 7.08 33.97 -33.31
CA VAL G 275 6.74 35.36 -33.05
C VAL G 275 7.59 35.94 -31.92
N GLN G 276 7.77 35.20 -30.83
CA GLN G 276 8.44 35.77 -29.64
C GLN G 276 9.97 35.88 -29.80
N SER G 277 10.58 35.05 -30.65
CA SER G 277 12.02 35.21 -30.98
C SER G 277 12.30 36.52 -31.71
N ASP G 278 11.37 37.02 -32.51
CA ASP G 278 11.51 38.35 -33.12
C ASP G 278 11.29 39.47 -32.10
N SER G 279 10.25 39.32 -31.29
CA SER G 279 10.03 40.21 -30.16
C SER G 279 11.27 40.21 -29.22
N VAL G 280 11.78 39.03 -28.86
CA VAL G 280 13.00 38.95 -28.03
C VAL G 280 14.23 39.49 -28.77
N ALA G 281 14.44 39.09 -30.04
CA ALA G 281 15.57 39.55 -30.88
C ALA G 281 15.76 41.08 -30.88
N GLN G 282 14.67 41.75 -31.23
CA GLN G 282 14.57 43.21 -31.30
C GLN G 282 14.78 43.84 -29.93
N GLY G 283 14.08 43.30 -28.93
CA GLY G 283 14.27 43.69 -27.53
C GLY G 283 15.73 43.74 -27.09
N PHE G 284 16.60 42.87 -27.60
CA PHE G 284 18.05 42.95 -27.30
C PHE G 284 18.84 43.98 -28.12
N GLY G 285 18.31 44.32 -29.28
CA GLY G 285 18.94 45.34 -30.11
C GLY G 285 18.46 45.33 -31.53
N SER G 286 18.48 44.15 -32.15
CA SER G 286 18.21 44.04 -33.57
C SER G 286 17.95 42.60 -34.01
N LEU G 287 17.20 42.46 -35.08
CA LEU G 287 16.88 41.18 -35.70
C LEU G 287 18.10 40.50 -36.31
N GLY G 288 19.13 41.28 -36.65
CA GLY G 288 20.43 40.74 -37.05
C GLY G 288 21.32 40.21 -35.93
N LEU G 289 20.97 40.54 -34.68
CA LEU G 289 21.65 40.05 -33.49
C LEU G 289 20.91 38.85 -32.87
N MET G 290 20.92 37.72 -33.58
CA MET G 290 20.31 36.47 -33.10
C MET G 290 20.78 35.21 -33.84
N THR G 291 21.09 34.18 -33.05
CA THR G 291 21.43 32.86 -33.54
C THR G 291 20.17 32.04 -33.67
N SER G 292 20.20 31.05 -34.57
CA SER G 292 19.06 30.15 -34.75
C SER G 292 19.56 28.81 -35.24
N VAL G 293 19.57 27.81 -34.37
CA VAL G 293 20.15 26.50 -34.67
C VAL G 293 19.06 25.46 -34.52
N LEU G 294 18.74 24.75 -35.60
CA LEU G 294 17.85 23.60 -35.52
C LEU G 294 18.67 22.39 -35.12
N MET G 295 18.29 21.79 -34.01
CA MET G 295 18.98 20.65 -33.45
C MET G 295 18.09 19.38 -33.53
N SER G 296 18.62 18.33 -34.14
CA SER G 296 18.01 16.99 -34.11
C SER G 296 18.02 16.41 -32.68
N PRO G 297 17.09 15.49 -32.37
CA PRO G 297 17.10 14.96 -30.99
C PRO G 297 18.36 14.13 -30.67
N ASP G 298 18.96 13.49 -31.68
CA ASP G 298 20.25 12.81 -31.49
C ASP G 298 21.46 13.77 -31.44
N GLY G 299 21.25 15.05 -31.72
CA GLY G 299 22.31 16.05 -31.64
C GLY G 299 23.39 15.90 -32.70
N ARG G 300 23.20 14.98 -33.64
CA ARG G 300 24.16 14.72 -34.69
C ARG G 300 24.00 15.71 -35.86
N THR G 301 22.80 16.27 -36.03
CA THR G 301 22.46 17.08 -37.20
C THR G 301 22.09 18.51 -36.80
N VAL G 302 22.89 19.49 -37.26
CA VAL G 302 22.62 20.91 -37.05
C VAL G 302 22.30 21.65 -38.35
N GLU G 303 21.09 22.18 -38.47
CA GLU G 303 20.83 23.27 -39.43
C GLU G 303 20.93 24.62 -38.72
N ALA G 304 21.79 25.48 -39.25
CA ALA G 304 21.96 26.83 -38.74
C ALA G 304 21.36 27.80 -39.76
N GLU G 305 20.72 28.85 -39.28
CA GLU G 305 20.02 29.78 -40.14
C GLU G 305 20.05 31.20 -39.59
N ALA G 306 19.46 32.12 -40.34
CA ALA G 306 19.09 33.43 -39.83
C ALA G 306 17.59 33.35 -39.57
N ALA G 307 17.19 33.69 -38.36
CA ALA G 307 15.78 33.60 -37.99
C ALA G 307 15.03 34.68 -38.76
N HIS G 308 15.63 35.85 -38.88
CA HIS G 308 15.02 36.95 -39.67
C HIS G 308 14.84 36.62 -41.16
N GLY G 309 14.00 37.42 -41.81
CA GLY G 309 13.76 37.33 -43.23
C GLY G 309 14.75 38.01 -44.16
N THR G 310 14.31 38.15 -45.41
CA THR G 310 15.16 38.54 -46.53
C THR G 310 15.37 40.06 -46.68
N VAL G 311 14.70 40.84 -45.84
CA VAL G 311 14.88 42.29 -45.75
C VAL G 311 14.53 42.92 -47.12
N THR G 312 13.33 42.59 -47.59
CA THR G 312 12.79 43.08 -48.85
C THR G 312 12.96 44.59 -49.03
N ARG G 313 12.59 45.37 -48.01
CA ARG G 313 12.63 46.83 -48.14
C ARG G 313 14.04 47.39 -48.35
N HIS G 314 15.05 46.78 -47.74
CA HIS G 314 16.45 47.13 -48.01
C HIS G 314 16.85 46.71 -49.42
N TYR G 315 16.46 45.49 -49.82
CA TYR G 315 16.75 44.95 -51.16
C TYR G 315 16.26 45.83 -52.32
N ARG G 316 15.02 46.36 -52.22
CA ARG G 316 14.49 47.33 -53.20
C ARG G 316 15.41 48.54 -53.44
N GLN G 317 16.02 49.07 -52.38
CA GLN G 317 16.98 50.17 -52.51
C GLN G 317 18.24 49.70 -53.24
N HIS G 318 18.75 48.54 -52.82
CA HIS G 318 19.92 47.88 -53.42
C HIS G 318 19.74 47.66 -54.92
N GLN G 319 18.58 47.11 -55.31
CA GLN G 319 18.22 46.99 -56.72
C GLN G 319 18.31 48.33 -57.45
N LYS G 320 17.75 49.36 -56.84
CA LYS G 320 17.73 50.75 -57.35
C LYS G 320 19.12 51.41 -57.44
N GLY G 321 20.18 50.75 -56.97
CA GLY G 321 21.53 51.30 -57.00
C GLY G 321 21.85 52.16 -55.78
N GLU G 322 20.91 52.21 -54.82
CA GLU G 322 21.07 53.00 -53.61
C GLU G 322 21.93 52.26 -52.60
N GLU G 323 22.27 52.97 -51.55
CA GLU G 323 23.00 52.43 -50.42
C GLU G 323 22.06 51.68 -49.44
N THR G 324 22.59 50.64 -48.80
CA THR G 324 21.85 49.97 -47.72
C THR G 324 22.74 49.78 -46.52
N SER G 325 22.09 49.51 -45.40
CA SER G 325 22.80 49.17 -44.20
C SER G 325 21.98 48.08 -43.52
N THR G 326 22.31 46.86 -43.88
CA THR G 326 21.67 45.65 -43.42
C THR G 326 22.65 44.98 -42.50
N ASN G 327 22.16 44.53 -41.33
CA ASN G 327 22.93 43.76 -40.35
C ASN G 327 23.16 42.33 -40.85
N PRO G 328 24.42 41.98 -41.18
CA PRO G 328 24.73 40.67 -41.70
C PRO G 328 25.18 39.67 -40.62
N VAL G 329 25.13 40.04 -39.33
CA VAL G 329 25.74 39.23 -38.26
C VAL G 329 25.05 37.87 -38.01
N ALA G 330 23.70 37.87 -38.09
CA ALA G 330 22.88 36.63 -38.00
C ALA G 330 23.12 35.66 -39.15
N SER G 331 23.40 36.20 -40.34
CA SER G 331 23.76 35.36 -41.46
C SER G 331 25.19 34.84 -41.32
N ILE G 332 26.10 35.64 -40.78
CA ILE G 332 27.46 35.16 -40.51
C ILE G 332 27.47 34.02 -39.49
N PHE G 333 26.73 34.22 -38.38
CA PHE G 333 26.66 33.24 -37.28
C PHE G 333 25.95 31.92 -37.65
N ALA G 334 25.09 31.96 -38.65
CA ALA G 334 24.58 30.75 -39.28
C ALA G 334 25.73 29.91 -39.81
N TRP G 335 26.63 30.53 -40.58
CA TRP G 335 27.86 29.86 -41.02
C TRP G 335 28.77 29.42 -39.88
N THR G 336 28.99 30.28 -38.89
CA THR G 336 29.92 29.99 -37.80
C THR G 336 29.41 28.83 -36.93
N ARG G 337 28.12 28.85 -36.57
CA ARG G 337 27.49 27.75 -35.81
C ARG G 337 27.36 26.45 -36.60
N GLY G 338 27.13 26.55 -37.91
CA GLY G 338 27.14 25.39 -38.77
C GLY G 338 28.53 24.79 -38.83
N LEU G 339 29.52 25.63 -39.10
CA LEU G 339 30.92 25.19 -39.19
C LEU G 339 31.45 24.66 -37.85
N MET G 340 31.02 25.27 -36.73
CA MET G 340 31.38 24.80 -35.37
C MET G 340 30.85 23.38 -35.13
N HIS G 341 29.67 23.08 -35.64
CA HIS G 341 29.14 21.72 -35.61
C HIS G 341 29.89 20.80 -36.57
N ARG G 342 30.22 21.30 -37.77
CA ARG G 342 30.99 20.50 -38.73
C ARG G 342 32.32 20.09 -38.13
N GLY G 343 33.03 21.03 -37.50
CA GLY G 343 34.27 20.76 -36.78
C GLY G 343 34.13 19.86 -35.55
N LYS G 344 33.01 19.96 -34.84
CA LYS G 344 32.70 19.06 -33.73
C LYS G 344 32.49 17.60 -34.16
N LEU G 345 31.98 17.36 -35.37
CA LEU G 345 31.81 15.99 -35.91
C LEU G 345 33.09 15.36 -36.46
N ASP G 346 33.97 16.18 -37.04
CA ASP G 346 35.25 15.71 -37.57
C ASP G 346 36.35 15.59 -36.50
N GLN G 347 36.13 16.18 -35.33
CA GLN G 347 37.18 16.46 -34.32
C GLN G 347 38.25 17.45 -34.83
N ASN G 348 37.79 18.47 -35.56
CA ASN G 348 38.67 19.42 -36.25
C ASN G 348 38.79 20.73 -35.43
N GLU G 349 39.81 20.83 -34.57
CA GLU G 349 39.90 21.95 -33.64
C GLU G 349 40.19 23.27 -34.32
N LYS G 350 40.93 23.23 -35.41
CA LYS G 350 41.17 24.44 -36.18
C LYS G 350 39.83 25.04 -36.67
N LEU G 351 38.88 24.19 -37.04
CA LEU G 351 37.57 24.67 -37.52
C LEU G 351 36.68 25.24 -36.42
N VAL G 352 36.73 24.63 -35.23
CA VAL G 352 35.94 25.13 -34.09
C VAL G 352 36.51 26.51 -33.73
N GLN G 353 37.84 26.63 -33.70
CA GLN G 353 38.53 27.92 -33.43
C GLN G 353 38.27 28.98 -34.50
N PHE G 354 38.26 28.59 -35.77
CA PHE G 354 37.96 29.55 -36.82
C PHE G 354 36.55 30.14 -36.60
N SER G 355 35.58 29.25 -36.37
CA SER G 355 34.19 29.62 -36.15
C SER G 355 34.04 30.55 -34.96
N MET G 356 34.70 30.21 -33.85
CA MET G 356 34.72 31.07 -32.65
C MET G 356 35.37 32.42 -32.90
N LEU G 357 36.53 32.39 -33.58
CA LEU G 357 37.26 33.62 -33.88
C LEU G 357 36.46 34.59 -34.77
N LEU G 358 35.77 34.08 -35.78
CA LEU G 358 34.95 34.92 -36.66
C LEU G 358 33.80 35.56 -35.87
N GLU G 359 33.18 34.80 -34.96
CA GLU G 359 32.20 35.37 -33.99
C GLU G 359 32.79 36.47 -33.06
N LYS G 360 34.02 36.29 -32.56
CA LYS G 360 34.69 37.35 -31.75
C LYS G 360 34.98 38.60 -32.59
N VAL G 361 35.60 38.39 -33.75
CA VAL G 361 35.83 39.47 -34.73
C VAL G 361 34.58 40.36 -34.96
N VAL G 362 33.42 39.74 -35.12
CA VAL G 362 32.17 40.46 -35.41
C VAL G 362 31.67 41.33 -34.26
N VAL G 363 31.57 40.75 -33.07
CA VAL G 363 31.20 41.50 -31.86
C VAL G 363 32.27 42.60 -31.58
N SER G 364 33.55 42.26 -31.68
CA SER G 364 34.63 43.16 -31.33
C SER G 364 34.70 44.35 -32.29
N THR G 365 34.42 44.08 -33.57
CA THR G 365 34.26 45.13 -34.55
C THR G 365 33.09 46.05 -34.20
N ILE G 366 31.93 45.46 -33.88
CA ILE G 366 30.75 46.25 -33.48
C ILE G 366 31.06 47.02 -32.17
N GLU G 367 31.77 46.36 -31.24
CA GLU G 367 32.18 46.98 -29.98
C GLU G 367 33.18 48.15 -30.09
N ALA G 368 33.91 48.25 -31.21
CA ALA G 368 34.72 49.43 -31.51
C ALA G 368 34.03 50.43 -32.44
N GLY G 369 32.69 50.49 -32.43
CA GLY G 369 31.96 51.56 -33.12
C GLY G 369 31.79 51.43 -34.62
N PHE G 370 32.11 50.25 -35.18
CA PHE G 370 31.92 49.90 -36.61
C PHE G 370 30.73 48.94 -36.79
N MET G 371 29.62 49.45 -37.32
CA MET G 371 28.33 48.79 -37.20
C MET G 371 27.34 49.32 -38.21
N THR G 372 26.31 48.52 -38.48
CA THR G 372 25.26 48.91 -39.39
C THR G 372 24.26 49.87 -38.74
N LYS G 373 23.38 50.42 -39.57
CA LYS G 373 22.46 51.48 -39.14
C LYS G 373 21.52 51.08 -38.02
N ASP G 374 21.06 49.83 -38.05
CA ASP G 374 20.07 49.38 -37.06
C ASP G 374 20.63 49.46 -35.66
N LEU G 375 21.96 49.31 -35.54
CA LEU G 375 22.69 49.37 -34.27
C LEU G 375 23.13 50.81 -33.91
N ALA G 376 23.51 51.61 -34.89
CA ALA G 376 23.61 53.06 -34.67
C ALA G 376 22.27 53.64 -34.14
N ILE G 377 21.12 53.14 -34.63
CA ILE G 377 19.81 53.51 -34.08
C ILE G 377 19.66 53.06 -32.61
N CYS G 378 20.13 51.88 -32.26
CA CYS G 378 20.11 51.46 -30.86
C CYS G 378 20.87 52.42 -29.94
N ILE G 379 21.98 53.00 -30.40
CA ILE G 379 22.86 53.85 -29.57
C ILE G 379 22.40 55.30 -29.56
N LYS G 380 22.25 55.87 -30.74
CA LYS G 380 21.67 57.20 -30.88
C LYS G 380 20.17 56.97 -30.85
N GLY G 381 19.39 58.04 -30.84
CA GLY G 381 17.96 57.88 -31.04
C GLY G 381 17.66 57.47 -32.46
N MET G 382 16.47 56.91 -32.68
CA MET G 382 15.85 56.85 -34.02
C MET G 382 15.82 58.23 -34.73
N ASN G 383 15.69 59.30 -33.93
CA ASN G 383 15.61 60.71 -34.42
C ASN G 383 16.94 61.47 -34.53
N HIS G 384 18.03 60.92 -34.00
CA HIS G 384 19.36 61.59 -33.97
C HIS G 384 20.50 60.80 -34.62
N VAL G 385 20.18 59.78 -35.42
CA VAL G 385 21.23 59.06 -36.19
C VAL G 385 21.64 59.95 -37.36
N THR G 386 22.90 59.86 -37.74
CA THR G 386 23.45 60.51 -38.90
C THR G 386 24.34 59.49 -39.62
N ARG G 387 24.54 59.70 -40.92
CA ARG G 387 25.21 58.75 -41.81
C ARG G 387 26.68 58.42 -41.41
N SER G 388 27.35 59.35 -40.71
CA SER G 388 28.70 59.06 -40.22
C SER G 388 28.75 58.19 -38.96
N ASP G 389 27.60 57.95 -38.31
CA ASP G 389 27.52 57.01 -37.17
C ASP G 389 27.55 55.51 -37.51
N TYR G 390 27.16 55.14 -38.72
CA TYR G 390 27.11 53.74 -39.16
C TYR G 390 27.80 53.52 -40.51
N LEU G 391 28.03 52.26 -40.83
CA LEU G 391 28.60 51.85 -42.12
C LEU G 391 27.49 51.19 -42.98
N ASN G 392 27.56 51.38 -44.30
CA ASN G 392 26.67 50.68 -45.23
C ASN G 392 27.04 49.20 -45.25
N THR G 393 26.19 48.39 -45.89
CA THR G 393 26.31 46.92 -45.87
C THR G 393 27.68 46.40 -46.28
N GLN G 394 28.14 46.84 -47.46
CA GLN G 394 29.44 46.44 -48.02
C GLN G 394 30.64 46.82 -47.15
N GLU G 395 30.58 48.03 -46.61
CA GLU G 395 31.67 48.68 -45.90
C GLU G 395 31.82 47.93 -44.62
N PHE G 396 30.70 47.65 -43.96
CA PHE G 396 30.71 46.85 -42.75
C PHE G 396 31.34 45.50 -42.95
N ILE G 397 30.99 44.80 -43.99
CA ILE G 397 31.57 43.51 -44.23
C ILE G 397 33.05 43.56 -44.62
N HIS G 398 33.41 44.51 -45.47
CA HIS G 398 34.77 44.64 -45.90
C HIS G 398 35.57 44.91 -44.67
N LYS G 399 35.02 45.69 -43.75
CA LYS G 399 35.63 45.98 -42.48
C LYS G 399 35.76 44.70 -41.70
N LEU G 400 34.73 43.87 -41.73
CA LEU G 400 34.74 42.59 -41.04
C LEU G 400 35.79 41.60 -41.58
N ALA G 401 35.92 41.55 -42.88
CA ALA G 401 36.90 40.70 -43.50
C ALA G 401 38.32 41.15 -43.24
N ASP G 402 38.50 42.45 -43.25
CA ASP G 402 39.79 43.01 -43.04
C ASP G 402 40.29 42.64 -41.67
N GLU G 403 39.40 42.76 -40.70
CA GLU G 403 39.72 42.38 -39.36
C GLU G 403 39.90 40.88 -39.20
N MET G 404 39.09 40.08 -39.88
CA MET G 404 39.22 38.65 -39.77
C MET G 404 40.54 38.17 -40.29
N ARG G 405 40.93 38.69 -41.43
CA ARG G 405 42.17 38.32 -42.02
C ARG G 405 43.29 38.75 -41.12
N LYS G 406 43.18 39.92 -40.53
CA LYS G 406 44.19 40.35 -39.60
C LYS G 406 44.22 39.37 -38.44
N ALA G 407 43.06 39.08 -37.88
CA ALA G 407 42.95 38.16 -36.78
C ALA G 407 43.36 36.71 -37.09
N TYR G 408 43.02 36.17 -38.25
CA TYR G 408 43.41 34.79 -38.54
C TYR G 408 44.90 34.63 -38.64
N GLU G 409 45.54 35.53 -39.36
CA GLU G 409 46.98 35.46 -39.50
C GLU G 409 47.65 35.68 -38.17
N ARG G 410 47.12 36.59 -37.40
CA ARG G 410 47.68 36.90 -36.13
C ARG G 410 47.61 35.78 -35.10
N SER G 411 46.47 35.10 -35.06
CA SER G 411 46.13 34.10 -34.05
C SER G 411 46.90 32.79 -33.85
N LYS G 412 47.28 32.10 -34.91
CA LYS G 412 48.02 30.85 -34.71
C LYS G 412 49.37 30.91 -35.31
N ILE G 413 49.50 31.85 -36.24
CA ILE G 413 50.72 32.09 -36.99
C ILE G 413 51.46 30.78 -37.27
N LYS H 3 -25.80 59.74 -4.85
CA LYS H 3 -25.98 61.04 -5.46
C LYS H 3 -26.55 60.71 -6.85
N ILE H 4 -25.74 60.63 -7.90
CA ILE H 4 -26.21 60.40 -9.29
C ILE H 4 -27.14 59.26 -9.65
N LYS H 5 -28.22 59.57 -10.34
CA LYS H 5 -29.19 58.58 -10.78
C LYS H 5 -28.96 58.11 -12.18
N VAL H 6 -28.98 56.81 -12.37
CA VAL H 6 -28.77 56.27 -13.70
C VAL H 6 -29.93 55.33 -14.08
N ALA H 7 -30.63 55.67 -15.12
CA ALA H 7 -31.77 54.89 -15.52
C ALA H 7 -31.51 53.54 -16.12
N GLY H 8 -30.54 53.48 -17.02
CA GLY H 8 -30.19 52.27 -17.73
C GLY H 8 -29.51 51.31 -16.81
N THR H 9 -29.49 50.06 -17.19
CA THR H 9 -28.85 49.08 -16.35
C THR H 9 -27.43 48.71 -16.75
N VAL H 10 -26.63 48.41 -15.76
CA VAL H 10 -25.25 48.00 -15.92
C VAL H 10 -25.22 46.54 -15.55
N VAL H 11 -24.61 45.72 -16.39
CA VAL H 11 -24.50 44.29 -16.15
C VAL H 11 -23.17 44.03 -15.51
N GLU H 12 -23.20 43.26 -14.45
CA GLU H 12 -22.02 42.98 -13.63
C GLU H 12 -21.75 41.48 -13.69
N LEU H 13 -20.54 41.14 -14.14
CA LEU H 13 -20.08 39.77 -14.19
C LEU H 13 -18.99 39.66 -13.16
N ASP H 14 -19.28 38.94 -12.10
CA ASP H 14 -18.35 38.75 -11.02
C ASP H 14 -17.30 37.64 -11.28
N GLY H 15 -16.08 37.93 -10.86
CA GLY H 15 -14.92 37.10 -11.02
C GLY H 15 -14.47 36.13 -9.98
N ASP H 16 -13.24 35.68 -10.13
CA ASP H 16 -12.63 34.72 -9.26
C ASP H 16 -11.37 35.21 -8.62
N GLU H 17 -10.92 34.53 -7.59
CA GLU H 17 -9.68 34.81 -6.87
C GLU H 17 -9.45 36.23 -6.41
N MET H 18 -8.27 36.76 -6.66
CA MET H 18 -7.88 38.10 -6.24
C MET H 18 -8.66 39.25 -6.86
N THR H 19 -9.05 39.10 -8.10
CA THR H 19 -9.89 40.08 -8.78
C THR H 19 -11.30 40.12 -8.19
N ARG H 20 -11.84 38.97 -7.76
CA ARG H 20 -13.12 38.97 -6.99
C ARG H 20 -13.03 39.82 -5.71
N VAL H 21 -11.94 39.64 -4.96
CA VAL H 21 -11.66 40.37 -3.73
C VAL H 21 -11.74 41.87 -4.00
N ILE H 22 -10.84 42.33 -4.87
CA ILE H 22 -10.76 43.71 -5.29
C ILE H 22 -12.10 44.20 -5.86
N TRP H 23 -12.70 43.44 -6.76
CA TRP H 23 -14.01 43.77 -7.36
C TRP H 23 -15.03 44.20 -6.28
N LYS H 24 -15.13 43.42 -5.19
CA LYS H 24 -15.97 43.74 -4.02
C LYS H 24 -15.63 45.14 -3.44
N MET H 25 -14.35 45.36 -3.11
CA MET H 25 -13.88 46.61 -2.51
C MET H 25 -14.18 47.81 -3.40
N ILE H 26 -13.79 47.73 -4.66
CA ILE H 26 -14.08 48.76 -5.67
C ILE H 26 -15.56 49.18 -5.64
N LYS H 27 -16.48 48.22 -5.59
CA LYS H 27 -17.92 48.56 -5.50
C LYS H 27 -18.27 49.24 -4.17
N GLU H 28 -17.99 48.54 -3.07
CA GLU H 28 -18.18 49.07 -1.71
C GLU H 28 -17.77 50.55 -1.56
N GLU H 29 -16.57 50.89 -2.04
CA GLU H 29 -15.94 52.19 -1.80
C GLU H 29 -15.93 53.19 -2.95
N LEU H 30 -15.89 52.73 -4.20
CA LEU H 30 -15.67 53.66 -5.35
C LEU H 30 -16.84 53.87 -6.32
N ILE H 31 -17.84 53.00 -6.30
CA ILE H 31 -18.96 53.08 -7.27
C ILE H 31 -20.32 53.32 -6.58
N PHE H 32 -20.72 52.43 -5.66
CA PHE H 32 -22.06 52.52 -4.97
C PHE H 32 -22.30 53.75 -4.10
N PRO H 33 -21.28 54.20 -3.32
CA PRO H 33 -21.44 55.44 -2.55
C PRO H 33 -21.90 56.63 -3.40
N PHE H 34 -21.38 56.71 -4.62
CA PHE H 34 -21.63 57.84 -5.52
C PHE H 34 -22.83 57.67 -6.46
N LEU H 35 -23.29 56.42 -6.66
CA LEU H 35 -24.24 56.06 -7.73
C LEU H 35 -25.44 55.27 -7.25
N ASP H 36 -26.61 55.66 -7.75
CA ASP H 36 -27.85 54.90 -7.60
C ASP H 36 -28.14 54.22 -8.93
N VAL H 37 -27.49 53.07 -9.14
CA VAL H 37 -27.47 52.41 -10.45
C VAL H 37 -28.18 51.06 -10.35
N PRO H 38 -29.12 50.78 -11.28
CA PRO H 38 -29.65 49.42 -11.31
C PRO H 38 -28.55 48.48 -11.79
N ILE H 39 -28.46 47.30 -11.18
CA ILE H 39 -27.44 46.30 -11.48
C ILE H 39 -28.11 44.94 -11.71
N GLU H 40 -27.87 44.38 -12.90
CA GLU H 40 -28.24 43.00 -13.18
C GLU H 40 -27.02 42.12 -12.87
N TYR H 41 -27.07 41.42 -11.74
CA TYR H 41 -25.94 40.70 -11.18
C TYR H 41 -25.85 39.27 -11.69
N TYR H 42 -24.73 38.93 -12.35
CA TYR H 42 -24.39 37.56 -12.73
C TYR H 42 -23.02 37.19 -12.15
N ASP H 43 -23.00 36.18 -11.28
CA ASP H 43 -21.79 35.74 -10.62
C ASP H 43 -21.14 34.71 -11.53
N LEU H 44 -20.06 35.13 -12.19
CA LEU H 44 -19.23 34.18 -12.95
C LEU H 44 -18.02 33.72 -12.10
N GLY H 45 -18.24 33.50 -10.81
CA GLY H 45 -17.28 32.76 -9.99
C GLY H 45 -17.28 31.31 -10.43
N MET H 46 -16.18 30.60 -10.19
CA MET H 46 -16.02 29.25 -10.74
C MET H 46 -17.10 28.33 -10.24
N GLU H 47 -17.26 28.27 -8.91
CA GLU H 47 -18.28 27.42 -8.25
C GLU H 47 -19.67 27.60 -8.85
N ASN H 48 -20.06 28.86 -9.07
CA ASN H 48 -21.39 29.13 -9.63
C ASN H 48 -21.51 28.79 -11.14
N ARG H 49 -20.42 28.95 -11.89
CA ARG H 49 -20.41 28.49 -13.26
C ARG H 49 -20.56 26.98 -13.24
N ASP H 50 -19.80 26.29 -12.38
CA ASP H 50 -19.92 24.86 -12.29
C ASP H 50 -21.38 24.50 -11.95
N LYS H 51 -21.86 25.01 -10.81
CA LYS H 51 -23.21 24.71 -10.31
C LYS H 51 -24.32 24.85 -11.37
N THR H 52 -24.32 25.95 -12.12
CA THR H 52 -25.33 26.18 -13.19
C THR H 52 -25.09 25.44 -14.52
N ASP H 53 -23.90 24.84 -14.69
CA ASP H 53 -23.41 24.29 -15.97
C ASP H 53 -23.04 25.40 -17.01
N ASP H 54 -22.29 26.43 -16.55
CA ASP H 54 -21.83 27.60 -17.36
C ASP H 54 -22.93 28.45 -17.98
N GLN H 55 -24.18 28.14 -17.64
CA GLN H 55 -25.34 28.75 -18.26
C GLN H 55 -25.43 30.23 -17.81
N VAL H 56 -24.99 30.51 -16.59
CA VAL H 56 -24.93 31.88 -16.05
C VAL H 56 -24.06 32.81 -16.91
N THR H 57 -22.96 32.29 -17.44
CA THR H 57 -22.10 33.03 -18.37
C THR H 57 -22.89 33.38 -19.62
N VAL H 58 -23.61 32.41 -20.16
CA VAL H 58 -24.42 32.64 -21.37
C VAL H 58 -25.47 33.71 -21.05
N ASP H 59 -26.17 33.57 -19.92
CA ASP H 59 -27.18 34.56 -19.50
C ASP H 59 -26.62 35.96 -19.39
N ALA H 60 -25.48 36.09 -18.71
CA ALA H 60 -24.75 37.36 -18.53
C ALA H 60 -24.46 38.09 -19.84
N ALA H 61 -24.11 37.35 -20.88
CA ALA H 61 -23.78 37.90 -22.19
C ALA H 61 -24.99 38.37 -23.00
N HIS H 62 -26.07 37.57 -23.04
CA HIS H 62 -27.36 37.99 -23.62
C HIS H 62 -27.86 39.25 -22.95
N ALA H 63 -27.78 39.27 -21.62
CA ALA H 63 -28.15 40.46 -20.82
C ALA H 63 -27.36 41.72 -21.19
N ILE H 64 -26.14 41.57 -21.70
CA ILE H 64 -25.36 42.70 -22.21
C ILE H 64 -25.94 43.23 -23.53
N LYS H 65 -26.35 42.36 -24.46
CA LYS H 65 -27.01 42.84 -25.72
C LYS H 65 -28.37 43.52 -25.50
N LYS H 66 -29.12 43.05 -24.51
CA LYS H 66 -30.35 43.71 -24.09
C LYS H 66 -30.07 45.09 -23.47
N HIS H 67 -29.22 45.15 -22.44
CA HIS H 67 -28.96 46.40 -21.71
C HIS H 67 -27.94 47.38 -22.32
N GLY H 68 -27.02 46.86 -23.13
CA GLY H 68 -25.99 47.67 -23.76
C GLY H 68 -24.74 47.99 -22.95
N VAL H 69 -24.64 47.53 -21.69
CA VAL H 69 -23.34 47.64 -20.95
C VAL H 69 -22.97 46.44 -20.04
N GLY H 70 -21.71 46.01 -20.12
CA GLY H 70 -21.13 45.04 -19.20
C GLY H 70 -19.82 45.51 -18.57
N VAL H 71 -19.68 45.26 -17.26
CA VAL H 71 -18.39 45.36 -16.56
C VAL H 71 -18.01 43.98 -15.98
N LYS H 72 -16.84 43.47 -16.35
CA LYS H 72 -16.48 42.09 -16.02
C LYS H 72 -15.21 41.95 -15.20
N CYS H 73 -15.28 41.09 -14.19
CA CYS H 73 -14.13 40.72 -13.40
C CYS H 73 -13.45 39.53 -14.05
N ALA H 74 -12.12 39.48 -13.95
CA ALA H 74 -11.37 38.34 -14.51
C ALA H 74 -11.90 37.03 -13.91
N THR H 75 -12.15 36.05 -14.78
CA THR H 75 -12.69 34.74 -14.39
C THR H 75 -11.61 33.67 -14.60
N ILE H 76 -11.67 32.57 -13.84
CA ILE H 76 -10.77 31.42 -14.06
C ILE H 76 -11.32 30.60 -15.22
N THR H 77 -10.47 30.28 -16.19
CA THR H 77 -10.85 29.32 -17.21
C THR H 77 -10.23 27.98 -16.80
N PRO H 78 -11.07 26.99 -16.48
CA PRO H 78 -10.57 25.76 -15.87
C PRO H 78 -9.88 24.77 -16.83
N ASP H 79 -8.65 24.39 -16.49
CA ASP H 79 -8.03 23.18 -17.04
C ASP H 79 -8.17 22.02 -16.01
N GLU H 80 -7.68 20.83 -16.37
CA GLU H 80 -7.71 19.62 -15.50
C GLU H 80 -7.32 19.89 -14.02
N ALA H 81 -6.25 20.64 -13.78
CA ALA H 81 -5.86 21.08 -12.42
C ALA H 81 -6.99 21.78 -11.65
N ARG H 82 -7.64 22.75 -12.29
CA ARG H 82 -8.79 23.45 -11.72
C ARG H 82 -9.98 22.51 -11.51
N VAL H 83 -10.22 21.61 -12.47
CA VAL H 83 -11.22 20.56 -12.29
C VAL H 83 -11.02 19.84 -10.93
N ARG H 84 -9.77 19.43 -10.63
CA ARG H 84 -9.44 18.78 -9.34
C ARG H 84 -9.64 19.71 -8.15
N GLU H 85 -9.19 20.96 -8.30
CA GLU H 85 -9.29 21.99 -7.25
C GLU H 85 -10.75 22.28 -6.86
N PHE H 86 -11.60 22.48 -7.87
CA PHE H 86 -12.97 22.89 -7.63
C PHE H 86 -13.97 21.75 -7.68
N ASN H 87 -13.51 20.52 -7.87
CA ASN H 87 -14.42 19.38 -8.12
C ASN H 87 -15.44 19.67 -9.23
N LEU H 88 -14.95 20.04 -10.42
CA LEU H 88 -15.83 20.47 -11.49
C LEU H 88 -16.42 19.28 -12.26
N LYS H 89 -17.60 19.45 -12.83
CA LYS H 89 -18.17 18.49 -13.78
C LYS H 89 -17.42 18.52 -15.15
N GLN H 90 -16.90 19.71 -15.51
CA GLN H 90 -16.26 19.96 -16.81
C GLN H 90 -15.09 20.94 -16.69
N MET H 91 -14.17 20.87 -17.66
CA MET H 91 -13.21 21.93 -17.94
C MET H 91 -14.00 22.91 -18.78
N TRP H 92 -14.83 23.71 -18.12
CA TRP H 92 -15.72 24.64 -18.81
C TRP H 92 -14.94 25.59 -19.67
N LYS H 93 -15.61 26.10 -20.69
CA LYS H 93 -14.98 27.00 -21.63
C LYS H 93 -14.67 28.34 -20.98
N SER H 94 -13.73 29.09 -21.58
CA SER H 94 -13.45 30.45 -21.14
C SER H 94 -14.74 31.25 -21.21
N PRO H 95 -15.12 31.83 -20.07
CA PRO H 95 -16.33 32.65 -20.11
C PRO H 95 -16.14 33.93 -20.91
N ASN H 96 -14.90 34.39 -21.10
CA ASN H 96 -14.67 35.49 -22.04
C ASN H 96 -14.86 35.06 -23.51
N GLY H 97 -14.34 33.87 -23.87
CA GLY H 97 -14.60 33.26 -25.20
C GLY H 97 -16.09 33.16 -25.52
N THR H 98 -16.89 32.78 -24.53
CA THR H 98 -18.34 32.65 -24.66
C THR H 98 -19.07 33.97 -24.88
N ILE H 99 -18.74 34.96 -24.04
CA ILE H 99 -19.29 36.31 -24.13
C ILE H 99 -18.99 36.91 -25.49
N ARG H 100 -17.72 36.81 -25.90
CA ARG H 100 -17.27 37.35 -27.17
C ARG H 100 -17.83 36.58 -28.35
N ASN H 101 -17.87 35.25 -28.26
CA ASN H 101 -18.55 34.45 -29.27
C ASN H 101 -20.03 34.82 -29.42
N ILE H 102 -20.65 35.20 -28.31
CA ILE H 102 -22.04 35.63 -28.31
C ILE H 102 -22.14 37.02 -28.94
N LEU H 103 -21.44 37.99 -28.33
CA LEU H 103 -21.62 39.41 -28.67
C LEU H 103 -21.03 39.81 -30.01
N GLY H 104 -19.94 39.17 -30.40
CA GLY H 104 -19.16 39.57 -31.57
C GLY H 104 -18.32 40.80 -31.23
N GLY H 105 -17.76 41.44 -32.26
CA GLY H 105 -17.00 42.68 -32.11
C GLY H 105 -15.48 42.55 -31.97
N THR H 106 -14.85 43.65 -31.59
CA THR H 106 -13.40 43.76 -31.48
C THR H 106 -13.11 44.27 -30.08
N VAL H 107 -12.06 43.76 -29.43
CA VAL H 107 -11.72 44.19 -28.07
C VAL H 107 -10.52 45.11 -28.21
N PHE H 108 -10.75 46.41 -27.95
CA PHE H 108 -9.68 47.43 -27.98
C PHE H 108 -8.99 47.52 -26.62
N ARG H 109 -7.66 47.65 -26.62
CA ARG H 109 -6.82 47.57 -25.43
C ARG H 109 -5.66 48.56 -25.48
N GLU H 110 -5.56 49.39 -24.45
CA GLU H 110 -4.63 50.50 -24.42
C GLU H 110 -4.01 50.57 -23.02
N PRO H 111 -2.75 51.04 -22.90
CA PRO H 111 -2.27 51.19 -21.52
C PRO H 111 -2.88 52.41 -20.83
N ILE H 112 -2.80 52.38 -19.52
CA ILE H 112 -3.23 53.47 -18.67
C ILE H 112 -1.93 54.13 -18.28
N MET H 113 -1.66 55.27 -18.91
CA MET H 113 -0.39 55.98 -18.84
C MET H 113 -0.28 56.78 -17.54
N CYS H 114 0.79 56.57 -16.80
CA CYS H 114 1.10 57.34 -15.61
C CYS H 114 2.47 57.97 -15.79
N LYS H 115 2.56 59.29 -15.59
CA LYS H 115 3.77 60.06 -15.89
C LYS H 115 5.02 59.63 -15.10
N ASN H 116 4.82 59.16 -13.87
CA ASN H 116 5.91 58.73 -13.00
C ASN H 116 6.29 57.24 -13.15
N VAL H 117 5.51 56.46 -13.92
CA VAL H 117 5.78 55.02 -14.10
C VAL H 117 6.74 54.85 -15.28
N PRO H 118 8.00 54.41 -15.01
CA PRO H 118 8.91 54.36 -16.16
C PRO H 118 8.58 53.14 -17.01
N ARG H 119 8.44 53.35 -18.32
CA ARG H 119 8.19 52.24 -19.25
C ARG H 119 9.41 51.31 -19.23
N LEU H 120 9.18 50.03 -19.49
CA LEU H 120 10.25 49.04 -19.57
C LEU H 120 10.98 49.15 -20.91
N VAL H 121 10.28 49.64 -21.94
CA VAL H 121 10.82 49.80 -23.31
C VAL H 121 11.16 51.28 -23.59
N THR H 122 12.42 51.56 -23.93
CA THR H 122 12.95 52.93 -24.06
C THR H 122 12.31 53.65 -25.24
N THR H 123 12.32 53.01 -26.40
CA THR H 123 11.74 53.61 -27.62
C THR H 123 10.32 54.18 -27.45
N TRP H 124 9.55 53.60 -26.54
CA TRP H 124 8.13 53.94 -26.37
C TRP H 124 7.96 55.34 -25.77
N LYS H 125 7.11 56.13 -26.44
CA LYS H 125 6.86 57.53 -26.10
C LYS H 125 5.38 57.98 -26.19
N HIS H 126 4.54 57.24 -26.93
CA HIS H 126 3.08 57.44 -26.96
C HIS H 126 2.40 56.07 -26.82
N PRO H 127 1.08 56.04 -26.49
CA PRO H 127 0.42 54.74 -26.30
C PRO H 127 0.31 53.87 -27.56
N ILE H 128 -0.08 52.60 -27.37
CA ILE H 128 -0.43 51.69 -28.45
C ILE H 128 -1.83 51.12 -28.17
N VAL H 129 -2.73 51.21 -29.15
CA VAL H 129 -4.04 50.58 -29.08
C VAL H 129 -4.02 49.28 -29.87
N ILE H 130 -4.09 48.16 -29.17
CA ILE H 130 -4.35 46.89 -29.83
C ILE H 130 -5.86 46.76 -30.01
N GLY H 131 -6.26 46.51 -31.26
CA GLY H 131 -7.63 46.17 -31.61
C GLY H 131 -7.67 44.68 -31.87
N ARG H 132 -8.01 43.91 -30.84
CA ARG H 132 -8.01 42.43 -30.93
C ARG H 132 -9.34 41.96 -31.48
N HIS H 133 -9.28 41.18 -32.55
CA HIS H 133 -10.45 40.46 -33.06
C HIS H 133 -11.01 39.57 -31.96
N ALA H 134 -12.27 39.75 -31.59
CA ALA H 134 -12.82 39.03 -30.43
C ALA H 134 -13.46 37.67 -30.77
N PHE H 135 -13.33 37.19 -32.00
CA PHE H 135 -14.14 36.06 -32.47
C PHE H 135 -13.32 34.93 -33.14
N GLY H 136 -13.77 33.69 -33.00
CA GLY H 136 -13.19 32.54 -33.69
C GLY H 136 -11.71 32.21 -33.47
N ASP H 137 -11.10 31.56 -34.48
CA ASP H 137 -9.76 30.97 -34.37
C ASP H 137 -9.66 30.06 -33.14
N GLN H 138 -8.59 30.13 -32.35
CA GLN H 138 -8.34 29.17 -31.24
C GLN H 138 -9.34 29.24 -30.06
N TYR H 139 -10.32 30.16 -30.10
CA TYR H 139 -11.20 30.48 -28.96
C TYR H 139 -12.60 29.91 -29.10
N ARG H 140 -12.89 29.36 -30.28
CA ARG H 140 -14.05 28.53 -30.45
C ARG H 140 -13.61 27.38 -31.36
N ALA H 141 -12.52 26.75 -30.98
CA ALA H 141 -11.97 25.66 -31.75
C ALA H 141 -12.39 24.31 -31.17
N THR H 142 -12.31 23.28 -32.01
CA THR H 142 -12.59 21.92 -31.67
C THR H 142 -11.25 21.18 -31.75
N ASP H 143 -10.76 20.73 -30.60
CA ASP H 143 -9.49 20.01 -30.54
C ASP H 143 -9.65 18.63 -29.92
N LEU H 144 -8.89 17.65 -30.42
CA LEU H 144 -8.89 16.28 -29.90
C LEU H 144 -7.48 15.81 -29.55
N VAL H 145 -7.44 14.85 -28.63
CA VAL H 145 -6.35 13.91 -28.50
C VAL H 145 -6.68 12.71 -29.38
N VAL H 146 -5.68 12.27 -30.12
CA VAL H 146 -5.77 11.17 -31.07
C VAL H 146 -4.96 10.07 -30.44
N ASN H 147 -5.54 8.88 -30.30
CA ASN H 147 -4.87 7.83 -29.51
C ASN H 147 -4.14 6.75 -30.32
N GLY H 148 -4.73 6.33 -31.44
CA GLY H 148 -4.15 5.32 -32.34
C GLY H 148 -3.92 5.91 -33.71
N PRO H 149 -3.07 5.27 -34.53
CA PRO H 149 -2.93 5.77 -35.90
C PRO H 149 -4.26 5.86 -36.66
N GLY H 150 -4.28 6.70 -37.69
CA GLY H 150 -5.48 6.93 -38.47
C GLY H 150 -5.36 8.28 -39.15
N THR H 151 -6.26 8.55 -40.08
CA THR H 151 -6.13 9.78 -40.87
C THR H 151 -7.14 10.84 -40.43
N PHE H 152 -6.63 12.07 -40.31
CA PHE H 152 -7.41 13.24 -39.91
C PHE H 152 -7.73 14.00 -41.19
N GLU H 153 -9.02 14.03 -41.53
CA GLU H 153 -9.57 14.79 -42.66
C GLU H 153 -10.31 15.99 -42.14
N ILE H 154 -10.40 17.04 -42.95
CA ILE H 154 -11.46 18.03 -42.78
C ILE H 154 -12.46 17.85 -43.92
N HIS H 155 -13.73 18.01 -43.56
CA HIS H 155 -14.84 17.91 -44.46
C HIS H 155 -15.63 19.21 -44.43
N PHE H 156 -16.07 19.66 -45.61
CA PHE H 156 -17.00 20.75 -45.69
C PHE H 156 -18.23 20.32 -46.50
N VAL H 157 -19.36 20.10 -45.81
CA VAL H 157 -20.62 19.70 -46.43
C VAL H 157 -21.45 20.96 -46.71
N PRO H 158 -21.55 21.38 -47.98
CA PRO H 158 -22.38 22.56 -48.25
C PRO H 158 -23.86 22.24 -48.06
N GLU H 159 -24.65 23.26 -47.67
CA GLU H 159 -26.09 23.11 -47.38
C GLU H 159 -26.92 22.71 -48.61
N SER H 160 -26.57 23.24 -49.79
CA SER H 160 -27.23 22.82 -51.05
C SER H 160 -27.09 21.31 -51.30
N GLY H 161 -26.01 20.70 -50.80
CA GLY H 161 -25.90 19.25 -50.65
C GLY H 161 -25.50 18.50 -51.91
N GLY H 162 -24.66 19.12 -52.75
CA GLY H 162 -24.20 18.50 -53.98
C GLY H 162 -23.13 17.46 -53.69
N ALA H 163 -22.06 17.87 -53.02
CA ALA H 163 -20.93 16.97 -52.70
C ALA H 163 -19.98 17.56 -51.63
N ALA H 164 -19.53 16.70 -50.71
CA ALA H 164 -18.75 17.12 -49.55
C ALA H 164 -17.25 17.24 -49.88
N GLN H 165 -16.70 18.43 -49.70
CA GLN H 165 -15.27 18.70 -49.92
C GLN H 165 -14.38 18.11 -48.80
N VAL H 166 -13.39 17.31 -49.20
CA VAL H 166 -12.59 16.53 -48.27
C VAL H 166 -11.11 16.86 -48.48
N GLN H 167 -10.40 17.19 -47.41
CA GLN H 167 -8.94 17.29 -47.43
C GLN H 167 -8.34 16.37 -46.36
N LYS H 168 -7.43 15.49 -46.77
CA LYS H 168 -6.58 14.76 -45.84
C LYS H 168 -5.64 15.79 -45.21
N VAL H 169 -5.59 15.84 -43.88
CA VAL H 169 -4.70 16.74 -43.18
C VAL H 169 -3.45 15.98 -42.84
N PHE H 170 -3.60 14.73 -42.42
CA PHE H 170 -2.48 13.97 -41.85
C PHE H 170 -2.84 12.51 -41.69
N ASP H 171 -1.83 11.66 -41.83
CA ASP H 171 -1.95 10.25 -41.51
C ASP H 171 -1.13 10.09 -40.22
N PHE H 172 -1.83 10.08 -39.09
CA PHE H 172 -1.21 9.79 -37.82
C PHE H 172 -0.74 8.37 -37.90
N LYS H 173 0.57 8.19 -37.77
CA LYS H 173 1.15 6.88 -37.50
C LYS H 173 1.20 6.56 -35.98
N SER H 174 1.14 7.60 -35.15
CA SER H 174 1.08 7.38 -33.71
C SER H 174 0.18 8.40 -32.99
N GLY H 175 0.22 8.41 -31.66
CA GLY H 175 -0.54 9.36 -30.86
C GLY H 175 -0.13 10.82 -31.09
N GLY H 176 -1.08 11.71 -30.88
CA GLY H 176 -0.80 13.12 -31.00
C GLY H 176 -2.05 13.92 -30.77
N VAL H 177 -2.06 15.10 -31.35
CA VAL H 177 -3.20 16.00 -31.24
C VAL H 177 -3.57 16.60 -32.60
N LEU H 178 -4.87 16.81 -32.78
CA LEU H 178 -5.40 17.51 -33.93
C LEU H 178 -6.35 18.60 -33.43
N MET H 179 -6.62 19.59 -34.28
CA MET H 179 -7.66 20.58 -34.03
C MET H 179 -8.20 21.16 -35.33
N GLY H 180 -9.45 21.66 -35.28
CA GLY H 180 -10.06 22.44 -36.35
C GLY H 180 -10.44 23.82 -35.83
N MET H 181 -10.27 24.86 -36.63
CA MET H 181 -10.64 26.24 -36.20
C MET H 181 -10.98 27.10 -37.38
N TYR H 182 -11.69 28.19 -37.14
CA TYR H 182 -12.36 28.92 -38.20
C TYR H 182 -12.58 30.38 -37.87
N ASN H 183 -12.96 31.11 -38.91
CA ASN H 183 -13.53 32.44 -38.77
C ASN H 183 -14.57 32.67 -39.86
N THR H 184 -15.12 33.88 -39.92
CA THR H 184 -16.08 34.27 -40.94
C THR H 184 -15.74 35.61 -41.56
N ASP H 185 -16.19 35.82 -42.79
CA ASP H 185 -15.94 37.04 -43.52
C ASP H 185 -16.58 38.18 -42.84
N GLU H 186 -17.76 37.90 -42.34
CA GLU H 186 -18.58 38.82 -41.64
C GLU H 186 -17.87 39.34 -40.41
N SER H 187 -17.28 38.46 -39.64
CA SER H 187 -16.52 38.88 -38.48
C SER H 187 -15.27 39.59 -38.86
N ILE H 188 -14.60 39.11 -39.88
CA ILE H 188 -13.39 39.76 -40.35
C ILE H 188 -13.69 41.16 -40.86
N LYS H 189 -14.81 41.32 -41.56
CA LYS H 189 -15.24 42.61 -42.07
C LYS H 189 -15.58 43.57 -40.97
N ASP H 190 -16.28 43.08 -39.97
CA ASP H 190 -16.63 43.89 -38.83
C ASP H 190 -15.34 44.26 -38.10
N PHE H 191 -14.41 43.31 -37.99
CA PHE H 191 -13.17 43.53 -37.32
C PHE H 191 -12.35 44.59 -38.01
N ALA H 192 -12.35 44.56 -39.32
CA ALA H 192 -11.63 45.57 -40.10
C ALA H 192 -12.33 46.93 -39.98
N LYS H 193 -13.64 46.99 -40.27
CA LYS H 193 -14.41 48.25 -40.15
C LYS H 193 -14.08 48.95 -38.86
N SER H 194 -14.26 48.27 -37.74
CA SER H 194 -14.06 48.91 -36.43
C SER H 194 -12.63 49.39 -36.25
N CYS H 195 -11.67 48.63 -36.77
CA CYS H 195 -10.25 49.03 -36.78
C CYS H 195 -9.94 50.24 -37.67
N PHE H 196 -10.49 50.24 -38.87
CA PHE H 196 -10.26 51.35 -39.78
C PHE H 196 -10.90 52.64 -39.21
N GLU H 197 -12.08 52.51 -38.63
CA GLU H 197 -12.77 53.66 -37.98
C GLU H 197 -12.15 54.10 -36.65
N TYR H 198 -11.69 53.16 -35.84
CA TYR H 198 -10.96 53.51 -34.62
C TYR H 198 -9.71 54.32 -34.94
N ALA H 199 -8.92 53.87 -35.90
CA ALA H 199 -7.71 54.59 -36.29
C ALA H 199 -7.95 55.94 -36.99
N LEU H 200 -9.08 56.10 -37.67
CA LEU H 200 -9.44 57.39 -38.32
C LEU H 200 -9.74 58.51 -37.30
N SER H 201 -10.57 58.21 -36.28
CA SER H 201 -10.93 59.20 -35.25
C SER H 201 -9.74 59.59 -34.36
N LYS H 202 -8.85 58.65 -34.05
CA LYS H 202 -7.62 58.96 -33.31
C LYS H 202 -6.61 59.71 -34.16
N LYS H 203 -6.78 59.67 -35.49
CA LYS H 203 -5.82 60.22 -36.49
C LYS H 203 -4.42 59.59 -36.36
N TRP H 204 -4.42 58.27 -36.29
CA TRP H 204 -3.21 57.45 -36.16
C TRP H 204 -3.21 56.41 -37.30
N PRO H 205 -2.02 55.91 -37.67
CA PRO H 205 -2.01 54.78 -38.65
C PRO H 205 -2.59 53.43 -38.12
N LEU H 206 -3.00 52.55 -39.03
CA LEU H 206 -3.49 51.21 -38.72
C LEU H 206 -2.52 50.19 -39.28
N TYR H 207 -2.11 49.24 -38.44
CA TYR H 207 -1.32 48.09 -38.85
C TYR H 207 -2.11 46.82 -38.52
N LEU H 208 -2.35 46.00 -39.54
CA LEU H 208 -2.80 44.61 -39.35
C LEU H 208 -1.59 43.69 -39.38
N SER H 209 -1.68 42.59 -38.64
CA SER H 209 -0.63 41.61 -38.54
C SER H 209 -1.21 40.21 -38.73
N THR H 210 -0.60 39.43 -39.63
CA THR H 210 -1.00 38.05 -39.91
C THR H 210 0.22 37.21 -40.21
N LYS H 211 0.00 35.94 -40.51
CA LYS H 211 1.01 35.04 -41.05
C LYS H 211 0.47 34.43 -42.35
N ASN H 212 0.20 35.28 -43.35
CA ASN H 212 -0.35 34.82 -44.64
C ASN H 212 0.60 34.03 -45.53
N THR H 213 1.90 34.09 -45.24
CA THR H 213 2.89 33.29 -45.95
C THR H 213 2.78 31.81 -45.60
N ILE H 214 2.17 31.51 -44.45
CA ILE H 214 2.03 30.14 -43.96
C ILE H 214 0.60 29.64 -44.06
N LEU H 215 -0.34 30.36 -43.45
CA LEU H 215 -1.76 30.02 -43.52
C LEU H 215 -2.33 30.82 -44.66
N LYS H 216 -2.04 30.37 -45.87
CA LYS H 216 -2.15 31.19 -47.10
C LYS H 216 -3.56 31.58 -47.45
N ARG H 217 -4.48 30.67 -47.19
CA ARG H 217 -5.87 30.92 -47.48
C ARG H 217 -6.57 31.51 -46.23
N TYR H 218 -6.18 31.06 -45.03
CA TYR H 218 -6.85 31.47 -43.79
C TYR H 218 -6.46 32.89 -43.42
N ASP H 219 -5.17 33.14 -43.20
CA ASP H 219 -4.68 34.48 -42.82
C ASP H 219 -4.70 35.44 -43.99
N GLY H 220 -4.51 34.92 -45.20
CA GLY H 220 -4.61 35.70 -46.40
C GLY H 220 -6.01 36.24 -46.68
N ARG H 221 -7.04 35.58 -46.12
CA ARG H 221 -8.40 36.13 -46.15
C ARG H 221 -8.52 37.38 -45.27
N PHE H 222 -7.77 37.42 -44.17
CA PHE H 222 -7.71 38.64 -43.37
C PHE H 222 -7.12 39.75 -44.19
N LYS H 223 -5.97 39.43 -44.79
CA LYS H 223 -5.26 40.34 -45.69
C LYS H 223 -6.15 40.86 -46.82
N ASP H 224 -6.77 39.93 -47.53
CA ASP H 224 -7.65 40.23 -48.65
C ASP H 224 -8.77 41.22 -48.26
N ILE H 225 -9.33 41.08 -47.05
CA ILE H 225 -10.47 41.92 -46.62
C ILE H 225 -10.06 43.30 -46.14
N PHE H 226 -9.02 43.39 -45.31
CA PHE H 226 -8.52 44.69 -44.84
C PHE H 226 -8.06 45.58 -46.01
N ALA H 227 -7.42 44.98 -47.02
CA ALA H 227 -6.96 45.72 -48.20
C ALA H 227 -8.15 46.19 -49.05
N GLU H 228 -9.01 45.25 -49.39
CA GLU H 228 -10.23 45.47 -50.19
C GLU H 228 -11.26 46.47 -49.57
N MET H 229 -11.18 46.73 -48.26
CA MET H 229 -12.03 47.75 -47.61
C MET H 229 -11.26 49.07 -47.47
N TYR H 230 -9.95 48.99 -47.19
CA TYR H 230 -9.10 50.18 -47.18
C TYR H 230 -9.18 50.97 -48.48
N LYS H 231 -8.88 50.28 -49.58
CA LYS H 231 -8.90 50.79 -50.96
C LYS H 231 -10.19 51.53 -51.33
N ALA H 232 -11.32 50.97 -50.93
CA ALA H 232 -12.63 51.43 -51.40
C ALA H 232 -13.27 52.50 -50.53
N SER H 233 -13.21 52.34 -49.21
CA SER H 233 -13.87 53.24 -48.24
C SER H 233 -12.96 54.02 -47.28
N TYR H 234 -11.65 53.76 -47.29
CA TYR H 234 -10.76 54.42 -46.30
C TYR H 234 -9.46 55.02 -46.83
N GLU H 235 -8.95 54.60 -47.97
CA GLU H 235 -7.64 55.09 -48.43
C GLU H 235 -7.58 56.64 -48.52
N ALA H 236 -8.59 57.25 -49.12
CA ALA H 236 -8.58 58.70 -49.36
C ALA H 236 -8.70 59.55 -48.07
N ASP H 237 -9.60 59.15 -47.16
CA ASP H 237 -9.79 59.86 -45.88
C ASP H 237 -8.50 59.81 -45.06
N TYR H 238 -7.88 58.61 -45.02
CA TYR H 238 -6.59 58.37 -44.33
C TYR H 238 -5.47 59.28 -44.84
N LYS H 239 -5.26 59.24 -46.15
CA LYS H 239 -4.21 60.03 -46.82
C LYS H 239 -4.42 61.51 -46.59
N LYS H 240 -5.68 61.94 -46.67
CA LYS H 240 -6.11 63.30 -46.38
C LYS H 240 -5.69 63.78 -44.98
N ALA H 241 -5.74 62.87 -44.01
CA ALA H 241 -5.35 63.16 -42.62
C ALA H 241 -3.88 62.91 -42.24
N GLY H 242 -3.04 62.47 -43.18
CA GLY H 242 -1.63 62.16 -42.92
C GLY H 242 -1.39 60.85 -42.15
N ILE H 243 -2.24 59.84 -42.40
CA ILE H 243 -2.08 58.47 -41.87
C ILE H 243 -2.25 57.45 -43.00
N TRP H 244 -2.10 56.17 -42.66
CA TRP H 244 -2.12 55.09 -43.63
C TRP H 244 -2.49 53.78 -43.01
N TYR H 245 -2.78 52.79 -43.87
CA TYR H 245 -2.95 51.40 -43.44
C TYR H 245 -1.84 50.57 -44.03
N GLU H 246 -1.34 49.60 -43.26
CA GLU H 246 -0.41 48.56 -43.76
C GLU H 246 -0.68 47.15 -43.22
N HIS H 247 -0.43 46.15 -44.06
CA HIS H 247 -0.28 44.79 -43.57
C HIS H 247 1.20 44.50 -43.37
N ARG H 248 1.52 43.90 -42.21
CA ARG H 248 2.86 43.37 -42.00
C ARG H 248 2.75 41.93 -41.54
N LEU H 249 3.76 41.13 -41.87
CA LEU H 249 3.84 39.79 -41.30
C LEU H 249 4.06 39.96 -39.81
N ILE H 250 3.34 39.14 -39.04
CA ILE H 250 3.43 39.09 -37.59
C ILE H 250 4.86 39.19 -36.99
N ASP H 251 5.85 38.53 -37.61
CA ASP H 251 7.29 38.61 -37.21
C ASP H 251 7.76 40.06 -37.19
N ASP H 252 7.58 40.70 -38.35
CA ASP H 252 7.99 42.09 -38.61
C ASP H 252 7.26 43.09 -37.71
N MET H 253 5.97 42.83 -37.48
CA MET H 253 5.15 43.73 -36.69
C MET H 253 5.58 43.72 -35.23
N VAL H 254 5.78 42.55 -34.63
CA VAL H 254 6.23 42.46 -33.24
C VAL H 254 7.62 43.07 -33.05
N ALA H 255 8.48 42.97 -34.05
CA ALA H 255 9.79 43.62 -34.03
C ALA H 255 9.68 45.13 -34.21
N TYR H 256 8.77 45.56 -35.08
CA TYR H 256 8.48 46.99 -35.26
C TYR H 256 7.82 47.58 -34.01
N ALA H 257 6.81 46.90 -33.46
CA ALA H 257 6.16 47.41 -32.23
C ALA H 257 7.20 47.66 -31.14
N MET H 258 8.12 46.71 -30.97
CA MET H 258 9.20 46.89 -30.03
C MET H 258 10.04 48.12 -30.29
N LYS H 259 10.48 48.36 -31.51
CA LYS H 259 11.46 49.45 -31.77
C LYS H 259 10.86 50.85 -32.04
N SER H 260 9.52 50.94 -32.05
CA SER H 260 8.78 52.15 -32.42
C SER H 260 8.61 53.10 -31.24
N GLU H 261 8.00 54.25 -31.50
CA GLU H 261 7.66 55.17 -30.43
C GLU H 261 6.14 55.18 -30.09
N GLY H 262 5.31 54.47 -30.86
CA GLY H 262 3.88 54.36 -30.57
C GLY H 262 3.01 55.21 -31.46
N GLY H 263 1.76 55.37 -31.10
CA GLY H 263 0.85 56.20 -31.85
C GLY H 263 0.13 55.59 -33.01
N TYR H 264 0.01 54.29 -33.01
CA TYR H 264 -0.69 53.60 -34.07
C TYR H 264 -1.66 52.61 -33.50
N VAL H 265 -2.60 52.20 -34.30
CA VAL H 265 -3.55 51.22 -33.90
C VAL H 265 -3.09 49.92 -34.51
N TRP H 266 -2.94 48.91 -33.66
CA TRP H 266 -2.48 47.59 -34.01
C TRP H 266 -3.59 46.59 -34.09
N ALA H 267 -4.05 46.29 -35.29
CA ALA H 267 -5.08 45.31 -35.44
C ALA H 267 -4.40 43.97 -35.30
N CYS H 268 -4.95 43.12 -34.45
CA CYS H 268 -4.41 41.81 -34.20
C CYS H 268 -5.44 40.74 -34.30
N LYS H 269 -5.02 39.57 -34.73
CA LYS H 269 -5.89 38.42 -34.79
C LYS H 269 -6.15 37.89 -33.38
N ASN H 270 -7.29 37.23 -33.20
CA ASN H 270 -7.78 36.83 -31.87
C ASN H 270 -6.70 36.35 -30.93
N TYR H 271 -5.80 35.48 -31.41
CA TYR H 271 -4.74 34.91 -30.58
C TYR H 271 -3.71 35.97 -30.25
N ASP H 272 -3.18 36.62 -31.30
CA ASP H 272 -2.11 37.63 -31.18
C ASP H 272 -2.48 38.86 -30.31
N GLY H 273 -3.75 39.26 -30.41
CA GLY H 273 -4.26 40.36 -29.62
C GLY H 273 -4.33 39.95 -28.17
N ASP H 274 -4.76 38.71 -27.91
CA ASP H 274 -4.68 38.09 -26.56
C ASP H 274 -3.23 38.18 -26.04
N VAL H 275 -2.28 37.59 -26.76
CA VAL H 275 -0.92 37.45 -26.27
C VAL H 275 -0.15 38.78 -26.21
N GLN H 276 -0.20 39.58 -27.28
CA GLN H 276 0.62 40.81 -27.36
C GLN H 276 0.12 41.98 -26.53
N SER H 277 -1.18 41.95 -26.18
CA SER H 277 -1.77 42.98 -25.31
C SER H 277 -1.27 42.87 -23.90
N ASP H 278 -0.84 41.67 -23.51
CA ASP H 278 -0.19 41.46 -22.23
C ASP H 278 1.29 41.86 -22.32
N SER H 279 1.89 41.66 -23.48
CA SER H 279 3.28 42.08 -23.71
C SER H 279 3.41 43.60 -23.66
N VAL H 280 2.52 44.29 -24.37
CA VAL H 280 2.54 45.76 -24.40
C VAL H 280 2.20 46.35 -23.00
N ALA H 281 1.10 45.87 -22.40
CA ALA H 281 0.70 46.27 -21.03
C ALA H 281 1.88 46.13 -20.08
N GLN H 282 2.56 44.99 -20.10
CA GLN H 282 3.76 44.85 -19.26
C GLN H 282 4.85 45.86 -19.62
N GLY H 283 5.11 46.03 -20.92
CA GLY H 283 6.13 46.97 -21.37
C GLY H 283 5.87 48.42 -20.93
N PHE H 284 4.60 48.83 -21.02
CA PHE H 284 4.19 50.16 -20.52
C PHE H 284 4.28 50.34 -18.98
N GLY H 285 4.06 49.29 -18.20
CA GLY H 285 4.25 49.37 -16.75
C GLY H 285 3.78 48.17 -15.95
N SER H 286 2.57 47.73 -16.22
CA SER H 286 1.99 46.60 -15.51
C SER H 286 0.75 46.06 -16.19
N LEU H 287 0.57 44.74 -16.12
CA LEU H 287 -0.70 44.12 -16.53
C LEU H 287 -1.90 44.78 -15.88
N GLY H 288 -1.68 45.46 -14.74
CA GLY H 288 -2.66 46.30 -14.07
C GLY H 288 -2.96 47.66 -14.67
N LEU H 289 -2.12 48.14 -15.59
CA LEU H 289 -2.30 49.44 -16.25
C LEU H 289 -2.72 49.29 -17.70
N MET H 290 -3.94 48.79 -17.90
CA MET H 290 -4.51 48.65 -19.24
C MET H 290 -6.03 48.65 -19.18
N THR H 291 -6.65 49.36 -20.13
CA THR H 291 -8.09 49.22 -20.41
C THR H 291 -8.35 48.13 -21.44
N SER H 292 -9.57 47.62 -21.43
CA SER H 292 -9.97 46.61 -22.40
C SER H 292 -11.47 46.68 -22.58
N VAL H 293 -11.91 47.02 -23.79
CA VAL H 293 -13.33 47.33 -24.03
C VAL H 293 -13.76 46.59 -25.28
N LEU H 294 -14.72 45.69 -25.13
CA LEU H 294 -15.33 45.02 -26.27
C LEU H 294 -16.40 45.91 -26.85
N MET H 295 -16.19 46.29 -28.11
CA MET H 295 -17.08 47.18 -28.84
C MET H 295 -17.94 46.37 -29.80
N SER H 296 -19.22 46.70 -29.87
CA SER H 296 -20.10 46.15 -30.91
C SER H 296 -19.79 46.85 -32.25
N PRO H 297 -20.06 46.17 -33.39
CA PRO H 297 -19.90 46.82 -34.70
C PRO H 297 -20.67 48.15 -34.83
N ASP H 298 -21.94 48.15 -34.39
CA ASP H 298 -22.78 49.37 -34.41
C ASP H 298 -22.48 50.39 -33.30
N GLY H 299 -21.73 49.99 -32.26
CA GLY H 299 -21.31 50.90 -31.19
C GLY H 299 -22.30 51.07 -30.04
N ARG H 300 -23.33 50.23 -29.99
CA ARG H 300 -24.38 50.30 -28.95
C ARG H 300 -24.00 49.49 -27.69
N THR H 301 -23.42 48.31 -27.89
CA THR H 301 -23.01 47.42 -26.81
C THR H 301 -21.52 47.53 -26.47
N VAL H 302 -21.23 47.83 -25.20
CA VAL H 302 -19.88 47.77 -24.65
C VAL H 302 -19.82 46.72 -23.53
N GLU H 303 -18.75 45.94 -23.51
CA GLU H 303 -18.36 45.15 -22.34
C GLU H 303 -16.95 45.60 -22.06
N ALA H 304 -16.73 46.15 -20.88
CA ALA H 304 -15.39 46.49 -20.43
C ALA H 304 -14.95 45.45 -19.42
N GLU H 305 -13.66 45.18 -19.42
CA GLU H 305 -13.11 44.11 -18.60
C GLU H 305 -11.70 44.48 -18.21
N ALA H 306 -11.17 43.73 -17.26
CA ALA H 306 -9.72 43.69 -17.04
C ALA H 306 -9.19 42.65 -18.01
N ALA H 307 -8.11 43.01 -18.70
CA ALA H 307 -7.45 42.08 -19.62
C ALA H 307 -6.71 40.98 -18.83
N HIS H 308 -6.07 41.36 -17.72
CA HIS H 308 -5.33 40.41 -16.89
C HIS H 308 -6.19 39.28 -16.24
N GLY H 309 -5.49 38.28 -15.71
CA GLY H 309 -6.12 37.17 -15.05
C GLY H 309 -6.55 37.45 -13.64
N THR H 310 -6.83 36.37 -12.92
CA THR H 310 -7.39 36.46 -11.59
C THR H 310 -6.33 36.69 -10.50
N VAL H 311 -5.05 36.63 -10.88
CA VAL H 311 -3.92 36.93 -10.01
C VAL H 311 -3.87 35.90 -8.87
N THR H 312 -3.56 34.67 -9.25
CA THR H 312 -3.70 33.50 -8.38
C THR H 312 -2.62 33.44 -7.29
N ARG H 313 -1.39 33.86 -7.61
CA ARG H 313 -0.30 33.84 -6.63
C ARG H 313 -0.50 34.87 -5.52
N HIS H 314 -1.07 36.02 -5.87
CA HIS H 314 -1.45 37.06 -4.90
C HIS H 314 -2.62 36.62 -4.01
N TYR H 315 -3.56 35.88 -4.60
CA TYR H 315 -4.73 35.33 -3.89
C TYR H 315 -4.38 34.28 -2.84
N ARG H 316 -3.36 33.46 -3.12
CA ARG H 316 -2.83 32.51 -2.14
C ARG H 316 -2.24 33.26 -0.96
N GLN H 317 -1.60 34.42 -1.19
CA GLN H 317 -1.18 35.33 -0.08
C GLN H 317 -2.38 35.78 0.78
N HIS H 318 -3.40 36.36 0.14
CA HIS H 318 -4.67 36.80 0.79
C HIS H 318 -5.41 35.69 1.56
N GLN H 319 -5.46 34.49 0.99
CA GLN H 319 -6.00 33.31 1.67
C GLN H 319 -5.23 32.89 2.94
N LYS H 320 -3.89 32.96 2.89
CA LYS H 320 -3.01 32.77 4.08
C LYS H 320 -3.01 33.96 5.08
N GLY H 321 -3.74 35.03 4.76
CA GLY H 321 -3.80 36.21 5.61
C GLY H 321 -2.57 37.11 5.50
N GLU H 322 -1.71 36.88 4.51
CA GLU H 322 -0.49 37.67 4.37
C GLU H 322 -0.80 38.91 3.51
N GLU H 323 0.08 39.89 3.57
CA GLU H 323 -0.10 41.15 2.85
C GLU H 323 -0.01 40.98 1.32
N THR H 324 -1.07 41.33 0.61
CA THR H 324 -1.06 41.40 -0.86
C THR H 324 -0.93 42.86 -1.32
N SER H 325 -0.33 43.04 -2.51
CA SER H 325 -0.34 44.33 -3.22
C SER H 325 -0.67 44.07 -4.70
N THR H 326 -1.96 44.13 -5.01
CA THR H 326 -2.45 43.82 -6.32
C THR H 326 -3.10 45.05 -6.92
N ASN H 327 -2.38 45.64 -7.88
CA ASN H 327 -2.85 46.76 -8.70
C ASN H 327 -4.32 46.56 -9.11
N PRO H 328 -5.22 47.48 -8.71
CA PRO H 328 -6.63 47.37 -9.04
C PRO H 328 -7.13 48.26 -10.19
N VAL H 329 -6.23 48.91 -10.91
CA VAL H 329 -6.62 49.97 -11.86
C VAL H 329 -7.41 49.46 -13.08
N ALA H 330 -6.92 48.39 -13.72
CA ALA H 330 -7.67 47.77 -14.85
C ALA H 330 -9.07 47.40 -14.40
N SER H 331 -9.14 46.91 -13.17
CA SER H 331 -10.39 46.53 -12.52
C SER H 331 -11.32 47.74 -12.30
N ILE H 332 -10.76 48.87 -11.88
CA ILE H 332 -11.52 50.12 -11.75
C ILE H 332 -11.94 50.69 -13.12
N PHE H 333 -10.99 50.72 -14.07
CA PHE H 333 -11.28 51.29 -15.40
C PHE H 333 -12.28 50.47 -16.21
N ALA H 334 -12.44 49.19 -15.89
CA ALA H 334 -13.52 48.39 -16.48
C ALA H 334 -14.87 48.93 -16.02
N TRP H 335 -14.96 49.36 -14.75
CA TRP H 335 -16.16 50.02 -14.24
C TRP H 335 -16.38 51.39 -14.90
N THR H 336 -15.32 52.19 -14.98
CA THR H 336 -15.44 53.57 -15.49
C THR H 336 -15.85 53.58 -16.96
N ARG H 337 -15.15 52.82 -17.81
CA ARG H 337 -15.52 52.74 -19.24
C ARG H 337 -16.91 52.15 -19.46
N GLY H 338 -17.28 51.20 -18.59
CA GLY H 338 -18.62 50.63 -18.59
C GLY H 338 -19.66 51.68 -18.25
N LEU H 339 -19.46 52.40 -17.15
CA LEU H 339 -20.37 53.47 -16.75
C LEU H 339 -20.35 54.67 -17.72
N MET H 340 -19.18 55.00 -18.25
CA MET H 340 -19.01 56.01 -19.31
C MET H 340 -19.96 55.74 -20.48
N HIS H 341 -19.96 54.50 -20.94
CA HIS H 341 -20.89 54.07 -21.99
C HIS H 341 -22.37 53.98 -21.50
N ARG H 342 -22.59 53.68 -20.21
CA ARG H 342 -23.94 53.83 -19.63
C ARG H 342 -24.40 55.28 -19.76
N GLY H 343 -23.55 56.22 -19.35
CA GLY H 343 -23.83 57.65 -19.45
C GLY H 343 -24.11 58.13 -20.87
N LYS H 344 -23.31 57.66 -21.82
CA LYS H 344 -23.52 57.96 -23.24
C LYS H 344 -24.92 57.53 -23.75
N LEU H 345 -25.35 56.30 -23.44
CA LEU H 345 -26.61 55.77 -23.97
C LEU H 345 -27.88 56.43 -23.43
N ASP H 346 -27.83 56.86 -22.18
CA ASP H 346 -28.97 57.50 -21.51
C ASP H 346 -28.95 59.03 -21.67
N GLN H 347 -27.94 59.55 -22.37
CA GLN H 347 -27.72 61.00 -22.55
C GLN H 347 -27.67 61.67 -21.16
N ASN H 348 -27.02 60.95 -20.25
CA ASN H 348 -26.93 61.29 -18.85
C ASN H 348 -25.47 61.68 -18.69
N GLU H 349 -25.23 62.95 -18.40
CA GLU H 349 -23.89 63.54 -18.47
C GLU H 349 -23.13 63.54 -17.15
N LYS H 350 -23.83 63.44 -16.02
CA LYS H 350 -23.20 63.36 -14.70
C LYS H 350 -22.39 62.06 -14.57
N LEU H 351 -23.02 60.96 -14.96
CA LEU H 351 -22.36 59.65 -15.01
C LEU H 351 -21.06 59.71 -15.81
N VAL H 352 -21.13 60.35 -16.97
CA VAL H 352 -19.99 60.50 -17.87
C VAL H 352 -18.85 61.31 -17.21
N GLN H 353 -19.22 62.39 -16.52
CA GLN H 353 -18.25 63.24 -15.82
C GLN H 353 -17.73 62.54 -14.55
N PHE H 354 -18.57 61.70 -13.95
CA PHE H 354 -18.19 60.86 -12.81
C PHE H 354 -17.08 59.91 -13.19
N SER H 355 -17.25 59.26 -14.34
CA SER H 355 -16.28 58.28 -14.83
C SER H 355 -14.91 58.88 -15.18
N MET H 356 -14.91 60.08 -15.77
CA MET H 356 -13.65 60.79 -16.06
C MET H 356 -12.96 61.26 -14.78
N LEU H 357 -13.75 61.66 -13.79
CA LEU H 357 -13.18 62.07 -12.49
C LEU H 357 -12.51 60.88 -11.77
N LEU H 358 -13.19 59.74 -11.70
CA LEU H 358 -12.59 58.54 -11.06
C LEU H 358 -11.32 58.07 -11.79
N GLU H 359 -11.37 58.04 -13.12
CA GLU H 359 -10.16 57.74 -13.93
C GLU H 359 -9.04 58.73 -13.65
N LYS H 360 -9.38 60.02 -13.60
CA LYS H 360 -8.39 61.06 -13.27
C LYS H 360 -7.83 60.89 -11.85
N VAL H 361 -8.71 60.65 -10.87
CA VAL H 361 -8.31 60.44 -9.48
C VAL H 361 -7.37 59.22 -9.29
N VAL H 362 -7.61 58.14 -10.05
CA VAL H 362 -6.71 56.98 -9.99
C VAL H 362 -5.32 57.37 -10.51
N VAL H 363 -5.28 57.89 -11.73
CA VAL H 363 -4.01 58.30 -12.35
C VAL H 363 -3.34 59.30 -11.41
N SER H 364 -4.10 60.32 -11.04
CA SER H 364 -3.65 61.40 -10.16
C SER H 364 -3.05 60.86 -8.87
N THR H 365 -3.69 59.86 -8.26
CA THR H 365 -3.20 59.31 -6.99
C THR H 365 -1.88 58.53 -7.18
N ILE H 366 -1.75 57.81 -8.30
CA ILE H 366 -0.50 57.08 -8.59
C ILE H 366 0.63 58.10 -8.82
N GLU H 367 0.29 59.21 -9.49
CA GLU H 367 1.24 60.31 -9.79
C GLU H 367 1.74 61.09 -8.57
N ALA H 368 0.92 61.20 -7.54
CA ALA H 368 1.34 61.83 -6.27
C ALA H 368 2.18 60.90 -5.37
N GLY H 369 2.69 59.79 -5.92
CA GLY H 369 3.60 58.88 -5.18
C GLY H 369 2.97 57.82 -4.29
N PHE H 370 1.74 57.39 -4.60
CA PHE H 370 1.01 56.38 -3.82
C PHE H 370 0.64 55.28 -4.77
N MET H 371 1.22 54.09 -4.62
CA MET H 371 0.94 53.00 -5.58
C MET H 371 1.02 51.59 -4.99
N THR H 372 0.65 50.59 -5.81
CA THR H 372 0.81 49.17 -5.47
C THR H 372 2.19 48.69 -5.88
N LYS H 373 2.67 47.60 -5.24
CA LYS H 373 4.05 47.12 -5.39
C LYS H 373 4.57 47.02 -6.85
N ASP H 374 3.77 46.43 -7.74
CA ASP H 374 4.15 46.30 -9.15
C ASP H 374 4.68 47.62 -9.73
N LEU H 375 4.02 48.73 -9.40
CA LEU H 375 4.38 50.02 -9.95
C LEU H 375 5.62 50.57 -9.28
N ALA H 376 5.75 50.33 -7.98
CA ALA H 376 7.00 50.65 -7.27
C ALA H 376 8.19 49.84 -7.78
N ILE H 377 7.95 48.65 -8.33
CA ILE H 377 9.00 47.87 -9.00
C ILE H 377 9.42 48.54 -10.31
N CYS H 378 8.48 49.16 -11.03
CA CYS H 378 8.81 49.97 -12.22
C CYS H 378 9.69 51.18 -11.92
N ILE H 379 9.33 51.93 -10.87
CA ILE H 379 10.06 53.15 -10.45
C ILE H 379 11.40 52.78 -9.81
N LYS H 380 11.35 52.04 -8.70
CA LYS H 380 12.53 51.50 -8.03
C LYS H 380 12.82 50.17 -8.72
N GLY H 381 13.90 49.48 -8.33
CA GLY H 381 14.26 48.22 -8.98
C GLY H 381 13.33 47.04 -8.71
N MET H 382 13.75 45.87 -9.16
CA MET H 382 13.16 44.58 -8.74
C MET H 382 13.77 44.21 -7.38
N ASN H 383 15.09 44.31 -7.29
CA ASN H 383 15.87 43.96 -6.10
C ASN H 383 16.25 45.16 -5.20
N HIS H 384 15.66 46.33 -5.45
CA HIS H 384 15.92 47.53 -4.64
C HIS H 384 14.67 48.16 -3.97
N VAL H 385 13.48 47.56 -4.17
CA VAL H 385 12.23 48.05 -3.53
C VAL H 385 12.20 47.75 -2.02
N THR H 386 11.58 48.65 -1.25
CA THR H 386 11.31 48.46 0.20
C THR H 386 9.80 48.56 0.48
N ARG H 387 9.38 48.34 1.73
CA ARG H 387 7.95 48.26 2.06
C ARG H 387 7.22 49.62 2.02
N SER H 388 7.89 50.68 2.45
CA SER H 388 7.31 52.04 2.43
C SER H 388 6.97 52.53 1.01
N ASP H 389 7.76 52.10 0.01
CA ASP H 389 7.57 52.53 -1.39
C ASP H 389 6.18 52.26 -1.95
N TYR H 390 5.44 51.34 -1.32
CA TYR H 390 4.10 50.97 -1.79
C TYR H 390 3.10 50.75 -0.67
N LEU H 391 1.83 50.71 -1.08
CA LEU H 391 0.67 50.48 -0.22
C LEU H 391 0.04 49.14 -0.60
N ASN H 392 -0.42 48.35 0.40
CA ASN H 392 -1.02 47.03 0.10
C ASN H 392 -2.38 47.18 -0.64
N THR H 393 -3.00 46.09 -1.06
CA THR H 393 -4.20 46.17 -1.92
C THR H 393 -5.26 47.09 -1.31
N GLN H 394 -5.53 46.86 -0.02
CA GLN H 394 -6.61 47.54 0.70
C GLN H 394 -6.34 49.04 0.96
N GLU H 395 -5.28 49.36 1.70
CA GLU H 395 -4.69 50.72 1.79
C GLU H 395 -4.86 51.57 0.54
N PHE H 396 -4.33 51.07 -0.58
CA PHE H 396 -4.41 51.76 -1.87
C PHE H 396 -5.85 52.04 -2.29
N ILE H 397 -6.75 51.05 -2.15
CA ILE H 397 -8.16 51.26 -2.50
C ILE H 397 -8.83 52.27 -1.56
N HIS H 398 -8.44 52.28 -0.30
CA HIS H 398 -8.94 53.24 0.64
C HIS H 398 -8.46 54.63 0.28
N LYS H 399 -7.20 54.74 -0.08
CA LYS H 399 -6.64 56.01 -0.45
C LYS H 399 -7.40 56.55 -1.63
N LEU H 400 -7.74 55.68 -2.56
CA LEU H 400 -8.45 56.09 -3.74
C LEU H 400 -9.79 56.67 -3.41
N ALA H 401 -10.49 56.06 -2.47
CA ALA H 401 -11.81 56.52 -2.06
C ALA H 401 -11.95 57.92 -1.42
N ASP H 402 -11.12 58.30 -0.45
CA ASP H 402 -11.26 59.63 0.15
C ASP H 402 -10.82 60.72 -0.75
N GLU H 403 -9.79 60.42 -1.51
CA GLU H 403 -9.28 61.31 -2.48
C GLU H 403 -10.39 61.47 -3.51
N MET H 404 -11.03 60.37 -3.87
CA MET H 404 -12.16 60.41 -4.81
C MET H 404 -13.35 61.12 -4.20
N ARG H 405 -13.54 60.94 -2.90
CA ARG H 405 -14.62 61.56 -2.19
C ARG H 405 -14.26 63.01 -2.04
N LYS H 406 -12.99 63.30 -1.86
CA LYS H 406 -12.56 64.65 -1.74
C LYS H 406 -12.93 65.29 -3.04
N ALA H 407 -12.62 64.60 -4.12
CA ALA H 407 -12.92 65.09 -5.45
C ALA H 407 -14.38 65.19 -5.83
N TYR H 408 -15.19 64.22 -5.43
CA TYR H 408 -16.59 64.23 -5.81
C TYR H 408 -17.27 65.45 -5.20
N GLU H 409 -16.98 65.70 -3.95
CA GLU H 409 -17.54 66.84 -3.28
C GLU H 409 -16.99 68.08 -3.92
N ARG H 410 -15.68 68.09 -4.13
CA ARG H 410 -15.03 69.23 -4.68
C ARG H 410 -15.55 69.57 -6.03
N SER H 411 -15.82 68.56 -6.82
CA SER H 411 -16.22 68.77 -8.20
C SER H 411 -17.45 69.56 -8.58
N LYS H 412 -18.59 69.34 -7.94
CA LYS H 412 -19.78 70.06 -8.38
C LYS H 412 -20.25 71.31 -7.66
N ILE H 413 -20.36 71.23 -6.34
CA ILE H 413 -20.83 72.33 -5.48
C ILE H 413 -22.34 72.24 -5.18
#